data_6JPU
#
_entry.id   6JPU
#
_cell.length_a   1.00
_cell.length_b   1.00
_cell.length_c   1.00
_cell.angle_alpha   90.00
_cell.angle_beta   90.00
_cell.angle_gamma   90.00
#
_symmetry.space_group_name_H-M   'P 1'
#
_entity_poly.entity_id   1
_entity_poly.type   'polypeptide(L)'
_entity_poly.pdbx_seq_one_letter_code
;GAMGSGIQMKEEASEHGGSADETQELSPVSDSSDEMPNNAKRRRRSQSMIANKRIHQAFQEDEGDEDWEEEEHKPKAKRR
YNTRSNESFSEGDDEPFEVSESSALEDELSDSEDSFIRSVRSKPKYKPGTRRSTRLRNRRSQDEEESEEEHRPILRERTS
RINYSVPLAFPPVDEMDGDPSSQVNQSRSRKTHSELAITKLLRQQVSSFMPYIDSSGSESESDNTRIKKSSAKTIKALTD
PANSGGPPDFGRIREKSDLADSDPLGVDSSLSFESVGGLDNYINQLKEMVMLPLLYPEIFQRFNMQPPRGVLFHGPPGTG
KTLMARALAAACSSENKKVSFYMRKGADCLSKWVGEAERQLRLLFEEAKSTQPSIIFFDEIDGLAPVRSSKQEQIHASIV
STLLALMDGMESRGQVIIIGATNRPDAVDPALRRPGRFDREFYFPLPDRDARKKIIEIHTRNWDPPVPEWLCSMLAEKSK
GYGGADLRALCTEAALNSIKRTYPQLYRSTKRLQIDPKTIKVKVKDFVMSMKRMIPSSERSSISPSKPLSPELKPLLNEA
FQDIEKTLQKLMPVASKLNPLEEVMYDDPKENDFEYQQRLETFETLRIYKPRFLICGRKGLGQTALGPAILQQYEGVHVQ
SFDMSTLLQDSTQSIETSIIHLFLEVRRHTPSIIYIPDIDNWLNVLPLTAITTFSSMLERLDFSDQILFLALSSSPLSEL
HPQLREWFSSKQSVYSLQYPTRDSIIAFFQPILELIKASPTELPGGIPRKRRVLPELPLAPDPPPFTSQKITLKQTKQAD
MRLLNKLKIKLNALLGSLRARYRKFKKPLIDFNDIYCVDPETGHSYRSREECHYEFVDDVVKQIGSDQKFSMMSLEEIEK
RTWDNCYCTPKQFVHDIKLILRDALQLEDSETIKRAQEMYANVLLGVEDMEDDQFSQRCERMALREAERRKLRHGKLQKH
LDETKADMQFTSEKPSVDESITEVDDAIKDGPPVLAETLTNSLMEDVGPENVDMDIEDNEIFTNQSTMSVPSMLVENEES
PKPDEYIDQKDKVQSPLLNGKSPVGVPSEAALRVSTDVSTNISSNGRADIPVDTLITSPADVPNNAPTDAHNITSADGHI
ENIEQEVVFPDLVFDEDRLTPLKQLLIDSTTGFTVDQLLHLHSFLYQIIWNTKSEWNRNSVVDECERAVKEFMINALQ
;
_entity_poly.pdbx_strand_id   A,B,C,D,E,F
#
# COMPACT_ATOMS: atom_id res chain seq x y z
N PRO A 264 -21.85 44.42 -16.88
CA PRO A 264 -20.70 43.71 -16.32
C PRO A 264 -20.77 42.21 -16.57
N LEU A 265 -20.60 41.77 -17.81
CA LEU A 265 -20.85 40.38 -18.15
C LEU A 265 -19.58 39.71 -18.69
N GLY A 266 -18.68 39.32 -17.78
CA GLY A 266 -18.21 37.95 -17.72
C GLY A 266 -18.19 37.22 -19.03
N VAL A 267 -19.12 36.26 -19.10
CA VAL A 267 -19.49 35.45 -20.26
C VAL A 267 -19.57 36.33 -21.51
N ASP A 268 -19.18 35.78 -22.65
CA ASP A 268 -19.19 36.47 -23.92
C ASP A 268 -20.54 36.28 -24.62
N SER A 269 -20.74 37.01 -25.73
CA SER A 269 -22.04 37.03 -26.37
C SER A 269 -21.99 36.61 -27.83
N SER A 270 -21.30 35.51 -28.14
CA SER A 270 -21.27 34.94 -29.48
C SER A 270 -21.93 33.56 -29.41
N LEU A 271 -23.18 33.48 -29.87
CA LEU A 271 -23.97 32.27 -29.70
C LEU A 271 -24.47 31.75 -31.05
N SER A 272 -25.15 30.61 -31.00
CA SER A 272 -25.58 29.87 -32.20
C SER A 272 -24.36 29.31 -32.93
N PHE A 273 -23.54 28.56 -32.22
CA PHE A 273 -22.31 27.98 -32.74
C PHE A 273 -21.37 29.08 -33.22
N GLU A 274 -21.41 30.20 -32.51
CA GLU A 274 -20.55 31.35 -32.75
C GLU A 274 -19.34 31.37 -31.83
N SER A 275 -19.33 30.53 -30.79
CA SER A 275 -18.19 30.36 -29.90
C SER A 275 -17.28 29.22 -30.34
N VAL A 276 -17.76 28.32 -31.19
CA VAL A 276 -16.95 27.23 -31.76
C VAL A 276 -16.76 27.57 -33.23
N GLY A 277 -16.74 28.86 -33.53
CA GLY A 277 -16.65 29.36 -34.90
C GLY A 277 -15.42 28.92 -35.67
N GLY A 278 -15.65 28.32 -36.84
CA GLY A 278 -14.57 27.80 -37.65
C GLY A 278 -14.73 26.31 -37.90
N LEU A 279 -15.74 25.72 -37.26
CA LEU A 279 -15.99 24.28 -37.30
C LEU A 279 -17.47 24.04 -37.59
N ASP A 280 -17.83 24.02 -38.86
CA ASP A 280 -19.20 23.72 -39.24
C ASP A 280 -19.43 22.24 -39.52
N ASN A 281 -18.37 21.44 -39.62
CA ASN A 281 -18.55 20.03 -39.93
C ASN A 281 -19.25 19.30 -38.78
N TYR A 282 -18.79 19.50 -37.54
CA TYR A 282 -19.49 18.91 -36.41
C TYR A 282 -20.86 19.54 -36.23
N ILE A 283 -21.00 20.81 -36.59
CA ILE A 283 -22.30 21.48 -36.56
C ILE A 283 -23.29 20.71 -37.44
N ASN A 284 -22.90 20.47 -38.69
CA ASN A 284 -23.75 19.69 -39.58
C ASN A 284 -23.96 18.29 -39.05
N GLN A 285 -22.91 17.67 -38.50
CA GLN A 285 -22.97 16.33 -37.98
C GLN A 285 -24.01 16.19 -36.87
N LEU A 286 -24.08 17.17 -35.98
CA LEU A 286 -25.05 17.18 -34.90
C LEU A 286 -26.44 17.61 -35.36
N LYS A 287 -26.54 18.55 -36.30
CA LYS A 287 -27.84 18.97 -36.80
C LYS A 287 -28.56 17.89 -37.60
N GLU A 288 -27.92 16.73 -37.80
CA GLU A 288 -28.53 15.56 -38.38
C GLU A 288 -29.24 14.69 -37.37
N MET A 289 -28.98 14.89 -36.08
CA MET A 289 -29.28 13.89 -35.07
C MET A 289 -30.30 14.34 -34.04
N VAL A 290 -30.06 15.49 -33.40
CA VAL A 290 -31.01 16.10 -32.47
C VAL A 290 -32.09 16.84 -33.26
N MET A 291 -31.70 17.42 -34.38
CA MET A 291 -32.60 18.18 -35.23
C MET A 291 -33.60 17.29 -35.95
N LEU A 292 -33.22 16.04 -36.22
CA LEU A 292 -34.06 15.17 -37.02
C LEU A 292 -35.29 14.60 -36.30
N PRO A 293 -35.23 14.15 -35.04
CA PRO A 293 -36.44 13.59 -34.41
C PRO A 293 -37.56 14.60 -34.33
N LEU A 294 -37.20 15.87 -34.19
CA LEU A 294 -38.14 16.97 -34.20
C LEU A 294 -38.32 17.55 -35.59
N LEU A 295 -37.46 17.17 -36.53
CA LEU A 295 -37.66 17.52 -37.93
C LEU A 295 -38.70 16.62 -38.57
N TYR A 296 -38.52 15.31 -38.45
CA TYR A 296 -39.44 14.33 -39.02
C TYR A 296 -39.99 13.45 -37.93
N PRO A 297 -41.10 13.83 -37.29
CA PRO A 297 -41.79 12.91 -36.39
C PRO A 297 -42.63 11.86 -37.12
N GLU A 298 -42.88 12.06 -38.42
CA GLU A 298 -43.71 11.13 -39.18
C GLU A 298 -43.04 9.78 -39.39
N ILE A 299 -41.71 9.74 -39.39
CA ILE A 299 -40.96 8.53 -39.69
C ILE A 299 -40.76 7.74 -38.40
N PHE A 300 -41.31 8.26 -37.31
CA PHE A 300 -41.26 7.61 -36.02
C PHE A 300 -42.29 6.49 -35.89
N GLN A 301 -43.23 6.39 -36.81
CA GLN A 301 -44.05 5.20 -36.96
C GLN A 301 -44.21 4.75 -38.40
N ARG A 302 -43.97 5.63 -39.38
CA ARG A 302 -43.82 5.16 -40.75
C ARG A 302 -42.63 4.21 -40.85
N PHE A 303 -41.57 4.49 -40.09
CA PHE A 303 -40.41 3.64 -40.00
C PHE A 303 -40.02 3.36 -38.56
N ASN A 304 -40.73 3.95 -37.59
CA ASN A 304 -40.78 3.58 -36.17
C ASN A 304 -39.42 3.16 -35.61
N MET A 305 -38.48 4.09 -35.73
CA MET A 305 -37.16 3.90 -35.17
C MET A 305 -36.80 5.13 -34.33
N GLN A 306 -35.68 5.05 -33.65
CA GLN A 306 -35.21 6.18 -32.86
C GLN A 306 -34.10 6.91 -33.59
N PRO A 307 -34.41 8.03 -34.23
CA PRO A 307 -33.36 8.91 -34.74
C PRO A 307 -32.36 9.25 -33.65
N PRO A 308 -31.06 9.15 -33.94
CA PRO A 308 -30.04 9.26 -32.89
C PRO A 308 -30.03 10.60 -32.18
N ARG A 309 -30.27 10.58 -30.87
CA ARG A 309 -30.23 11.79 -30.07
C ARG A 309 -29.38 11.55 -28.83
N GLY A 310 -28.64 12.58 -28.44
CA GLY A 310 -27.70 12.50 -27.34
C GLY A 310 -26.29 12.75 -27.85
N VAL A 311 -25.65 13.80 -27.36
CA VAL A 311 -24.33 14.20 -27.86
C VAL A 311 -23.36 14.28 -26.70
N LEU A 312 -22.17 13.74 -26.89
CA LEU A 312 -21.07 13.95 -25.94
C LEU A 312 -20.25 15.14 -26.41
N PHE A 313 -20.44 16.28 -25.77
CA PHE A 313 -19.50 17.38 -25.93
C PHE A 313 -18.20 16.96 -25.28
N HIS A 314 -17.13 16.88 -26.07
CA HIS A 314 -15.87 16.40 -25.52
C HIS A 314 -14.73 17.03 -26.29
N GLY A 315 -13.60 17.18 -25.60
CA GLY A 315 -12.46 17.88 -26.13
C GLY A 315 -11.67 18.55 -25.03
N PRO A 316 -10.52 19.12 -25.37
CA PRO A 316 -9.67 19.73 -24.35
C PRO A 316 -10.28 21.01 -23.82
N PRO A 317 -10.12 21.29 -22.54
CA PRO A 317 -10.55 22.59 -22.00
C PRO A 317 -9.79 23.72 -22.67
N GLY A 318 -10.46 24.86 -22.81
CA GLY A 318 -9.94 25.97 -23.58
C GLY A 318 -10.81 26.16 -24.80
N THR A 319 -11.17 25.04 -25.43
CA THR A 319 -12.27 25.05 -26.39
C THR A 319 -13.59 25.32 -25.69
N GLY A 320 -13.69 24.95 -24.42
CA GLY A 320 -14.95 24.95 -23.72
C GLY A 320 -15.74 23.69 -24.03
N LYS A 321 -16.64 23.35 -23.12
CA LYS A 321 -17.65 22.33 -23.34
C LYS A 321 -19.05 22.88 -23.23
N THR A 322 -19.20 24.12 -22.77
CA THR A 322 -20.46 24.71 -22.37
C THR A 322 -20.88 25.87 -23.24
N LEU A 323 -19.93 26.71 -23.67
CA LEU A 323 -20.22 27.73 -24.66
C LEU A 323 -20.78 27.13 -25.94
N MET A 324 -20.28 25.96 -26.35
CA MET A 324 -20.88 25.18 -27.42
C MET A 324 -22.29 24.72 -27.08
N ALA A 325 -22.60 24.52 -25.81
CA ALA A 325 -23.95 24.12 -25.45
C ALA A 325 -24.98 25.18 -25.83
N ARG A 326 -24.79 26.43 -25.42
CA ARG A 326 -25.68 27.49 -25.86
C ARG A 326 -25.43 27.88 -27.31
N ALA A 327 -24.26 27.52 -27.85
CA ALA A 327 -24.07 27.58 -29.29
C ALA A 327 -25.13 26.77 -30.01
N LEU A 328 -25.25 25.48 -29.67
CA LEU A 328 -26.31 24.66 -30.22
C LEU A 328 -27.69 25.13 -29.78
N ALA A 329 -27.79 25.67 -28.57
CA ALA A 329 -29.08 26.15 -28.07
C ALA A 329 -29.62 27.25 -28.96
N ALA A 330 -28.75 28.15 -29.42
CA ALA A 330 -29.17 29.17 -30.38
C ALA A 330 -29.27 28.60 -31.80
N ALA A 331 -28.50 27.57 -32.13
CA ALA A 331 -28.65 26.90 -33.41
C ALA A 331 -29.91 26.06 -33.50
N CYS A 332 -30.65 25.90 -32.40
CA CYS A 332 -31.93 25.21 -32.42
C CYS A 332 -33.11 26.04 -31.96
N SER A 333 -32.89 27.14 -31.22
CA SER A 333 -33.99 27.89 -30.64
C SER A 333 -34.88 28.51 -31.71
N SER A 334 -34.29 29.34 -32.58
CA SER A 334 -35.03 29.87 -33.70
C SER A 334 -35.14 28.88 -34.86
N GLU A 335 -34.17 27.97 -34.99
CA GLU A 335 -34.25 26.93 -36.00
C GLU A 335 -35.45 26.02 -35.74
N ASN A 336 -35.77 25.81 -34.46
CA ASN A 336 -36.94 25.05 -34.05
C ASN A 336 -37.95 25.98 -33.40
N LYS A 337 -39.00 26.35 -34.14
CA LYS A 337 -40.11 27.11 -33.59
C LYS A 337 -41.27 26.14 -33.40
N LYS A 338 -41.41 25.64 -32.17
CA LYS A 338 -40.50 26.06 -31.10
C LYS A 338 -39.94 24.89 -30.31
N VAL A 339 -38.80 25.13 -29.66
CA VAL A 339 -38.18 24.17 -28.77
C VAL A 339 -37.84 24.87 -27.47
N SER A 340 -38.01 24.15 -26.37
CA SER A 340 -37.63 24.62 -25.05
C SER A 340 -36.35 23.92 -24.61
N PHE A 341 -35.78 24.41 -23.51
CA PHE A 341 -34.46 24.00 -23.08
C PHE A 341 -34.45 23.65 -21.60
N TYR A 342 -33.66 22.65 -21.25
CA TYR A 342 -33.47 22.25 -19.85
C TYR A 342 -31.97 22.12 -19.62
N MET A 343 -31.44 22.96 -18.74
CA MET A 343 -30.00 23.13 -18.56
C MET A 343 -29.59 22.54 -17.22
N ARG A 344 -28.60 21.65 -17.25
CA ARG A 344 -28.08 21.05 -16.03
C ARG A 344 -26.57 21.19 -16.00
N LYS A 345 -26.06 21.86 -14.96
CA LYS A 345 -24.65 22.14 -14.82
C LYS A 345 -24.18 21.74 -13.43
N GLY A 346 -22.99 21.16 -13.35
CA GLY A 346 -22.39 20.82 -12.06
C GLY A 346 -23.00 19.58 -11.46
N ALA A 347 -22.21 18.95 -10.59
CA ALA A 347 -22.59 17.69 -9.95
C ALA A 347 -23.41 17.97 -8.70
N ASP A 348 -24.59 18.56 -8.91
CA ASP A 348 -25.50 18.89 -7.82
C ASP A 348 -26.70 17.96 -7.77
N CYS A 349 -26.62 16.79 -8.40
CA CYS A 349 -27.69 15.80 -8.37
C CYS A 349 -27.34 14.66 -7.41
N LEU A 350 -26.79 14.98 -6.25
CA LEU A 350 -26.51 14.03 -5.19
C LEU A 350 -27.34 14.31 -3.95
N SER A 351 -27.15 13.45 -2.95
CA SER A 351 -27.73 13.60 -1.63
C SER A 351 -27.31 12.39 -0.78
N LYS A 352 -27.70 12.40 0.48
CA LYS A 352 -27.71 11.17 1.27
C LYS A 352 -28.88 10.24 0.96
N TRP A 353 -30.01 10.78 0.52
CA TRP A 353 -31.06 9.91 0.02
C TRP A 353 -30.79 9.46 -1.40
N VAL A 354 -30.94 8.15 -1.62
CA VAL A 354 -30.96 7.55 -2.94
C VAL A 354 -32.08 8.13 -3.79
N GLY A 355 -33.13 8.67 -3.18
CA GLY A 355 -34.26 9.21 -3.89
C GLY A 355 -34.20 10.70 -4.17
N GLU A 356 -33.33 11.43 -3.49
CA GLU A 356 -33.18 12.86 -3.76
C GLU A 356 -32.52 13.10 -5.12
N ALA A 357 -31.33 12.51 -5.32
CA ALA A 357 -30.70 12.48 -6.64
C ALA A 357 -31.62 11.84 -7.67
N GLU A 358 -32.39 10.84 -7.24
CA GLU A 358 -33.34 10.15 -8.11
C GLU A 358 -34.34 11.15 -8.67
N ARG A 359 -35.07 11.80 -7.76
CA ARG A 359 -36.14 12.73 -8.09
C ARG A 359 -35.65 13.99 -8.77
N GLN A 360 -34.40 14.39 -8.57
CA GLN A 360 -33.95 15.58 -9.29
C GLN A 360 -33.99 15.36 -10.80
N LEU A 361 -33.25 14.35 -11.28
CA LEU A 361 -33.30 14.00 -12.68
C LEU A 361 -34.69 13.59 -13.11
N ARG A 362 -35.45 12.91 -12.23
CA ARG A 362 -36.81 12.54 -12.61
C ARG A 362 -37.69 13.76 -12.82
N LEU A 363 -37.53 14.78 -11.98
CA LEU A 363 -38.30 16.02 -12.09
C LEU A 363 -37.97 16.75 -13.37
N LEU A 364 -36.68 16.93 -13.64
CA LEU A 364 -36.29 17.53 -14.92
C LEU A 364 -36.83 16.71 -16.10
N PHE A 365 -36.82 15.38 -15.99
CA PHE A 365 -37.32 14.57 -17.08
C PHE A 365 -38.80 14.81 -17.32
N GLU A 366 -39.62 14.77 -16.27
CA GLU A 366 -41.05 14.87 -16.54
C GLU A 366 -41.43 16.30 -16.92
N GLU A 367 -40.79 17.29 -16.31
CA GLU A 367 -41.05 18.67 -16.69
C GLU A 367 -40.63 18.95 -18.12
N ALA A 368 -39.64 18.24 -18.65
CA ALA A 368 -39.45 18.23 -20.09
C ALA A 368 -40.57 17.45 -20.78
N LYS A 369 -41.12 16.45 -20.10
CA LYS A 369 -42.27 15.69 -20.60
C LYS A 369 -43.56 16.48 -20.50
N SER A 370 -43.70 17.32 -19.47
CA SER A 370 -44.84 18.23 -19.34
C SER A 370 -44.63 19.51 -20.13
N THR A 371 -43.77 19.44 -21.14
CA THR A 371 -43.39 20.54 -21.99
C THR A 371 -43.67 20.15 -23.43
N GLN A 372 -43.68 21.15 -24.30
CA GLN A 372 -43.66 20.92 -25.73
C GLN A 372 -42.28 20.38 -26.12
N PRO A 373 -42.05 20.12 -27.42
CA PRO A 373 -40.71 19.77 -27.91
C PRO A 373 -39.55 20.53 -27.27
N SER A 374 -38.67 19.79 -26.60
CA SER A 374 -37.66 20.37 -25.72
C SER A 374 -36.35 19.62 -25.84
N ILE A 375 -35.31 20.19 -25.23
CA ILE A 375 -33.99 19.57 -25.15
C ILE A 375 -33.42 19.79 -23.76
N ILE A 376 -32.40 19.00 -23.42
CA ILE A 376 -31.81 18.98 -22.09
C ILE A 376 -30.30 19.08 -22.24
N PHE A 377 -29.67 19.85 -21.35
CA PHE A 377 -28.23 20.05 -21.37
C PHE A 377 -27.60 19.47 -20.11
N PHE A 378 -26.81 18.42 -20.29
CA PHE A 378 -25.91 17.93 -19.24
C PHE A 378 -24.55 18.55 -19.40
N ASP A 379 -24.32 19.64 -18.66
CA ASP A 379 -22.96 19.96 -18.27
C ASP A 379 -22.52 19.06 -17.12
N GLU A 380 -21.24 18.71 -17.12
CA GLU A 380 -20.62 18.01 -16.02
C GLU A 380 -21.27 16.63 -15.83
N ILE A 381 -21.25 15.84 -16.91
CA ILE A 381 -21.71 14.46 -16.79
C ILE A 381 -20.77 13.64 -15.92
N ASP A 382 -19.48 14.02 -15.87
CA ASP A 382 -18.53 13.32 -15.03
C ASP A 382 -18.87 13.42 -13.55
N GLY A 383 -19.47 14.52 -13.13
CA GLY A 383 -19.85 14.68 -11.73
C GLY A 383 -21.25 14.17 -11.45
N LEU A 384 -22.19 14.46 -12.34
CA LEU A 384 -23.55 13.98 -12.18
C LEU A 384 -23.69 12.52 -12.55
N ALA A 385 -22.74 11.98 -13.30
CA ALA A 385 -22.72 10.57 -13.67
C ALA A 385 -21.30 10.02 -13.59
N PRO A 386 -20.73 9.94 -12.38
CA PRO A 386 -19.38 9.38 -12.24
C PRO A 386 -19.39 7.86 -12.20
N VAL A 387 -18.22 7.23 -12.05
CA VAL A 387 -18.16 5.79 -11.98
C VAL A 387 -18.67 5.28 -10.61
N ARG A 388 -19.45 4.20 -10.67
CA ARG A 388 -19.67 3.40 -9.47
C ARG A 388 -18.39 3.00 -8.76
N SER A 389 -18.19 3.53 -7.56
CA SER A 389 -17.22 2.97 -6.63
C SER A 389 -18.02 2.18 -5.60
N SER A 390 -18.19 0.88 -5.85
CA SER A 390 -19.18 0.05 -5.16
C SER A 390 -18.67 -0.46 -3.82
N LYS A 391 -17.67 0.20 -3.23
CA LYS A 391 -17.17 -0.23 -1.94
C LYS A 391 -17.73 0.58 -0.78
N GLN A 392 -17.98 1.88 -0.97
CA GLN A 392 -18.64 2.67 0.06
C GLN A 392 -19.74 3.58 -0.46
N GLU A 393 -19.76 3.91 -1.75
CA GLU A 393 -20.72 4.88 -2.28
C GLU A 393 -21.54 4.17 -3.35
N GLN A 394 -22.78 3.83 -3.01
CA GLN A 394 -23.66 3.16 -3.96
C GLN A 394 -24.87 3.99 -4.34
N ILE A 395 -24.86 5.30 -4.08
CA ILE A 395 -25.78 6.19 -4.79
C ILE A 395 -25.34 6.34 -6.24
N HIS A 396 -24.05 6.06 -6.52
CA HIS A 396 -23.58 6.04 -7.89
C HIS A 396 -24.32 5.01 -8.72
N ALA A 397 -24.59 3.83 -8.14
CA ALA A 397 -25.39 2.82 -8.82
C ALA A 397 -26.76 3.38 -9.19
N SER A 398 -27.41 4.04 -8.23
CA SER A 398 -28.75 4.58 -8.47
C SER A 398 -28.73 5.62 -9.58
N ILE A 399 -27.76 6.55 -9.54
CA ILE A 399 -27.77 7.66 -10.49
C ILE A 399 -27.42 7.18 -11.89
N VAL A 400 -26.47 6.25 -12.01
CA VAL A 400 -26.11 5.74 -13.33
C VAL A 400 -27.27 4.90 -13.89
N SER A 401 -27.90 4.09 -13.04
CA SER A 401 -29.02 3.28 -13.51
C SER A 401 -30.18 4.14 -13.96
N THR A 402 -30.50 5.20 -13.20
CA THR A 402 -31.62 6.03 -13.59
C THR A 402 -31.30 6.89 -14.81
N LEU A 403 -30.07 7.37 -14.95
CA LEU A 403 -29.72 8.08 -16.17
C LEU A 403 -29.75 7.19 -17.39
N LEU A 404 -29.43 5.90 -17.24
CA LEU A 404 -29.56 4.96 -18.34
C LEU A 404 -31.01 4.59 -18.64
N ALA A 405 -31.83 4.44 -17.61
CA ALA A 405 -33.25 4.17 -17.77
C ALA A 405 -34.01 5.36 -18.34
N LEU A 406 -33.54 6.58 -18.09
CA LEU A 406 -34.13 7.74 -18.75
C LEU A 406 -33.95 7.67 -20.26
N MET A 407 -32.90 6.98 -20.73
CA MET A 407 -32.75 6.75 -22.17
C MET A 407 -33.55 5.54 -22.62
N ASP A 408 -33.16 4.34 -22.17
CA ASP A 408 -33.81 3.09 -22.58
C ASP A 408 -34.10 2.23 -21.37
N GLY A 409 -34.70 2.82 -20.34
CA GLY A 409 -35.18 2.03 -19.22
C GLY A 409 -36.69 2.10 -19.08
N MET A 410 -37.13 2.65 -17.95
CA MET A 410 -38.55 2.90 -17.75
C MET A 410 -39.05 4.10 -18.54
N GLU A 411 -38.14 4.96 -19.00
CA GLU A 411 -38.49 6.16 -19.72
C GLU A 411 -37.68 6.25 -21.01
N SER A 412 -38.38 6.34 -22.14
CA SER A 412 -37.69 6.46 -23.41
C SER A 412 -37.01 7.82 -23.53
N ARG A 413 -36.22 7.97 -24.59
CA ARG A 413 -35.63 9.28 -24.89
C ARG A 413 -36.67 10.27 -25.39
N GLY A 414 -37.86 9.79 -25.76
CA GLY A 414 -38.99 10.61 -26.16
C GLY A 414 -38.64 11.57 -27.27
N GLN A 415 -39.24 12.75 -27.22
CA GLN A 415 -38.94 13.84 -28.14
C GLN A 415 -37.94 14.82 -27.55
N VAL A 416 -37.33 14.48 -26.42
CA VAL A 416 -36.26 15.28 -25.83
C VAL A 416 -34.94 14.61 -26.15
N ILE A 417 -33.86 15.36 -25.93
CA ILE A 417 -32.52 14.91 -26.28
C ILE A 417 -31.58 15.23 -25.13
N ILE A 418 -30.55 14.41 -24.95
CA ILE A 418 -29.60 14.53 -23.85
C ILE A 418 -28.24 14.90 -24.42
N ILE A 419 -27.54 15.79 -23.73
CA ILE A 419 -26.22 16.27 -24.14
C ILE A 419 -25.31 16.22 -22.93
N GLY A 420 -24.39 15.25 -22.91
CA GLY A 420 -23.43 15.13 -21.85
C GLY A 420 -22.18 15.94 -22.14
N ALA A 421 -21.93 16.94 -21.29
CA ALA A 421 -20.75 17.77 -21.39
C ALA A 421 -19.63 17.12 -20.59
N THR A 422 -18.54 16.76 -21.26
CA THR A 422 -17.46 15.98 -20.69
C THR A 422 -16.12 16.65 -20.97
N ASN A 423 -15.22 16.57 -20.01
CA ASN A 423 -13.88 17.09 -20.16
C ASN A 423 -12.81 16.01 -20.17
N ARG A 424 -13.06 14.85 -19.54
CA ARG A 424 -12.09 13.77 -19.55
C ARG A 424 -12.89 12.51 -19.85
N PRO A 425 -12.28 11.53 -20.51
CA PRO A 425 -12.97 10.24 -20.75
C PRO A 425 -12.84 9.23 -19.62
N ASP A 426 -12.16 9.55 -18.52
CA ASP A 426 -11.95 8.60 -17.44
C ASP A 426 -12.97 8.73 -16.31
N ALA A 427 -13.88 9.71 -16.39
CA ALA A 427 -14.87 9.93 -15.35
C ALA A 427 -16.23 9.32 -15.69
N VAL A 428 -16.28 8.41 -16.67
CA VAL A 428 -17.51 7.73 -17.06
C VAL A 428 -17.23 6.25 -17.14
N ASP A 429 -18.09 5.45 -16.52
CA ASP A 429 -18.08 4.02 -16.78
C ASP A 429 -18.50 3.79 -18.23
N PRO A 430 -18.21 2.62 -18.79
CA PRO A 430 -18.56 2.32 -20.18
C PRO A 430 -20.03 1.96 -20.39
N ALA A 431 -20.92 2.76 -19.82
CA ALA A 431 -22.36 2.59 -19.98
C ALA A 431 -23.06 3.85 -20.46
N LEU A 432 -22.32 4.90 -20.81
CA LEU A 432 -22.93 6.16 -21.22
C LEU A 432 -22.64 6.55 -22.66
N ARG A 433 -21.41 6.41 -23.14
CA ARG A 433 -21.08 6.70 -24.52
C ARG A 433 -21.42 5.56 -25.47
N ARG A 434 -22.24 4.61 -25.03
CA ARG A 434 -22.71 3.54 -25.89
C ARG A 434 -23.91 3.99 -26.71
N PRO A 435 -24.23 3.28 -27.78
CA PRO A 435 -25.47 3.55 -28.50
C PRO A 435 -26.68 3.30 -27.61
N GLY A 436 -27.76 4.02 -27.90
CA GLY A 436 -28.95 3.98 -27.09
C GLY A 436 -29.11 5.16 -26.15
N ARG A 437 -28.01 5.79 -25.75
CA ARG A 437 -28.05 6.99 -24.92
C ARG A 437 -27.63 8.22 -25.70
N PHE A 438 -26.45 8.17 -26.32
CA PHE A 438 -25.95 9.29 -27.11
C PHE A 438 -25.55 8.79 -28.50
N ASP A 439 -25.03 7.56 -28.55
CA ASP A 439 -24.71 6.84 -29.78
C ASP A 439 -23.46 7.37 -30.47
N ARG A 440 -22.90 8.49 -30.01
CA ARG A 440 -21.79 9.14 -30.70
C ARG A 440 -20.86 9.82 -29.71
N GLU A 441 -19.74 10.33 -30.24
CA GLU A 441 -18.80 11.12 -29.48
C GLU A 441 -18.41 12.35 -30.30
N PHE A 442 -18.29 13.50 -29.64
CA PHE A 442 -17.97 14.76 -30.31
C PHE A 442 -16.74 15.37 -29.67
N TYR A 443 -15.66 15.47 -30.45
CA TYR A 443 -14.41 16.06 -30.02
C TYR A 443 -14.18 17.38 -30.77
N PHE A 444 -13.52 18.32 -30.10
CA PHE A 444 -13.29 19.65 -30.68
C PHE A 444 -11.80 19.91 -30.88
N PRO A 445 -11.36 20.05 -32.14
CA PRO A 445 -9.92 19.96 -32.45
C PRO A 445 -9.14 21.26 -32.39
N LEU A 446 -9.62 22.29 -31.69
CA LEU A 446 -8.82 23.52 -31.60
C LEU A 446 -8.63 24.19 -32.96
N PRO A 447 -9.66 24.94 -33.46
CA PRO A 447 -9.57 25.61 -34.78
C PRO A 447 -8.24 26.27 -35.05
N ASP A 448 -7.55 25.80 -36.10
CA ASP A 448 -6.10 25.96 -36.17
C ASP A 448 -5.69 27.36 -36.63
N ARG A 449 -5.98 27.71 -37.87
CA ARG A 449 -5.48 28.97 -38.42
C ARG A 449 -6.59 29.91 -38.86
N ASP A 450 -7.49 29.44 -39.73
CA ASP A 450 -8.51 30.30 -40.30
C ASP A 450 -9.85 30.02 -39.64
N ALA A 451 -10.12 28.79 -39.24
CA ALA A 451 -11.08 28.59 -38.15
C ALA A 451 -10.63 29.37 -36.93
N ARG A 452 -9.32 29.32 -36.65
CA ARG A 452 -8.71 30.26 -35.71
C ARG A 452 -9.01 31.69 -36.11
N LYS A 453 -9.01 31.99 -37.41
CA LYS A 453 -9.30 33.35 -37.86
C LYS A 453 -10.72 33.75 -37.53
N LYS A 454 -11.68 32.83 -37.66
CA LYS A 454 -13.06 33.17 -37.39
C LYS A 454 -13.28 33.33 -35.90
N ILE A 455 -12.62 32.48 -35.10
CA ILE A 455 -12.78 32.61 -33.66
C ILE A 455 -12.00 33.80 -33.11
N ILE A 456 -10.99 34.29 -33.82
CA ILE A 456 -10.34 35.51 -33.35
C ILE A 456 -11.12 36.74 -33.79
N GLU A 457 -11.78 36.67 -34.95
CA GLU A 457 -12.55 37.81 -35.42
C GLU A 457 -13.91 37.93 -34.76
N ILE A 458 -14.48 36.82 -34.27
CA ILE A 458 -15.79 36.90 -33.64
C ILE A 458 -15.72 37.70 -32.35
N HIS A 459 -14.62 37.59 -31.60
CA HIS A 459 -14.45 38.43 -30.43
C HIS A 459 -14.19 39.89 -30.79
N THR A 460 -13.66 40.14 -31.98
CA THR A 460 -13.50 41.50 -32.49
C THR A 460 -14.79 42.04 -33.08
N ARG A 461 -15.79 41.17 -33.24
CA ARG A 461 -17.14 41.61 -33.57
C ARG A 461 -17.78 42.43 -32.46
N ASN A 462 -17.17 42.48 -31.29
CA ASN A 462 -17.69 43.18 -30.13
C ASN A 462 -17.35 44.66 -30.12
N TRP A 463 -16.26 45.04 -30.78
CA TRP A 463 -15.84 46.44 -30.82
C TRP A 463 -16.65 47.18 -31.88
N ASP A 464 -17.49 48.11 -31.45
CA ASP A 464 -18.24 48.91 -32.39
C ASP A 464 -17.29 49.82 -33.16
N PRO A 465 -16.39 50.54 -32.49
CA PRO A 465 -15.31 51.21 -33.21
C PRO A 465 -14.49 50.21 -33.99
N PRO A 466 -14.08 50.55 -35.21
CA PRO A 466 -13.33 49.58 -36.03
C PRO A 466 -12.00 49.25 -35.39
N VAL A 467 -11.71 47.95 -35.35
CA VAL A 467 -10.45 47.48 -34.78
C VAL A 467 -9.59 46.92 -35.88
N PRO A 468 -8.28 46.91 -35.74
CA PRO A 468 -7.45 46.21 -36.73
C PRO A 468 -7.61 44.71 -36.60
N GLU A 469 -8.37 44.13 -37.52
CA GLU A 469 -8.45 42.69 -37.67
C GLU A 469 -8.24 42.28 -39.11
N TRP A 470 -8.32 43.23 -40.05
CA TRP A 470 -7.89 43.01 -41.43
C TRP A 470 -6.45 42.52 -41.47
N LEU A 471 -5.60 42.98 -40.56
CA LEU A 471 -4.24 42.51 -40.50
C LEU A 471 -4.17 41.02 -40.17
N CYS A 472 -5.13 40.52 -39.39
CA CYS A 472 -5.33 39.09 -39.29
C CYS A 472 -5.57 38.53 -40.69
N SER A 473 -5.11 37.31 -40.94
CA SER A 473 -4.59 36.41 -39.91
C SER A 473 -3.10 36.53 -39.60
N MET A 474 -2.64 37.75 -39.30
CA MET A 474 -1.35 37.92 -38.66
C MET A 474 -1.46 37.87 -37.15
N LEU A 475 -2.67 37.79 -36.61
CA LEU A 475 -2.83 37.51 -35.19
C LEU A 475 -3.22 36.08 -34.94
N ALA A 476 -3.91 35.44 -35.89
CA ALA A 476 -4.28 34.05 -35.71
C ALA A 476 -3.14 33.09 -36.01
N GLU A 477 -1.99 33.60 -36.44
CA GLU A 477 -0.81 32.75 -36.62
C GLU A 477 -0.42 32.11 -35.31
N LYS A 478 -0.01 32.96 -34.37
CA LYS A 478 0.54 32.61 -33.08
C LYS A 478 -0.54 32.26 -32.05
N SER A 479 -1.80 32.54 -32.34
CA SER A 479 -2.89 32.07 -31.49
C SER A 479 -3.13 30.61 -31.83
N LYS A 480 -2.75 29.74 -30.91
CA LYS A 480 -2.87 28.29 -31.12
C LYS A 480 -2.82 27.62 -29.76
N GLY A 481 -3.75 26.70 -29.52
CA GLY A 481 -3.80 26.02 -28.25
C GLY A 481 -4.51 26.77 -27.15
N TYR A 482 -5.27 27.81 -27.48
CA TYR A 482 -6.00 28.60 -26.51
C TYR A 482 -7.49 28.31 -26.50
N GLY A 483 -7.95 27.42 -27.37
CA GLY A 483 -9.38 27.24 -27.53
C GLY A 483 -10.01 28.54 -27.98
N GLY A 484 -11.13 28.89 -27.37
CA GLY A 484 -11.78 30.16 -27.67
C GLY A 484 -11.81 31.08 -26.46
N ALA A 485 -11.90 30.48 -25.28
CA ALA A 485 -11.93 31.28 -24.06
C ALA A 485 -10.61 32.00 -23.85
N ASP A 486 -9.50 31.33 -24.13
CA ASP A 486 -8.21 31.97 -23.98
C ASP A 486 -7.94 32.98 -25.08
N LEU A 487 -8.50 32.80 -26.27
CA LEU A 487 -8.48 33.88 -27.25
C LEU A 487 -9.28 35.07 -26.76
N ARG A 488 -10.36 34.81 -26.02
CA ARG A 488 -11.08 35.91 -25.37
C ARG A 488 -10.20 36.58 -24.33
N ALA A 489 -9.40 35.79 -23.62
CA ALA A 489 -8.40 36.36 -22.73
C ALA A 489 -7.42 37.23 -23.51
N LEU A 490 -7.06 36.79 -24.72
CA LEU A 490 -6.16 37.55 -25.56
C LEU A 490 -6.74 38.90 -25.92
N CYS A 491 -8.00 38.91 -26.36
CA CYS A 491 -8.60 40.19 -26.73
C CYS A 491 -8.81 41.08 -25.51
N THR A 492 -9.16 40.50 -24.36
CA THR A 492 -9.25 41.29 -23.13
C THR A 492 -7.91 41.92 -22.78
N GLU A 493 -6.84 41.14 -22.89
CA GLU A 493 -5.53 41.63 -22.47
C GLU A 493 -5.06 42.74 -23.40
N ALA A 494 -5.18 42.54 -24.71
CA ALA A 494 -4.84 43.60 -25.65
C ALA A 494 -5.74 44.80 -25.44
N ALA A 495 -6.99 44.57 -25.03
CA ALA A 495 -7.90 45.66 -24.72
C ALA A 495 -7.33 46.55 -23.63
N LEU A 496 -7.12 45.99 -22.44
CA LEU A 496 -6.65 46.83 -21.35
C LEU A 496 -5.23 47.32 -21.59
N ASN A 497 -4.48 46.63 -22.45
CA ASN A 497 -3.22 47.17 -22.93
C ASN A 497 -3.44 48.51 -23.62
N SER A 498 -4.42 48.54 -24.54
CA SER A 498 -4.75 49.81 -25.19
C SER A 498 -5.31 50.80 -24.18
N ILE A 499 -5.98 50.31 -23.14
CA ILE A 499 -6.42 51.16 -22.04
C ILE A 499 -5.23 51.91 -21.47
N LYS A 500 -4.21 51.16 -21.03
CA LYS A 500 -3.01 51.77 -20.47
C LYS A 500 -2.37 52.73 -21.46
N ARG A 501 -2.24 52.28 -22.72
CA ARG A 501 -1.66 53.14 -23.75
C ARG A 501 -2.43 54.44 -23.88
N THR A 502 -3.73 54.42 -23.63
CA THR A 502 -4.51 55.64 -23.62
C THR A 502 -4.30 56.43 -22.33
N TYR A 503 -4.59 55.81 -21.19
CA TYR A 503 -4.68 56.57 -19.94
C TYR A 503 -3.71 56.03 -18.90
N PRO A 504 -2.64 56.77 -18.60
CA PRO A 504 -1.87 56.54 -17.38
C PRO A 504 -2.47 57.17 -16.12
N GLN A 505 -3.64 57.80 -16.23
CA GLN A 505 -4.36 58.29 -15.06
C GLN A 505 -5.05 57.18 -14.29
N LEU A 506 -4.82 55.92 -14.66
CA LEU A 506 -5.42 54.80 -13.96
C LEU A 506 -4.77 54.61 -12.60
N TYR A 507 -3.48 54.31 -12.59
CA TYR A 507 -2.67 54.43 -11.39
C TYR A 507 -2.43 55.91 -11.12
N ARG A 508 -1.69 56.19 -10.04
CA ARG A 508 -1.34 57.53 -9.58
C ARG A 508 -2.53 58.48 -9.61
N SER A 509 -3.70 57.96 -9.26
CA SER A 509 -4.92 58.74 -9.33
C SER A 509 -5.83 58.22 -8.23
N THR A 510 -6.04 59.04 -7.20
CA THR A 510 -6.65 58.52 -5.98
C THR A 510 -8.18 58.51 -6.03
N LYS A 511 -8.79 59.69 -6.14
CA LYS A 511 -10.25 59.78 -6.08
C LYS A 511 -10.87 59.19 -7.33
N ARG A 512 -12.05 58.59 -7.15
CA ARG A 512 -12.86 58.18 -8.28
C ARG A 512 -13.13 59.39 -9.16
N LEU A 513 -13.12 59.17 -10.47
CA LEU A 513 -13.13 60.29 -11.41
C LEU A 513 -13.76 59.83 -12.71
N GLN A 514 -13.80 60.75 -13.67
CA GLN A 514 -14.45 60.53 -14.95
C GLN A 514 -13.50 60.87 -16.08
N ILE A 515 -14.01 60.74 -17.30
CA ILE A 515 -13.22 60.89 -18.51
C ILE A 515 -13.97 61.78 -19.48
N ASP A 516 -13.47 61.87 -20.70
CA ASP A 516 -14.30 62.26 -21.83
C ASP A 516 -14.97 61.01 -22.39
N PRO A 517 -16.28 61.04 -22.66
CA PRO A 517 -17.02 59.78 -22.80
C PRO A 517 -16.87 59.07 -24.13
N LYS A 518 -15.66 58.96 -24.64
CA LYS A 518 -15.37 58.05 -25.75
C LYS A 518 -13.86 57.80 -25.73
N THR A 519 -13.44 56.68 -25.17
CA THR A 519 -12.02 56.43 -24.94
C THR A 519 -11.68 54.96 -25.07
N ILE A 520 -11.30 54.55 -26.27
CA ILE A 520 -10.29 53.50 -26.43
C ILE A 520 -9.88 53.47 -27.90
N LYS A 521 -8.58 53.25 -28.13
CA LYS A 521 -8.04 53.17 -29.48
C LYS A 521 -6.97 52.11 -29.38
N VAL A 522 -7.11 51.00 -30.11
CA VAL A 522 -6.25 49.84 -29.90
C VAL A 522 -5.05 49.94 -30.83
N LYS A 523 -3.90 49.51 -30.33
CA LYS A 523 -2.65 49.44 -31.08
C LYS A 523 -2.23 47.99 -31.26
N VAL A 524 -1.50 47.74 -32.35
CA VAL A 524 -0.89 46.43 -32.57
C VAL A 524 0.02 46.08 -31.40
N LYS A 525 0.76 47.07 -30.89
CA LYS A 525 1.60 46.87 -29.72
C LYS A 525 0.81 46.25 -28.57
N ASP A 526 -0.42 46.70 -28.35
CA ASP A 526 -1.26 46.14 -27.30
C ASP A 526 -1.55 44.67 -27.57
N PHE A 527 -1.82 44.33 -28.83
CA PHE A 527 -2.01 42.94 -29.20
C PHE A 527 -0.79 42.11 -28.85
N VAL A 528 0.40 42.62 -29.14
CA VAL A 528 1.60 41.84 -28.85
C VAL A 528 1.85 41.77 -27.36
N MET A 529 1.52 42.83 -26.63
CA MET A 529 1.52 42.80 -25.16
C MET A 529 0.72 41.61 -24.68
N SER A 530 -0.56 41.59 -25.03
CA SER A 530 -1.42 40.45 -24.68
C SER A 530 -0.84 39.14 -25.19
N MET A 531 -0.12 39.19 -26.31
CA MET A 531 0.42 38.00 -26.91
C MET A 531 1.45 37.35 -26.00
N LYS A 532 2.29 38.16 -25.37
CA LYS A 532 3.41 37.63 -24.61
C LYS A 532 3.01 37.13 -23.23
N ARG A 533 1.97 37.72 -22.64
CA ARG A 533 1.77 37.55 -21.21
C ARG A 533 1.21 36.19 -20.82
N MET A 534 0.62 35.45 -21.74
CA MET A 534 -0.09 34.23 -21.40
C MET A 534 0.26 33.09 -22.35
N ILE A 535 -0.24 31.91 -21.99
CA ILE A 535 0.22 30.65 -22.58
C ILE A 535 -0.99 29.87 -23.07
N PRO A 536 -0.86 29.04 -24.11
CA PRO A 536 -2.00 28.24 -24.57
C PRO A 536 -2.28 27.07 -23.66
N SER A 537 -3.33 26.32 -24.02
CA SER A 537 -3.95 25.36 -23.11
C SER A 537 -3.20 24.04 -23.02
N SER A 538 -2.69 23.51 -24.15
CA SER A 538 -1.99 22.24 -24.12
C SER A 538 -0.78 22.28 -23.21
N GLU A 539 -0.21 23.47 -23.02
CA GLU A 539 1.00 23.69 -22.25
C GLU A 539 0.69 24.74 -21.18
N ARG A 540 0.11 24.28 -20.09
CA ARG A 540 0.09 25.02 -18.84
C ARG A 540 1.21 24.56 -17.93
N SER A 541 1.43 23.24 -17.89
CA SER A 541 2.60 22.66 -17.26
C SER A 541 3.15 21.46 -18.02
N SER A 542 2.77 21.27 -19.28
CA SER A 542 3.34 20.23 -20.13
C SER A 542 3.69 20.81 -21.49
N ILE A 543 4.96 20.71 -21.89
CA ILE A 543 5.39 21.23 -23.18
C ILE A 543 4.76 20.38 -24.29
N SER A 544 4.40 21.02 -25.40
CA SER A 544 3.86 20.30 -26.54
C SER A 544 5.01 19.82 -27.42
N PRO A 545 4.96 18.58 -27.90
CA PRO A 545 6.04 18.06 -28.74
C PRO A 545 6.02 18.54 -30.19
N SER A 546 4.98 19.26 -30.60
CA SER A 546 4.88 19.75 -31.97
C SER A 546 4.98 21.27 -31.95
N LYS A 547 5.98 21.81 -32.66
CA LYS A 547 6.17 23.24 -32.80
C LYS A 547 6.81 23.53 -34.15
N PRO A 548 6.37 24.56 -34.84
CA PRO A 548 6.91 24.86 -36.17
C PRO A 548 8.36 25.29 -36.09
N LEU A 549 9.04 25.16 -37.21
CA LEU A 549 10.45 25.52 -37.28
C LEU A 549 10.63 27.02 -37.13
N SER A 550 11.75 27.42 -36.52
CA SER A 550 12.04 28.85 -36.45
C SER A 550 12.48 29.33 -37.82
N PRO A 551 12.27 30.62 -38.11
CA PRO A 551 12.59 31.13 -39.45
C PRO A 551 14.04 31.00 -39.82
N GLU A 552 14.95 31.13 -38.86
CA GLU A 552 16.37 31.03 -39.09
C GLU A 552 16.83 29.60 -39.33
N LEU A 553 16.16 28.62 -38.75
CA LEU A 553 16.42 27.24 -39.13
C LEU A 553 15.98 26.95 -40.54
N LYS A 554 15.01 27.71 -41.05
CA LYS A 554 14.50 27.50 -42.40
C LYS A 554 15.59 27.51 -43.46
N PRO A 555 16.45 28.54 -43.55
CA PRO A 555 17.50 28.54 -44.57
C PRO A 555 18.50 27.40 -44.43
N LEU A 556 18.48 26.68 -43.32
CA LEU A 556 19.35 25.53 -43.14
C LEU A 556 18.60 24.24 -42.94
N LEU A 557 17.27 24.25 -42.99
CA LEU A 557 16.50 23.06 -42.72
C LEU A 557 15.40 22.75 -43.74
N ASN A 558 14.85 23.75 -44.42
CA ASN A 558 13.75 23.49 -45.34
C ASN A 558 14.17 22.56 -46.46
N GLU A 559 15.41 22.69 -46.92
CA GLU A 559 15.93 21.83 -47.98
C GLU A 559 15.74 20.37 -47.67
N ALA A 560 16.03 19.95 -46.44
CA ALA A 560 15.82 18.56 -46.08
C ALA A 560 14.37 18.30 -45.69
N PHE A 561 13.75 19.27 -45.03
CA PHE A 561 12.40 19.07 -44.51
C PHE A 561 11.42 18.83 -45.63
N GLN A 562 11.59 19.52 -46.76
CA GLN A 562 10.73 19.29 -47.91
C GLN A 562 10.80 17.85 -48.37
N ASP A 563 12.01 17.34 -48.58
CA ASP A 563 12.19 15.97 -49.03
C ASP A 563 11.60 15.00 -48.01
N ILE A 564 11.81 15.28 -46.73
CA ILE A 564 11.38 14.35 -45.70
C ILE A 564 9.86 14.30 -45.62
N GLU A 565 9.23 15.47 -45.70
CA GLU A 565 7.77 15.50 -45.62
C GLU A 565 7.15 14.93 -46.88
N LYS A 566 7.81 15.16 -48.03
CA LYS A 566 7.47 14.43 -49.25
C LYS A 566 7.48 12.93 -49.00
N THR A 567 8.56 12.44 -48.41
CA THR A 567 8.72 11.01 -48.22
C THR A 567 7.64 10.46 -47.30
N LEU A 568 7.37 11.14 -46.20
CA LEU A 568 6.31 10.69 -45.31
C LEU A 568 4.95 10.72 -46.01
N GLN A 569 4.70 11.75 -46.82
CA GLN A 569 3.48 11.76 -47.61
C GLN A 569 3.42 10.56 -48.54
N LYS A 570 4.57 10.11 -49.04
CA LYS A 570 4.63 8.87 -49.79
C LYS A 570 4.22 7.70 -48.90
N LEU A 571 5.01 7.43 -47.87
CA LEU A 571 4.70 6.35 -46.94
C LEU A 571 3.44 6.61 -46.14
N MET A 572 3.01 7.86 -46.06
CA MET A 572 1.72 8.20 -45.46
C MET A 572 1.02 9.18 -46.37
N PRO A 573 0.22 8.68 -47.32
CA PRO A 573 -0.55 9.58 -48.19
C PRO A 573 -1.64 10.34 -47.47
N VAL A 574 -1.90 10.01 -46.20
CA VAL A 574 -2.85 10.77 -45.41
C VAL A 574 -2.25 12.13 -45.08
N ALA A 575 -2.92 13.19 -45.50
CA ALA A 575 -2.52 14.53 -45.11
C ALA A 575 -3.69 15.44 -44.78
N SER A 576 -4.93 14.98 -44.94
CA SER A 576 -6.10 15.84 -44.72
C SER A 576 -7.25 14.96 -44.25
N LYS A 577 -8.38 15.61 -43.99
CA LYS A 577 -9.56 14.95 -43.43
C LYS A 577 -10.65 14.94 -44.50
N LEU A 578 -11.17 13.75 -44.81
CA LEU A 578 -12.15 13.58 -45.87
C LEU A 578 -13.55 13.69 -45.28
N ASN A 579 -14.32 14.66 -45.78
CA ASN A 579 -15.68 14.87 -45.30
C ASN A 579 -16.62 13.86 -45.96
N PRO A 580 -17.28 12.99 -45.19
CA PRO A 580 -18.30 12.11 -45.78
C PRO A 580 -19.53 12.86 -46.25
N LEU A 581 -19.78 14.06 -45.71
CA LEU A 581 -20.86 14.90 -46.23
C LEU A 581 -20.68 15.18 -47.71
N GLU A 582 -19.44 15.42 -48.14
CA GLU A 582 -19.19 15.69 -49.55
C GLU A 582 -19.20 14.41 -50.37
N GLU A 583 -18.81 13.27 -49.79
CA GLU A 583 -19.02 11.99 -50.44
C GLU A 583 -20.46 11.77 -50.86
N VAL A 584 -21.40 11.85 -49.90
CA VAL A 584 -22.80 11.70 -50.24
C VAL A 584 -23.33 12.92 -50.98
N MET A 585 -22.57 14.01 -51.02
CA MET A 585 -22.92 15.13 -51.89
C MET A 585 -22.68 14.80 -53.36
N TYR A 586 -21.78 13.87 -53.66
CA TYR A 586 -21.52 13.44 -55.03
C TYR A 586 -21.52 11.92 -55.06
N ASP A 587 -22.63 11.34 -55.49
CA ASP A 587 -22.79 9.90 -55.64
C ASP A 587 -22.84 9.54 -57.12
N ASP A 588 -22.54 8.28 -57.40
CA ASP A 588 -22.62 7.75 -58.75
C ASP A 588 -23.74 6.72 -58.84
N PRO A 589 -24.36 6.61 -60.02
CA PRO A 589 -25.31 5.51 -60.24
C PRO A 589 -24.67 4.15 -60.40
N LYS A 590 -23.35 4.12 -60.61
CA LYS A 590 -22.63 2.85 -60.75
C LYS A 590 -22.23 2.29 -59.39
N GLU A 591 -23.20 2.19 -58.49
CA GLU A 591 -22.94 1.63 -57.17
C GLU A 591 -24.22 0.97 -56.69
N ASN A 592 -24.31 -0.35 -56.86
CA ASN A 592 -25.33 -1.14 -56.20
C ASN A 592 -24.75 -2.45 -55.71
N ASP A 593 -23.42 -2.52 -55.57
CA ASP A 593 -22.74 -3.78 -55.27
C ASP A 593 -21.61 -3.49 -54.29
N PHE A 594 -20.94 -4.58 -53.89
CA PHE A 594 -19.83 -4.52 -52.95
C PHE A 594 -18.47 -4.57 -53.63
N GLU A 595 -18.36 -5.23 -54.78
CA GLU A 595 -17.08 -5.30 -55.46
C GLU A 595 -16.65 -3.91 -55.90
N TYR A 596 -17.60 -3.06 -56.27
CA TYR A 596 -17.25 -1.66 -56.44
C TYR A 596 -16.84 -1.06 -55.10
N GLN A 597 -17.51 -1.45 -54.01
CA GLN A 597 -17.07 -1.07 -52.68
C GLN A 597 -15.73 -1.71 -52.35
N GLN A 598 -15.51 -2.94 -52.85
CA GLN A 598 -14.26 -3.61 -52.55
C GLN A 598 -13.09 -2.93 -53.25
N ARG A 599 -13.34 -2.28 -54.39
CA ARG A 599 -12.34 -1.39 -54.97
C ARG A 599 -11.85 -0.38 -53.95
N LEU A 600 -12.77 0.45 -53.44
CA LEU A 600 -12.38 1.54 -52.56
C LEU A 600 -11.75 1.03 -51.28
N GLU A 601 -12.30 -0.01 -50.67
CA GLU A 601 -11.70 -0.53 -49.46
C GLU A 601 -10.30 -1.09 -49.71
N THR A 602 -10.07 -1.65 -50.90
CA THR A 602 -8.74 -2.15 -51.23
C THR A 602 -7.70 -1.04 -51.09
N PHE A 603 -8.02 0.14 -51.58
CA PHE A 603 -7.13 1.28 -51.48
C PHE A 603 -7.17 1.84 -50.07
N GLU A 604 -6.05 2.40 -49.64
CA GLU A 604 -5.86 2.97 -48.32
C GLU A 604 -5.85 1.91 -47.23
N THR A 605 -5.99 0.65 -47.61
CA THR A 605 -6.01 -0.47 -46.67
C THR A 605 -4.92 -1.45 -47.05
N LEU A 606 -4.81 -1.71 -48.36
CA LEU A 606 -3.75 -2.54 -48.89
C LEU A 606 -2.64 -1.71 -49.51
N ARG A 607 -2.75 -0.38 -49.43
CA ARG A 607 -1.83 0.50 -50.10
C ARG A 607 -0.62 0.85 -49.26
N ILE A 608 -0.55 0.40 -48.01
CA ILE A 608 0.56 0.74 -47.14
C ILE A 608 1.08 -0.51 -46.46
N TYR A 609 2.33 -0.42 -45.99
CA TYR A 609 2.93 -1.44 -45.15
C TYR A 609 3.62 -0.77 -43.98
N LYS A 610 3.00 -0.85 -42.80
CA LYS A 610 3.63 -0.63 -41.50
C LYS A 610 4.47 0.64 -41.45
N PRO A 611 3.84 1.81 -41.41
CA PRO A 611 4.61 3.06 -41.50
C PRO A 611 5.55 3.22 -40.33
N ARG A 612 6.84 3.11 -40.62
CA ARG A 612 7.90 3.23 -39.64
C ARG A 612 9.01 4.05 -40.25
N PHE A 613 9.67 4.86 -39.41
CA PHE A 613 10.66 5.77 -39.95
C PHE A 613 11.71 6.09 -38.91
N LEU A 614 12.93 6.27 -39.39
CA LEU A 614 14.08 6.62 -38.55
C LEU A 614 14.93 7.65 -39.27
N ILE A 615 15.74 8.36 -38.50
CA ILE A 615 16.65 9.37 -39.02
C ILE A 615 18.03 9.08 -38.48
N CYS A 616 19.01 9.07 -39.38
CA CYS A 616 20.41 9.03 -38.98
C CYS A 616 21.03 10.40 -39.22
N GLY A 617 21.95 10.76 -38.33
CA GLY A 617 22.58 12.07 -38.41
C GLY A 617 23.56 12.21 -37.28
N ARG A 618 24.15 13.39 -37.19
CA ARG A 618 25.13 13.64 -36.15
C ARG A 618 24.50 14.35 -34.96
N LYS A 619 25.20 14.30 -33.84
CA LYS A 619 24.80 15.08 -32.68
C LYS A 619 24.82 16.56 -33.02
N GLY A 620 23.79 17.28 -32.60
CA GLY A 620 23.69 18.68 -32.95
C GLY A 620 23.61 18.93 -34.44
N LEU A 621 23.17 17.94 -35.20
CA LEU A 621 23.08 18.05 -36.65
C LEU A 621 21.67 18.38 -37.11
N GLY A 622 20.97 19.26 -36.40
CA GLY A 622 19.57 19.48 -36.67
C GLY A 622 18.68 18.47 -36.01
N GLN A 623 19.24 17.57 -35.22
CA GLN A 623 18.45 16.61 -34.48
C GLN A 623 17.45 17.35 -33.62
N THR A 624 16.20 16.88 -33.67
CA THR A 624 15.03 17.46 -32.98
C THR A 624 14.90 18.96 -33.18
N ALA A 625 15.52 19.53 -34.21
CA ALA A 625 15.15 20.86 -34.64
C ALA A 625 13.94 20.81 -35.55
N LEU A 626 13.85 19.77 -36.36
CA LEU A 626 12.67 19.45 -37.13
C LEU A 626 11.63 18.70 -36.31
N GLY A 627 12.05 18.06 -35.22
CA GLY A 627 11.22 17.16 -34.45
C GLY A 627 9.85 17.70 -34.15
N PRO A 628 9.76 18.83 -33.47
CA PRO A 628 8.45 19.41 -33.18
C PRO A 628 7.71 19.86 -34.43
N ALA A 629 8.42 20.17 -35.50
CA ALA A 629 7.76 20.76 -36.66
C ALA A 629 7.15 19.72 -37.59
N ILE A 630 7.73 18.52 -37.67
CA ILE A 630 7.19 17.53 -38.59
C ILE A 630 5.80 17.10 -38.16
N LEU A 631 5.55 17.02 -36.85
CA LEU A 631 4.17 16.97 -36.42
C LEU A 631 3.46 18.27 -36.74
N GLN A 632 4.19 19.38 -36.65
CA GLN A 632 3.59 20.70 -36.86
C GLN A 632 3.09 20.89 -38.27
N GLN A 633 3.58 20.12 -39.24
CA GLN A 633 3.15 20.30 -40.62
C GLN A 633 1.85 19.59 -40.94
N TYR A 634 1.32 18.79 -40.02
CA TYR A 634 0.04 18.13 -40.27
C TYR A 634 -0.55 17.66 -38.96
N GLU A 635 -1.85 17.87 -38.79
CA GLU A 635 -2.50 17.66 -37.51
C GLU A 635 -3.73 16.78 -37.66
N GLY A 636 -4.54 16.71 -36.62
CA GLY A 636 -5.72 15.87 -36.67
C GLY A 636 -5.41 14.40 -36.70
N VAL A 637 -4.29 14.00 -36.10
CA VAL A 637 -3.78 12.65 -36.21
C VAL A 637 -3.51 12.11 -34.81
N HIS A 638 -3.61 10.79 -34.67
CA HIS A 638 -3.41 10.15 -33.38
C HIS A 638 -1.93 10.13 -33.03
N VAL A 639 -1.60 10.48 -31.79
CA VAL A 639 -0.21 10.71 -31.42
C VAL A 639 0.07 10.20 -30.02
N GLN A 640 1.37 10.08 -29.75
CA GLN A 640 1.93 9.96 -28.41
C GLN A 640 3.44 9.88 -28.57
N SER A 641 4.14 9.78 -27.45
CA SER A 641 5.59 9.61 -27.46
C SER A 641 5.97 8.37 -26.67
N PHE A 642 6.94 7.63 -27.18
CA PHE A 642 7.63 6.63 -26.37
C PHE A 642 8.82 7.22 -25.65
N ASP A 643 8.77 8.50 -25.30
CA ASP A 643 9.92 9.10 -24.65
C ASP A 643 9.85 8.89 -23.15
N MET A 644 11.03 8.86 -22.54
CA MET A 644 11.13 8.43 -21.15
C MET A 644 10.40 9.38 -20.21
N SER A 645 10.14 10.61 -20.67
CA SER A 645 9.27 11.52 -19.94
C SER A 645 7.96 10.85 -19.54
N THR A 646 7.39 10.05 -20.43
CA THR A 646 6.20 9.29 -20.13
C THR A 646 6.48 7.83 -19.86
N LEU A 647 7.60 7.30 -20.36
CA LEU A 647 7.98 5.94 -20.05
C LEU A 647 8.20 5.76 -18.56
N LEU A 648 9.15 6.51 -18.01
CA LEU A 648 9.39 6.53 -16.58
C LEU A 648 8.43 7.44 -15.84
N GLN A 649 7.47 8.03 -16.55
CA GLN A 649 6.43 8.79 -15.90
C GLN A 649 5.63 7.93 -14.94
N ASP A 650 5.39 6.68 -15.31
CA ASP A 650 4.51 5.81 -14.55
C ASP A 650 5.24 5.32 -13.29
N SER A 651 4.55 5.39 -12.15
CA SER A 651 5.09 4.90 -10.89
C SER A 651 4.30 3.74 -10.31
N THR A 652 2.98 3.75 -10.44
CA THR A 652 2.12 2.74 -9.86
C THR A 652 1.97 1.50 -10.74
N GLN A 653 2.54 1.52 -11.94
CA GLN A 653 2.54 0.36 -12.81
C GLN A 653 3.95 0.11 -13.32
N SER A 654 4.23 -1.14 -13.65
CA SER A 654 5.56 -1.49 -14.11
C SER A 654 5.87 -0.78 -15.41
N ILE A 655 7.16 -0.75 -15.74
CA ILE A 655 7.58 -0.07 -16.95
C ILE A 655 7.01 -0.77 -18.18
N GLU A 656 7.08 -2.10 -18.21
CA GLU A 656 6.46 -2.83 -19.32
C GLU A 656 4.95 -2.69 -19.29
N THR A 657 4.37 -2.54 -18.10
CA THR A 657 2.97 -2.15 -18.02
C THR A 657 2.74 -0.82 -18.72
N SER A 658 3.67 0.12 -18.57
CA SER A 658 3.57 1.37 -19.32
C SER A 658 3.63 1.11 -20.81
N ILE A 659 4.51 0.19 -21.21
CA ILE A 659 4.61 -0.20 -22.61
C ILE A 659 3.27 -0.63 -23.12
N ILE A 660 2.63 -1.55 -22.39
CA ILE A 660 1.36 -2.08 -22.86
C ILE A 660 0.30 -1.00 -22.82
N HIS A 661 0.39 -0.10 -21.84
CA HIS A 661 -0.61 0.96 -21.77
C HIS A 661 -0.52 1.91 -22.95
N LEU A 662 0.69 2.22 -23.40
CA LEU A 662 0.81 3.12 -24.55
C LEU A 662 0.48 2.39 -25.85
N PHE A 663 0.98 1.17 -26.00
CA PHE A 663 0.57 0.35 -27.14
C PHE A 663 -0.93 0.06 -27.10
N LEU A 664 -1.55 0.21 -25.94
CA LEU A 664 -2.98 -0.01 -25.78
C LEU A 664 -3.74 1.27 -26.08
N GLU A 665 -3.09 2.41 -25.87
CA GLU A 665 -3.61 3.64 -26.42
C GLU A 665 -3.64 3.55 -27.94
N VAL A 666 -2.60 2.94 -28.51
CA VAL A 666 -2.57 2.73 -29.96
C VAL A 666 -3.52 1.59 -30.33
N ARG A 667 -3.83 0.70 -29.37
CA ARG A 667 -4.87 -0.32 -29.54
C ARG A 667 -6.13 0.31 -30.13
N ARG A 668 -6.50 1.47 -29.60
CA ARG A 668 -7.46 2.37 -30.23
C ARG A 668 -7.11 2.57 -31.69
N HIS A 669 -7.99 2.12 -32.58
CA HIS A 669 -7.73 2.22 -34.01
C HIS A 669 -7.75 3.69 -34.41
N THR A 670 -6.63 4.16 -34.93
CA THR A 670 -6.53 5.49 -35.49
C THR A 670 -5.29 5.53 -36.37
N PRO A 671 -5.28 6.35 -37.40
CA PRO A 671 -3.99 6.70 -37.98
C PRO A 671 -3.22 7.42 -36.88
N SER A 672 -2.21 6.76 -36.35
CA SER A 672 -1.60 7.17 -35.10
C SER A 672 -0.10 7.27 -35.29
N ILE A 673 0.59 7.74 -34.25
CA ILE A 673 2.00 8.06 -34.38
C ILE A 673 2.76 7.48 -33.18
N ILE A 674 3.76 6.67 -33.48
CA ILE A 674 4.88 6.45 -32.58
C ILE A 674 5.86 7.59 -32.78
N TYR A 675 6.25 8.23 -31.68
CA TYR A 675 7.17 9.36 -31.72
C TYR A 675 8.31 9.13 -30.75
N ILE A 676 9.54 9.03 -31.28
CA ILE A 676 10.73 9.05 -30.46
C ILE A 676 11.78 9.92 -31.16
N PRO A 677 12.19 11.03 -30.57
CA PRO A 677 13.35 11.77 -31.07
C PRO A 677 14.61 11.37 -30.34
N ASP A 678 15.69 11.24 -31.12
CA ASP A 678 17.03 10.89 -30.63
C ASP A 678 16.96 9.66 -29.73
N ILE A 679 16.59 8.56 -30.37
CA ILE A 679 16.39 7.28 -29.71
C ILE A 679 17.71 6.72 -29.19
N ASP A 680 18.84 7.31 -29.63
CA ASP A 680 20.16 6.80 -29.26
C ASP A 680 20.31 6.70 -27.74
N ASN A 681 19.90 7.72 -27.02
CA ASN A 681 19.82 7.61 -25.56
C ASN A 681 18.86 6.50 -25.17
N TRP A 682 17.71 6.44 -25.82
CA TRP A 682 16.77 5.35 -25.64
C TRP A 682 17.44 4.04 -26.00
N LEU A 683 16.84 2.94 -25.53
CA LEU A 683 17.33 1.57 -25.62
C LEU A 683 18.59 1.33 -24.79
N ASN A 684 19.13 2.38 -24.18
CA ASN A 684 20.02 2.27 -23.05
C ASN A 684 19.32 2.69 -21.77
N VAL A 685 18.20 3.38 -21.87
CA VAL A 685 17.40 3.73 -20.71
C VAL A 685 16.78 2.48 -20.11
N LEU A 686 16.33 1.58 -20.95
CA LEU A 686 15.43 0.54 -20.50
C LEU A 686 16.13 -0.81 -20.46
N PRO A 687 15.55 -1.77 -19.76
CA PRO A 687 16.13 -3.12 -19.75
C PRO A 687 15.96 -3.81 -21.09
N LEU A 688 16.55 -4.99 -21.19
CA LEU A 688 16.29 -5.85 -22.33
C LEU A 688 14.80 -6.11 -22.48
N THR A 689 14.11 -6.34 -21.36
CA THR A 689 12.70 -6.71 -21.43
C THR A 689 11.85 -5.59 -22.03
N ALA A 690 12.15 -4.33 -21.73
CA ALA A 690 11.43 -3.25 -22.39
C ALA A 690 11.65 -3.27 -23.89
N ILE A 691 12.88 -3.56 -24.31
CA ILE A 691 13.22 -3.65 -25.72
C ILE A 691 12.37 -4.73 -26.38
N THR A 692 12.43 -5.94 -25.81
CA THR A 692 11.68 -7.06 -26.35
C THR A 692 10.19 -6.75 -26.36
N THR A 693 9.72 -6.02 -25.35
CA THR A 693 8.33 -5.62 -25.28
C THR A 693 7.95 -4.78 -26.47
N PHE A 694 8.68 -3.69 -26.69
CA PHE A 694 8.40 -2.81 -27.81
C PHE A 694 8.49 -3.57 -29.13
N SER A 695 9.50 -4.42 -29.27
CA SER A 695 9.67 -5.17 -30.51
C SER A 695 8.51 -6.10 -30.77
N SER A 696 8.07 -6.84 -29.74
CA SER A 696 6.91 -7.69 -29.88
C SER A 696 5.68 -6.90 -30.26
N MET A 697 5.42 -5.82 -29.52
CA MET A 697 4.29 -4.96 -29.81
C MET A 697 4.33 -4.40 -31.22
N LEU A 698 5.52 -4.12 -31.75
CA LEU A 698 5.65 -3.81 -33.16
C LEU A 698 5.21 -4.99 -34.01
N GLU A 699 5.74 -6.17 -33.71
CA GLU A 699 5.23 -7.38 -34.35
C GLU A 699 3.77 -7.63 -34.00
N ARG A 700 3.30 -7.07 -32.89
CA ARG A 700 1.93 -7.22 -32.44
C ARG A 700 0.97 -6.45 -33.34
N LEU A 701 1.49 -5.72 -34.31
CA LEU A 701 0.73 -4.87 -35.21
C LEU A 701 0.73 -5.47 -36.61
N ASP A 702 -0.34 -5.20 -37.35
CA ASP A 702 -0.46 -5.68 -38.72
C ASP A 702 -0.12 -4.59 -39.72
N PHE A 703 0.41 -5.01 -40.86
CA PHE A 703 0.78 -4.09 -41.92
C PHE A 703 -0.41 -3.35 -42.49
N SER A 704 -1.60 -3.94 -42.42
CA SER A 704 -2.76 -3.30 -43.02
C SER A 704 -3.12 -2.00 -42.31
N ASP A 705 -2.74 -1.86 -41.05
CA ASP A 705 -3.05 -0.65 -40.31
C ASP A 705 -2.09 0.47 -40.69
N GLN A 706 -2.59 1.70 -40.61
CA GLN A 706 -1.86 2.89 -41.04
C GLN A 706 -1.48 3.70 -39.79
N ILE A 707 -0.24 3.51 -39.36
CA ILE A 707 0.30 4.23 -38.20
C ILE A 707 1.78 4.47 -38.45
N LEU A 708 2.21 5.71 -38.22
CA LEU A 708 3.61 6.05 -38.35
C LEU A 708 4.39 5.49 -37.18
N PHE A 709 5.58 4.98 -37.47
CA PHE A 709 6.62 4.77 -36.48
C PHE A 709 7.72 5.76 -36.81
N LEU A 710 8.03 6.66 -35.87
CA LEU A 710 8.91 7.78 -36.13
C LEU A 710 10.06 7.79 -35.14
N ALA A 711 11.27 7.89 -35.66
CA ALA A 711 12.46 7.99 -34.83
C ALA A 711 13.55 8.75 -35.58
N LEU A 712 14.53 9.22 -34.81
CA LEU A 712 15.67 9.92 -35.36
C LEU A 712 16.84 9.72 -34.42
N SER A 713 18.06 9.80 -34.97
CA SER A 713 19.22 9.40 -34.19
C SER A 713 20.30 10.46 -34.29
N SER A 714 21.02 10.64 -33.18
CA SER A 714 22.22 11.45 -33.20
C SER A 714 23.43 10.66 -33.70
N SER A 715 23.29 9.37 -33.89
CA SER A 715 24.35 8.58 -34.50
C SER A 715 24.05 8.41 -35.98
N PRO A 716 24.96 8.78 -36.86
CA PRO A 716 24.79 8.51 -38.28
C PRO A 716 24.77 7.01 -38.51
N LEU A 717 24.28 6.61 -39.68
CA LEU A 717 24.17 5.20 -39.99
C LEU A 717 25.54 4.56 -40.06
N SER A 718 25.54 3.24 -40.25
CA SER A 718 26.75 2.40 -40.29
C SER A 718 27.37 2.23 -38.92
N GLU A 719 26.82 2.91 -37.91
CA GLU A 719 27.24 2.76 -36.53
C GLU A 719 26.02 2.72 -35.62
N LEU A 720 24.86 2.40 -36.16
CA LEU A 720 23.62 2.48 -35.42
C LEU A 720 23.47 1.28 -34.50
N HIS A 721 22.54 1.41 -33.55
CA HIS A 721 22.33 0.35 -32.58
C HIS A 721 21.80 -0.89 -33.27
N PRO A 722 22.05 -2.07 -32.71
CA PRO A 722 21.65 -3.31 -33.35
C PRO A 722 20.14 -3.44 -33.43
N GLN A 723 19.43 -2.69 -32.59
CA GLN A 723 17.98 -2.58 -32.72
C GLN A 723 17.56 -1.64 -33.81
N LEU A 724 18.46 -0.77 -34.26
CA LEU A 724 18.12 0.10 -35.37
C LEU A 724 18.39 -0.57 -36.71
N ARG A 725 19.48 -1.34 -36.79
CA ARG A 725 19.96 -1.88 -38.06
C ARG A 725 19.04 -2.91 -38.68
N GLU A 726 17.97 -3.29 -37.99
CA GLU A 726 17.04 -4.28 -38.50
C GLU A 726 15.60 -3.81 -38.51
N TRP A 727 15.21 -2.90 -37.62
CA TRP A 727 13.81 -2.49 -37.55
C TRP A 727 13.36 -1.77 -38.81
N PHE A 728 14.29 -1.23 -39.59
CA PHE A 728 13.95 -0.61 -40.86
C PHE A 728 14.61 -1.30 -42.04
N SER A 729 15.94 -1.41 -42.03
CA SER A 729 16.70 -2.16 -43.03
C SER A 729 16.35 -1.78 -44.47
N SER A 730 16.02 -0.51 -44.71
CA SER A 730 15.63 -0.09 -46.05
C SER A 730 15.80 1.42 -46.18
N LYS A 731 16.21 1.84 -47.37
CA LYS A 731 16.34 3.26 -47.65
C LYS A 731 15.04 4.01 -47.40
N GLN A 732 13.92 3.40 -47.74
CA GLN A 732 12.59 4.00 -47.60
C GLN A 732 12.07 3.92 -46.17
N SER A 733 12.86 3.36 -45.25
CA SER A 733 12.49 3.33 -43.84
C SER A 733 13.40 4.22 -43.01
N VAL A 734 14.10 5.16 -43.65
CA VAL A 734 15.18 5.89 -42.99
C VAL A 734 15.56 7.10 -43.82
N TYR A 735 15.99 8.14 -43.14
CA TYR A 735 16.51 9.34 -43.79
C TYR A 735 17.93 9.61 -43.31
N SER A 736 18.84 9.76 -44.27
CA SER A 736 20.22 10.12 -44.00
C SER A 736 20.38 11.63 -44.02
N LEU A 737 21.15 12.15 -43.08
CA LEU A 737 21.39 13.58 -42.98
C LEU A 737 22.87 13.90 -43.13
N GLN A 738 23.15 15.04 -43.76
CA GLN A 738 24.49 15.52 -44.01
C GLN A 738 24.68 16.89 -43.35
N TYR A 739 25.87 17.45 -43.53
CA TYR A 739 26.12 18.78 -43.03
C TYR A 739 25.43 19.81 -43.91
N PRO A 740 25.20 21.01 -43.39
CA PRO A 740 24.56 22.05 -44.20
C PRO A 740 25.53 22.57 -45.26
N THR A 741 24.98 22.91 -46.42
CA THR A 741 25.82 23.44 -47.48
C THR A 741 26.17 24.90 -47.20
N ARG A 742 27.36 25.28 -47.68
CA ARG A 742 27.87 26.63 -47.50
C ARG A 742 26.85 27.69 -47.93
N ASP A 743 26.20 27.48 -49.07
CA ASP A 743 25.26 28.46 -49.58
C ASP A 743 24.03 28.61 -48.71
N SER A 744 23.54 27.52 -48.11
CA SER A 744 22.52 27.68 -47.09
C SER A 744 23.04 28.51 -45.93
N ILE A 745 24.29 28.29 -45.56
CA ILE A 745 24.88 28.96 -44.41
C ILE A 745 24.89 30.46 -44.62
N ILE A 746 25.42 30.89 -45.76
CA ILE A 746 25.58 32.32 -46.03
C ILE A 746 24.23 33.01 -46.01
N ALA A 747 23.17 32.31 -46.43
CA ALA A 747 21.83 32.81 -46.22
C ALA A 747 21.47 32.83 -44.74
N PHE A 748 21.98 31.86 -43.97
CA PHE A 748 21.70 31.86 -42.55
C PHE A 748 22.26 33.10 -41.88
N PHE A 749 23.51 33.43 -42.16
CA PHE A 749 24.10 34.68 -41.69
C PHE A 749 23.82 35.82 -42.64
N GLN A 750 22.80 35.69 -43.48
CA GLN A 750 22.47 36.79 -44.40
C GLN A 750 21.95 38.00 -43.67
N PRO A 751 20.85 37.94 -42.90
CA PRO A 751 20.23 39.17 -42.39
C PRO A 751 21.12 39.94 -41.45
N ILE A 752 21.93 39.23 -40.66
CA ILE A 752 22.79 39.87 -39.68
C ILE A 752 23.76 40.83 -40.35
N LEU A 753 24.19 40.50 -41.57
CA LEU A 753 25.17 41.30 -42.27
C LEU A 753 24.65 42.67 -42.66
N GLU A 754 23.34 42.85 -42.65
CA GLU A 754 22.74 44.15 -42.91
C GLU A 754 22.10 44.75 -41.67
N LEU A 755 21.67 43.91 -40.73
CA LEU A 755 21.22 44.40 -39.45
C LEU A 755 22.32 45.18 -38.74
N ILE A 756 23.57 44.80 -38.99
CA ILE A 756 24.70 45.51 -38.41
C ILE A 756 24.77 46.95 -38.92
N LYS A 757 24.32 47.19 -40.16
CA LYS A 757 24.51 48.48 -40.80
C LYS A 757 23.24 49.32 -40.85
N ALA A 758 22.25 49.00 -40.02
CA ALA A 758 21.06 49.85 -39.90
C ALA A 758 20.58 49.91 -38.45
N SER A 759 21.51 49.79 -37.50
CA SER A 759 21.14 49.48 -36.12
C SER A 759 20.42 50.61 -35.39
N PRO A 760 21.01 51.80 -35.23
CA PRO A 760 20.53 52.72 -34.20
C PRO A 760 19.20 53.37 -34.49
N THR A 761 18.54 52.98 -35.58
CA THR A 761 17.19 53.45 -35.89
C THR A 761 16.23 52.33 -36.19
N GLU A 762 16.68 51.22 -36.78
CA GLU A 762 15.81 50.09 -37.08
C GLU A 762 15.52 49.23 -35.87
N LEU A 763 16.23 49.46 -34.78
CA LEU A 763 16.02 48.72 -33.56
C LEU A 763 15.74 49.69 -32.42
N PRO A 764 14.90 49.30 -31.48
CA PRO A 764 14.54 50.17 -30.34
C PRO A 764 15.60 50.20 -29.24
N GLY A 765 16.86 50.36 -29.64
CA GLY A 765 17.95 50.49 -28.69
C GLY A 765 18.89 51.63 -29.04
N GLY A 766 18.74 52.17 -30.25
CA GLY A 766 19.52 53.33 -30.63
C GLY A 766 18.87 54.64 -30.25
N ILE A 767 17.60 54.59 -29.84
CA ILE A 767 16.83 55.78 -29.51
C ILE A 767 16.44 55.71 -28.04
N PRO A 768 16.69 56.75 -27.25
CA PRO A 768 16.10 56.82 -25.91
C PRO A 768 14.59 56.97 -26.02
N ARG A 769 13.87 56.19 -25.23
CA ARG A 769 12.43 56.06 -25.43
C ARG A 769 11.71 57.37 -25.20
N LYS A 770 10.57 57.51 -25.87
CA LYS A 770 9.84 58.77 -25.91
C LYS A 770 9.01 58.97 -24.65
N ARG A 771 9.17 60.13 -24.02
CA ARG A 771 8.37 60.47 -22.86
C ARG A 771 6.90 60.62 -23.25
N ARG A 772 6.01 60.28 -22.34
CA ARG A 772 4.58 60.47 -22.54
C ARG A 772 4.05 61.48 -21.54
N VAL A 773 3.03 62.23 -21.96
CA VAL A 773 2.34 63.16 -21.09
C VAL A 773 0.84 63.01 -21.34
N LEU A 774 0.07 63.06 -20.25
CA LEU A 774 -1.38 63.06 -20.34
C LEU A 774 -1.90 64.00 -19.27
N PRO A 775 -2.88 64.85 -19.62
CA PRO A 775 -3.45 65.77 -18.64
C PRO A 775 -4.11 65.02 -17.49
N GLU A 776 -4.38 65.75 -16.42
CA GLU A 776 -4.95 65.16 -15.22
C GLU A 776 -6.41 64.78 -15.37
N LEU A 777 -7.04 65.09 -16.53
CA LEU A 777 -8.41 64.71 -16.81
C LEU A 777 -9.35 65.15 -15.70
N PRO A 778 -9.67 66.45 -15.63
CA PRO A 778 -10.33 67.01 -14.43
C PRO A 778 -11.54 66.22 -13.97
N LEU A 779 -11.58 65.98 -12.66
CA LEU A 779 -12.48 65.00 -12.07
C LEU A 779 -13.78 65.68 -11.65
N ALA A 780 -14.90 64.98 -11.86
CA ALA A 780 -16.17 65.39 -11.29
C ALA A 780 -16.20 64.98 -9.82
N PRO A 781 -15.84 63.73 -9.47
CA PRO A 781 -15.68 63.40 -8.06
C PRO A 781 -14.22 63.43 -7.63
N GLU A 1136 29.17 47.95 -46.36
CA GLU A 1136 30.41 48.60 -46.77
C GLU A 1136 31.49 47.61 -47.17
N ASP A 1137 32.53 48.16 -47.79
CA ASP A 1137 33.79 47.48 -48.04
C ASP A 1137 34.52 47.10 -46.76
N ARG A 1138 34.15 47.68 -45.62
CA ARG A 1138 34.67 47.28 -44.32
C ARG A 1138 34.00 46.03 -43.77
N LEU A 1139 33.22 45.32 -44.58
CA LEU A 1139 32.39 44.21 -44.12
C LEU A 1139 32.74 42.89 -44.78
N THR A 1140 32.99 42.88 -46.07
CA THR A 1140 33.29 41.70 -46.86
C THR A 1140 34.43 40.84 -46.31
N PRO A 1141 35.49 41.44 -45.73
CA PRO A 1141 36.49 40.59 -45.07
C PRO A 1141 35.91 39.73 -43.96
N LEU A 1142 35.06 40.31 -43.12
CA LEU A 1142 34.36 39.51 -42.12
C LEU A 1142 33.47 38.47 -42.79
N LYS A 1143 32.88 38.82 -43.93
CA LYS A 1143 32.06 37.86 -44.67
C LYS A 1143 32.87 36.63 -45.06
N GLN A 1144 34.10 36.82 -45.52
CA GLN A 1144 34.95 35.68 -45.82
C GLN A 1144 35.49 35.03 -44.56
N LEU A 1145 35.59 35.80 -43.48
CA LEU A 1145 36.06 35.27 -42.21
C LEU A 1145 35.10 34.23 -41.65
N LEU A 1146 33.82 34.60 -41.53
CA LEU A 1146 32.82 33.69 -41.00
C LEU A 1146 32.80 32.37 -41.74
N ILE A 1147 32.93 32.44 -43.05
CA ILE A 1147 32.98 31.25 -43.87
C ILE A 1147 34.40 30.71 -43.85
N ASP A 1148 34.54 29.41 -44.12
CA ASP A 1148 35.81 28.71 -44.24
C ASP A 1148 36.47 28.49 -42.89
N SER A 1149 35.92 29.09 -41.84
CA SER A 1149 36.28 28.80 -40.48
C SER A 1149 35.27 27.87 -39.83
N THR A 1150 34.27 27.41 -40.57
CA THR A 1150 33.18 26.63 -40.05
C THR A 1150 32.81 25.46 -40.94
N THR A 1151 33.47 25.31 -42.07
CA THR A 1151 33.03 24.35 -43.08
C THR A 1151 33.27 22.95 -42.53
N GLY A 1152 32.20 22.36 -42.02
CA GLY A 1152 32.27 21.10 -41.31
C GLY A 1152 31.70 21.26 -39.92
N PHE A 1153 31.37 22.49 -39.55
CA PHE A 1153 30.86 22.77 -38.22
C PHE A 1153 29.43 22.28 -38.07
N THR A 1154 29.11 21.79 -36.88
CA THR A 1154 27.77 21.28 -36.69
C THR A 1154 26.78 22.43 -36.59
N VAL A 1155 25.50 22.05 -36.60
CA VAL A 1155 24.41 23.00 -36.72
C VAL A 1155 24.38 23.94 -35.53
N ASP A 1156 24.53 23.38 -34.33
CA ASP A 1156 24.51 24.15 -33.11
C ASP A 1156 25.59 25.22 -33.07
N GLN A 1157 26.71 24.99 -33.75
CA GLN A 1157 27.83 25.90 -33.62
C GLN A 1157 27.52 27.23 -34.28
N LEU A 1158 26.84 27.19 -35.42
CA LEU A 1158 26.31 28.41 -35.99
C LEU A 1158 25.36 29.10 -35.03
N LEU A 1159 24.61 28.32 -34.26
CA LEU A 1159 23.75 28.92 -33.25
C LEU A 1159 24.55 29.65 -32.19
N HIS A 1160 25.65 29.04 -31.76
CA HIS A 1160 26.56 29.69 -30.82
C HIS A 1160 27.00 31.04 -31.36
N LEU A 1161 27.57 31.02 -32.56
CA LEU A 1161 28.06 32.26 -33.15
C LEU A 1161 26.94 33.25 -33.33
N HIS A 1162 25.75 32.77 -33.67
CA HIS A 1162 24.57 33.60 -33.77
C HIS A 1162 24.33 34.35 -32.47
N SER A 1163 24.23 33.61 -31.37
CA SER A 1163 24.06 34.20 -30.05
C SER A 1163 25.15 35.21 -29.74
N PHE A 1164 26.40 34.86 -30.07
CA PHE A 1164 27.51 35.72 -29.71
C PHE A 1164 27.45 37.04 -30.45
N LEU A 1165 27.41 36.99 -31.77
CA LEU A 1165 27.25 38.19 -32.57
C LEU A 1165 26.01 38.97 -32.19
N TYR A 1166 24.95 38.30 -31.76
CA TYR A 1166 23.79 39.04 -31.25
C TYR A 1166 24.14 39.80 -29.99
N GLN A 1167 24.97 39.22 -29.13
CA GLN A 1167 25.46 39.98 -27.98
C GLN A 1167 26.24 41.20 -28.44
N ILE A 1168 27.13 41.00 -29.42
CA ILE A 1168 27.91 42.10 -29.98
C ILE A 1168 27.01 43.24 -30.39
N ILE A 1169 25.98 42.92 -31.18
CA ILE A 1169 25.12 43.97 -31.70
C ILE A 1169 24.23 44.53 -30.61
N TRP A 1170 23.86 43.73 -29.62
CA TRP A 1170 23.14 44.26 -28.49
C TRP A 1170 23.94 45.33 -27.80
N ASN A 1171 25.26 45.13 -27.73
CA ASN A 1171 26.12 46.19 -27.23
C ASN A 1171 26.14 47.39 -28.17
N THR A 1172 26.38 47.14 -29.46
CA THR A 1172 26.55 48.20 -30.45
C THR A 1172 25.22 48.80 -30.91
N LYS A 1173 24.14 48.47 -30.21
CA LYS A 1173 22.81 48.95 -30.57
C LYS A 1173 22.73 50.46 -30.71
N SER A 1174 23.58 51.19 -30.01
CA SER A 1174 23.57 52.66 -30.08
C SER A 1174 24.82 53.19 -30.79
N GLU A 1175 25.44 52.38 -31.62
CA GLU A 1175 26.61 52.81 -32.37
C GLU A 1175 26.18 53.44 -33.68
N TRP A 1176 26.98 54.40 -34.14
CA TRP A 1176 26.74 55.06 -35.41
C TRP A 1176 27.99 54.97 -36.27
N ASN A 1177 27.78 54.93 -37.58
CA ASN A 1177 28.87 54.71 -38.53
C ASN A 1177 29.57 53.38 -38.23
N ARG A 1178 28.81 52.32 -38.45
CA ARG A 1178 29.28 50.96 -38.21
C ARG A 1178 30.29 50.59 -39.30
N ASN A 1179 30.66 49.31 -39.34
CA ASN A 1179 31.79 48.79 -40.11
C ASN A 1179 33.11 49.18 -39.44
N SER A 1180 33.00 49.78 -38.27
CA SER A 1180 34.11 49.95 -37.35
C SER A 1180 33.94 49.04 -36.14
N VAL A 1181 32.87 48.26 -36.10
CA VAL A 1181 32.49 47.45 -34.95
C VAL A 1181 32.66 45.97 -35.24
N VAL A 1182 33.49 45.62 -36.22
CA VAL A 1182 33.54 44.26 -36.70
C VAL A 1182 34.59 43.44 -35.98
N ASP A 1183 35.57 44.13 -35.38
CA ASP A 1183 36.70 43.48 -34.74
C ASP A 1183 36.26 42.49 -33.67
N GLU A 1184 35.31 42.90 -32.80
CA GLU A 1184 34.77 41.98 -31.80
C GLU A 1184 34.17 40.76 -32.47
N CYS A 1185 33.51 40.96 -33.61
CA CYS A 1185 32.95 39.85 -34.35
C CYS A 1185 34.03 38.85 -34.74
N GLU A 1186 35.05 39.31 -35.48
CA GLU A 1186 36.04 38.35 -35.95
C GLU A 1186 36.83 37.74 -34.80
N ARG A 1187 37.12 38.53 -33.77
CA ARG A 1187 37.84 37.96 -32.64
C ARG A 1187 37.02 36.92 -31.90
N ALA A 1188 35.71 37.12 -31.79
CA ALA A 1188 34.85 36.06 -31.27
C ALA A 1188 34.94 34.82 -32.14
N VAL A 1189 35.02 35.03 -33.46
CA VAL A 1189 35.27 33.90 -34.36
C VAL A 1189 36.53 33.17 -33.95
N LYS A 1190 37.63 33.92 -33.81
CA LYS A 1190 38.93 33.32 -33.49
C LYS A 1190 38.87 32.54 -32.19
N GLU A 1191 38.35 33.16 -31.14
CA GLU A 1191 38.26 32.49 -29.86
C GLU A 1191 37.36 31.28 -29.93
N PHE A 1192 36.38 31.29 -30.83
CA PHE A 1192 35.37 30.25 -30.85
C PHE A 1192 35.96 28.88 -31.18
N MET A 1193 37.05 28.85 -31.94
CA MET A 1193 37.49 27.60 -32.57
C MET A 1193 37.90 26.52 -31.58
N ILE A 1194 38.23 26.87 -30.34
CA ILE A 1194 38.83 25.87 -29.45
C ILE A 1194 37.77 24.84 -29.07
N PRO B 264 -40.67 6.32 -31.12
CA PRO B 264 -39.26 6.57 -30.82
C PRO B 264 -38.68 5.53 -29.88
N LEU B 265 -38.48 4.30 -30.36
CA LEU B 265 -38.11 3.21 -29.47
C LEU B 265 -36.76 2.62 -29.86
N GLY B 266 -35.67 3.29 -29.48
CA GLY B 266 -34.63 2.66 -28.68
C GLY B 266 -34.44 1.18 -28.93
N VAL B 267 -34.84 0.44 -27.90
CA VAL B 267 -34.94 -1.00 -27.84
C VAL B 267 -35.56 -1.56 -29.12
N ASP B 268 -35.12 -2.73 -29.54
CA ASP B 268 -35.60 -3.38 -30.74
C ASP B 268 -36.79 -4.29 -30.41
N SER B 269 -37.44 -4.81 -31.45
CA SER B 269 -38.68 -5.55 -31.26
C SER B 269 -38.64 -6.97 -31.81
N SER B 270 -37.57 -7.70 -31.52
CA SER B 270 -37.44 -9.11 -31.91
C SER B 270 -37.40 -9.93 -30.63
N LEU B 271 -38.52 -10.56 -30.27
CA LEU B 271 -38.65 -11.22 -28.98
C LEU B 271 -39.02 -12.70 -29.16
N SER B 272 -39.09 -13.41 -28.04
CA SER B 272 -39.27 -14.86 -28.01
C SER B 272 -38.05 -15.57 -28.58
N PHE B 273 -36.89 -15.26 -28.00
CA PHE B 273 -35.61 -15.79 -28.45
C PHE B 273 -35.35 -15.42 -29.90
N GLU B 274 -35.80 -14.22 -30.26
CA GLU B 274 -35.59 -13.65 -31.58
C GLU B 274 -34.42 -12.67 -31.60
N SER B 275 -33.90 -12.30 -30.43
CA SER B 275 -32.70 -11.48 -30.32
C SER B 275 -31.43 -12.31 -30.17
N VAL B 276 -31.55 -13.59 -29.80
CA VAL B 276 -30.42 -14.51 -29.73
C VAL B 276 -30.60 -15.49 -30.88
N GLY B 277 -31.20 -15.01 -31.97
CA GLY B 277 -31.52 -15.84 -33.13
C GLY B 277 -30.33 -16.50 -33.79
N GLY B 278 -30.41 -17.82 -33.94
CA GLY B 278 -29.32 -18.59 -34.51
C GLY B 278 -28.83 -19.64 -33.54
N LEU B 279 -29.37 -19.62 -32.32
CA LEU B 279 -28.93 -20.50 -31.24
C LEU B 279 -30.16 -21.12 -30.58
N ASP B 280 -30.64 -22.23 -31.12
CA ASP B 280 -31.76 -22.94 -30.52
C ASP B 280 -31.32 -24.03 -29.56
N ASN B 281 -30.03 -24.37 -29.51
CA ASN B 281 -29.59 -25.43 -28.63
C ASN B 281 -29.73 -25.03 -27.17
N TYR B 282 -29.27 -23.83 -26.81
CA TYR B 282 -29.47 -23.35 -25.44
C TYR B 282 -30.94 -23.08 -25.18
N ILE B 283 -31.69 -22.70 -26.21
CA ILE B 283 -33.13 -22.53 -26.08
C ILE B 283 -33.77 -23.82 -25.61
N ASN B 284 -33.47 -24.92 -26.31
CA ASN B 284 -33.98 -26.22 -25.91
C ASN B 284 -33.46 -26.59 -24.54
N GLN B 285 -32.18 -26.32 -24.27
CA GLN B 285 -31.56 -26.65 -22.99
C GLN B 285 -32.28 -25.99 -21.83
N LEU B 286 -32.68 -24.73 -21.97
CA LEU B 286 -33.40 -24.02 -20.94
C LEU B 286 -34.87 -24.39 -20.88
N LYS B 287 -35.50 -24.65 -22.03
CA LYS B 287 -36.91 -25.05 -22.04
C LYS B 287 -37.15 -26.42 -21.41
N GLU B 288 -36.08 -27.12 -21.01
CA GLU B 288 -36.16 -28.34 -20.25
C GLU B 288 -36.26 -28.11 -18.76
N MET B 289 -35.97 -26.91 -18.29
CA MET B 289 -35.64 -26.70 -16.88
C MET B 289 -36.63 -25.78 -16.16
N VAL B 290 -36.86 -24.59 -16.71
CA VAL B 290 -37.85 -23.65 -16.20
C VAL B 290 -39.23 -24.07 -16.67
N MET B 291 -39.31 -24.59 -17.89
CA MET B 291 -40.55 -25.01 -18.51
C MET B 291 -41.10 -26.27 -17.85
N LEU B 292 -40.24 -27.11 -17.30
CA LEU B 292 -40.69 -28.39 -16.77
C LEU B 292 -41.43 -28.31 -15.43
N PRO B 293 -41.00 -27.54 -14.42
CA PRO B 293 -41.74 -27.54 -13.15
C PRO B 293 -43.18 -27.11 -13.31
N LEU B 294 -43.43 -26.22 -14.26
CA LEU B 294 -44.75 -25.78 -14.63
C LEU B 294 -45.35 -26.62 -15.75
N LEU B 295 -44.54 -27.45 -16.38
CA LEU B 295 -45.04 -28.42 -17.34
C LEU B 295 -45.64 -29.63 -16.61
N TYR B 296 -44.87 -30.23 -15.71
CA TYR B 296 -45.31 -31.39 -14.96
C TYR B 296 -45.26 -31.09 -13.47
N PRO B 297 -46.33 -30.54 -12.89
CA PRO B 297 -46.40 -30.44 -11.42
C PRO B 297 -46.75 -31.75 -10.75
N GLU B 298 -47.23 -32.74 -11.51
CA GLU B 298 -47.64 -34.02 -10.92
C GLU B 298 -46.46 -34.83 -10.40
N ILE B 299 -45.26 -34.62 -10.96
CA ILE B 299 -44.10 -35.41 -10.62
C ILE B 299 -43.40 -34.76 -9.42
N PHE B 300 -43.98 -33.68 -8.93
CA PHE B 300 -43.48 -32.98 -7.76
C PHE B 300 -43.86 -33.67 -6.46
N GLN B 301 -44.76 -34.64 -6.49
CA GLN B 301 -44.96 -35.56 -5.38
C GLN B 301 -45.08 -37.01 -5.82
N ARG B 302 -45.39 -37.29 -7.09
CA ARG B 302 -45.21 -38.63 -7.61
C ARG B 302 -43.75 -39.03 -7.53
N PHE B 303 -42.86 -38.08 -7.76
CA PHE B 303 -41.43 -38.29 -7.62
C PHE B 303 -40.77 -37.20 -6.79
N ASN B 304 -41.54 -36.21 -6.34
CA ASN B 304 -41.24 -35.26 -5.26
C ASN B 304 -39.78 -34.80 -5.25
N MET B 305 -39.39 -34.23 -6.37
CA MET B 305 -38.07 -33.65 -6.51
C MET B 305 -38.21 -32.23 -7.04
N GLN B 306 -37.10 -31.53 -7.10
CA GLN B 306 -37.09 -30.18 -7.63
C GLN B 306 -36.53 -30.19 -9.05
N PRO B 307 -37.40 -30.13 -10.06
CA PRO B 307 -36.95 -29.88 -11.43
C PRO B 307 -36.08 -28.64 -11.48
N PRO B 308 -34.92 -28.71 -12.16
CA PRO B 308 -33.94 -27.62 -12.08
C PRO B 308 -34.45 -26.31 -12.63
N ARG B 309 -34.49 -25.28 -11.77
CA ARG B 309 -34.90 -23.95 -12.16
C ARG B 309 -33.88 -22.93 -11.67
N GLY B 310 -33.64 -21.91 -12.49
CA GLY B 310 -32.64 -20.90 -12.24
C GLY B 310 -31.58 -20.94 -13.30
N VAL B 311 -31.43 -19.85 -14.07
CA VAL B 311 -30.51 -19.83 -15.19
C VAL B 311 -29.55 -18.66 -15.02
N LEU B 312 -28.27 -18.91 -15.28
CA LEU B 312 -27.28 -17.84 -15.36
C LEU B 312 -27.16 -17.42 -16.82
N PHE B 313 -27.77 -16.31 -17.17
CA PHE B 313 -27.46 -15.66 -18.44
C PHE B 313 -26.03 -15.15 -18.36
N HIS B 314 -25.15 -15.65 -19.21
CA HIS B 314 -23.76 -15.27 -19.12
C HIS B 314 -23.12 -15.34 -20.51
N GLY B 315 -22.12 -14.51 -20.72
CA GLY B 315 -21.51 -14.36 -22.01
C GLY B 315 -20.96 -12.95 -22.19
N PRO B 316 -20.26 -12.72 -23.29
CA PRO B 316 -19.65 -11.41 -23.51
C PRO B 316 -20.72 -10.37 -23.85
N PRO B 317 -20.53 -9.13 -23.38
CA PRO B 317 -21.43 -8.06 -23.80
C PRO B 317 -21.36 -7.84 -25.30
N GLY B 318 -22.49 -7.45 -25.87
CA GLY B 318 -22.63 -7.36 -27.31
C GLY B 318 -23.64 -8.39 -27.74
N THR B 319 -23.53 -9.59 -27.17
CA THR B 319 -24.62 -10.55 -27.23
C THR B 319 -25.83 -10.06 -26.44
N GLY B 320 -25.58 -9.24 -25.42
CA GLY B 320 -26.60 -8.89 -24.46
C GLY B 320 -26.77 -9.98 -23.42
N LYS B 321 -27.29 -9.57 -22.27
CA LYS B 321 -27.75 -10.50 -21.24
C LYS B 321 -29.22 -10.35 -20.95
N THR B 322 -29.86 -9.30 -21.48
CA THR B 322 -31.19 -8.86 -21.11
C THR B 322 -32.19 -8.99 -22.23
N LEU B 323 -31.79 -8.72 -23.47
CA LEU B 323 -32.63 -9.01 -24.62
C LEU B 323 -33.02 -10.48 -24.68
N MET B 324 -32.09 -11.37 -24.32
CA MET B 324 -32.40 -12.77 -24.11
C MET B 324 -33.40 -13.00 -22.98
N ALA B 325 -33.41 -12.12 -21.98
CA ALA B 325 -34.38 -12.27 -20.90
C ALA B 325 -35.81 -12.18 -21.40
N ARG B 326 -36.16 -11.12 -22.13
CA ARG B 326 -37.50 -11.05 -22.73
C ARG B 326 -37.62 -11.96 -23.93
N ALA B 327 -36.50 -12.40 -24.50
CA ALA B 327 -36.54 -13.51 -25.44
C ALA B 327 -37.21 -14.74 -24.80
N LEU B 328 -36.68 -15.17 -23.67
CA LEU B 328 -37.31 -16.27 -22.95
C LEU B 328 -38.68 -15.88 -22.42
N ALA B 329 -38.86 -14.61 -22.07
CA ALA B 329 -40.15 -14.17 -21.55
C ALA B 329 -41.25 -14.37 -22.58
N ALA B 330 -40.95 -14.10 -23.85
CA ALA B 330 -41.89 -14.39 -24.92
C ALA B 330 -41.93 -15.86 -25.28
N ALA B 331 -40.81 -16.58 -25.08
CA ALA B 331 -40.79 -18.02 -25.28
C ALA B 331 -41.54 -18.78 -24.19
N CYS B 332 -41.97 -18.09 -23.13
CA CYS B 332 -42.79 -18.71 -22.09
C CYS B 332 -44.16 -18.07 -21.89
N SER B 333 -44.36 -16.82 -22.34
CA SER B 333 -45.61 -16.11 -22.05
C SER B 333 -46.80 -16.80 -22.70
N SER B 334 -46.77 -16.94 -24.02
CA SER B 334 -47.81 -17.69 -24.70
C SER B 334 -47.60 -19.20 -24.62
N GLU B 335 -46.35 -19.64 -24.49
CA GLU B 335 -46.08 -21.06 -24.30
C GLU B 335 -46.69 -21.55 -22.99
N ASN B 336 -46.71 -20.69 -21.99
CA ASN B 336 -47.35 -20.98 -20.71
C ASN B 336 -48.57 -20.10 -20.54
N LYS B 337 -49.75 -20.67 -20.75
CA LYS B 337 -51.02 -19.99 -20.48
C LYS B 337 -51.58 -20.57 -19.18
N LYS B 338 -51.31 -19.87 -18.08
CA LYS B 338 -50.57 -18.62 -18.16
C LYS B 338 -49.45 -18.52 -17.16
N VAL B 339 -48.47 -17.66 -17.46
CA VAL B 339 -47.38 -17.36 -16.56
C VAL B 339 -47.22 -15.86 -16.45
N SER B 340 -46.91 -15.39 -15.25
CA SER B 340 -46.62 -13.99 -15.00
C SER B 340 -45.12 -13.80 -14.83
N PHE B 341 -44.70 -12.55 -14.79
CA PHE B 341 -43.29 -12.20 -14.86
C PHE B 341 -42.94 -11.19 -13.78
N TYR B 342 -41.74 -11.31 -13.22
CA TYR B 342 -41.21 -10.37 -12.25
C TYR B 342 -39.81 -10.01 -12.67
N MET B 343 -39.61 -8.73 -13.01
CA MET B 343 -38.40 -8.25 -13.65
C MET B 343 -37.59 -7.42 -12.67
N ARG B 344 -36.32 -7.77 -12.48
CA ARG B 344 -35.43 -7.01 -11.61
C ARG B 344 -34.16 -6.65 -12.36
N LYS B 345 -33.89 -5.35 -12.46
CA LYS B 345 -32.74 -4.83 -13.20
C LYS B 345 -31.98 -3.85 -12.33
N GLY B 346 -30.65 -3.90 -12.41
CA GLY B 346 -29.82 -2.95 -11.72
C GLY B 346 -29.71 -3.25 -10.24
N ALA B 347 -28.61 -2.76 -9.66
CA ALA B 347 -28.30 -3.00 -8.25
C ALA B 347 -28.99 -1.96 -7.37
N ASP B 348 -30.33 -2.01 -7.38
CA ASP B 348 -31.14 -1.09 -6.60
C ASP B 348 -31.78 -1.77 -5.39
N CYS B 349 -31.25 -2.92 -4.97
CA CYS B 349 -31.74 -3.61 -3.78
C CYS B 349 -30.79 -3.43 -2.61
N LEU B 350 -30.31 -2.19 -2.41
CA LEU B 350 -29.48 -1.81 -1.28
C LEU B 350 -30.20 -0.79 -0.40
N SER B 351 -29.51 -0.42 0.68
CA SER B 351 -29.92 0.64 1.59
C SER B 351 -28.89 0.73 2.72
N LYS B 352 -29.08 1.70 3.61
CA LYS B 352 -28.42 1.66 4.90
C LYS B 352 -29.08 0.70 5.89
N TRP B 353 -30.37 0.43 5.77
CA TRP B 353 -30.97 -0.63 6.56
C TRP B 353 -30.71 -2.00 5.94
N VAL B 354 -30.27 -2.91 6.79
CA VAL B 354 -30.18 -4.33 6.47
C VAL B 354 -31.54 -4.90 6.09
N GLY B 355 -32.64 -4.27 6.52
CA GLY B 355 -33.97 -4.75 6.23
C GLY B 355 -34.63 -4.13 5.01
N GLU B 356 -34.09 -3.02 4.50
CA GLU B 356 -34.65 -2.43 3.29
C GLU B 356 -34.35 -3.29 2.06
N ALA B 357 -33.06 -3.58 1.83
CA ALA B 357 -32.67 -4.57 0.83
C ALA B 357 -33.31 -5.91 1.09
N GLU B 358 -33.48 -6.25 2.38
CA GLU B 358 -34.12 -7.50 2.78
C GLU B 358 -35.53 -7.57 2.21
N ARG B 359 -36.35 -6.60 2.59
CA ARG B 359 -37.75 -6.53 2.24
C ARG B 359 -37.98 -6.30 0.76
N GLN B 360 -37.04 -5.70 0.02
CA GLN B 360 -37.27 -5.55 -1.40
C GLN B 360 -37.39 -6.91 -2.09
N LEU B 361 -36.35 -7.73 -1.98
CA LEU B 361 -36.40 -9.08 -2.51
C LEU B 361 -37.50 -9.90 -1.85
N ARG B 362 -37.75 -9.68 -0.56
CA ARG B 362 -38.82 -10.43 0.10
C ARG B 362 -40.19 -10.08 -0.48
N LEU B 363 -40.40 -8.80 -0.79
CA LEU B 363 -41.66 -8.33 -1.37
C LEU B 363 -41.86 -8.92 -2.76
N LEU B 364 -40.84 -8.81 -3.61
CA LEU B 364 -40.93 -9.46 -4.91
C LEU B 364 -41.19 -10.96 -4.77
N PHE B 365 -40.56 -11.60 -3.80
CA PHE B 365 -40.76 -13.03 -3.63
C PHE B 365 -42.21 -13.33 -3.27
N GLU B 366 -42.78 -12.65 -2.28
CA GLU B 366 -44.13 -13.04 -1.89
C GLU B 366 -45.15 -12.64 -2.92
N GLU B 367 -44.97 -11.48 -3.57
CA GLU B 367 -45.87 -11.07 -4.62
C GLU B 367 -45.82 -12.00 -5.81
N ALA B 368 -44.68 -12.65 -6.05
CA ALA B 368 -44.68 -13.81 -6.94
C ALA B 368 -45.41 -15.00 -6.29
N LYS B 369 -45.36 -15.09 -4.97
CA LYS B 369 -46.09 -16.11 -4.22
C LYS B 369 -47.57 -15.81 -4.15
N SER B 370 -47.95 -14.53 -4.09
CA SER B 370 -49.34 -14.10 -4.14
C SER B 370 -49.85 -14.01 -5.57
N THR B 371 -49.19 -14.72 -6.48
CA THR B 371 -49.45 -14.73 -7.89
C THR B 371 -49.70 -16.18 -8.31
N GLN B 372 -50.28 -16.33 -9.50
CA GLN B 372 -50.34 -17.62 -10.15
C GLN B 372 -48.94 -18.01 -10.61
N PRO B 373 -48.77 -19.17 -11.26
CA PRO B 373 -47.50 -19.54 -11.88
C PRO B 373 -46.74 -18.39 -12.56
N SER B 374 -45.53 -18.12 -12.06
CA SER B 374 -44.80 -16.91 -12.40
C SER B 374 -43.31 -17.20 -12.54
N ILE B 375 -42.58 -16.20 -13.04
CA ILE B 375 -41.13 -16.26 -13.15
C ILE B 375 -40.55 -14.92 -12.76
N ILE B 376 -39.25 -14.91 -12.47
CA ILE B 376 -38.55 -13.72 -11.96
C ILE B 376 -37.28 -13.54 -12.78
N PHE B 377 -36.96 -12.28 -13.09
CA PHE B 377 -35.78 -11.94 -13.89
C PHE B 377 -34.81 -11.14 -13.04
N PHE B 378 -33.66 -11.73 -12.75
CA PHE B 378 -32.51 -11.00 -12.21
C PHE B 378 -31.60 -10.54 -13.34
N ASP B 379 -31.81 -9.31 -13.77
CA ASP B 379 -30.71 -8.58 -14.38
C ASP B 379 -29.77 -8.07 -13.30
N GLU B 380 -28.48 -8.04 -13.62
CA GLU B 380 -27.47 -7.43 -12.77
C GLU B 380 -27.39 -8.15 -11.42
N ILE B 381 -27.16 -9.46 -11.49
CA ILE B 381 -26.92 -10.22 -10.26
C ILE B 381 -25.60 -9.79 -9.61
N ASP B 382 -24.64 -9.33 -10.41
CA ASP B 382 -23.37 -8.88 -9.87
C ASP B 382 -23.53 -7.67 -8.95
N GLY B 383 -24.52 -6.82 -9.21
CA GLY B 383 -24.74 -5.66 -8.36
C GLY B 383 -25.71 -5.94 -7.23
N LEU B 384 -26.78 -6.67 -7.53
CA LEU B 384 -27.74 -7.03 -6.50
C LEU B 384 -27.25 -8.17 -5.63
N ALA B 385 -26.25 -8.93 -6.10
CA ALA B 385 -25.65 -10.02 -5.34
C ALA B 385 -24.14 -10.01 -5.54
N PRO B 386 -23.44 -8.97 -5.04
CA PRO B 386 -21.98 -8.93 -5.17
C PRO B 386 -21.29 -9.75 -4.08
N VAL B 387 -19.96 -9.77 -4.08
CA VAL B 387 -19.24 -10.51 -3.05
C VAL B 387 -19.29 -9.76 -1.72
N ARG B 388 -19.49 -10.53 -0.65
CA ARG B 388 -19.17 -10.04 0.70
C ARG B 388 -17.77 -9.47 0.81
N SER B 389 -17.67 -8.17 1.04
CA SER B 389 -16.45 -7.55 1.52
C SER B 389 -16.66 -7.28 3.01
N SER B 390 -16.26 -8.24 3.84
CA SER B 390 -16.67 -8.31 5.25
C SER B 390 -15.82 -7.41 6.14
N LYS B 391 -15.16 -6.41 5.58
CA LYS B 391 -14.36 -5.50 6.38
C LYS B 391 -15.07 -4.20 6.72
N GLN B 392 -15.91 -3.69 5.82
CA GLN B 392 -16.73 -2.52 6.15
C GLN B 392 -18.17 -2.62 5.70
N GLU B 393 -18.51 -3.48 4.75
CA GLU B 393 -19.85 -3.54 4.19
C GLU B 393 -20.39 -4.95 4.44
N GLN B 394 -21.28 -5.08 5.43
CA GLN B 394 -21.88 -6.37 5.75
C GLN B 394 -23.38 -6.42 5.48
N ILE B 395 -23.93 -5.48 4.70
CA ILE B 395 -25.23 -5.72 4.09
C ILE B 395 -25.08 -6.74 2.98
N HIS B 396 -23.87 -6.90 2.44
CA HIS B 396 -23.61 -7.97 1.47
C HIS B 396 -23.91 -9.33 2.05
N ALA B 397 -23.53 -9.55 3.31
CA ALA B 397 -23.87 -10.80 3.98
C ALA B 397 -25.37 -11.02 3.99
N SER B 398 -26.13 -9.99 4.36
CA SER B 398 -27.58 -10.12 4.43
C SER B 398 -28.18 -10.43 3.07
N ILE B 399 -27.74 -9.73 2.02
CA ILE B 399 -28.37 -9.88 0.72
C ILE B 399 -28.02 -11.24 0.10
N VAL B 400 -26.78 -11.69 0.26
CA VAL B 400 -26.40 -12.98 -0.28
C VAL B 400 -27.10 -14.10 0.48
N SER B 401 -27.19 -13.97 1.81
CA SER B 401 -27.86 -14.98 2.61
C SER B 401 -29.34 -15.06 2.26
N THR B 402 -30.00 -13.91 2.10
CA THR B 402 -31.43 -13.96 1.78
C THR B 402 -31.69 -14.42 0.36
N LEU B 403 -30.84 -14.06 -0.60
CA LEU B 403 -31.01 -14.60 -1.94
C LEU B 403 -30.78 -16.10 -1.99
N LEU B 404 -29.89 -16.63 -1.14
CA LEU B 404 -29.72 -18.08 -1.07
C LEU B 404 -30.86 -18.77 -0.34
N ALA B 405 -31.40 -18.15 0.71
CA ALA B 405 -32.54 -18.68 1.43
C ALA B 405 -33.83 -18.61 0.63
N LEU B 406 -33.94 -17.66 -0.30
CA LEU B 406 -35.06 -17.64 -1.22
C LEU B 406 -35.07 -18.88 -2.10
N MET B 407 -33.89 -19.47 -2.35
CA MET B 407 -33.83 -20.73 -3.07
C MET B 407 -34.04 -21.91 -2.13
N ASP B 408 -33.10 -22.15 -1.22
CA ASP B 408 -33.15 -23.28 -0.29
C ASP B 408 -32.86 -22.83 1.13
N GLY B 409 -33.53 -21.76 1.56
CA GLY B 409 -33.46 -21.37 2.95
C GLY B 409 -34.79 -21.47 3.65
N MET B 410 -35.30 -20.32 4.10
CA MET B 410 -36.63 -20.25 4.67
C MET B 410 -37.72 -20.31 3.61
N GLU B 411 -37.36 -20.07 2.34
CA GLU B 411 -38.32 -20.04 1.25
C GLU B 411 -37.81 -20.92 0.11
N SER B 412 -38.60 -21.89 -0.29
CA SER B 412 -38.21 -22.75 -1.40
C SER B 412 -38.25 -21.98 -2.71
N ARG B 413 -37.75 -22.62 -3.77
CA ARG B 413 -37.86 -22.04 -5.10
C ARG B 413 -39.29 -22.07 -5.61
N GLY B 414 -40.17 -22.84 -4.97
CA GLY B 414 -41.58 -22.90 -5.27
C GLY B 414 -41.85 -23.23 -6.73
N GLN B 415 -42.92 -22.63 -7.26
CA GLN B 415 -43.26 -22.72 -8.67
C GLN B 415 -42.75 -21.52 -9.45
N VAL B 416 -41.92 -20.69 -8.85
CA VAL B 416 -41.27 -19.59 -9.54
C VAL B 416 -39.83 -19.98 -9.83
N ILE B 417 -39.19 -19.22 -10.72
CA ILE B 417 -37.85 -19.52 -11.19
C ILE B 417 -37.02 -18.25 -11.17
N ILE B 418 -35.71 -18.38 -10.96
CA ILE B 418 -34.80 -17.26 -10.83
C ILE B 418 -33.84 -17.29 -12.01
N ILE B 419 -33.54 -16.12 -12.56
CA ILE B 419 -32.65 -15.96 -13.70
C ILE B 419 -31.68 -14.84 -13.37
N GLY B 420 -30.42 -15.21 -13.10
CA GLY B 420 -29.38 -14.25 -12.83
C GLY B 420 -28.69 -13.83 -14.12
N ALA B 421 -28.81 -12.54 -14.44
CA ALA B 421 -28.15 -11.96 -15.60
C ALA B 421 -26.77 -11.47 -15.19
N THR B 422 -25.74 -12.04 -15.79
CA THR B 422 -24.35 -11.83 -15.40
C THR B 422 -23.52 -11.46 -16.61
N ASN B 423 -22.57 -10.56 -16.41
CA ASN B 423 -21.64 -10.17 -17.45
C ASN B 423 -20.20 -10.60 -17.17
N ARG B 424 -19.82 -10.77 -15.90
CA ARG B 424 -18.47 -11.21 -15.58
C ARG B 424 -18.64 -12.30 -14.53
N PRO B 425 -17.74 -13.28 -14.47
CA PRO B 425 -17.80 -14.29 -13.41
C PRO B 425 -17.07 -13.92 -12.12
N ASP B 426 -16.48 -12.73 -12.02
CA ASP B 426 -15.73 -12.34 -10.84
C ASP B 426 -16.55 -11.53 -9.84
N ALA B 427 -17.79 -11.21 -10.17
CA ALA B 427 -18.64 -10.40 -9.30
C ALA B 427 -19.61 -11.24 -8.48
N VAL B 428 -19.37 -12.55 -8.37
CA VAL B 428 -20.19 -13.45 -7.58
C VAL B 428 -19.28 -14.30 -6.70
N ASP B 429 -19.60 -14.38 -5.43
CA ASP B 429 -18.98 -15.39 -4.59
C ASP B 429 -19.43 -16.77 -5.06
N PRO B 430 -18.70 -17.83 -4.68
CA PRO B 430 -19.05 -19.18 -5.11
C PRO B 430 -20.21 -19.80 -4.33
N ALA B 431 -21.29 -19.04 -4.17
CA ALA B 431 -22.49 -19.50 -3.51
C ALA B 431 -23.75 -19.32 -4.35
N LEU B 432 -23.62 -18.90 -5.61
CA LEU B 432 -24.77 -18.63 -6.45
C LEU B 432 -24.89 -19.54 -7.66
N ARG B 433 -23.80 -19.81 -8.38
CA ARG B 433 -23.82 -20.71 -9.51
C ARG B 433 -23.72 -22.18 -9.10
N ARG B 434 -23.95 -22.48 -7.83
CA ARG B 434 -23.99 -23.85 -7.36
C ARG B 434 -25.36 -24.47 -7.62
N PRO B 435 -25.45 -25.80 -7.58
CA PRO B 435 -26.77 -26.44 -7.64
C PRO B 435 -27.59 -26.07 -6.43
N GLY B 436 -28.91 -26.08 -6.61
CA GLY B 436 -29.84 -25.64 -5.60
C GLY B 436 -30.40 -24.25 -5.82
N ARG B 437 -29.67 -23.39 -6.51
CA ARG B 437 -30.14 -22.06 -6.86
C ARG B 437 -30.43 -21.94 -8.35
N PHE B 438 -29.45 -22.28 -9.19
CA PHE B 438 -29.61 -22.20 -10.64
C PHE B 438 -29.21 -23.54 -11.24
N ASP B 439 -28.20 -24.18 -10.64
CA ASP B 439 -27.75 -25.52 -10.99
C ASP B 439 -26.97 -25.59 -12.30
N ARG B 440 -26.92 -24.50 -13.06
CA ARG B 440 -26.33 -24.52 -14.39
C ARG B 440 -25.70 -23.18 -14.71
N GLU B 441 -25.01 -23.13 -15.85
CA GLU B 441 -24.44 -21.91 -16.40
C GLU B 441 -24.76 -21.83 -17.89
N PHE B 442 -25.08 -20.62 -18.37
CA PHE B 442 -25.47 -20.43 -19.76
C PHE B 442 -24.58 -19.36 -20.38
N TYR B 443 -23.78 -19.75 -21.37
CA TYR B 443 -22.88 -18.87 -22.09
C TYR B 443 -23.37 -18.70 -23.52
N PHE B 444 -23.14 -17.53 -24.09
CA PHE B 444 -23.61 -17.22 -25.45
C PHE B 444 -22.45 -16.99 -26.40
N PRO B 445 -22.27 -17.85 -27.40
CA PRO B 445 -21.01 -17.93 -28.15
C PRO B 445 -20.90 -17.02 -29.37
N LEU B 446 -21.70 -15.95 -29.49
CA LEU B 446 -21.55 -15.06 -30.64
C LEU B 446 -21.86 -15.77 -31.95
N PRO B 447 -23.16 -15.93 -32.31
CA PRO B 447 -23.56 -16.62 -33.55
C PRO B 447 -22.71 -16.25 -34.77
N ASP B 448 -22.04 -17.25 -35.33
CA ASP B 448 -20.84 -16.97 -36.12
C ASP B 448 -21.16 -16.50 -37.54
N ARG B 449 -21.75 -17.37 -38.36
CA ARG B 449 -21.95 -17.03 -39.76
C ARG B 449 -23.41 -17.06 -40.18
N ASP B 450 -24.09 -18.17 -39.95
CA ASP B 450 -25.46 -18.33 -40.42
C ASP B 450 -26.44 -18.18 -39.26
N ALA B 451 -26.05 -18.58 -38.04
CA ALA B 451 -26.67 -17.97 -36.88
C ALA B 451 -26.47 -16.47 -36.93
N ARG B 452 -25.26 -16.04 -37.31
CA ARG B 452 -25.03 -14.66 -37.71
C ARG B 452 -26.01 -14.23 -38.80
N LYS B 453 -26.29 -15.13 -39.74
CA LYS B 453 -27.22 -14.80 -40.82
C LYS B 453 -28.63 -14.54 -40.28
N LYS B 454 -29.06 -15.32 -39.30
CA LYS B 454 -30.40 -15.14 -38.77
C LYS B 454 -30.47 -13.88 -37.93
N ILE B 455 -29.42 -13.58 -37.18
CA ILE B 455 -29.43 -12.37 -36.39
C ILE B 455 -29.21 -11.13 -37.25
N ILE B 456 -28.64 -11.27 -38.45
CA ILE B 456 -28.55 -10.09 -39.31
C ILE B 456 -29.86 -9.91 -40.07
N GLU B 457 -30.56 -10.99 -40.38
CA GLU B 457 -31.81 -10.88 -41.11
C GLU B 457 -32.98 -10.50 -40.21
N ILE B 458 -32.92 -10.82 -38.92
CA ILE B 458 -34.02 -10.48 -38.04
C ILE B 458 -34.16 -8.97 -37.90
N HIS B 459 -33.05 -8.24 -37.89
CA HIS B 459 -33.13 -6.79 -37.88
C HIS B 459 -33.61 -6.23 -39.21
N THR B 460 -33.42 -6.97 -40.30
CA THR B 460 -33.95 -6.60 -41.60
C THR B 460 -35.41 -7.01 -41.74
N ARG B 461 -35.93 -7.78 -40.80
CA ARG B 461 -37.36 -8.04 -40.68
C ARG B 461 -38.16 -6.79 -40.35
N ASN B 462 -37.48 -5.70 -39.99
CA ASN B 462 -38.12 -4.46 -39.59
C ASN B 462 -38.48 -3.57 -40.77
N TRP B 463 -37.78 -3.71 -41.89
CA TRP B 463 -38.05 -2.90 -43.07
C TRP B 463 -39.23 -3.49 -43.83
N ASP B 464 -40.34 -2.76 -43.86
CA ASP B 464 -41.50 -3.21 -44.63
C ASP B 464 -41.17 -3.18 -46.12
N PRO B 465 -40.62 -2.07 -46.64
CA PRO B 465 -40.05 -2.10 -47.99
C PRO B 465 -38.97 -3.17 -48.08
N PRO B 466 -38.92 -3.89 -49.19
CA PRO B 466 -37.93 -4.98 -49.31
C PRO B 466 -36.52 -4.42 -49.30
N VAL B 467 -35.67 -5.04 -48.50
CA VAL B 467 -34.28 -4.63 -48.40
C VAL B 467 -33.40 -5.70 -49.02
N PRO B 468 -32.22 -5.37 -49.51
CA PRO B 468 -31.30 -6.41 -49.95
C PRO B 468 -30.74 -7.17 -48.76
N GLU B 469 -31.26 -8.37 -48.55
CA GLU B 469 -30.70 -9.31 -47.59
C GLU B 469 -30.51 -10.67 -48.22
N TRP B 470 -31.14 -10.92 -49.37
CA TRP B 470 -30.82 -12.09 -50.19
C TRP B 470 -29.34 -12.16 -50.51
N LEU B 471 -28.69 -11.01 -50.68
CA LEU B 471 -27.26 -11.00 -50.92
C LEU B 471 -26.49 -11.55 -49.73
N CYS B 472 -27.00 -11.35 -48.51
CA CYS B 472 -26.51 -12.09 -47.37
C CYS B 472 -26.64 -13.58 -47.67
N SER B 473 -25.72 -14.39 -47.16
CA SER B 473 -24.73 -13.97 -46.18
C SER B 473 -23.43 -13.39 -46.75
N MET B 474 -23.54 -12.39 -47.62
CA MET B 474 -22.40 -11.55 -47.95
C MET B 474 -22.27 -10.37 -47.02
N LEU B 475 -23.24 -10.18 -46.12
CA LEU B 475 -23.07 -9.21 -45.06
C LEU B 475 -22.74 -9.87 -43.73
N ALA B 476 -23.18 -11.10 -43.53
CA ALA B 476 -22.86 -11.80 -42.29
C ALA B 476 -21.45 -12.39 -42.31
N GLU B 477 -20.72 -12.26 -43.41
CA GLU B 477 -19.32 -12.69 -43.44
C GLU B 477 -18.52 -11.89 -42.42
N LYS B 478 -18.42 -10.59 -42.66
CA LYS B 478 -17.61 -9.64 -41.92
C LYS B 478 -18.27 -9.18 -40.63
N SER B 479 -19.55 -9.47 -40.42
CA SER B 479 -20.19 -9.22 -39.14
C SER B 479 -19.77 -10.35 -38.21
N LYS B 480 -18.93 -10.03 -37.25
CA LYS B 480 -18.41 -11.02 -36.31
C LYS B 480 -17.90 -10.28 -35.09
N GLY B 481 -18.26 -10.75 -33.91
CA GLY B 481 -17.84 -10.10 -32.69
C GLY B 481 -18.67 -8.91 -32.27
N TYR B 482 -19.85 -8.73 -32.86
CA TYR B 482 -20.73 -7.62 -32.53
C TYR B 482 -21.91 -8.02 -31.66
N GLY B 483 -22.02 -9.31 -31.34
CA GLY B 483 -23.22 -9.78 -30.68
C GLY B 483 -24.42 -9.53 -31.56
N GLY B 484 -25.49 -9.03 -30.97
CA GLY B 484 -26.67 -8.68 -31.73
C GLY B 484 -26.96 -7.20 -31.67
N ALA B 485 -26.63 -6.58 -30.54
CA ALA B 485 -26.86 -5.15 -30.40
C ALA B 485 -26.00 -4.35 -31.37
N ASP B 486 -24.74 -4.76 -31.54
CA ASP B 486 -23.88 -4.07 -32.48
C ASP B 486 -24.24 -4.35 -33.93
N LEU B 487 -24.81 -5.53 -34.22
CA LEU B 487 -25.41 -5.72 -35.53
C LEU B 487 -26.60 -4.79 -35.74
N ARG B 488 -27.34 -4.51 -34.66
CA ARG B 488 -28.38 -3.50 -34.74
C ARG B 488 -27.77 -2.13 -35.00
N ALA B 489 -26.62 -1.85 -34.40
CA ALA B 489 -25.89 -0.64 -34.75
C ALA B 489 -25.51 -0.64 -36.22
N LEU B 490 -25.16 -1.80 -36.76
CA LEU B 490 -24.80 -1.91 -38.16
C LEU B 490 -25.99 -1.55 -39.05
N CYS B 491 -27.16 -2.12 -38.74
CA CYS B 491 -28.31 -1.81 -39.59
C CYS B 491 -28.74 -0.36 -39.43
N THR B 492 -28.64 0.20 -38.22
CA THR B 492 -28.93 1.62 -38.03
C THR B 492 -27.99 2.49 -38.86
N GLU B 493 -26.70 2.14 -38.85
CA GLU B 493 -25.73 2.97 -39.53
C GLU B 493 -25.93 2.92 -41.03
N ALA B 494 -26.10 1.71 -41.58
CA ALA B 494 -26.42 1.59 -43.01
C ALA B 494 -27.73 2.28 -43.33
N ALA B 495 -28.67 2.27 -42.39
CA ALA B 495 -29.93 2.98 -42.57
C ALA B 495 -29.68 4.46 -42.82
N LEU B 496 -29.10 5.16 -41.85
CA LEU B 496 -28.93 6.59 -42.02
C LEU B 496 -27.93 6.90 -43.13
N ASN B 497 -27.07 5.94 -43.46
CA ASN B 497 -26.26 6.07 -44.67
C ASN B 497 -27.15 6.21 -45.89
N SER B 498 -28.14 5.31 -46.01
CA SER B 498 -29.09 5.43 -47.10
C SER B 498 -29.90 6.72 -46.99
N ILE B 499 -30.15 7.17 -45.75
CA ILE B 499 -30.78 8.47 -45.54
C ILE B 499 -30.00 9.55 -46.25
N LYS B 500 -28.71 9.66 -45.94
CA LYS B 500 -27.86 10.66 -46.57
C LYS B 500 -27.85 10.49 -48.08
N ARG B 501 -27.70 9.24 -48.54
CA ARG B 501 -27.70 8.98 -49.97
C ARG B 501 -28.98 9.46 -50.63
N THR B 502 -30.09 9.43 -49.89
CA THR B 502 -31.34 9.99 -50.39
C THR B 502 -31.34 11.51 -50.31
N TYR B 503 -31.18 12.05 -49.10
CA TYR B 503 -31.44 13.46 -48.88
C TYR B 503 -30.21 14.18 -48.34
N PRO B 504 -29.57 15.02 -49.16
CA PRO B 504 -28.63 16.02 -48.64
C PRO B 504 -29.28 17.29 -48.12
N GLN B 505 -30.62 17.35 -48.09
CA GLN B 505 -31.32 18.46 -47.46
C GLN B 505 -31.33 18.34 -45.95
N LEU B 506 -30.60 17.38 -45.39
CA LEU B 506 -30.53 17.24 -43.94
C LEU B 506 -29.69 18.35 -43.33
N TYR B 507 -28.42 18.40 -43.68
CA TYR B 507 -27.62 19.59 -43.44
C TYR B 507 -28.04 20.67 -44.42
N ARG B 508 -27.38 21.84 -44.32
CA ARG B 508 -27.61 23.01 -45.16
C ARG B 508 -29.10 23.31 -45.31
N SER B 509 -29.85 23.11 -44.23
CA SER B 509 -31.30 23.27 -44.28
C SER B 509 -31.72 23.74 -42.90
N THR B 510 -32.14 24.99 -42.79
CA THR B 510 -32.29 25.59 -41.47
C THR B 510 -33.65 25.29 -40.81
N LYS B 511 -34.74 25.74 -41.43
CA LYS B 511 -36.06 25.61 -40.82
C LYS B 511 -36.50 24.15 -40.84
N ARG B 512 -37.23 23.75 -39.80
CA ARG B 512 -37.91 22.48 -39.80
C ARG B 512 -38.81 22.38 -41.02
N LEU B 513 -38.88 21.20 -41.62
CA LEU B 513 -39.50 21.05 -42.91
C LEU B 513 -40.03 19.63 -43.06
N GLN B 514 -40.58 19.36 -44.23
CA GLN B 514 -41.23 18.08 -44.51
C GLN B 514 -40.68 17.51 -45.80
N ILE B 515 -41.23 16.36 -46.19
CA ILE B 515 -40.75 15.59 -47.31
C ILE B 515 -41.94 15.17 -48.16
N ASP B 516 -41.69 14.31 -49.14
CA ASP B 516 -42.75 13.48 -49.67
C ASP B 516 -42.84 12.21 -48.83
N PRO B 517 -44.04 11.78 -48.43
CA PRO B 517 -44.15 10.85 -47.30
C PRO B 517 -43.87 9.38 -47.62
N LYS B 518 -42.80 9.11 -48.37
CA LYS B 518 -42.27 7.75 -48.49
C LYS B 518 -40.82 7.89 -48.98
N THR B 519 -39.87 7.79 -48.06
CA THR B 519 -38.48 8.09 -48.38
C THR B 519 -37.53 7.22 -47.57
N ILE B 520 -37.16 6.07 -48.14
CA ILE B 520 -35.82 5.53 -47.95
C ILE B 520 -35.62 4.39 -48.93
N LYS B 521 -34.41 4.30 -49.49
CA LYS B 521 -34.06 3.25 -50.43
C LYS B 521 -32.62 2.92 -50.12
N VAL B 522 -32.34 1.69 -49.68
CA VAL B 522 -31.02 1.36 -49.14
C VAL B 522 -30.13 0.86 -50.27
N LYS B 523 -28.86 1.22 -50.19
CA LYS B 523 -27.83 0.78 -51.10
C LYS B 523 -26.81 -0.10 -50.39
N VAL B 524 -26.19 -1.00 -51.15
CA VAL B 524 -25.09 -1.79 -50.64
C VAL B 524 -23.97 -0.88 -50.14
N LYS B 525 -23.71 0.21 -50.86
CA LYS B 525 -22.73 1.18 -50.42
C LYS B 525 -23.00 1.65 -49.00
N ASP B 526 -24.27 1.86 -48.65
CA ASP B 526 -24.61 2.27 -47.29
C ASP B 526 -24.24 1.18 -46.29
N PHE B 527 -24.48 -0.07 -46.65
CA PHE B 527 -24.07 -1.18 -45.80
C PHE B 527 -22.57 -1.15 -45.57
N VAL B 528 -21.78 -0.90 -46.61
CA VAL B 528 -20.34 -0.90 -46.43
C VAL B 528 -19.89 0.32 -45.64
N MET B 529 -20.58 1.45 -45.83
CA MET B 529 -20.37 2.63 -44.97
C MET B 529 -20.48 2.23 -43.52
N SER B 530 -21.65 1.71 -43.14
CA SER B 530 -21.84 1.22 -41.78
C SER B 530 -20.81 0.17 -41.40
N MET B 531 -20.33 -0.59 -42.40
CA MET B 531 -19.39 -1.65 -42.14
C MET B 531 -18.07 -1.09 -41.62
N LYS B 532 -17.61 0.01 -42.21
CA LYS B 532 -16.29 0.52 -41.89
C LYS B 532 -16.24 1.31 -40.60
N ARG B 533 -17.36 1.94 -40.20
CA ARG B 533 -17.27 2.99 -39.19
C ARG B 533 -17.09 2.45 -37.78
N MET B 534 -17.39 1.18 -37.53
CA MET B 534 -17.42 0.66 -36.17
C MET B 534 -16.72 -0.68 -36.06
N ILE B 535 -16.58 -1.13 -34.82
CA ILE B 535 -15.67 -2.23 -34.47
C ILE B 535 -16.45 -3.28 -33.67
N PRO B 536 -16.09 -4.55 -33.74
CA PRO B 536 -16.79 -5.56 -32.95
C PRO B 536 -16.39 -5.52 -31.47
N SER B 537 -17.02 -6.41 -30.71
CA SER B 537 -17.01 -6.30 -29.25
C SER B 537 -15.74 -6.84 -28.61
N SER B 538 -15.20 -7.96 -29.10
CA SER B 538 -13.99 -8.53 -28.51
C SER B 538 -12.83 -7.56 -28.57
N GLU B 539 -12.85 -6.65 -29.54
CA GLU B 539 -11.78 -5.69 -29.78
C GLU B 539 -12.39 -4.30 -29.77
N ARG B 540 -12.56 -3.75 -28.57
CA ARG B 540 -12.76 -2.33 -28.37
C ARG B 540 -11.45 -1.66 -28.02
N SER B 541 -10.65 -2.32 -27.19
CA SER B 541 -9.28 -1.93 -26.94
C SER B 541 -8.34 -3.13 -26.77
N SER B 542 -8.74 -4.33 -27.20
CA SER B 542 -7.87 -5.49 -27.21
C SER B 542 -8.00 -6.23 -28.53
N ILE B 543 -6.89 -6.38 -29.25
CA ILE B 543 -6.92 -7.09 -30.53
C ILE B 543 -7.22 -8.55 -30.29
N SER B 544 -7.97 -9.15 -31.20
CA SER B 544 -8.25 -10.59 -31.11
C SER B 544 -7.15 -11.38 -31.78
N PRO B 545 -6.68 -12.47 -31.17
CA PRO B 545 -5.59 -13.25 -31.75
C PRO B 545 -6.02 -14.16 -32.89
N SER B 546 -7.31 -14.28 -33.17
CA SER B 546 -7.80 -15.14 -34.26
C SER B 546 -8.40 -14.26 -35.34
N LYS B 547 -7.86 -14.37 -36.55
CA LYS B 547 -8.35 -13.66 -37.72
C LYS B 547 -8.09 -14.49 -38.97
N PRO B 548 -9.04 -14.56 -39.89
CA PRO B 548 -8.86 -15.39 -41.08
C PRO B 548 -7.77 -14.83 -41.98
N LEU B 549 -7.25 -15.70 -42.83
CA LEU B 549 -6.18 -15.32 -43.73
C LEU B 549 -6.68 -14.33 -44.77
N SER B 550 -5.81 -13.42 -45.19
CA SER B 550 -6.18 -12.53 -46.28
C SER B 550 -6.19 -13.30 -47.59
N PRO B 551 -7.00 -12.86 -48.56
CA PRO B 551 -7.13 -13.61 -49.82
C PRO B 551 -5.82 -13.74 -50.57
N GLU B 552 -4.97 -12.73 -50.52
CA GLU B 552 -3.70 -12.74 -51.21
C GLU B 552 -2.67 -13.65 -50.55
N LEU B 553 -2.75 -13.84 -49.23
CA LEU B 553 -1.93 -14.86 -48.60
C LEU B 553 -2.37 -16.26 -49.01
N LYS B 554 -3.64 -16.40 -49.40
CA LYS B 554 -4.16 -17.71 -49.79
C LYS B 554 -3.34 -18.37 -50.88
N PRO B 555 -3.06 -17.74 -52.03
CA PRO B 555 -2.26 -18.40 -53.07
C PRO B 555 -0.85 -18.74 -52.63
N LEU B 556 -0.39 -18.24 -51.50
CA LEU B 556 0.92 -18.59 -50.98
C LEU B 556 0.87 -19.27 -49.64
N LEU B 557 -0.32 -19.52 -49.08
CA LEU B 557 -0.42 -20.09 -47.75
C LEU B 557 -1.38 -21.28 -47.63
N ASN B 558 -2.41 -21.38 -48.48
CA ASN B 558 -3.37 -22.45 -48.33
C ASN B 558 -2.72 -23.82 -48.51
N GLU B 559 -1.74 -23.90 -49.40
CA GLU B 559 -1.03 -25.15 -49.65
C GLU B 559 -0.48 -25.75 -48.35
N ALA B 560 0.11 -24.92 -47.50
CA ALA B 560 0.60 -25.45 -46.22
C ALA B 560 -0.51 -25.51 -45.19
N PHE B 561 -1.42 -24.54 -45.22
CA PHE B 561 -2.44 -24.46 -44.19
C PHE B 561 -3.35 -25.67 -44.22
N GLN B 562 -3.65 -26.18 -45.42
CA GLN B 562 -4.45 -27.39 -45.53
C GLN B 562 -3.79 -28.55 -44.81
N ASP B 563 -2.52 -28.81 -45.12
CA ASP B 563 -1.80 -29.89 -44.48
C ASP B 563 -1.74 -29.71 -42.98
N ILE B 564 -1.53 -28.48 -42.55
CA ILE B 564 -1.35 -28.22 -41.12
C ILE B 564 -2.66 -28.45 -40.38
N GLU B 565 -3.76 -27.96 -40.95
CA GLU B 565 -5.05 -28.12 -40.30
C GLU B 565 -5.50 -29.58 -40.35
N LYS B 566 -5.17 -30.27 -41.44
CA LYS B 566 -5.29 -31.72 -41.47
C LYS B 566 -4.56 -32.36 -40.29
N THR B 567 -3.32 -31.96 -40.09
CA THR B 567 -2.50 -32.57 -39.05
C THR B 567 -3.08 -32.32 -37.67
N LEU B 568 -3.49 -31.09 -37.41
CA LEU B 568 -4.11 -30.80 -36.12
C LEU B 568 -5.40 -31.57 -35.94
N GLN B 569 -6.20 -31.71 -37.01
CA GLN B 569 -7.38 -32.56 -36.92
C GLN B 569 -7.00 -33.98 -36.59
N LYS B 570 -5.85 -34.44 -37.07
CA LYS B 570 -5.34 -35.73 -36.65
C LYS B 570 -5.04 -35.74 -35.15
N LEU B 571 -4.10 -34.90 -34.73
CA LEU B 571 -3.76 -34.81 -33.32
C LEU B 571 -4.89 -34.22 -32.49
N MET B 572 -5.83 -33.53 -33.12
CA MET B 572 -7.04 -33.08 -32.45
C MET B 572 -8.22 -33.40 -33.34
N PRO B 573 -8.83 -34.58 -33.18
CA PRO B 573 -10.01 -34.92 -33.96
C PRO B 573 -11.23 -34.09 -33.60
N VAL B 574 -11.15 -33.28 -32.54
CA VAL B 574 -12.24 -32.38 -32.20
C VAL B 574 -12.28 -31.25 -33.23
N ALA B 575 -13.41 -31.13 -33.91
CA ALA B 575 -13.61 -29.99 -34.80
C ALA B 575 -15.02 -29.42 -34.73
N SER B 576 -15.93 -30.01 -33.96
CA SER B 576 -17.31 -29.56 -33.91
C SER B 576 -17.87 -29.85 -32.53
N LYS B 577 -19.13 -29.47 -32.33
CA LYS B 577 -19.81 -29.59 -31.04
C LYS B 577 -20.90 -30.65 -31.15
N LEU B 578 -20.85 -31.65 -30.27
CA LEU B 578 -21.77 -32.77 -30.32
C LEU B 578 -22.99 -32.47 -29.45
N ASN B 579 -24.16 -32.46 -30.07
CA ASN B 579 -25.40 -32.20 -29.35
C ASN B 579 -25.85 -33.44 -28.60
N PRO B 580 -25.93 -33.41 -27.27
CA PRO B 580 -26.51 -34.55 -26.53
C PRO B 580 -28.00 -34.73 -26.79
N LEU B 581 -28.70 -33.67 -27.20
CA LEU B 581 -30.09 -33.80 -27.61
C LEU B 581 -30.25 -34.82 -28.73
N GLU B 582 -29.33 -34.82 -29.68
CA GLU B 582 -29.40 -35.79 -30.78
C GLU B 582 -28.93 -37.17 -30.35
N GLU B 583 -28.00 -37.25 -29.39
CA GLU B 583 -27.68 -38.54 -28.78
C GLU B 583 -28.91 -39.23 -28.22
N VAL B 584 -29.65 -38.58 -27.32
CA VAL B 584 -30.86 -39.18 -26.79
C VAL B 584 -31.98 -39.18 -27.83
N MET B 585 -31.81 -38.49 -28.96
CA MET B 585 -32.73 -38.63 -30.07
C MET B 585 -32.56 -39.97 -30.77
N TYR B 586 -31.38 -40.59 -30.69
CA TYR B 586 -31.12 -41.89 -31.28
C TYR B 586 -30.44 -42.77 -30.24
N ASP B 587 -31.22 -43.62 -29.59
CA ASP B 587 -30.72 -44.57 -28.61
C ASP B 587 -30.78 -45.98 -29.18
N ASP B 588 -29.99 -46.86 -28.58
CA ASP B 588 -29.98 -48.26 -28.94
C ASP B 588 -30.51 -49.10 -27.79
N PRO B 589 -31.15 -50.23 -28.10
CA PRO B 589 -31.54 -51.18 -27.05
C PRO B 589 -30.36 -51.95 -26.47
N LYS B 590 -29.21 -51.92 -27.14
CA LYS B 590 -28.02 -52.62 -26.66
C LYS B 590 -27.24 -51.75 -25.67
N GLU B 591 -27.93 -51.24 -24.66
CA GLU B 591 -27.28 -50.43 -23.64
C GLU B 591 -28.05 -50.62 -22.34
N ASN B 592 -27.55 -51.51 -21.50
CA ASN B 592 -28.01 -51.59 -20.11
C ASN B 592 -26.83 -51.80 -19.18
N ASP B 593 -25.61 -51.52 -19.64
CA ASP B 593 -24.42 -51.84 -18.89
C ASP B 593 -23.42 -50.70 -19.02
N PHE B 594 -22.29 -50.86 -18.35
CA PHE B 594 -21.21 -49.88 -18.34
C PHE B 594 -20.07 -50.23 -19.28
N GLU B 595 -19.83 -51.52 -19.52
CA GLU B 595 -18.75 -51.89 -20.43
C GLU B 595 -19.05 -51.41 -21.84
N TYR B 596 -20.33 -51.40 -22.22
CA TYR B 596 -20.68 -50.69 -23.44
C TYR B 596 -20.42 -49.20 -23.28
N GLN B 597 -20.69 -48.66 -22.10
CA GLN B 597 -20.31 -47.28 -21.81
C GLN B 597 -18.80 -47.14 -21.76
N GLN B 598 -18.11 -48.18 -21.29
CA GLN B 598 -16.66 -48.11 -21.20
C GLN B 598 -16.03 -48.11 -22.58
N ARG B 599 -16.69 -48.70 -23.57
CA ARG B 599 -16.29 -48.52 -24.97
C ARG B 599 -16.18 -47.06 -25.31
N LEU B 600 -17.30 -46.33 -25.19
CA LEU B 600 -17.34 -44.94 -25.62
C LEU B 600 -16.39 -44.07 -24.82
N GLU B 601 -16.33 -44.25 -23.50
CA GLU B 601 -15.40 -43.45 -22.72
C GLU B 601 -13.96 -43.73 -23.10
N THR B 602 -13.65 -44.97 -23.47
CA THR B 602 -12.29 -45.28 -23.90
C THR B 602 -11.87 -44.37 -25.05
N PHE B 603 -12.75 -44.18 -26.01
CA PHE B 603 -12.45 -43.32 -27.14
C PHE B 603 -12.58 -41.86 -26.71
N GLU B 604 -11.79 -41.01 -27.37
CA GLU B 604 -11.71 -39.59 -27.09
C GLU B 604 -11.09 -39.29 -25.74
N THR B 605 -10.68 -40.33 -25.01
CA THR B 605 -10.07 -40.17 -23.69
C THR B 605 -8.71 -40.85 -23.71
N LEU B 606 -8.66 -42.03 -24.31
CA LEU B 606 -7.42 -42.76 -24.51
C LEU B 606 -6.90 -42.60 -25.93
N ARG B 607 -7.59 -41.83 -26.75
CA ARG B 607 -7.25 -41.73 -28.15
C ARG B 607 -6.24 -40.64 -28.45
N ILE B 608 -5.83 -39.86 -27.46
CA ILE B 608 -4.88 -38.77 -27.70
C ILE B 608 -3.77 -38.83 -26.67
N TYR B 609 -2.66 -38.19 -27.02
CA TYR B 609 -1.55 -37.97 -26.10
C TYR B 609 -1.11 -36.52 -26.20
N LYS B 610 -1.46 -35.72 -25.20
CA LYS B 610 -0.85 -34.43 -24.90
C LYS B 610 -0.68 -33.54 -26.13
N PRO B 611 -1.76 -32.97 -26.64
CA PRO B 611 -1.66 -32.21 -27.89
C PRO B 611 -0.75 -31.01 -27.76
N ARG B 612 0.39 -31.10 -28.42
CA ARG B 612 1.40 -30.05 -28.41
C ARG B 612 1.94 -29.90 -29.82
N PHE B 613 2.24 -28.66 -30.20
CA PHE B 613 2.64 -28.42 -31.58
C PHE B 613 3.55 -27.22 -31.68
N LEU B 614 4.49 -27.30 -32.61
CA LEU B 614 5.44 -26.24 -32.88
C LEU B 614 5.64 -26.10 -34.38
N ILE B 615 6.13 -24.94 -34.80
CA ILE B 615 6.39 -24.65 -36.19
C ILE B 615 7.83 -24.14 -36.30
N CYS B 616 8.58 -24.71 -37.23
CA CYS B 616 9.88 -24.18 -37.59
C CYS B 616 9.77 -23.50 -38.96
N GLY B 617 10.52 -22.42 -39.11
CA GLY B 617 10.49 -21.67 -40.35
C GLY B 617 11.43 -20.49 -40.23
N ARG B 618 11.42 -19.66 -41.26
CA ARG B 618 12.31 -18.52 -41.28
C ARG B 618 11.57 -17.26 -40.83
N LYS B 619 12.36 -16.25 -40.47
CA LYS B 619 11.80 -14.95 -40.17
C LYS B 619 11.10 -14.40 -41.41
N GLY B 620 9.91 -13.82 -41.21
CA GLY B 620 9.14 -13.36 -42.35
C GLY B 620 8.78 -14.43 -43.33
N LEU B 621 8.74 -15.69 -42.87
CA LEU B 621 8.43 -16.83 -43.73
C LEU B 621 6.97 -17.25 -43.60
N GLY B 622 6.06 -16.31 -43.50
CA GLY B 622 4.69 -16.64 -43.19
C GLY B 622 4.44 -16.81 -41.72
N GLN B 623 5.45 -16.57 -40.91
CA GLN B 623 5.27 -16.63 -39.46
C GLN B 623 4.16 -15.69 -39.05
N THR B 624 3.26 -16.20 -38.20
CA THR B 624 2.06 -15.52 -37.70
C THR B 624 1.23 -14.87 -38.80
N ALA B 625 1.39 -15.29 -40.04
CA ALA B 625 0.42 -14.97 -41.06
C ALA B 625 -0.74 -15.94 -41.01
N LEU B 626 -0.46 -17.18 -40.69
CA LEU B 626 -1.45 -18.19 -40.39
C LEU B 626 -1.92 -18.11 -38.95
N GLY B 627 -1.12 -17.52 -38.07
CA GLY B 627 -1.34 -17.52 -36.65
C GLY B 627 -2.77 -17.22 -36.23
N PRO B 628 -3.26 -16.04 -36.62
CA PRO B 628 -4.66 -15.71 -36.27
C PRO B 628 -5.67 -16.61 -36.96
N ALA B 629 -5.32 -17.19 -38.10
CA ALA B 629 -6.31 -17.92 -38.88
C ALA B 629 -6.49 -19.36 -38.42
N ILE B 630 -5.46 -19.98 -37.88
CA ILE B 630 -5.60 -21.36 -37.47
C ILE B 630 -6.57 -21.50 -36.31
N LEU B 631 -6.59 -20.53 -35.40
CA LEU B 631 -7.73 -20.43 -34.52
C LEU B 631 -8.98 -20.09 -35.30
N GLN B 632 -8.84 -19.27 -36.34
CA GLN B 632 -9.98 -18.81 -37.11
C GLN B 632 -10.69 -19.94 -37.83
N GLN B 633 -10.03 -21.08 -38.06
CA GLN B 633 -10.67 -22.17 -38.77
C GLN B 633 -11.53 -23.04 -37.88
N TYR B 634 -11.53 -22.83 -36.57
CA TYR B 634 -12.39 -23.62 -35.69
C TYR B 634 -12.52 -22.90 -34.36
N GLU B 635 -13.74 -22.87 -33.85
CA GLU B 635 -14.05 -22.06 -32.69
C GLU B 635 -14.76 -22.88 -31.62
N GLY B 636 -15.32 -22.21 -30.62
CA GLY B 636 -15.97 -22.91 -29.54
C GLY B 636 -15.03 -23.71 -28.67
N VAL B 637 -13.80 -23.25 -28.55
CA VAL B 637 -12.75 -24.00 -27.88
C VAL B 637 -12.08 -23.12 -26.83
N HIS B 638 -11.55 -23.75 -25.80
CA HIS B 638 -10.92 -23.01 -24.71
C HIS B 638 -9.56 -22.50 -25.15
N VAL B 639 -9.28 -21.24 -24.83
CA VAL B 639 -8.11 -20.57 -25.40
C VAL B 639 -7.45 -19.68 -24.37
N GLN B 640 -6.21 -19.30 -24.71
CA GLN B 640 -5.50 -18.18 -24.12
C GLN B 640 -4.16 -18.10 -24.81
N SER B 641 -3.35 -17.12 -24.42
CA SER B 641 -2.00 -16.98 -24.95
C SER B 641 -0.99 -16.95 -23.81
N PHE B 642 0.14 -17.62 -24.01
CA PHE B 642 1.29 -17.40 -23.15
C PHE B 642 2.17 -16.28 -23.68
N ASP B 643 1.58 -15.30 -24.34
CA ASP B 643 2.41 -14.24 -24.91
C ASP B 643 2.63 -13.14 -23.87
N MET B 644 3.77 -12.46 -24.03
CA MET B 644 4.23 -11.55 -23.00
C MET B 644 3.28 -10.39 -22.80
N SER B 645 2.42 -10.13 -23.79
CA SER B 645 1.33 -9.17 -23.64
C SER B 645 0.53 -9.44 -22.38
N THR B 646 0.28 -10.71 -22.07
CA THR B 646 -0.38 -11.07 -20.84
C THR B 646 0.57 -11.62 -19.79
N LEU B 647 1.72 -12.13 -20.21
CA LEU B 647 2.71 -12.58 -19.24
C LEU B 647 3.18 -11.42 -18.38
N LEU B 648 3.75 -10.40 -19.00
CA LEU B 648 4.14 -9.18 -18.30
C LEU B 648 2.97 -8.24 -18.11
N GLN B 649 1.76 -8.65 -18.49
CA GLN B 649 0.57 -7.87 -18.20
C GLN B 649 0.39 -7.71 -16.70
N ASP B 650 0.70 -8.74 -15.93
CA ASP B 650 0.43 -8.75 -14.51
C ASP B 650 1.43 -7.88 -13.78
N SER B 651 0.94 -7.02 -12.87
CA SER B 651 1.80 -6.18 -12.05
C SER B 651 1.71 -6.48 -10.57
N THR B 652 0.52 -6.80 -10.08
CA THR B 652 0.30 -7.04 -8.66
C THR B 652 0.61 -8.47 -8.23
N GLN B 653 0.96 -9.34 -9.18
CA GLN B 653 1.37 -10.70 -8.86
C GLN B 653 2.67 -11.00 -9.60
N SER B 654 3.44 -11.93 -9.03
CA SER B 654 4.72 -12.28 -9.64
C SER B 654 4.50 -12.89 -11.00
N ILE B 655 5.58 -12.92 -11.79
CA ILE B 655 5.49 -13.46 -13.13
C ILE B 655 5.15 -14.94 -13.09
N GLU B 656 5.81 -15.69 -12.21
CA GLU B 656 5.46 -17.10 -12.05
C GLU B 656 4.07 -17.26 -11.47
N THR B 657 3.64 -16.31 -10.64
CA THR B 657 2.25 -16.25 -10.25
C THR B 657 1.34 -16.12 -11.47
N SER B 658 1.74 -15.33 -12.46
CA SER B 658 1.00 -15.26 -13.70
C SER B 658 0.98 -16.61 -14.40
N ILE B 659 2.12 -17.30 -14.36
CA ILE B 659 2.22 -18.63 -14.93
C ILE B 659 1.16 -19.53 -14.32
N ILE B 660 1.11 -19.55 -13.00
CA ILE B 660 0.17 -20.44 -12.34
C ILE B 660 -1.25 -19.98 -12.59
N HIS B 661 -1.46 -18.67 -12.71
CA HIS B 661 -2.81 -18.19 -12.96
C HIS B 661 -3.31 -18.61 -14.33
N LEU B 662 -2.44 -18.60 -15.34
CA LEU B 662 -2.89 -19.01 -16.67
C LEU B 662 -3.02 -20.53 -16.76
N PHE B 663 -2.04 -21.25 -16.21
CA PHE B 663 -2.17 -22.70 -16.09
C PHE B 663 -3.35 -23.08 -15.23
N LEU B 664 -3.82 -22.16 -14.39
CA LEU B 664 -4.96 -22.40 -13.53
C LEU B 664 -6.25 -22.06 -14.25
N GLU B 665 -6.17 -21.15 -15.20
CA GLU B 665 -7.26 -21.00 -16.15
C GLU B 665 -7.43 -22.29 -16.92
N VAL B 666 -6.32 -22.92 -17.30
CA VAL B 666 -6.38 -24.20 -17.97
C VAL B 666 -6.74 -25.30 -16.97
N ARG B 667 -6.50 -25.07 -15.67
CA ARG B 667 -6.97 -25.95 -14.61
C ARG B 667 -8.44 -26.29 -14.81
N ARG B 668 -9.23 -25.29 -15.17
CA ARG B 668 -10.57 -25.46 -15.72
C ARG B 668 -10.53 -26.48 -16.85
N HIS B 669 -11.21 -27.61 -16.64
CA HIS B 669 -11.21 -28.67 -17.64
C HIS B 669 -11.94 -28.17 -18.88
N THR B 670 -11.23 -28.15 -20.00
CA THR B 670 -11.83 -27.85 -21.29
C THR B 670 -10.87 -28.35 -22.35
N PRO B 671 -11.35 -28.72 -23.51
CA PRO B 671 -10.45 -28.78 -24.66
C PRO B 671 -9.96 -27.36 -24.87
N SER B 672 -8.69 -27.12 -24.56
CA SER B 672 -8.20 -25.77 -24.40
C SER B 672 -6.94 -25.62 -25.24
N ILE B 673 -6.41 -24.39 -25.28
CA ILE B 673 -5.32 -24.08 -26.20
C ILE B 673 -4.25 -23.31 -25.46
N ILE B 674 -3.04 -23.82 -25.50
CA ILE B 674 -1.83 -23.03 -25.33
C ILE B 674 -1.51 -22.38 -26.67
N TYR B 675 -1.32 -21.07 -26.66
CA TYR B 675 -1.03 -20.32 -27.88
C TYR B 675 0.21 -19.47 -27.67
N ILE B 676 1.27 -19.74 -28.44
CA ILE B 676 2.42 -18.86 -28.53
C ILE B 676 2.85 -18.76 -29.98
N PRO B 677 2.78 -17.60 -30.60
CA PRO B 677 3.40 -17.41 -31.91
C PRO B 677 4.80 -16.82 -31.78
N ASP B 678 5.70 -17.35 -32.60
CA ASP B 678 7.11 -16.91 -32.67
C ASP B 678 7.72 -16.87 -31.28
N ILE B 679 7.82 -18.06 -30.71
CA ILE B 679 8.30 -18.27 -29.36
C ILE B 679 9.79 -17.94 -29.25
N ASP B 680 10.46 -17.78 -30.40
CA ASP B 680 11.90 -17.54 -30.43
C ASP B 680 12.28 -16.34 -29.57
N ASN B 681 11.53 -15.23 -29.68
CA ASN B 681 11.70 -14.14 -28.75
C ASN B 681 11.41 -14.59 -27.32
N TRP B 682 10.34 -15.35 -27.14
CA TRP B 682 10.03 -15.96 -25.87
C TRP B 682 11.17 -16.87 -25.45
N LEU B 683 11.20 -17.20 -24.17
CA LEU B 683 12.25 -17.95 -23.47
C LEU B 683 13.56 -17.19 -23.39
N ASN B 684 13.65 -16.03 -24.02
CA ASN B 684 14.62 -15.02 -23.68
C ASN B 684 13.98 -13.86 -22.94
N VAL B 685 12.66 -13.75 -23.00
CA VAL B 685 11.95 -12.75 -22.22
C VAL B 685 12.05 -13.06 -20.74
N LEU B 686 11.94 -14.31 -20.39
CA LEU B 686 11.68 -14.68 -19.02
C LEU B 686 12.92 -15.27 -18.37
N PRO B 687 12.93 -15.34 -17.05
CA PRO B 687 14.06 -15.97 -16.35
C PRO B 687 14.04 -17.48 -16.55
N LEU B 688 15.10 -18.11 -16.05
CA LEU B 688 15.11 -19.57 -15.98
C LEU B 688 13.90 -20.08 -15.23
N THR B 689 13.53 -19.42 -14.13
CA THR B 689 12.45 -19.91 -13.30
C THR B 689 11.12 -19.93 -14.04
N ALA B 690 10.85 -18.93 -14.88
CA ALA B 690 9.65 -18.99 -15.69
C ALA B 690 9.66 -20.20 -16.62
N ILE B 691 10.82 -20.48 -17.20
CA ILE B 691 10.98 -21.63 -18.08
C ILE B 691 10.64 -22.91 -17.33
N THR B 692 11.32 -23.11 -16.20
CA THR B 692 11.09 -24.29 -15.38
C THR B 692 9.64 -24.38 -14.95
N THR B 693 9.02 -23.23 -14.69
CA THR B 693 7.62 -23.19 -14.31
C THR B 693 6.75 -23.75 -15.41
N PHE B 694 6.88 -23.20 -16.61
CA PHE B 694 6.09 -23.68 -17.73
C PHE B 694 6.34 -25.15 -17.99
N SER B 695 7.60 -25.57 -17.91
CA SER B 695 7.94 -26.97 -18.18
C SER B 695 7.29 -27.89 -17.16
N SER B 696 7.38 -27.54 -15.88
CA SER B 696 6.73 -28.34 -14.84
C SER B 696 5.23 -28.41 -15.07
N MET B 697 4.61 -27.24 -15.28
CA MET B 697 3.18 -27.20 -15.55
C MET B 697 2.79 -28.03 -16.76
N LEU B 698 3.64 -28.09 -17.78
CA LEU B 698 3.43 -29.05 -18.85
C LEU B 698 3.47 -30.48 -18.32
N GLU B 699 4.51 -30.80 -17.55
CA GLU B 699 4.54 -32.08 -16.84
C GLU B 699 3.40 -32.18 -15.83
N ARG B 700 2.89 -31.05 -15.39
CA ARG B 700 1.80 -30.99 -14.42
C ARG B 700 0.48 -31.46 -15.05
N LEU B 701 0.49 -31.76 -16.35
CA LEU B 701 -0.68 -32.14 -17.11
C LEU B 701 -0.59 -33.61 -17.47
N ASP B 702 -1.74 -34.26 -17.62
CA ASP B 702 -1.81 -35.66 -18.00
C ASP B 702 -2.14 -35.81 -19.48
N PHE B 703 -1.61 -36.88 -20.07
CA PHE B 703 -1.84 -37.17 -21.48
C PHE B 703 -3.29 -37.43 -21.80
N SER B 704 -4.07 -37.90 -20.82
CA SER B 704 -5.46 -38.23 -21.09
C SER B 704 -6.28 -36.99 -21.43
N ASP B 705 -5.85 -35.82 -20.99
CA ASP B 705 -6.58 -34.60 -21.27
C ASP B 705 -6.29 -34.12 -22.69
N GLN B 706 -7.28 -33.45 -23.28
CA GLN B 706 -7.23 -33.03 -24.67
C GLN B 706 -7.10 -31.50 -24.70
N ILE B 707 -5.87 -31.04 -24.87
CA ILE B 707 -5.57 -29.61 -24.95
C ILE B 707 -4.41 -29.42 -25.92
N LEU B 708 -4.57 -28.48 -26.84
CA LEU B 708 -3.49 -28.16 -27.75
C LEU B 708 -2.40 -27.39 -27.04
N PHE B 709 -1.17 -27.70 -27.38
CA PHE B 709 -0.03 -26.83 -27.14
C PHE B 709 0.45 -26.36 -28.50
N LEU B 710 0.44 -25.05 -28.72
CA LEU B 710 0.67 -24.48 -30.04
C LEU B 710 1.80 -23.48 -29.99
N ALA B 711 2.77 -23.64 -30.89
CA ALA B 711 3.87 -22.71 -31.02
C ALA B 711 4.38 -22.72 -32.44
N LEU B 712 5.13 -21.68 -32.78
CA LEU B 712 5.75 -21.54 -34.08
C LEU B 712 6.99 -20.67 -33.92
N SER B 713 7.96 -20.88 -34.82
CA SER B 713 9.26 -20.26 -34.62
C SER B 713 9.73 -19.58 -35.89
N SER B 714 10.41 -18.45 -35.70
CA SER B 714 11.11 -17.82 -36.80
C SER B 714 12.46 -18.45 -37.07
N SER B 715 12.91 -19.34 -36.22
CA SER B 715 14.12 -20.12 -36.47
C SER B 715 13.74 -21.46 -37.06
N PRO B 716 14.27 -21.82 -38.22
CA PRO B 716 14.07 -23.16 -38.77
C PRO B 716 14.70 -24.18 -37.84
N LEU B 717 14.30 -25.43 -38.00
CA LEU B 717 14.80 -26.49 -37.14
C LEU B 717 16.30 -26.67 -37.36
N SER B 718 16.88 -27.56 -36.54
CA SER B 718 18.31 -27.85 -36.52
C SER B 718 19.12 -26.71 -35.88
N GLU B 719 18.45 -25.62 -35.54
CA GLU B 719 19.06 -24.50 -34.83
C GLU B 719 18.12 -23.98 -33.77
N LEU B 720 17.17 -24.80 -33.34
CA LEU B 720 16.13 -24.37 -32.43
C LEU B 720 16.66 -24.32 -31.00
N HIS B 721 15.92 -23.62 -30.15
CA HIS B 721 16.33 -23.45 -28.77
C HIS B 721 16.34 -24.80 -28.05
N PRO B 722 17.16 -24.94 -27.04
CA PRO B 722 17.29 -26.23 -26.35
C PRO B 722 16.01 -26.62 -25.64
N GLN B 723 15.15 -25.64 -25.37
CA GLN B 723 13.81 -25.93 -24.89
C GLN B 723 12.87 -26.37 -25.99
N LEU B 724 13.21 -26.10 -27.24
CA LEU B 724 12.38 -26.58 -28.32
C LEU B 724 12.75 -27.99 -28.72
N ARG B 725 14.04 -28.30 -28.72
CA ARG B 725 14.56 -29.55 -29.28
C ARG B 725 14.13 -30.78 -28.50
N GLU B 726 13.45 -30.62 -27.37
CA GLU B 726 13.02 -31.74 -26.56
C GLU B 726 11.53 -31.73 -26.27
N TRP B 727 10.88 -30.57 -26.22
CA TRP B 727 9.48 -30.52 -25.85
C TRP B 727 8.59 -31.22 -26.87
N PHE B 728 9.07 -31.40 -28.09
CA PHE B 728 8.33 -32.15 -29.10
C PHE B 728 9.07 -33.38 -29.58
N SER B 729 10.29 -33.21 -30.08
CA SER B 729 11.18 -34.31 -30.46
C SER B 729 10.52 -35.32 -31.38
N SER B 730 9.62 -34.87 -32.26
CA SER B 730 8.91 -35.80 -33.13
C SER B 730 8.37 -35.05 -34.33
N LYS B 731 8.38 -35.71 -35.49
CA LYS B 731 7.81 -35.12 -36.69
C LYS B 731 6.36 -34.73 -36.50
N GLN B 732 5.59 -35.53 -35.77
CA GLN B 732 4.19 -35.31 -35.53
C GLN B 732 3.94 -34.27 -34.43
N SER B 733 5.00 -33.70 -33.86
CA SER B 733 4.87 -32.64 -32.89
C SER B 733 5.38 -31.31 -33.44
N VAL B 734 5.49 -31.19 -34.76
CA VAL B 734 6.19 -30.07 -35.36
C VAL B 734 5.87 -30.01 -36.85
N TYR B 735 5.87 -28.80 -37.39
CA TYR B 735 5.70 -28.57 -38.81
C TYR B 735 6.88 -27.80 -39.36
N SER B 736 7.49 -28.34 -40.40
CA SER B 736 8.58 -27.69 -41.10
C SER B 736 8.03 -26.84 -42.24
N LEU B 737 8.60 -25.65 -42.42
CA LEU B 737 8.17 -24.73 -43.46
C LEU B 737 9.30 -24.43 -44.42
N GLN B 738 8.95 -24.27 -45.69
CA GLN B 738 9.89 -23.98 -46.76
C GLN B 738 9.52 -22.65 -47.42
N TYR B 739 10.30 -22.28 -48.43
CA TYR B 739 9.97 -21.09 -49.18
C TYR B 739 8.78 -21.35 -50.10
N PRO B 740 8.10 -20.30 -50.54
CA PRO B 740 6.96 -20.50 -51.45
C PRO B 740 7.45 -20.91 -52.83
N THR B 741 6.66 -21.76 -53.49
CA THR B 741 7.02 -22.18 -54.82
C THR B 741 6.71 -21.09 -55.84
N ARG B 742 7.52 -21.06 -56.89
CA ARG B 742 7.37 -20.08 -57.96
C ARG B 742 5.95 -20.01 -58.49
N ASP B 743 5.33 -21.18 -58.70
CA ASP B 743 3.98 -21.21 -59.27
C ASP B 743 2.94 -20.61 -58.34
N SER B 744 3.08 -20.81 -57.03
CA SER B 744 2.23 -20.07 -56.11
C SER B 744 2.45 -18.57 -56.25
N ILE B 745 3.72 -18.19 -56.44
CA ILE B 745 4.08 -16.77 -56.52
C ILE B 745 3.37 -16.12 -57.69
N ILE B 746 3.50 -16.72 -58.87
CA ILE B 746 2.96 -16.11 -60.08
C ILE B 746 1.46 -15.94 -59.96
N ALA B 747 0.79 -16.85 -59.24
CA ALA B 747 -0.60 -16.64 -58.89
C ALA B 747 -0.73 -15.48 -57.91
N PHE B 748 0.25 -15.31 -57.02
CA PHE B 748 0.18 -14.19 -56.08
C PHE B 748 0.21 -12.87 -56.82
N PHE B 749 1.12 -12.69 -57.76
CA PHE B 749 1.14 -11.53 -58.62
C PHE B 749 0.25 -11.70 -59.83
N GLN B 750 -0.71 -12.64 -59.77
CA GLN B 750 -1.60 -12.83 -60.91
C GLN B 750 -2.53 -11.65 -61.11
N PRO B 751 -3.37 -11.25 -60.15
CA PRO B 751 -4.41 -10.26 -60.43
C PRO B 751 -3.86 -8.91 -60.83
N ILE B 752 -2.72 -8.52 -60.25
CA ILE B 752 -2.13 -7.22 -60.52
C ILE B 752 -1.79 -7.08 -61.99
N LEU B 753 -1.42 -8.17 -62.65
CA LEU B 753 -1.00 -8.14 -64.04
C LEU B 753 -2.13 -7.79 -64.98
N GLU B 754 -3.38 -7.90 -64.53
CA GLU B 754 -4.53 -7.49 -65.31
C GLU B 754 -5.20 -6.25 -64.75
N LEU B 755 -5.09 -6.03 -63.44
CA LEU B 755 -5.55 -4.78 -62.85
C LEU B 755 -4.85 -3.59 -63.49
N ILE B 756 -3.60 -3.79 -63.91
CA ILE B 756 -2.86 -2.73 -64.58
C ILE B 756 -3.51 -2.34 -65.89
N LYS B 757 -4.17 -3.29 -66.57
CA LYS B 757 -4.66 -3.06 -67.92
C LYS B 757 -6.17 -2.86 -67.97
N ALA B 758 -6.80 -2.53 -66.84
CA ALA B 758 -8.21 -2.16 -66.84
C ALA B 758 -8.48 -1.04 -65.84
N SER B 759 -7.49 -0.16 -65.64
CA SER B 759 -7.50 0.72 -64.48
C SER B 759 -8.55 1.83 -64.53
N PRO B 760 -8.55 2.72 -65.53
CA PRO B 760 -9.26 3.99 -65.37
C PRO B 760 -10.78 3.88 -65.40
N THR B 761 -11.32 2.67 -65.47
CA THR B 761 -12.75 2.46 -65.38
C THR B 761 -13.14 1.42 -64.33
N GLU B 762 -12.31 0.41 -64.10
CA GLU B 762 -12.60 -0.62 -63.11
C GLU B 762 -12.31 -0.15 -61.69
N LEU B 763 -11.65 0.98 -61.54
CA LEU B 763 -11.34 1.53 -60.23
C LEU B 763 -11.89 2.95 -60.14
N PRO B 764 -12.34 3.36 -58.96
CA PRO B 764 -12.90 4.70 -58.77
C PRO B 764 -11.85 5.80 -58.64
N GLY B 765 -10.86 5.77 -59.53
CA GLY B 765 -9.84 6.80 -59.56
C GLY B 765 -9.57 7.30 -60.97
N GLY B 766 -10.10 6.60 -61.97
CA GLY B 766 -9.98 7.06 -63.33
C GLY B 766 -11.11 7.99 -63.74
N ILE B 767 -12.15 8.08 -62.92
CA ILE B 767 -13.33 8.88 -63.22
C ILE B 767 -13.44 9.98 -62.17
N PRO B 768 -13.61 11.23 -62.57
CA PRO B 768 -13.98 12.27 -61.58
C PRO B 768 -15.40 12.01 -61.09
N ARG B 769 -15.58 12.09 -59.78
CA ARG B 769 -16.82 11.61 -59.17
C ARG B 769 -18.03 12.41 -59.63
N LYS B 770 -19.18 11.75 -59.60
CA LYS B 770 -20.39 12.29 -60.19
C LYS B 770 -21.05 13.28 -59.24
N ARG B 771 -21.36 14.46 -59.76
CA ARG B 771 -22.08 15.47 -59.00
C ARG B 771 -23.49 14.98 -58.68
N ARG B 772 -24.00 15.39 -57.53
CA ARG B 772 -25.37 15.08 -57.15
C ARG B 772 -26.18 16.37 -57.05
N VAL B 773 -27.46 16.27 -57.36
CA VAL B 773 -28.40 17.39 -57.21
C VAL B 773 -29.68 16.85 -56.59
N LEU B 774 -30.25 17.62 -55.67
CA LEU B 774 -31.52 17.31 -55.08
C LEU B 774 -32.29 18.61 -54.90
N PRO B 775 -33.57 18.63 -55.26
CA PRO B 775 -34.38 19.85 -55.09
C PRO B 775 -34.47 20.25 -53.63
N GLU B 776 -34.90 21.49 -53.42
CA GLU B 776 -34.98 22.05 -52.08
C GLU B 776 -36.12 21.46 -51.25
N LEU B 777 -36.97 20.59 -51.85
CA LEU B 777 -38.03 19.91 -51.13
C LEU B 777 -38.92 20.90 -50.41
N PRO B 778 -39.79 21.62 -51.13
CA PRO B 778 -40.48 22.80 -50.55
C PRO B 778 -41.12 22.54 -49.20
N LEU B 779 -40.88 23.46 -48.27
CA LEU B 779 -41.16 23.24 -46.86
C LEU B 779 -42.56 23.74 -46.52
N ALA B 780 -43.25 23.00 -45.67
CA ALA B 780 -44.49 23.47 -45.06
C ALA B 780 -44.13 24.43 -43.94
N PRO B 781 -43.21 24.08 -43.03
CA PRO B 781 -42.74 25.08 -42.07
C PRO B 781 -41.41 25.69 -42.49
N GLU B 1136 -1.03 -7.10 -72.75
CA GLU B 1136 -0.27 -6.86 -73.98
C GLU B 1136 1.08 -7.56 -73.99
N ASP B 1137 1.67 -7.58 -75.18
CA ASP B 1137 3.05 -7.95 -75.39
C ASP B 1137 4.03 -7.00 -74.73
N ARG B 1138 3.58 -5.81 -74.32
CA ARG B 1138 4.39 -4.89 -73.55
C ARG B 1138 4.43 -5.24 -72.06
N LEU B 1139 3.97 -6.43 -71.69
CA LEU B 1139 3.80 -6.81 -70.30
C LEU B 1139 4.63 -8.02 -69.89
N THR B 1140 4.68 -9.03 -70.73
CA THR B 1140 5.38 -10.28 -70.48
C THR B 1140 6.85 -10.11 -70.08
N PRO B 1141 7.58 -9.13 -70.63
CA PRO B 1141 8.95 -8.90 -70.11
C PRO B 1141 8.95 -8.57 -68.63
N LEU B 1142 8.05 -7.71 -68.17
CA LEU B 1142 7.93 -7.46 -66.75
C LEU B 1142 7.53 -8.73 -66.01
N LYS B 1143 6.71 -9.58 -66.64
CA LYS B 1143 6.32 -10.84 -66.03
C LYS B 1143 7.54 -11.70 -65.75
N GLN B 1144 8.49 -11.75 -66.68
CA GLN B 1144 9.71 -12.49 -66.43
C GLN B 1144 10.65 -11.73 -65.51
N LEU B 1145 10.52 -10.41 -65.48
CA LEU B 1145 11.34 -9.59 -64.60
C LEU B 1145 11.04 -9.87 -63.14
N LEU B 1146 9.76 -9.80 -62.76
CA LEU B 1146 9.35 -10.02 -61.38
C LEU B 1146 9.84 -11.37 -60.88
N ILE B 1147 9.77 -12.38 -61.72
CA ILE B 1147 10.25 -13.70 -61.38
C ILE B 1147 11.75 -13.74 -61.62
N ASP B 1148 12.42 -14.66 -60.92
CA ASP B 1148 13.85 -14.93 -61.06
C ASP B 1148 14.69 -13.84 -60.44
N SER B 1149 14.07 -12.74 -60.02
CA SER B 1149 14.70 -11.73 -59.20
C SER B 1149 14.31 -11.90 -57.75
N THR B 1150 13.54 -12.92 -57.42
CA THR B 1150 13.01 -13.12 -56.08
C THR B 1150 13.09 -14.55 -55.60
N THR B 1151 13.60 -15.45 -56.43
CA THR B 1151 13.52 -16.87 -56.15
C THR B 1151 14.44 -17.16 -54.97
N GLY B 1152 13.83 -17.26 -53.80
CA GLY B 1152 14.55 -17.36 -52.55
C GLY B 1152 14.16 -16.23 -51.62
N PHE B 1153 13.35 -15.31 -52.12
CA PHE B 1153 12.95 -14.15 -51.33
C PHE B 1153 11.93 -14.55 -50.28
N THR B 1154 12.01 -13.92 -49.13
CA THR B 1154 11.09 -14.26 -48.07
C THR B 1154 9.70 -13.71 -48.38
N VAL B 1155 8.75 -14.15 -47.57
CA VAL B 1155 7.34 -13.91 -47.80
C VAL B 1155 7.05 -12.42 -47.78
N ASP B 1156 7.58 -11.73 -46.78
CA ASP B 1156 7.36 -10.31 -46.61
C ASP B 1156 7.84 -9.50 -47.80
N GLN B 1157 8.84 -9.99 -48.52
CA GLN B 1157 9.43 -9.18 -49.57
C GLN B 1157 8.47 -9.04 -50.75
N LEU B 1158 7.75 -10.11 -51.06
CA LEU B 1158 6.65 -9.99 -52.00
C LEU B 1158 5.62 -8.99 -51.52
N LEU B 1159 5.41 -8.90 -50.20
CA LEU B 1159 4.50 -7.90 -49.67
C LEU B 1159 5.02 -6.50 -49.94
N HIS B 1160 6.32 -6.30 -49.75
CA HIS B 1160 6.94 -5.02 -50.07
C HIS B 1160 6.66 -4.64 -51.51
N LEU B 1161 7.01 -5.53 -52.43
CA LEU B 1161 6.81 -5.25 -53.85
C LEU B 1161 5.34 -5.02 -54.15
N HIS B 1162 4.46 -5.77 -53.48
CA HIS B 1162 3.04 -5.59 -53.59
C HIS B 1162 2.64 -4.15 -53.27
N SER B 1163 3.04 -3.68 -52.09
CA SER B 1163 2.78 -2.31 -51.67
C SER B 1163 3.33 -1.32 -52.69
N PHE B 1164 4.54 -1.57 -53.17
CA PHE B 1164 5.19 -0.61 -54.06
C PHE B 1164 4.43 -0.49 -55.38
N LEU B 1165 4.25 -1.60 -56.07
CA LEU B 1165 3.46 -1.62 -57.29
C LEU B 1165 2.06 -1.08 -57.08
N TYR B 1166 1.48 -1.28 -55.89
CA TYR B 1166 0.20 -0.66 -55.61
C TYR B 1166 0.32 0.86 -55.57
N GLN B 1167 1.42 1.37 -55.05
CA GLN B 1167 1.66 2.81 -55.15
C GLN B 1167 1.73 3.25 -56.60
N ILE B 1168 2.47 2.49 -57.41
CA ILE B 1168 2.60 2.78 -58.84
C ILE B 1168 1.23 2.93 -59.47
N ILE B 1169 0.37 1.93 -59.25
CA ILE B 1169 -0.93 1.95 -59.89
C ILE B 1169 -1.84 2.99 -59.26
N TRP B 1170 -1.66 3.29 -57.98
CA TRP B 1170 -2.41 4.38 -57.40
C TRP B 1170 -2.10 5.68 -58.11
N ASN B 1171 -0.84 5.85 -58.51
CA ASN B 1171 -0.49 6.99 -59.34
C ASN B 1171 -1.14 6.88 -60.71
N THR B 1172 -0.98 5.74 -61.38
CA THR B 1172 -1.43 5.56 -62.75
C THR B 1172 -2.93 5.28 -62.84
N LYS B 1173 -3.65 5.49 -61.74
CA LYS B 1173 -5.09 5.23 -61.69
C LYS B 1173 -5.86 5.95 -62.80
N SER B 1174 -5.36 7.08 -63.29
CA SER B 1174 -6.03 7.82 -64.34
C SER B 1174 -5.28 7.76 -65.66
N GLU B 1175 -4.45 6.73 -65.84
CA GLU B 1175 -3.71 6.55 -67.08
C GLU B 1175 -4.55 5.76 -68.08
N TRP B 1176 -4.34 6.06 -69.35
CA TRP B 1176 -5.01 5.35 -70.43
C TRP B 1176 -3.98 4.82 -71.40
N ASN B 1177 -4.30 3.69 -72.02
CA ASN B 1177 -3.37 2.98 -72.89
C ASN B 1177 -2.11 2.61 -72.11
N ARG B 1178 -2.33 1.70 -71.15
CA ARG B 1178 -1.26 1.22 -70.28
C ARG B 1178 -0.35 0.31 -71.08
N ASN B 1179 0.55 -0.38 -70.37
CA ASN B 1179 1.69 -1.10 -70.95
C ASN B 1179 2.76 -0.12 -71.42
N SER B 1180 2.55 1.15 -71.12
CA SER B 1180 3.56 2.18 -71.21
C SER B 1180 3.98 2.64 -69.82
N VAL B 1181 3.39 2.06 -68.77
CA VAL B 1181 3.57 2.48 -67.39
C VAL B 1181 4.36 1.44 -66.60
N VAL B 1182 5.13 0.61 -67.28
CA VAL B 1182 5.73 -0.55 -66.63
C VAL B 1182 7.13 -0.23 -66.11
N ASP B 1183 7.74 0.81 -66.67
CA ASP B 1183 9.12 1.15 -66.37
C ASP B 1183 9.31 1.40 -64.87
N GLU B 1184 8.40 2.18 -64.25
CA GLU B 1184 8.48 2.39 -62.81
C GLU B 1184 8.41 1.07 -62.07
N CYS B 1185 7.59 0.14 -62.57
CA CYS B 1185 7.51 -1.18 -61.97
C CYS B 1185 8.87 -1.87 -61.96
N GLU B 1186 9.47 -2.04 -63.15
CA GLU B 1186 10.71 -2.80 -63.19
C GLU B 1186 11.83 -2.06 -62.46
N ARG B 1187 11.87 -0.73 -62.56
CA ARG B 1187 12.91 0.01 -61.84
C ARG B 1187 12.74 -0.11 -60.33
N ALA B 1188 11.50 -0.15 -59.83
CA ALA B 1188 11.31 -0.45 -58.41
C ALA B 1188 11.83 -1.83 -58.09
N VAL B 1189 11.65 -2.78 -59.01
CA VAL B 1189 12.26 -4.10 -58.85
C VAL B 1189 13.76 -3.95 -58.66
N LYS B 1190 14.40 -3.23 -59.59
CA LYS B 1190 15.86 -3.09 -59.56
C LYS B 1190 16.33 -2.47 -58.26
N GLU B 1191 15.73 -1.36 -57.87
CA GLU B 1191 16.12 -0.71 -56.63
C GLU B 1191 15.86 -1.59 -55.42
N PHE B 1192 14.87 -2.47 -55.52
CA PHE B 1192 14.46 -3.24 -54.35
C PHE B 1192 15.55 -4.17 -53.85
N MET B 1193 16.43 -4.63 -54.75
CA MET B 1193 17.31 -5.75 -54.43
C MET B 1193 18.29 -5.48 -53.29
N ILE B 1194 18.57 -4.22 -52.97
CA ILE B 1194 19.66 -3.95 -52.05
C ILE B 1194 19.25 -4.39 -50.65
N PRO C 264 -44.20 -27.87 -5.70
CA PRO C 264 -43.00 -27.26 -6.28
C PRO C 264 -41.94 -26.97 -5.25
N LEU C 265 -41.28 -28.01 -4.72
CA LEU C 265 -40.39 -27.82 -3.59
C LEU C 265 -38.97 -28.26 -3.94
N GLY C 266 -38.24 -27.40 -4.66
CA GLY C 266 -36.94 -26.93 -4.18
C GLY C 266 -36.17 -27.92 -3.34
N VAL C 267 -36.10 -27.53 -2.07
CA VAL C 267 -35.57 -28.29 -0.94
C VAL C 267 -36.04 -29.74 -1.01
N ASP C 268 -35.18 -30.66 -0.59
CA ASP C 268 -35.49 -32.08 -0.58
C ASP C 268 -36.13 -32.49 0.75
N SER C 269 -36.61 -33.74 0.81
CA SER C 269 -37.39 -34.17 1.96
C SER C 269 -36.80 -35.40 2.65
N SER C 270 -35.50 -35.40 2.91
CA SER C 270 -34.83 -36.46 3.65
C SER C 270 -34.29 -35.85 4.94
N LEU C 271 -34.99 -36.08 6.05
CA LEU C 271 -34.68 -35.40 7.30
C LEU C 271 -34.41 -36.42 8.42
N SER C 272 -34.04 -35.90 9.59
CA SER C 272 -33.59 -36.70 10.73
C SER C 272 -32.25 -37.36 10.42
N PHE C 273 -31.28 -36.54 10.04
CA PHE C 273 -29.95 -36.99 9.65
C PHE C 273 -30.04 -37.95 8.46
N GLU C 274 -31.00 -37.66 7.58
CA GLU C 274 -31.20 -38.40 6.35
C GLU C 274 -30.56 -37.69 5.15
N SER C 275 -30.13 -36.44 5.32
CA SER C 275 -29.38 -35.73 4.30
C SER C 275 -27.87 -35.85 4.46
N VAL C 276 -27.40 -36.28 5.63
CA VAL C 276 -25.99 -36.54 5.87
C VAL C 276 -25.85 -38.05 6.01
N GLY C 277 -26.72 -38.78 5.31
CA GLY C 277 -26.79 -40.23 5.39
C GLY C 277 -25.52 -40.96 5.00
N GLY C 278 -25.04 -41.82 5.91
CA GLY C 278 -23.81 -42.55 5.70
C GLY C 278 -22.80 -42.25 6.80
N LEU C 279 -23.16 -41.31 7.68
CA LEU C 279 -22.27 -40.83 8.74
C LEU C 279 -23.04 -40.82 10.06
N ASP C 280 -23.06 -41.96 10.75
CA ASP C 280 -23.69 -42.03 12.05
C ASP C 280 -22.72 -41.75 13.20
N ASN C 281 -21.41 -41.71 12.93
CA ASN C 281 -20.47 -41.49 14.02
C ASN C 281 -20.61 -40.09 14.60
N TYR C 282 -20.65 -39.06 13.74
CA TYR C 282 -20.88 -37.72 14.24
C TYR C 282 -22.28 -37.57 14.80
N ILE C 283 -23.24 -38.33 14.25
CA ILE C 283 -24.59 -38.36 14.80
C ILE C 283 -24.57 -38.78 16.26
N ASN C 284 -23.91 -39.90 16.53
CA ASN C 284 -23.77 -40.37 17.91
C ASN C 284 -22.99 -39.36 18.74
N GLN C 285 -21.92 -38.80 18.15
CA GLN C 285 -21.09 -37.84 18.84
C GLN C 285 -21.87 -36.62 19.32
N LEU C 286 -22.78 -36.12 18.49
CA LEU C 286 -23.61 -34.98 18.85
C LEU C 286 -24.77 -35.37 19.77
N LYS C 287 -25.36 -36.55 19.57
CA LYS C 287 -26.46 -37.00 20.43
C LYS C 287 -26.01 -37.27 21.86
N GLU C 288 -24.72 -37.15 22.15
CA GLU C 288 -24.18 -37.22 23.49
C GLU C 288 -24.20 -35.88 24.21
N MET C 289 -24.39 -34.78 23.48
CA MET C 289 -24.03 -33.47 23.97
C MET C 289 -25.22 -32.53 24.12
N VAL C 290 -25.99 -32.36 23.04
CA VAL C 290 -27.23 -31.56 23.07
C VAL C 290 -28.35 -32.40 23.67
N MET C 291 -28.33 -33.70 23.40
CA MET C 291 -29.34 -34.63 23.87
C MET C 291 -29.22 -34.86 25.37
N LEU C 292 -28.03 -34.74 25.93
CA LEU C 292 -27.83 -35.08 27.33
C LEU C 292 -28.37 -34.06 28.34
N PRO C 293 -28.20 -32.74 28.16
CA PRO C 293 -28.73 -31.79 29.16
C PRO C 293 -30.22 -31.91 29.36
N LEU C 294 -30.92 -32.26 28.29
CA LEU C 294 -32.35 -32.51 28.32
C LEU C 294 -32.65 -33.99 28.55
N LEU C 295 -31.64 -34.85 28.46
CA LEU C 295 -31.79 -36.24 28.84
C LEU C 295 -31.73 -36.40 30.35
N TYR C 296 -30.68 -35.86 30.96
CA TYR C 296 -30.50 -35.95 32.41
C TYR C 296 -30.41 -34.55 33.00
N PRO C 297 -31.54 -33.94 33.37
CA PRO C 297 -31.48 -32.69 34.13
C PRO C 297 -31.16 -32.91 35.60
N GLU C 298 -31.25 -34.15 36.09
CA GLU C 298 -31.01 -34.43 37.50
C GLU C 298 -29.55 -34.26 37.89
N ILE C 299 -28.63 -34.43 36.94
CA ILE C 299 -27.21 -34.39 37.23
C ILE C 299 -26.72 -32.95 37.14
N PHE C 300 -27.65 -32.04 36.87
CA PHE C 300 -27.35 -30.61 36.82
C PHE C 300 -27.25 -29.97 38.20
N GLN C 301 -27.66 -30.69 39.25
CA GLN C 301 -27.32 -30.30 40.61
C GLN C 301 -26.86 -31.48 41.46
N ARG C 302 -27.18 -32.72 41.07
CA ARG C 302 -26.50 -33.86 41.69
C ARG C 302 -25.00 -33.79 41.42
N PHE C 303 -24.63 -33.31 40.23
CA PHE C 303 -23.25 -33.09 39.87
C PHE C 303 -23.03 -31.71 39.28
N ASN C 304 -24.09 -30.92 39.14
CA ASN C 304 -24.10 -29.46 38.93
C ASN C 304 -22.98 -28.98 38.01
N MET C 305 -22.99 -29.52 36.81
CA MET C 305 -22.07 -29.12 35.76
C MET C 305 -22.86 -28.79 34.50
N GLN C 306 -22.17 -28.29 33.50
CA GLN C 306 -22.80 -27.99 32.23
C GLN C 306 -22.46 -29.08 31.22
N PRO C 307 -23.37 -30.00 30.97
CA PRO C 307 -23.23 -30.93 29.84
C PRO C 307 -22.99 -30.16 28.55
N PRO C 308 -21.99 -30.57 27.77
CA PRO C 308 -21.57 -29.76 26.62
C PRO C 308 -22.64 -29.56 25.57
N ARG C 309 -23.02 -28.30 25.34
CA ARG C 309 -24.00 -27.96 24.32
C ARG C 309 -23.46 -26.84 23.44
N GLY C 310 -23.78 -26.93 22.15
CA GLY C 310 -23.27 -26.00 21.16
C GLY C 310 -22.42 -26.74 20.14
N VAL C 311 -22.84 -26.74 18.88
CA VAL C 311 -22.15 -27.51 17.84
C VAL C 311 -21.76 -26.59 16.71
N LEU C 312 -20.53 -26.74 16.22
CA LEU C 312 -20.11 -26.07 14.98
C LEU C 312 -20.35 -27.02 13.82
N PHE C 313 -21.41 -26.78 13.07
CA PHE C 313 -21.55 -27.43 11.78
C PHE C 313 -20.48 -26.86 10.86
N HIS C 314 -19.57 -27.70 10.40
CA HIS C 314 -18.48 -27.21 9.59
C HIS C 314 -18.03 -28.29 8.62
N GLY C 315 -17.50 -27.85 7.47
CA GLY C 315 -17.17 -28.73 6.40
C GLY C 315 -17.30 -28.02 5.06
N PRO C 316 -16.88 -28.70 3.99
CA PRO C 316 -16.92 -28.07 2.67
C PRO C 316 -18.36 -27.93 2.18
N PRO C 317 -18.67 -26.84 1.47
CA PRO C 317 -19.98 -26.73 0.83
C PRO C 317 -20.18 -27.84 -0.19
N GLY C 318 -21.42 -28.27 -0.34
CA GLY C 318 -21.75 -29.43 -1.14
C GLY C 318 -22.27 -30.51 -0.22
N THR C 319 -21.59 -30.68 0.92
CA THR C 319 -22.18 -31.42 2.03
C THR C 319 -23.37 -30.69 2.61
N GLY C 320 -23.38 -29.37 2.49
CA GLY C 320 -24.33 -28.55 3.18
C GLY C 320 -23.91 -28.30 4.62
N LYS C 321 -24.42 -27.21 5.18
CA LYS C 321 -24.32 -26.96 6.61
C LYS C 321 -25.67 -26.85 7.28
N THR C 322 -26.75 -26.82 6.49
CA THR C 322 -28.09 -26.48 6.92
C THR C 322 -29.06 -27.63 6.81
N LEU C 323 -28.96 -28.44 5.76
CA LEU C 323 -29.72 -29.67 5.67
C LEU C 323 -29.45 -30.59 6.85
N MET C 324 -28.20 -30.64 7.31
CA MET C 324 -27.86 -31.28 8.58
C MET C 324 -28.53 -30.63 9.78
N ALA C 325 -28.81 -29.33 9.71
CA ALA C 325 -29.49 -28.68 10.82
C ALA C 325 -30.87 -29.26 11.06
N ARG C 326 -31.71 -29.33 10.02
CA ARG C 326 -33.01 -29.98 10.19
C ARG C 326 -32.87 -31.50 10.24
N ALA C 327 -31.74 -32.03 9.77
CA ALA C 327 -31.41 -33.42 10.07
C ALA C 327 -31.42 -33.67 11.57
N LEU C 328 -30.63 -32.90 12.30
CA LEU C 328 -30.64 -33.00 13.76
C LEU C 328 -31.99 -32.57 14.34
N ALA C 329 -32.65 -31.61 13.69
CA ALA C 329 -33.94 -31.14 14.19
C ALA C 329 -34.96 -32.26 14.21
N ALA C 330 -34.95 -33.12 13.19
CA ALA C 330 -35.79 -34.30 13.20
C ALA C 330 -35.23 -35.41 14.07
N ALA C 331 -33.91 -35.47 14.23
CA ALA C 331 -33.30 -36.41 15.15
C ALA C 331 -33.53 -36.05 16.61
N CYS C 332 -34.08 -34.88 16.89
CA CYS C 332 -34.44 -34.48 18.25
C CYS C 332 -35.92 -34.18 18.45
N SER C 333 -36.68 -33.90 17.40
CA SER C 333 -38.06 -33.46 17.56
C SER C 333 -38.92 -34.56 18.19
N SER C 334 -38.98 -35.71 17.54
CA SER C 334 -39.68 -36.85 18.13
C SER C 334 -38.84 -37.57 19.17
N GLU C 335 -37.51 -37.52 19.04
CA GLU C 335 -36.64 -38.09 20.07
C GLU C 335 -36.82 -37.38 21.40
N ASN C 336 -37.11 -36.08 21.35
CA ASN C 336 -37.41 -35.29 22.53
C ASN C 336 -38.87 -34.86 22.50
N LYS C 337 -39.70 -35.53 23.28
CA LYS C 337 -41.09 -35.14 23.46
C LYS C 337 -41.20 -34.46 24.83
N LYS C 338 -41.14 -33.14 24.82
CA LYS C 338 -41.02 -32.40 23.57
C LYS C 338 -39.93 -31.35 23.60
N VAL C 339 -39.46 -30.98 22.42
CA VAL C 339 -38.49 -29.90 22.26
C VAL C 339 -38.99 -28.97 21.16
N SER C 340 -38.77 -27.68 21.37
CA SER C 340 -39.07 -26.66 20.39
C SER C 340 -37.78 -26.19 19.72
N PHE C 341 -37.95 -25.40 18.66
CA PHE C 341 -36.83 -25.04 17.80
C PHE C 341 -36.83 -23.54 17.53
N TYR C 342 -35.63 -22.98 17.43
CA TYR C 342 -35.45 -21.57 17.09
C TYR C 342 -34.38 -21.51 15.99
N MET C 343 -34.79 -21.05 14.82
CA MET C 343 -33.97 -21.13 13.61
C MET C 343 -33.49 -19.74 13.23
N ARG C 344 -32.18 -19.59 13.05
CA ARG C 344 -31.61 -18.32 12.64
C ARG C 344 -30.71 -18.53 11.44
N LYS C 345 -31.03 -17.87 10.33
CA LYS C 345 -30.31 -18.01 9.07
C LYS C 345 -29.93 -16.64 8.53
N GLY C 346 -28.74 -16.53 7.98
CA GLY C 346 -28.31 -15.31 7.33
C GLY C 346 -27.91 -14.24 8.33
N ALA C 347 -27.08 -13.32 7.85
CA ALA C 347 -26.53 -12.25 8.68
C ALA C 347 -27.49 -11.06 8.70
N ASP C 348 -28.67 -11.31 9.28
CA ASP C 348 -29.70 -10.29 9.39
C ASP C 348 -29.85 -9.77 10.82
N CYS C 349 -28.83 -9.97 11.66
CA CYS C 349 -28.84 -9.45 13.03
C CYS C 349 -27.94 -8.23 13.15
N LEU C 350 -28.02 -7.32 12.18
CA LEU C 350 -27.31 -6.05 12.20
C LEU C 350 -28.28 -4.88 12.24
N SER C 351 -27.70 -3.69 12.30
CA SER C 351 -28.41 -2.42 12.20
C SER C 351 -27.40 -1.29 12.35
N LYS C 352 -27.88 -0.06 12.22
CA LYS C 352 -27.12 1.10 12.71
C LYS C 352 -27.19 1.28 14.22
N TRP C 353 -28.25 0.83 14.87
CA TRP C 353 -28.25 0.80 16.33
C TRP C 353 -27.51 -0.40 16.85
N VAL C 354 -26.62 -0.14 17.82
CA VAL C 354 -25.98 -1.17 18.62
C VAL C 354 -27.00 -2.01 19.37
N GLY C 355 -28.20 -1.48 19.61
CA GLY C 355 -29.23 -2.18 20.35
C GLY C 355 -30.22 -2.95 19.50
N GLU C 356 -30.28 -2.68 18.19
CA GLU C 356 -31.16 -3.43 17.33
C GLU C 356 -30.66 -4.87 17.13
N ALA C 357 -29.41 -5.02 16.68
CA ALA C 357 -28.76 -6.32 16.68
C ALA C 357 -28.73 -6.94 18.06
N GLU C 358 -28.60 -6.10 19.09
CA GLU C 358 -28.58 -6.54 20.47
C GLU C 358 -29.88 -7.28 20.78
N ARG C 359 -30.99 -6.55 20.64
CA ARG C 359 -32.33 -7.03 20.97
C ARG C 359 -32.79 -8.16 20.07
N GLN C 360 -32.28 -8.28 18.84
CA GLN C 360 -32.72 -9.41 18.03
C GLN C 360 -32.32 -10.74 18.68
N LEU C 361 -31.03 -10.93 18.90
CA LEU C 361 -30.56 -12.12 19.60
C LEU C 361 -31.12 -12.20 21.01
N ARG C 362 -31.30 -11.05 21.68
CA ARG C 362 -31.87 -11.08 23.03
C ARG C 362 -33.31 -11.57 23.01
N LEU C 363 -34.08 -11.16 22.00
CA LEU C 363 -35.47 -11.58 21.85
C LEU C 363 -35.56 -13.07 21.60
N LEU C 364 -34.79 -13.57 20.61
CA LEU C 364 -34.74 -15.01 20.40
C LEU C 364 -34.32 -15.75 21.65
N PHE C 365 -33.37 -15.19 22.41
CA PHE C 365 -32.93 -15.87 23.62
C PHE C 365 -34.06 -15.98 24.63
N GLU C 366 -34.75 -14.87 24.92
CA GLU C 366 -35.74 -14.97 25.99
C GLU C 366 -36.96 -15.76 25.54
N GLU C 367 -37.35 -15.62 24.27
CA GLU C 367 -38.47 -16.41 23.76
C GLU C 367 -38.16 -17.89 23.74
N ALA C 368 -36.88 -18.27 23.61
CA ALA C 368 -36.50 -19.63 23.95
C ALA C 368 -36.57 -19.86 25.46
N LYS C 369 -36.34 -18.81 26.25
CA LYS C 369 -36.47 -18.87 27.69
C LYS C 369 -37.92 -18.87 28.14
N SER C 370 -38.80 -18.19 27.40
CA SER C 370 -40.24 -18.22 27.65
C SER C 370 -40.90 -19.42 26.98
N THR C 371 -40.10 -20.44 26.72
CA THR C 371 -40.50 -21.66 26.05
C THR C 371 -40.16 -22.83 26.96
N GLN C 372 -40.74 -23.98 26.64
CA GLN C 372 -40.32 -25.24 27.23
C GLN C 372 -38.94 -25.61 26.68
N PRO C 373 -38.38 -26.76 27.09
CA PRO C 373 -37.14 -27.27 26.47
C PRO C 373 -37.04 -27.08 24.97
N SER C 374 -36.01 -26.34 24.55
CA SER C 374 -35.91 -25.84 23.18
C SER C 374 -34.47 -25.88 22.71
N ILE C 375 -34.28 -25.63 21.41
CA ILE C 375 -32.96 -25.52 20.80
C ILE C 375 -32.98 -24.38 19.80
N ILE C 376 -31.78 -23.93 19.42
CA ILE C 376 -31.60 -22.77 18.57
C ILE C 376 -30.64 -23.13 17.45
N PHE C 377 -30.91 -22.66 16.24
CA PHE C 377 -30.09 -22.95 15.06
C PHE C 377 -29.47 -21.66 14.55
N PHE C 378 -28.14 -21.56 14.67
CA PHE C 378 -27.36 -20.53 13.98
C PHE C 378 -26.87 -21.08 12.64
N ASP C 379 -27.62 -20.79 11.59
CA ASP C 379 -27.01 -20.72 10.28
C ASP C 379 -26.27 -19.41 10.12
N GLU C 380 -25.16 -19.46 9.40
CA GLU C 380 -24.42 -18.26 9.01
C GLU C 380 -23.87 -17.54 10.25
N ILE C 381 -23.12 -18.27 11.06
CA ILE C 381 -22.45 -17.64 12.19
C ILE C 381 -21.37 -16.68 11.70
N ASP C 382 -20.79 -16.93 10.53
CA ASP C 382 -19.79 -16.03 9.99
C ASP C 382 -20.33 -14.65 9.69
N GLY C 383 -21.61 -14.54 9.34
CA GLY C 383 -22.21 -13.25 9.07
C GLY C 383 -22.83 -12.62 10.30
N LEU C 384 -23.51 -13.44 11.10
CA LEU C 384 -24.12 -12.94 12.33
C LEU C 384 -23.08 -12.77 13.44
N ALA C 385 -21.92 -13.41 13.30
CA ALA C 385 -20.84 -13.28 14.27
C ALA C 385 -19.51 -13.21 13.53
N PRO C 386 -19.26 -12.13 12.76
CA PRO C 386 -17.99 -11.99 12.07
C PRO C 386 -16.90 -11.43 12.98
N VAL C 387 -15.69 -11.23 12.45
CA VAL C 387 -14.61 -10.68 13.26
C VAL C 387 -14.81 -9.18 13.48
N ARG C 388 -14.55 -8.76 14.73
CA ARG C 388 -14.32 -7.34 14.98
C ARG C 388 -13.28 -6.71 14.06
N SER C 389 -13.72 -5.80 13.21
CA SER C 389 -12.84 -4.87 12.53
C SER C 389 -12.98 -3.53 13.25
N SER C 390 -12.11 -3.31 14.24
CA SER C 390 -12.29 -2.25 15.25
C SER C 390 -11.81 -0.90 14.75
N LYS C 391 -11.71 -0.70 13.44
CA LYS C 391 -11.28 0.57 12.90
C LYS C 391 -12.43 1.45 12.45
N GLN C 392 -13.51 0.87 11.92
CA GLN C 392 -14.70 1.65 11.59
C GLN C 392 -16.00 1.00 12.02
N GLU C 393 -16.05 -0.31 12.24
CA GLU C 393 -17.30 -1.00 12.53
C GLU C 393 -17.16 -1.64 13.90
N GLN C 394 -17.79 -1.05 14.92
CA GLN C 394 -17.73 -1.59 16.26
C GLN C 394 -19.09 -2.07 16.78
N ILE C 395 -20.07 -2.28 15.89
CA ILE C 395 -21.22 -3.12 16.26
C ILE C 395 -20.78 -4.58 16.32
N HIS C 396 -19.67 -4.91 15.63
CA HIS C 396 -19.11 -6.24 15.74
C HIS C 396 -18.72 -6.56 17.18
N ALA C 397 -18.15 -5.59 17.89
CA ALA C 397 -17.84 -5.78 19.30
C ALA C 397 -19.09 -6.13 20.08
N SER C 398 -20.17 -5.37 19.85
CA SER C 398 -21.42 -5.61 20.59
C SER C 398 -21.97 -6.99 20.30
N ILE C 399 -21.99 -7.40 19.02
CA ILE C 399 -22.65 -8.66 18.67
C ILE C 399 -21.83 -9.85 19.16
N VAL C 400 -20.50 -9.77 19.07
CA VAL C 400 -19.67 -10.87 19.54
C VAL C 400 -19.74 -10.97 21.06
N SER C 401 -19.72 -9.80 21.74
CA SER C 401 -19.81 -9.81 23.19
C SER C 401 -21.13 -10.37 23.67
N THR C 402 -22.24 -9.98 23.02
CA THR C 402 -23.53 -10.48 23.46
C THR C 402 -23.73 -11.94 23.11
N LEU C 403 -23.23 -12.41 21.96
CA LEU C 403 -23.30 -13.83 21.67
C LEU C 403 -22.47 -14.66 22.64
N LEU C 404 -21.36 -14.11 23.13
CA LEU C 404 -20.57 -14.82 24.14
C LEU C 404 -21.22 -14.78 25.51
N ALA C 405 -21.84 -13.66 25.87
CA ALA C 405 -22.57 -13.53 27.12
C ALA C 405 -23.85 -14.35 27.16
N LEU C 406 -24.46 -14.61 26.00
CA LEU C 406 -25.58 -15.53 25.94
C LEU C 406 -25.15 -16.94 26.34
N MET C 407 -23.88 -17.28 26.14
CA MET C 407 -23.36 -18.55 26.62
C MET C 407 -22.95 -18.47 28.09
N ASP C 408 -21.89 -17.70 28.38
CA ASP C 408 -21.35 -17.56 29.74
C ASP C 408 -21.13 -16.10 30.08
N GLY C 409 -22.13 -15.27 29.82
CA GLY C 409 -22.07 -13.90 30.29
C GLY C 409 -23.15 -13.58 31.30
N MET C 410 -24.04 -12.66 30.94
CA MET C 410 -25.21 -12.36 31.75
C MET C 410 -26.27 -13.44 31.65
N GLU C 411 -26.21 -14.29 30.63
CA GLU C 411 -27.20 -15.33 30.39
C GLU C 411 -26.50 -16.66 30.16
N SER C 412 -26.85 -17.65 30.98
CA SER C 412 -26.24 -18.97 30.82
C SER C 412 -26.75 -19.63 29.54
N ARG C 413 -26.16 -20.78 29.21
CA ARG C 413 -26.66 -21.57 28.09
C ARG C 413 -27.99 -22.23 28.42
N GLY C 414 -28.38 -22.26 29.70
CA GLY C 414 -29.66 -22.76 30.16
C GLY C 414 -29.93 -24.17 29.69
N GLN C 415 -31.20 -24.45 29.40
CA GLN C 415 -31.63 -25.71 28.82
C GLN C 415 -31.77 -25.63 27.30
N VAL C 416 -31.31 -24.53 26.70
CA VAL C 416 -31.27 -24.40 25.26
C VAL C 416 -29.85 -24.65 24.78
N ILE C 417 -29.70 -24.85 23.48
CA ILE C 417 -28.41 -25.19 22.88
C ILE C 417 -28.22 -24.35 21.64
N ILE C 418 -26.96 -24.06 21.32
CA ILE C 418 -26.60 -23.19 20.20
C ILE C 418 -25.85 -24.03 19.16
N ILE C 419 -26.15 -23.78 17.90
CA ILE C 419 -25.55 -24.50 16.77
C ILE C 419 -25.11 -23.47 15.75
N GLY C 420 -23.79 -23.25 15.65
CA GLY C 420 -23.22 -22.35 14.68
C GLY C 420 -22.94 -23.07 13.37
N ALA C 421 -23.63 -22.64 12.32
CA ALA C 421 -23.43 -23.17 10.97
C ALA C 421 -22.34 -22.36 10.29
N THR C 422 -21.24 -23.01 9.94
CA THR C 422 -20.04 -22.35 9.43
C THR C 422 -19.59 -23.03 8.15
N ASN C 423 -19.09 -22.21 7.22
CA ASN C 423 -18.54 -22.71 5.97
C ASN C 423 -17.04 -22.50 5.84
N ARG C 424 -16.48 -21.49 6.52
CA ARG C 424 -15.04 -21.25 6.46
C ARG C 424 -14.62 -21.00 7.90
N PRO C 425 -13.39 -21.35 8.27
CA PRO C 425 -12.88 -21.05 9.61
C PRO C 425 -12.23 -19.67 9.77
N ASP C 426 -12.21 -18.85 8.72
CA ASP C 426 -11.56 -17.54 8.80
C ASP C 426 -12.53 -16.40 9.10
N ALA C 427 -13.83 -16.69 9.20
CA ALA C 427 -14.83 -15.67 9.45
C ALA C 427 -15.25 -15.60 10.91
N VAL C 428 -14.46 -16.19 11.82
CA VAL C 428 -14.72 -16.16 13.25
C VAL C 428 -13.45 -15.77 13.97
N ASP C 429 -13.56 -14.81 14.88
CA ASP C 429 -12.47 -14.57 15.81
C ASP C 429 -12.34 -15.78 16.73
N PRO C 430 -11.21 -15.94 17.40
CA PRO C 430 -10.99 -17.10 18.29
C PRO C 430 -11.68 -16.98 19.64
N ALA C 431 -12.95 -16.60 19.62
CA ALA C 431 -13.76 -16.48 20.83
C ALA C 431 -15.06 -17.27 20.74
N LEU C 432 -15.27 -18.06 19.68
CA LEU C 432 -16.52 -18.78 19.50
C LEU C 432 -16.37 -20.29 19.52
N ARG C 433 -15.36 -20.85 18.87
CA ARG C 433 -15.12 -22.29 18.90
C ARG C 433 -14.37 -22.74 20.14
N ARG C 434 -14.29 -21.89 21.16
CA ARG C 434 -13.69 -22.26 22.43
C ARG C 434 -14.69 -23.03 23.29
N PRO C 435 -14.20 -23.75 24.31
CA PRO C 435 -15.11 -24.35 25.28
C PRO C 435 -15.88 -23.27 26.03
N GLY C 436 -17.09 -23.63 26.48
CA GLY C 436 -17.99 -22.71 27.11
C GLY C 436 -19.10 -22.22 26.22
N ARG C 437 -18.89 -22.20 24.91
CA ARG C 437 -19.92 -21.83 23.95
C ARG C 437 -20.40 -23.03 23.15
N PHE C 438 -19.48 -23.75 22.53
CA PHE C 438 -19.82 -24.93 21.73
C PHE C 438 -18.95 -26.10 22.19
N ASP C 439 -17.71 -25.81 22.57
CA ASP C 439 -16.77 -26.76 23.16
C ASP C 439 -16.19 -27.75 22.15
N ARG C 440 -16.70 -27.76 20.93
CA ARG C 440 -16.31 -28.78 19.95
C ARG C 440 -16.36 -28.21 18.54
N GLU C 441 -15.88 -29.02 17.60
CA GLU C 441 -15.95 -28.71 16.17
C GLU C 441 -16.44 -29.93 15.42
N PHE C 442 -17.30 -29.73 14.42
CA PHE C 442 -17.88 -30.82 13.65
C PHE C 442 -17.61 -30.60 12.17
N TYR C 443 -16.84 -31.51 11.58
CA TYR C 443 -16.49 -31.48 10.17
C TYR C 443 -17.16 -32.65 9.46
N PHE C 444 -17.52 -32.44 8.19
CA PHE C 444 -18.22 -33.46 7.42
C PHE C 444 -17.39 -33.93 6.23
N PRO C 445 -16.98 -35.19 6.22
CA PRO C 445 -15.91 -35.65 5.34
C PRO C 445 -16.32 -36.15 3.96
N LEU C 446 -17.51 -35.77 3.46
CA LEU C 446 -17.88 -36.21 2.11
C LEU C 446 -18.01 -37.74 2.01
N PRO C 447 -19.15 -38.32 2.47
CA PRO C 447 -19.36 -39.78 2.44
C PRO C 447 -18.90 -40.45 1.15
N ASP C 448 -17.93 -41.35 1.28
CA ASP C 448 -17.06 -41.66 0.14
C ASP C 448 -17.71 -42.62 -0.85
N ARG C 449 -17.96 -43.87 -0.45
CA ARG C 449 -18.44 -44.86 -1.39
C ARG C 449 -19.79 -45.45 -1.02
N ASP C 450 -19.90 -45.98 0.21
CA ASP C 450 -21.12 -46.66 0.62
C ASP C 450 -21.93 -45.77 1.56
N ALA C 451 -21.27 -44.94 2.37
CA ALA C 451 -21.95 -43.74 2.84
C ALA C 451 -22.42 -42.92 1.64
N ARG C 452 -21.56 -42.82 0.62
CA ARG C 452 -21.99 -42.35 -0.69
C ARG C 452 -23.16 -43.16 -1.21
N LYS C 453 -23.15 -44.48 -0.97
CA LYS C 453 -24.25 -45.32 -1.42
C LYS C 453 -25.56 -44.95 -0.73
N LYS C 454 -25.50 -44.64 0.56
CA LYS C 454 -26.72 -44.32 1.28
C LYS C 454 -27.23 -42.95 0.86
N ILE C 455 -26.32 -42.01 0.63
CA ILE C 455 -26.76 -40.69 0.20
C ILE C 455 -27.19 -40.69 -1.26
N ILE C 456 -26.75 -41.65 -2.06
CA ILE C 456 -27.27 -41.71 -3.42
C ILE C 456 -28.62 -42.44 -3.44
N GLU C 457 -28.81 -43.40 -2.55
CA GLU C 457 -30.07 -44.12 -2.52
C GLU C 457 -31.18 -43.36 -1.81
N ILE C 458 -30.84 -42.47 -0.88
CA ILE C 458 -31.87 -41.73 -0.17
C ILE C 458 -32.63 -40.81 -1.14
N HIS C 459 -31.94 -40.23 -2.11
CA HIS C 459 -32.63 -39.44 -3.12
C HIS C 459 -33.45 -40.30 -4.06
N THR C 460 -33.08 -41.58 -4.22
CA THR C 460 -33.86 -42.52 -4.99
C THR C 460 -35.02 -43.08 -4.18
N ARG C 461 -35.05 -42.81 -2.88
CA ARG C 461 -36.21 -43.08 -2.04
C ARG C 461 -37.42 -42.25 -2.43
N ASN C 462 -37.24 -41.25 -3.29
CA ASN C 462 -38.29 -40.34 -3.70
C ASN C 462 -39.13 -40.88 -4.85
N TRP C 463 -38.56 -41.77 -5.66
CA TRP C 463 -39.29 -42.34 -6.79
C TRP C 463 -40.19 -43.47 -6.30
N ASP C 464 -41.49 -43.27 -6.39
CA ASP C 464 -42.43 -44.33 -6.02
C ASP C 464 -42.31 -45.48 -7.01
N PRO C 465 -42.35 -45.22 -8.32
CA PRO C 465 -41.98 -46.25 -9.28
C PRO C 465 -40.57 -46.75 -9.02
N PRO C 466 -40.34 -48.05 -9.13
CA PRO C 466 -39.01 -48.58 -8.82
C PRO C 466 -37.98 -48.06 -9.80
N VAL C 467 -36.86 -47.61 -9.25
CA VAL C 467 -35.77 -47.08 -10.07
C VAL C 467 -34.59 -48.05 -10.00
N PRO C 468 -33.73 -48.07 -11.01
CA PRO C 468 -32.51 -48.87 -10.88
C PRO C 468 -31.56 -48.23 -9.90
N GLU C 469 -31.49 -48.79 -8.70
CA GLU C 469 -30.48 -48.42 -7.73
C GLU C 469 -29.80 -49.66 -7.16
N TRP C 470 -30.39 -50.84 -7.37
CA TRP C 470 -29.71 -52.10 -7.12
C TRP C 470 -28.37 -52.18 -7.85
N LEU C 471 -28.30 -51.59 -9.04
CA LEU C 471 -27.04 -51.56 -9.78
C LEU C 471 -25.99 -50.76 -9.03
N CYS C 472 -26.39 -49.73 -8.29
CA CYS C 472 -25.50 -49.12 -7.31
C CYS C 472 -25.03 -50.20 -6.36
N SER C 473 -23.80 -50.08 -5.88
CA SER C 473 -22.97 -48.89 -6.04
C SER C 473 -22.12 -48.84 -7.30
N MET C 474 -22.73 -49.04 -8.47
CA MET C 474 -22.10 -48.67 -9.72
C MET C 474 -22.39 -47.23 -10.11
N LEU C 475 -23.23 -46.54 -9.35
CA LEU C 475 -23.39 -45.10 -9.52
C LEU C 475 -22.65 -44.33 -8.45
N ALA C 476 -22.49 -44.91 -7.26
CA ALA C 476 -21.77 -44.22 -6.20
C ALA C 476 -20.26 -44.33 -6.36
N GLU C 477 -19.79 -45.05 -7.37
CA GLU C 477 -18.35 -45.10 -7.66
C GLU C 477 -17.85 -43.70 -7.99
N LYS C 478 -18.34 -43.17 -9.10
CA LYS C 478 -17.94 -41.91 -9.70
C LYS C 478 -18.58 -40.70 -9.05
N SER C 479 -19.58 -40.90 -8.20
CA SER C 479 -20.11 -39.81 -7.40
C SER C 479 -19.16 -39.59 -6.24
N LYS C 480 -18.42 -38.48 -6.28
CA LYS C 480 -17.44 -38.18 -5.26
C LYS C 480 -17.14 -36.69 -5.33
N GLY C 481 -17.13 -36.04 -4.17
CA GLY C 481 -16.89 -34.60 -4.14
C GLY C 481 -18.10 -33.75 -4.42
N TYR C 482 -19.30 -34.31 -4.39
CA TYR C 482 -20.53 -33.57 -4.65
C TYR C 482 -21.31 -33.26 -3.38
N GLY C 483 -20.83 -33.72 -2.24
CA GLY C 483 -21.63 -33.62 -1.04
C GLY C 483 -22.92 -34.39 -1.21
N GLY C 484 -24.03 -33.79 -0.80
CA GLY C 484 -25.32 -34.41 -0.99
C GLY C 484 -26.21 -33.60 -1.90
N ALA C 485 -26.04 -32.28 -1.86
CA ALA C 485 -26.84 -31.42 -2.72
C ALA C 485 -26.51 -31.64 -4.18
N ASP C 486 -25.23 -31.82 -4.51
CA ASP C 486 -24.86 -32.07 -5.89
C ASP C 486 -25.23 -33.47 -6.33
N LEU C 487 -25.28 -34.44 -5.42
CA LEU C 487 -25.88 -35.73 -5.76
C LEU C 487 -27.36 -35.56 -6.06
N ARG C 488 -28.02 -34.65 -5.35
CA ARG C 488 -29.40 -34.33 -5.70
C ARG C 488 -29.47 -33.69 -7.09
N ALA C 489 -28.48 -32.86 -7.42
CA ALA C 489 -28.38 -32.37 -8.79
C ALA C 489 -28.21 -33.52 -9.76
N LEU C 490 -27.46 -34.55 -9.37
CA LEU C 490 -27.26 -35.70 -10.22
C LEU C 490 -28.57 -36.42 -10.50
N CYS C 491 -29.34 -36.67 -9.44
CA CYS C 491 -30.61 -37.37 -9.65
C CYS C 491 -31.59 -36.51 -10.42
N THR C 492 -31.60 -35.19 -10.20
CA THR C 492 -32.44 -34.31 -11.00
C THR C 492 -32.06 -34.37 -12.47
N GLU C 493 -30.76 -34.35 -12.75
CA GLU C 493 -30.32 -34.30 -14.13
C GLU C 493 -30.65 -35.60 -14.84
N ALA C 494 -30.35 -36.74 -14.20
CA ALA C 494 -30.73 -38.02 -14.78
C ALA C 494 -32.25 -38.12 -14.93
N ALA C 495 -32.98 -37.49 -14.00
CA ALA C 495 -34.43 -37.45 -14.10
C ALA C 495 -34.87 -36.80 -15.40
N LEU C 496 -34.53 -35.53 -15.60
CA LEU C 496 -35.02 -34.87 -16.82
C LEU C 496 -34.37 -35.45 -18.06
N ASN C 497 -33.22 -36.12 -17.91
CA ASN C 497 -32.69 -36.91 -19.01
C ASN C 497 -33.69 -37.98 -19.42
N SER C 498 -34.21 -38.72 -18.44
CA SER C 498 -35.24 -39.70 -18.74
C SER C 498 -36.50 -39.03 -19.26
N ILE C 499 -36.77 -37.81 -18.80
CA ILE C 499 -37.87 -37.01 -19.35
C ILE C 499 -37.71 -36.89 -20.86
N LYS C 500 -36.57 -36.37 -21.29
CA LYS C 500 -36.29 -36.21 -22.72
C LYS C 500 -36.39 -37.55 -23.44
N ARG C 501 -35.77 -38.58 -22.86
CA ARG C 501 -35.82 -39.91 -23.46
C ARG C 501 -37.25 -40.38 -23.65
N THR C 502 -38.16 -39.96 -22.76
CA THR C 502 -39.58 -40.26 -22.93
C THR C 502 -40.21 -39.35 -23.97
N TYR C 503 -40.16 -38.04 -23.76
CA TYR C 503 -40.96 -37.13 -24.55
C TYR C 503 -40.11 -36.10 -25.27
N PRO C 504 -39.97 -36.22 -26.60
CA PRO C 504 -39.50 -35.10 -27.41
C PRO C 504 -40.57 -34.07 -27.76
N GLN C 505 -41.79 -34.23 -27.25
CA GLN C 505 -42.82 -33.21 -27.40
C GLN C 505 -42.61 -32.03 -26.48
N LEU C 506 -41.48 -31.98 -25.77
CA LEU C 506 -41.19 -30.86 -24.89
C LEU C 506 -40.85 -29.62 -25.69
N TYR C 507 -39.77 -29.68 -26.46
CA TYR C 507 -39.51 -28.71 -27.50
C TYR C 507 -40.47 -28.99 -28.66
N ARG C 508 -40.35 -28.17 -29.72
CA ARG C 508 -41.17 -28.25 -30.93
C ARG C 508 -42.65 -28.45 -30.62
N SER C 509 -43.12 -27.79 -29.56
CA SER C 509 -44.49 -27.96 -29.11
C SER C 509 -44.90 -26.63 -28.50
N THR C 510 -45.81 -25.93 -29.18
CA THR C 510 -46.04 -24.53 -28.80
C THR C 510 -47.06 -24.37 -27.67
N LYS C 511 -48.30 -24.80 -27.89
CA LYS C 511 -49.35 -24.57 -26.91
C LYS C 511 -49.13 -25.46 -25.68
N ARG C 512 -49.51 -24.92 -24.52
CA ARG C 512 -49.58 -25.73 -23.31
C ARG C 512 -50.49 -26.92 -23.56
N LEU C 513 -50.10 -28.08 -23.02
CA LEU C 513 -50.76 -29.31 -23.37
C LEU C 513 -50.63 -30.29 -22.22
N GLN C 514 -51.15 -31.49 -22.44
CA GLN C 514 -51.23 -32.53 -21.41
C GLN C 514 -50.64 -33.82 -21.95
N ILE C 515 -50.68 -34.84 -21.11
CA ILE C 515 -50.05 -36.12 -21.38
C ILE C 515 -51.04 -37.24 -21.05
N ASP C 516 -50.56 -38.46 -21.08
CA ASP C 516 -51.21 -39.53 -20.35
C ASP C 516 -50.66 -39.54 -18.92
N PRO C 517 -51.51 -39.64 -17.90
CA PRO C 517 -51.09 -39.23 -16.55
C PRO C 517 -50.25 -40.26 -15.79
N LYS C 518 -49.26 -40.86 -16.46
CA LYS C 518 -48.22 -41.62 -15.76
C LYS C 518 -47.04 -41.72 -16.73
N THR C 519 -46.03 -40.87 -16.53
CA THR C 519 -44.95 -40.76 -17.50
C THR C 519 -43.63 -40.42 -16.82
N ILE C 520 -42.88 -41.45 -16.45
CA ILE C 520 -41.42 -41.39 -16.51
C ILE C 520 -40.86 -42.79 -16.32
N LYS C 521 -39.81 -43.11 -17.05
CA LYS C 521 -39.15 -44.40 -16.98
C LYS C 521 -37.69 -44.10 -17.15
N VAL C 522 -36.86 -44.38 -16.14
CA VAL C 522 -35.48 -43.91 -16.15
C VAL C 522 -34.60 -44.97 -16.79
N LYS C 523 -33.59 -44.51 -17.52
CA LYS C 523 -32.58 -45.35 -18.14
C LYS C 523 -31.21 -45.08 -17.53
N VAL C 524 -30.37 -46.11 -17.56
CA VAL C 524 -28.98 -45.95 -17.15
C VAL C 524 -28.31 -44.86 -17.98
N LYS C 525 -28.61 -44.82 -19.28
CA LYS C 525 -28.10 -43.77 -20.14
C LYS C 525 -28.37 -42.39 -19.58
N ASP C 526 -29.56 -42.18 -19.01
CA ASP C 526 -29.89 -40.90 -18.41
C ASP C 526 -28.99 -40.60 -17.22
N PHE C 527 -28.71 -41.63 -16.41
CA PHE C 527 -27.76 -41.48 -15.31
C PHE C 527 -26.41 -41.03 -15.82
N VAL C 528 -25.94 -41.64 -16.91
CA VAL C 528 -24.61 -41.26 -17.40
C VAL C 528 -24.65 -39.88 -18.03
N MET C 529 -25.76 -39.51 -18.66
CA MET C 529 -25.98 -38.14 -19.11
C MET C 529 -25.74 -37.18 -17.98
N SER C 530 -26.52 -37.32 -16.90
CA SER C 530 -26.33 -36.50 -15.72
C SER C 530 -24.91 -36.61 -15.18
N MET C 531 -24.28 -37.77 -15.37
CA MET C 531 -22.95 -37.99 -14.86
C MET C 531 -21.95 -37.06 -15.52
N LYS C 532 -22.08 -36.87 -16.83
CA LYS C 532 -21.06 -36.12 -17.57
C LYS C 532 -21.21 -34.62 -17.43
N ARG C 533 -22.43 -34.13 -17.20
CA ARG C 533 -22.69 -32.71 -17.42
C ARG C 533 -22.14 -31.81 -16.33
N MET C 534 -21.84 -32.35 -15.15
CA MET C 534 -21.49 -31.52 -14.00
C MET C 534 -20.27 -32.05 -13.27
N ILE C 535 -19.82 -31.26 -12.31
CA ILE C 535 -18.50 -31.44 -11.69
C ILE C 535 -18.66 -31.47 -10.18
N PRO C 536 -17.80 -32.17 -9.45
CA PRO C 536 -17.91 -32.18 -7.98
C PRO C 536 -17.40 -30.88 -7.36
N SER C 537 -17.51 -30.83 -6.03
CA SER C 537 -17.38 -29.58 -5.29
C SER C 537 -15.94 -29.15 -5.07
N SER C 538 -15.02 -30.09 -4.77
CA SER C 538 -13.63 -29.72 -4.53
C SER C 538 -13.01 -29.05 -5.74
N GLU C 539 -13.52 -29.36 -6.92
CA GLU C 539 -13.01 -28.87 -8.19
C GLU C 539 -14.14 -28.20 -8.93
N ARG C 540 -14.38 -26.94 -8.59
CA ARG C 540 -15.15 -26.02 -9.42
C ARG C 540 -14.22 -25.16 -10.25
N SER C 541 -13.12 -24.71 -9.64
CA SER C 541 -12.02 -24.08 -10.36
C SER C 541 -10.66 -24.46 -9.78
N SER C 542 -10.56 -25.52 -8.99
CA SER C 542 -9.28 -26.03 -8.50
C SER C 542 -9.24 -27.55 -8.66
N ILE C 543 -8.25 -28.05 -9.40
CA ILE C 543 -8.12 -29.49 -9.61
C ILE C 543 -7.74 -30.15 -8.29
N SER C 544 -8.26 -31.34 -8.05
CA SER C 544 -7.91 -32.09 -6.86
C SER C 544 -6.64 -32.90 -7.11
N PRO C 545 -5.70 -32.93 -6.18
CA PRO C 545 -4.45 -33.67 -6.39
C PRO C 545 -4.58 -35.18 -6.19
N SER C 546 -5.72 -35.67 -5.73
CA SER C 546 -5.91 -37.10 -5.51
C SER C 546 -6.96 -37.62 -6.51
N LYS C 547 -6.55 -38.58 -7.33
CA LYS C 547 -7.44 -39.23 -8.28
C LYS C 547 -6.99 -40.67 -8.49
N PRO C 548 -7.92 -41.61 -8.56
CA PRO C 548 -7.54 -43.01 -8.70
C PRO C 548 -6.90 -43.27 -10.05
N LEU C 549 -6.16 -44.38 -10.11
CA LEU C 549 -5.47 -44.74 -11.33
C LEU C 549 -6.45 -45.13 -12.42
N SER C 550 -6.10 -44.85 -13.67
CA SER C 550 -6.94 -45.30 -14.76
C SER C 550 -6.77 -46.81 -14.93
N PRO C 551 -7.79 -47.48 -15.47
CA PRO C 551 -7.73 -48.95 -15.56
C PRO C 551 -6.60 -49.45 -16.43
N GLU C 552 -6.25 -48.72 -17.48
CA GLU C 552 -5.18 -49.09 -18.38
C GLU C 552 -3.80 -48.89 -17.78
N LEU C 553 -3.63 -47.92 -16.89
CA LEU C 553 -2.40 -47.84 -16.13
C LEU C 553 -2.25 -49.01 -15.18
N LYS C 554 -3.36 -49.61 -14.76
CA LYS C 554 -3.32 -50.72 -13.82
C LYS C 554 -2.42 -51.85 -14.29
N PRO C 555 -2.58 -52.40 -15.50
CA PRO C 555 -1.69 -53.50 -15.94
C PRO C 555 -0.24 -53.11 -16.03
N LEU C 556 0.10 -51.83 -15.95
CA LEU C 556 1.48 -51.39 -15.95
C LEU C 556 1.87 -50.67 -14.68
N LEU C 557 0.98 -50.53 -13.71
CA LEU C 557 1.29 -49.78 -12.51
C LEU C 557 0.94 -50.47 -11.20
N ASN C 558 -0.04 -51.38 -11.18
CA ASN C 558 -0.43 -52.00 -9.91
C ASN C 558 0.71 -52.79 -9.30
N GLU C 559 1.53 -53.42 -10.15
CA GLU C 559 2.67 -54.19 -9.67
C GLU C 559 3.56 -53.37 -8.74
N ALA C 560 3.84 -52.13 -9.10
CA ALA C 560 4.65 -51.29 -8.23
C ALA C 560 3.79 -50.64 -7.14
N PHE C 561 2.56 -50.28 -7.48
CA PHE C 561 1.72 -49.54 -6.54
C PHE C 561 1.42 -50.38 -5.30
N GLN C 562 1.23 -51.68 -5.48
CA GLN C 562 1.02 -52.56 -4.35
C GLN C 562 2.18 -52.51 -3.39
N ASP C 563 3.40 -52.70 -3.89
CA ASP C 563 4.58 -52.67 -3.05
C ASP C 563 4.73 -51.31 -2.38
N ILE C 564 4.44 -50.25 -3.11
CA ILE C 564 4.66 -48.92 -2.57
C ILE C 564 3.66 -48.63 -1.46
N GLU C 565 2.40 -49.01 -1.67
CA GLU C 565 1.39 -48.76 -0.66
C GLU C 565 1.60 -49.65 0.55
N LYS C 566 2.06 -50.88 0.31
CA LYS C 566 2.57 -51.72 1.38
C LYS C 566 3.62 -50.99 2.20
N THR C 567 4.60 -50.42 1.52
CA THR C 567 5.71 -49.77 2.19
C THR C 567 5.24 -48.59 3.02
N LEU C 568 4.37 -47.76 2.44
CA LEU C 568 3.83 -46.64 3.21
C LEU C 568 3.02 -47.12 4.40
N GLN C 569 2.26 -48.19 4.24
CA GLN C 569 1.56 -48.77 5.38
C GLN C 569 2.54 -49.22 6.44
N LYS C 570 3.72 -49.68 6.03
CA LYS C 570 4.78 -49.96 6.98
C LYS C 570 5.21 -48.69 7.70
N LEU C 571 5.75 -47.73 6.95
CA LEU C 571 6.18 -46.48 7.52
C LEU C 571 5.01 -45.65 8.02
N MET C 572 3.80 -45.94 7.57
CA MET C 572 2.60 -45.32 8.11
C MET C 572 1.57 -46.41 8.33
N PRO C 573 1.56 -47.02 9.51
CA PRO C 573 0.54 -48.03 9.81
C PRO C 573 -0.87 -47.47 9.92
N VAL C 574 -1.01 -46.15 9.89
CA VAL C 574 -2.34 -45.55 9.89
C VAL C 574 -2.97 -45.78 8.52
N ALA C 575 -4.12 -46.44 8.51
CA ALA C 575 -4.89 -46.58 7.29
C ALA C 575 -6.39 -46.43 7.48
N SER C 576 -6.86 -46.26 8.72
CA SER C 576 -8.28 -46.19 8.98
C SER C 576 -8.51 -45.30 10.20
N LYS C 577 -9.78 -45.12 10.56
CA LYS C 577 -10.19 -44.23 11.64
C LYS C 577 -10.73 -45.07 12.79
N LEU C 578 -10.15 -44.89 13.97
CA LEU C 578 -10.52 -45.69 15.14
C LEU C 578 -11.64 -45.00 15.90
N ASN C 579 -12.76 -45.68 16.05
CA ASN C 579 -13.91 -45.13 16.77
C ASN C 579 -13.70 -45.27 18.27
N PRO C 580 -13.64 -44.16 19.02
CA PRO C 580 -13.59 -44.28 20.48
C PRO C 580 -14.88 -44.82 21.08
N LEU C 581 -16.00 -44.69 20.37
CA LEU C 581 -17.25 -45.31 20.83
C LEU C 581 -17.08 -46.81 21.00
N GLU C 582 -16.36 -47.46 20.09
CA GLU C 582 -16.14 -48.90 20.21
C GLU C 582 -15.09 -49.23 21.25
N GLU C 583 -14.11 -48.35 21.45
CA GLU C 583 -13.20 -48.49 22.59
C GLU C 583 -13.94 -48.61 23.91
N VAL C 584 -14.78 -47.63 24.25
CA VAL C 584 -15.57 -47.70 25.47
C VAL C 584 -16.68 -48.73 25.36
N MET C 585 -16.94 -49.25 24.15
CA MET C 585 -17.84 -50.39 24.02
C MET C 585 -17.20 -51.68 24.52
N TYR C 586 -15.88 -51.77 24.52
CA TYR C 586 -15.15 -52.92 25.04
C TYR C 586 -14.05 -52.44 25.96
N ASP C 587 -14.30 -52.50 27.26
CA ASP C 587 -13.34 -52.12 28.28
C ASP C 587 -12.87 -53.37 29.02
N ASP C 588 -11.71 -53.25 29.64
CA ASP C 588 -11.15 -54.31 30.46
C ASP C 588 -11.14 -53.91 31.93
N PRO C 589 -11.27 -54.87 32.83
CA PRO C 589 -11.09 -54.60 34.26
C PRO C 589 -9.64 -54.36 34.65
N LYS C 590 -8.69 -54.71 33.78
CA LYS C 590 -7.27 -54.51 34.05
C LYS C 590 -6.83 -53.11 33.66
N GLU C 591 -7.56 -52.11 34.15
CA GLU C 591 -7.21 -50.72 33.87
C GLU C 591 -7.66 -49.87 35.04
N ASN C 592 -6.74 -49.59 35.94
CA ASN C 592 -6.96 -48.56 36.96
C ASN C 592 -5.71 -47.73 37.16
N ASP C 593 -4.79 -47.76 36.19
CA ASP C 593 -3.49 -47.14 36.35
C ASP C 593 -3.09 -46.48 35.05
N PHE C 594 -1.93 -45.83 35.08
CA PHE C 594 -1.39 -45.12 33.93
C PHE C 594 -0.32 -45.91 33.18
N GLU C 595 0.42 -46.77 33.87
CA GLU C 595 1.45 -47.56 33.19
C GLU C 595 0.81 -48.50 32.19
N TYR C 596 -0.38 -49.00 32.49
CA TYR C 596 -1.14 -49.68 31.45
C TYR C 596 -1.52 -48.69 30.35
N GLN C 597 -1.87 -47.46 30.74
CA GLN C 597 -2.08 -46.41 29.74
C GLN C 597 -0.77 -46.06 29.04
N GLN C 598 0.34 -46.13 29.78
CA GLN C 598 1.62 -45.79 29.18
C GLN C 598 2.04 -46.83 28.14
N ARG C 599 1.58 -48.08 28.30
CA ARG C 599 1.71 -49.06 27.23
C ARG C 599 1.13 -48.52 25.93
N LEU C 600 -0.16 -48.20 25.94
CA LEU C 600 -0.83 -47.80 24.71
C LEU C 600 -0.27 -46.52 24.14
N GLU C 601 0.02 -45.53 24.98
CA GLU C 601 0.60 -44.30 24.45
C GLU C 601 1.97 -44.54 23.85
N THR C 602 2.74 -45.47 24.41
CA THR C 602 4.04 -45.79 23.84
C THR C 602 3.91 -46.17 22.36
N PHE C 603 2.93 -46.99 22.05
CA PHE C 603 2.69 -47.40 20.68
C PHE C 603 2.01 -46.28 19.91
N GLU C 604 2.28 -46.23 18.62
CA GLU C 604 1.78 -45.21 17.71
C GLU C 604 2.37 -43.82 18.00
N THR C 605 3.25 -43.73 18.98
CA THR C 605 3.89 -42.48 19.35
C THR C 605 5.39 -42.65 19.28
N LEU C 606 5.87 -43.79 19.77
CA LEU C 606 7.27 -44.16 19.67
C LEU C 606 7.51 -45.16 18.56
N ARG C 607 6.48 -45.51 17.82
CA ARG C 607 6.57 -46.56 16.83
C ARG C 607 6.98 -46.06 15.46
N ILE C 608 7.14 -44.74 15.28
CA ILE C 608 7.49 -44.20 13.98
C ILE C 608 8.64 -43.22 14.13
N TYR C 609 9.32 -42.97 13.02
CA TYR C 609 10.34 -41.93 12.92
C TYR C 609 10.10 -41.15 11.63
N LYS C 610 9.55 -39.94 11.76
CA LYS C 610 9.59 -38.90 10.74
C LYS C 610 9.22 -39.39 9.36
N PRO C 611 7.95 -39.67 9.09
CA PRO C 611 7.58 -40.27 7.81
C PRO C 611 7.90 -39.36 6.64
N ARG C 612 8.89 -39.77 5.87
CA ARG C 612 9.34 -39.03 4.70
C ARG C 612 9.60 -40.03 3.58
N PHE C 613 9.32 -39.61 2.36
CA PHE C 613 9.40 -40.56 1.26
C PHE C 613 9.70 -39.83 -0.04
N LEU C 614 10.47 -40.50 -0.90
CA LEU C 614 10.84 -39.99 -2.20
C LEU C 614 10.79 -41.12 -3.22
N ILE C 615 10.70 -40.75 -4.49
CA ILE C 615 10.66 -41.70 -5.59
C ILE C 615 11.70 -41.30 -6.60
N CYS C 616 12.53 -42.25 -7.02
CA CYS C 616 13.42 -42.06 -8.14
C CYS C 616 12.89 -42.82 -9.34
N GLY C 617 13.08 -42.25 -10.52
CA GLY C 617 12.59 -42.85 -11.74
C GLY C 617 12.94 -41.96 -12.91
N ARG C 618 12.47 -42.37 -14.08
CA ARG C 618 12.78 -41.61 -15.28
C ARG C 618 11.64 -40.66 -15.62
N LYS C 619 11.95 -39.70 -16.48
CA LYS C 619 10.93 -38.82 -17.02
C LYS C 619 9.93 -39.65 -17.82
N GLY C 620 8.65 -39.36 -17.63
CA GLY C 620 7.62 -40.14 -18.29
C GLY C 620 7.64 -41.60 -17.91
N LEU C 621 8.19 -41.92 -16.74
CA LEU C 621 8.29 -43.30 -16.26
C LEU C 621 7.19 -43.65 -15.29
N GLY C 622 5.97 -43.19 -15.54
CA GLY C 622 4.91 -43.33 -14.56
C GLY C 622 4.94 -42.26 -13.51
N GLN C 623 5.83 -41.29 -13.64
CA GLN C 623 5.87 -40.17 -12.72
C GLN C 623 4.51 -39.49 -12.72
N THR C 624 4.02 -39.21 -11.50
CA THR C 624 2.71 -38.61 -11.22
C THR C 624 1.56 -39.29 -11.96
N ALA C 625 1.75 -40.51 -12.42
CA ALA C 625 0.62 -41.33 -12.82
C ALA C 625 -0.01 -42.00 -11.61
N LEU C 626 0.82 -42.38 -10.65
CA LEU C 626 0.38 -42.83 -9.35
C LEU C 626 0.09 -41.69 -8.41
N GLY C 627 0.66 -40.51 -8.67
CA GLY C 627 0.62 -39.37 -7.79
C GLY C 627 -0.73 -39.09 -7.20
N PRO C 628 -1.73 -38.83 -8.04
CA PRO C 628 -3.08 -38.59 -7.51
C PRO C 628 -3.69 -39.79 -6.84
N ALA C 629 -3.25 -41.01 -7.19
CA ALA C 629 -3.92 -42.20 -6.70
C ALA C 629 -3.42 -42.63 -5.34
N ILE C 630 -2.16 -42.37 -5.01
CA ILE C 630 -1.66 -42.82 -3.72
C ILE C 630 -2.34 -42.08 -2.59
N LEU C 631 -2.67 -40.80 -2.77
CA LEU C 631 -3.64 -40.20 -1.88
C LEU C 631 -4.99 -40.85 -2.05
N GLN C 632 -5.33 -41.24 -3.27
CA GLN C 632 -6.64 -41.80 -3.56
C GLN C 632 -6.88 -43.12 -2.85
N GLN C 633 -5.83 -43.82 -2.44
CA GLN C 633 -6.01 -45.11 -1.78
C GLN C 633 -6.32 -45.00 -0.30
N TYR C 634 -6.25 -43.79 0.27
CA TYR C 634 -6.59 -43.63 1.68
C TYR C 634 -6.86 -42.17 1.97
N GLU C 635 -7.92 -41.92 2.73
CA GLU C 635 -8.42 -40.57 2.93
C GLU C 635 -8.58 -40.26 4.41
N GLY C 636 -9.25 -39.15 4.71
CA GLY C 636 -9.42 -38.75 6.09
C GLY C 636 -8.14 -38.32 6.75
N VAL C 637 -7.21 -37.77 5.99
CA VAL C 637 -5.86 -37.48 6.46
C VAL C 637 -5.53 -36.03 6.14
N HIS C 638 -4.66 -35.45 6.96
CA HIS C 638 -4.29 -34.05 6.77
C HIS C 638 -3.33 -33.92 5.60
N VAL C 639 -3.57 -32.92 4.74
CA VAL C 639 -2.88 -32.84 3.48
C VAL C 639 -2.54 -31.41 3.12
N GLN C 640 -1.64 -31.28 2.16
CA GLN C 640 -1.40 -30.07 1.38
C GLN C 640 -0.31 -30.39 0.38
N SER C 641 0.05 -29.41 -0.44
CA SER C 641 1.14 -29.55 -1.39
C SER C 641 2.16 -28.45 -1.18
N PHE C 642 3.43 -28.80 -1.27
CA PHE C 642 4.47 -27.80 -1.44
C PHE C 642 4.73 -27.49 -2.89
N ASP C 643 3.71 -27.58 -3.74
CA ASP C 643 3.93 -27.34 -5.15
C ASP C 643 3.79 -25.86 -5.46
N MET C 644 4.50 -25.43 -6.50
CA MET C 644 4.64 -24.01 -6.78
C MET C 644 3.31 -23.36 -7.11
N SER C 645 2.32 -24.18 -7.50
CA SER C 645 0.96 -23.69 -7.65
C SER C 645 0.49 -22.92 -6.43
N THR C 646 0.85 -23.40 -5.24
CA THR C 646 0.54 -22.70 -4.02
C THR C 646 1.75 -21.99 -3.44
N LEU C 647 2.96 -22.43 -3.77
CA LEU C 647 4.15 -21.73 -3.32
C LEU C 647 4.16 -20.30 -3.86
N LEU C 648 4.17 -20.17 -5.19
CA LEU C 648 4.08 -18.87 -5.83
C LEU C 648 2.65 -18.37 -5.92
N GLN C 649 1.70 -19.10 -5.34
CA GLN C 649 0.34 -18.62 -5.25
C GLN C 649 0.27 -17.33 -4.45
N ASP C 650 1.09 -17.21 -3.41
CA ASP C 650 1.00 -16.09 -2.50
C ASP C 650 1.62 -14.86 -3.13
N SER C 651 0.92 -13.73 -3.04
CA SER C 651 1.43 -12.46 -3.55
C SER C 651 1.64 -11.42 -2.46
N THR C 652 0.77 -11.36 -1.46
CA THR C 652 0.83 -10.36 -0.42
C THR C 652 1.76 -10.75 0.72
N GLN C 653 2.34 -11.95 0.69
CA GLN C 653 3.33 -12.36 1.66
C GLN C 653 4.53 -12.94 0.95
N SER C 654 5.68 -12.86 1.61
CA SER C 654 6.90 -13.34 1.00
C SER C 654 6.82 -14.85 0.76
N ILE C 655 7.71 -15.34 -0.10
CA ILE C 655 7.71 -16.76 -0.42
C ILE C 655 8.03 -17.58 0.82
N GLU C 656 9.05 -17.16 1.58
CA GLU C 656 9.35 -17.86 2.82
C GLU C 656 8.23 -17.68 3.84
N THR C 657 7.54 -16.55 3.79
CA THR C 657 6.31 -16.42 4.54
C THR C 657 5.30 -17.50 4.14
N SER C 658 5.22 -17.80 2.85
CA SER C 658 4.38 -18.90 2.41
C SER C 658 4.85 -20.22 3.00
N ILE C 659 6.17 -20.38 3.05
CA ILE C 659 6.76 -21.58 3.65
C ILE C 659 6.26 -21.73 5.07
N ILE C 660 6.37 -20.65 5.85
CA ILE C 660 5.99 -20.75 7.24
C ILE C 660 4.48 -20.92 7.36
N HIS C 661 3.74 -20.33 6.44
CA HIS C 661 2.28 -20.49 6.50
C HIS C 661 1.86 -21.93 6.25
N LEU C 662 2.52 -22.62 5.32
CA LEU C 662 2.14 -24.00 5.07
C LEU C 662 2.67 -24.92 6.16
N PHE C 663 3.92 -24.71 6.59
CA PHE C 663 4.42 -25.44 7.75
C PHE C 663 3.62 -25.12 8.99
N LEU C 664 2.90 -24.00 8.99
CA LEU C 664 2.07 -23.60 10.11
C LEU C 664 0.69 -24.20 10.00
N GLU C 665 0.27 -24.48 8.77
CA GLU C 665 -0.88 -25.35 8.58
C GLU C 665 -0.57 -26.72 9.16
N VAL C 666 0.65 -27.19 8.94
CA VAL C 666 1.07 -28.45 9.53
C VAL C 666 1.32 -28.30 11.02
N ARG C 667 1.59 -27.05 11.47
CA ARG C 667 1.66 -26.74 12.90
C ARG C 667 0.46 -27.33 13.62
N ARG C 668 -0.72 -27.18 13.03
CA ARG C 668 -1.90 -27.94 13.40
C ARG C 668 -1.57 -29.42 13.49
N HIS C 669 -1.67 -29.97 14.69
CA HIS C 669 -1.34 -31.38 14.91
C HIS C 669 -2.35 -32.24 14.16
N THR C 670 -1.85 -33.04 13.23
CA THR C 670 -2.66 -34.03 12.54
C THR C 670 -1.70 -35.02 11.91
N PRO C 671 -2.11 -36.27 11.73
CA PRO C 671 -1.40 -37.09 10.76
C PRO C 671 -1.60 -36.41 9.42
N SER C 672 -0.53 -35.82 8.90
CA SER C 672 -0.63 -34.88 7.80
C SER C 672 0.33 -35.29 6.70
N ILE C 673 0.28 -34.58 5.59
CA ILE C 673 1.02 -34.99 4.41
C ILE C 673 1.74 -33.79 3.81
N ILE C 674 3.05 -33.92 3.66
CA ILE C 674 3.81 -33.16 2.69
C ILE C 674 3.67 -33.85 1.35
N TYR C 675 3.29 -33.10 0.32
CA TYR C 675 3.09 -33.65 -1.01
C TYR C 675 3.87 -32.82 -2.02
N ILE C 676 4.85 -33.43 -2.70
CA ILE C 676 5.49 -32.84 -3.84
C ILE C 676 5.67 -33.92 -4.90
N PRO C 677 5.05 -33.81 -6.07
CA PRO C 677 5.38 -34.68 -7.18
C PRO C 677 6.40 -34.03 -8.11
N ASP C 678 7.33 -34.86 -8.56
CA ASP C 678 8.40 -34.46 -9.49
C ASP C 678 9.10 -33.19 -8.99
N ILE C 679 9.75 -33.37 -7.86
CA ILE C 679 10.44 -32.29 -7.16
C ILE C 679 11.63 -31.79 -7.95
N ASP C 680 12.04 -32.55 -8.98
CA ASP C 680 13.23 -32.21 -9.77
C ASP C 680 13.15 -30.79 -10.29
N ASN C 681 12.00 -30.40 -10.85
CA ASN C 681 11.80 -29.00 -11.20
C ASN C 681 11.89 -28.12 -9.96
N TRP C 682 11.27 -28.56 -8.87
CA TRP C 682 11.40 -27.90 -7.58
C TRP C 682 12.86 -27.88 -7.16
N LEU C 683 13.17 -26.99 -6.22
CA LEU C 683 14.51 -26.67 -5.72
C LEU C 683 15.38 -25.98 -6.77
N ASN C 684 14.88 -25.85 -7.99
CA ASN C 684 15.37 -24.86 -8.94
C ASN C 684 14.39 -23.73 -9.10
N VAL C 685 13.15 -23.91 -8.67
CA VAL C 685 12.16 -22.83 -8.66
C VAL C 685 12.55 -21.77 -7.65
N LEU C 686 13.03 -22.20 -6.51
CA LEU C 686 13.11 -21.30 -5.38
C LEU C 686 14.55 -20.90 -5.10
N PRO C 687 14.75 -19.85 -4.30
CA PRO C 687 16.11 -19.45 -3.93
C PRO C 687 16.71 -20.45 -2.95
N LEU C 688 17.99 -20.21 -2.64
CA LEU C 688 18.62 -20.94 -1.56
C LEU C 688 17.84 -20.80 -0.28
N THR C 689 17.35 -19.60 0.01
CA THR C 689 16.68 -19.34 1.27
C THR C 689 15.41 -20.17 1.43
N ALA C 690 14.65 -20.36 0.35
CA ALA C 690 13.50 -21.24 0.44
C ALA C 690 13.91 -22.67 0.77
N ILE C 691 15.02 -23.12 0.18
CA ILE C 691 15.54 -24.45 0.46
C ILE C 691 15.88 -24.58 1.93
N THR C 692 16.69 -23.66 2.43
CA THR C 692 17.08 -23.67 3.83
C THR C 692 15.86 -23.58 4.73
N THR C 693 14.86 -22.83 4.30
CA THR C 693 13.62 -22.72 5.06
C THR C 693 12.96 -24.06 5.22
N PHE C 694 12.70 -24.73 4.09
CA PHE C 694 12.06 -26.04 4.14
C PHE C 694 12.88 -27.02 4.96
N SER C 695 14.21 -26.99 4.78
CA SER C 695 15.08 -27.92 5.50
C SER C 695 15.00 -27.69 7.00
N SER C 696 15.08 -26.43 7.43
CA SER C 696 14.95 -26.11 8.84
C SER C 696 13.61 -26.57 9.37
N MET C 697 12.53 -26.22 8.68
CA MET C 697 11.20 -26.63 9.09
C MET C 697 11.06 -28.13 9.18
N LEU C 698 11.74 -28.87 8.31
CA LEU C 698 11.84 -30.32 8.48
C LEU C 698 12.54 -30.64 9.78
N GLU C 699 13.70 -30.04 10.02
CA GLU C 699 14.34 -30.14 11.33
C GLU C 699 13.49 -29.55 12.43
N ARG C 700 12.58 -28.64 12.06
CA ARG C 700 11.70 -27.99 13.02
C ARG C 700 10.64 -28.95 13.55
N LEU C 701 10.63 -30.19 13.04
CA LEU C 701 9.66 -31.21 13.37
C LEU C 701 10.32 -32.30 14.19
N ASP C 702 9.54 -32.95 15.05
CA ASP C 702 10.04 -34.04 15.88
C ASP C 702 9.64 -35.39 15.28
N PHE C 703 10.50 -36.38 15.52
CA PHE C 703 10.27 -37.73 15.03
C PHE C 703 9.02 -38.35 15.65
N SER C 704 8.64 -37.94 16.85
CA SER C 704 7.50 -38.55 17.51
C SER C 704 6.21 -38.28 16.76
N ASP C 705 6.14 -37.21 15.99
CA ASP C 705 4.93 -36.89 15.25
C ASP C 705 4.83 -37.75 13.99
N GLN C 706 3.59 -38.02 13.59
CA GLN C 706 3.28 -38.93 12.49
C GLN C 706 2.75 -38.10 11.33
N ILE C 707 3.65 -37.79 10.39
CA ILE C 707 3.29 -37.03 9.19
C ILE C 707 4.15 -37.53 8.03
N LEU C 708 3.50 -37.81 6.91
CA LEU C 708 4.22 -38.22 5.72
C LEU C 708 4.95 -37.04 5.11
N PHE C 709 6.17 -37.30 4.65
CA PHE C 709 6.84 -36.45 3.68
C PHE C 709 6.91 -37.24 2.39
N LEU C 710 6.32 -36.71 1.33
CA LEU C 710 6.14 -37.44 0.09
C LEU C 710 6.73 -36.68 -1.08
N ALA C 711 7.57 -37.35 -1.86
CA ALA C 711 8.16 -36.78 -3.05
C ALA C 711 8.45 -37.87 -4.06
N LEU C 712 8.64 -37.46 -5.31
CA LEU C 712 8.99 -38.36 -6.39
C LEU C 712 9.76 -37.57 -7.43
N SER C 713 10.60 -38.26 -8.18
CA SER C 713 11.55 -37.56 -9.05
C SER C 713 11.53 -38.15 -10.44
N SER C 714 11.68 -37.29 -11.42
CA SER C 714 11.91 -37.73 -12.80
C SER C 714 13.38 -38.08 -13.05
N SER C 715 14.25 -37.81 -12.10
CA SER C 715 15.62 -38.25 -12.19
C SER C 715 15.80 -39.53 -11.39
N PRO C 716 16.29 -40.60 -12.01
CA PRO C 716 16.61 -41.81 -11.25
C PRO C 716 17.72 -41.51 -10.26
N LEU C 717 17.88 -42.40 -9.28
CA LEU C 717 18.88 -42.19 -8.25
C LEU C 717 20.28 -42.23 -8.85
N SER C 718 21.26 -41.94 -7.99
CA SER C 718 22.67 -41.87 -8.37
C SER C 718 22.99 -40.61 -9.16
N GLU C 719 21.96 -39.82 -9.49
CA GLU C 719 22.12 -38.54 -10.15
C GLU C 719 21.18 -37.52 -9.54
N LEU C 720 20.72 -37.77 -8.32
CA LEU C 720 19.70 -36.94 -7.69
C LEU C 720 20.32 -35.66 -7.16
N HIS C 721 19.45 -34.69 -6.88
CA HIS C 721 19.91 -33.40 -6.39
C HIS C 721 20.56 -33.55 -5.03
N PRO C 722 21.49 -32.66 -4.70
CA PRO C 722 22.23 -32.78 -3.44
C PRO C 722 21.32 -32.61 -2.24
N GLN C 723 20.16 -31.98 -2.44
CA GLN C 723 19.14 -31.95 -1.41
C GLN C 723 18.36 -33.25 -1.32
N LEU C 724 18.41 -34.07 -2.35
CA LEU C 724 17.74 -35.36 -2.26
C LEU C 724 18.63 -36.41 -1.62
N ARG C 725 19.92 -36.38 -1.93
CA ARG C 725 20.85 -37.43 -1.56
C ARG C 725 21.08 -37.54 -0.06
N GLU C 726 20.53 -36.63 0.73
CA GLU C 726 20.71 -36.65 2.17
C GLU C 726 19.40 -36.62 2.94
N TRP C 727 18.33 -36.05 2.40
CA TRP C 727 17.09 -35.93 3.14
C TRP C 727 16.48 -37.29 3.45
N PHE C 728 16.85 -38.32 2.70
CA PHE C 728 16.38 -39.67 2.98
C PHE C 728 17.51 -40.62 3.30
N SER C 729 18.48 -40.76 2.40
CA SER C 729 19.71 -41.53 2.61
C SER C 729 19.44 -42.96 3.09
N SER C 730 18.35 -43.57 2.65
CA SER C 730 18.00 -44.90 3.13
C SER C 730 17.05 -45.55 2.13
N LYS C 731 17.21 -46.87 1.97
CA LYS C 731 16.32 -47.62 1.11
C LYS C 731 14.87 -47.48 1.53
N GLN C 732 14.61 -47.43 2.82
CA GLN C 732 13.27 -47.33 3.38
C GLN C 732 12.74 -45.91 3.35
N SER C 733 13.51 -44.97 2.82
CA SER C 733 13.05 -43.59 2.64
C SER C 733 12.88 -43.24 1.17
N VAL C 734 12.78 -44.24 0.31
CA VAL C 734 12.86 -44.02 -1.13
C VAL C 734 12.38 -45.26 -1.87
N TYR C 735 11.80 -45.03 -3.04
CA TYR C 735 11.39 -46.11 -3.93
C TYR C 735 12.07 -45.96 -5.28
N SER C 736 12.72 -47.01 -5.73
CA SER C 736 13.35 -47.06 -7.04
C SER C 736 12.36 -47.62 -8.05
N LEU C 737 12.35 -47.03 -9.24
CA LEU C 737 11.46 -47.45 -10.30
C LEU C 737 12.24 -47.90 -11.52
N GLN C 738 11.71 -48.90 -12.21
CA GLN C 738 12.30 -49.48 -13.40
C GLN C 738 11.34 -49.36 -14.56
N TYR C 739 11.75 -49.87 -15.72
CA TYR C 739 10.87 -49.89 -16.87
C TYR C 739 9.81 -50.97 -16.70
N PRO C 740 8.70 -50.86 -17.42
CA PRO C 740 7.66 -51.88 -17.31
C PRO C 740 8.11 -53.17 -17.99
N THR C 741 7.69 -54.29 -17.42
CA THR C 741 8.05 -55.57 -18.02
C THR C 741 7.18 -55.85 -19.23
N ARG C 742 7.78 -56.58 -20.17
CA ARG C 742 7.11 -56.95 -21.42
C ARG C 742 5.74 -57.57 -21.17
N ASP C 743 5.65 -58.48 -20.20
CA ASP C 743 4.40 -59.17 -19.94
C ASP C 743 3.31 -58.24 -19.41
N SER C 744 3.67 -57.25 -18.61
CA SER C 744 2.70 -56.21 -18.28
C SER C 744 2.26 -55.48 -19.52
N ILE C 745 3.20 -55.22 -20.43
CA ILE C 745 2.91 -54.47 -21.64
C ILE C 745 1.86 -55.18 -22.48
N ILE C 746 2.10 -56.45 -22.76
CA ILE C 746 1.22 -57.21 -23.64
C ILE C 746 -0.19 -57.24 -23.08
N ALA C 747 -0.31 -57.25 -21.75
CA ALA C 747 -1.61 -57.06 -21.13
C ALA C 747 -2.11 -55.64 -21.36
N PHE C 748 -1.20 -54.66 -21.40
CA PHE C 748 -1.63 -53.30 -21.66
C PHE C 748 -2.26 -53.17 -23.03
N PHE C 749 -1.62 -53.70 -24.06
CA PHE C 749 -2.20 -53.77 -25.38
C PHE C 749 -3.06 -55.01 -25.56
N GLN C 750 -3.52 -55.61 -24.46
CA GLN C 750 -4.36 -56.80 -24.59
C GLN C 750 -5.72 -56.45 -25.18
N PRO C 751 -6.53 -55.57 -24.57
CA PRO C 751 -7.92 -55.44 -25.02
C PRO C 751 -8.04 -54.93 -26.44
N ILE C 752 -7.13 -54.07 -26.86
CA ILE C 752 -7.18 -53.49 -28.20
C ILE C 752 -7.10 -54.57 -29.27
N LEU C 753 -6.38 -55.65 -28.99
CA LEU C 753 -6.18 -56.70 -29.97
C LEU C 753 -7.45 -57.47 -30.28
N GLU C 754 -8.46 -57.35 -29.43
CA GLU C 754 -9.76 -57.94 -29.70
C GLU C 754 -10.82 -56.91 -29.99
N LEU C 755 -10.67 -55.69 -29.47
CA LEU C 755 -11.55 -54.59 -29.85
C LEU C 755 -11.50 -54.36 -31.35
N ILE C 756 -10.34 -54.61 -31.96
CA ILE C 756 -10.20 -54.48 -33.40
C ILE C 756 -11.10 -55.45 -34.14
N LYS C 757 -11.36 -56.62 -33.56
CA LYS C 757 -12.06 -57.68 -34.28
C LYS C 757 -13.51 -57.85 -33.84
N ALA C 758 -14.09 -56.83 -33.18
CA ALA C 758 -15.52 -56.85 -32.87
C ALA C 758 -16.12 -55.46 -33.02
N SER C 759 -15.58 -54.66 -33.94
CA SER C 759 -15.82 -53.22 -33.92
C SER C 759 -17.25 -52.83 -34.32
N PRO C 760 -17.74 -53.15 -35.51
CA PRO C 760 -18.90 -52.44 -36.05
C PRO C 760 -20.22 -52.75 -35.36
N THR C 761 -20.20 -53.56 -34.30
CA THR C 761 -21.38 -53.82 -33.52
C THR C 761 -21.17 -53.60 -32.03
N GLU C 762 -19.97 -53.83 -31.50
CA GLU C 762 -19.68 -53.62 -30.10
C GLU C 762 -19.46 -52.15 -29.76
N LEU C 763 -19.33 -51.30 -30.77
CA LEU C 763 -19.14 -49.89 -30.56
C LEU C 763 -20.23 -49.11 -31.30
N PRO C 764 -20.67 -48.00 -30.76
CA PRO C 764 -21.71 -47.19 -31.39
C PRO C 764 -21.22 -46.32 -32.54
N GLY C 765 -20.42 -46.91 -33.42
CA GLY C 765 -19.95 -46.21 -34.60
C GLY C 765 -20.08 -47.05 -35.86
N GLY C 766 -20.38 -48.34 -35.69
CA GLY C 766 -20.62 -49.20 -36.84
C GLY C 766 -22.07 -49.20 -37.26
N ILE C 767 -22.94 -48.64 -36.44
CA ILE C 767 -24.39 -48.63 -36.70
C ILE C 767 -24.84 -47.18 -36.85
N PRO C 768 -25.55 -46.83 -37.91
CA PRO C 768 -26.23 -45.53 -37.95
C PRO C 768 -27.33 -45.49 -36.91
N ARG C 769 -27.39 -44.39 -36.17
CA ARG C 769 -28.21 -44.33 -34.97
C ARG C 769 -29.70 -44.48 -35.31
N LYS C 770 -30.45 -44.99 -34.34
CA LYS C 770 -31.83 -45.36 -34.56
C LYS C 770 -32.73 -44.14 -34.48
N ARG C 771 -33.59 -43.98 -35.50
CA ARG C 771 -34.56 -42.90 -35.49
C ARG C 771 -35.59 -43.13 -34.39
N ARG C 772 -36.10 -42.04 -33.82
CA ARG C 772 -37.15 -42.09 -32.82
C ARG C 772 -38.41 -41.45 -33.37
N VAL C 773 -39.56 -41.96 -32.94
CA VAL C 773 -40.85 -41.37 -33.28
C VAL C 773 -41.70 -41.35 -32.01
N LEU C 774 -42.43 -40.25 -31.83
CA LEU C 774 -43.38 -40.13 -30.74
C LEU C 774 -44.61 -39.40 -31.27
N PRO C 775 -45.80 -39.88 -30.95
CA PRO C 775 -47.02 -39.20 -31.41
C PRO C 775 -47.11 -37.79 -30.84
N GLU C 776 -48.00 -37.00 -31.44
CA GLU C 776 -48.16 -35.61 -31.05
C GLU C 776 -48.84 -35.44 -29.71
N LEU C 777 -49.29 -36.52 -29.07
CA LEU C 777 -49.88 -36.49 -27.73
C LEU C 777 -51.02 -35.48 -27.68
N PRO C 778 -52.18 -35.80 -28.25
CA PRO C 778 -53.24 -34.80 -28.49
C PRO C 778 -53.55 -33.93 -27.28
N LEU C 779 -53.63 -32.62 -27.53
CA LEU C 779 -53.62 -31.62 -26.47
C LEU C 779 -55.05 -31.29 -26.07
N ALA C 780 -55.26 -31.11 -24.77
CA ALA C 780 -56.50 -30.54 -24.26
C ALA C 780 -56.48 -29.03 -24.47
N PRO C 781 -55.38 -28.33 -24.10
CA PRO C 781 -55.28 -26.93 -24.47
C PRO C 781 -54.39 -26.73 -25.70
N GLU C 1136 -7.62 -63.30 -35.56
CA GLU C 1136 -7.20 -64.07 -36.73
C GLU C 1136 -5.69 -64.26 -36.79
N ASP C 1137 -5.29 -65.15 -37.68
CA ASP C 1137 -3.91 -65.31 -38.10
C ASP C 1137 -3.36 -64.09 -38.82
N ARG C 1138 -4.22 -63.17 -39.27
CA ARG C 1138 -3.80 -61.90 -39.84
C ARG C 1138 -3.44 -60.87 -38.77
N LEU C 1139 -3.31 -61.29 -37.51
CA LEU C 1139 -3.14 -60.37 -36.39
C LEU C 1139 -1.84 -60.58 -35.64
N THR C 1140 -1.45 -61.82 -35.39
CA THR C 1140 -0.26 -62.19 -34.64
C THR C 1140 1.03 -61.53 -35.16
N PRO C 1141 1.21 -61.34 -36.47
CA PRO C 1141 2.39 -60.58 -36.90
C PRO C 1141 2.43 -59.17 -36.32
N LEU C 1142 1.30 -58.47 -36.32
CA LEU C 1142 1.25 -57.18 -35.64
C LEU C 1142 1.52 -57.32 -34.15
N LYS C 1143 1.07 -58.44 -33.56
CA LYS C 1143 1.33 -58.68 -32.16
C LYS C 1143 2.82 -58.74 -31.87
N GLN C 1144 3.58 -59.39 -32.74
CA GLN C 1144 5.02 -59.39 -32.57
C GLN C 1144 5.65 -58.08 -32.99
N LEU C 1145 4.98 -57.35 -33.88
CA LEU C 1145 5.46 -56.04 -34.31
C LEU C 1145 5.47 -55.05 -33.17
N LEU C 1146 4.34 -54.90 -32.49
CA LEU C 1146 4.23 -53.94 -31.39
C LEU C 1146 5.30 -54.20 -30.34
N ILE C 1147 5.56 -55.44 -30.05
CA ILE C 1147 6.59 -55.82 -29.11
C ILE C 1147 7.94 -55.81 -29.83
N ASP C 1148 9.00 -55.64 -29.05
CA ASP C 1148 10.39 -55.67 -29.53
C ASP C 1148 10.75 -54.43 -30.31
N SER C 1149 9.77 -53.59 -30.62
CA SER C 1149 10.01 -52.26 -31.14
C SER C 1149 9.89 -51.21 -30.06
N THR C 1150 9.67 -51.62 -28.81
CA THR C 1150 9.43 -50.71 -27.71
C THR C 1150 10.17 -51.09 -26.45
N THR C 1151 10.92 -52.19 -26.47
CA THR C 1151 11.48 -52.75 -25.26
C THR C 1151 12.56 -51.80 -24.76
N GLY C 1152 12.19 -50.98 -23.79
CA GLY C 1152 13.02 -49.90 -23.32
C GLY C 1152 12.29 -48.58 -23.45
N PHE C 1153 11.12 -48.61 -24.06
CA PHE C 1153 10.35 -47.39 -24.30
C PHE C 1153 9.73 -46.90 -23.00
N THR C 1154 9.66 -45.59 -22.84
CA THR C 1154 9.10 -45.05 -21.62
C THR C 1154 7.58 -45.22 -21.63
N VAL C 1155 7.01 -44.94 -20.46
CA VAL C 1155 5.61 -45.22 -20.19
C VAL C 1155 4.72 -44.43 -21.12
N ASP C 1156 5.02 -43.15 -21.29
CA ASP C 1156 4.24 -42.26 -22.12
C ASP C 1156 4.19 -42.72 -23.57
N GLN C 1157 5.21 -43.42 -24.03
CA GLN C 1157 5.28 -43.76 -25.44
C GLN C 1157 4.23 -44.79 -25.81
N LEU C 1158 4.00 -45.75 -24.90
CA LEU C 1158 2.86 -46.63 -25.07
C LEU C 1158 1.55 -45.85 -25.10
N LEU C 1159 1.48 -44.75 -24.35
CA LEU C 1159 0.31 -43.90 -24.39
C LEU C 1159 0.14 -43.28 -25.77
N HIS C 1160 1.24 -42.81 -26.34
CA HIS C 1160 1.22 -42.28 -27.70
C HIS C 1160 0.64 -43.30 -28.65
N LEU C 1161 1.23 -44.49 -28.68
CA LEU C 1161 0.76 -45.54 -29.57
C LEU C 1161 -0.68 -45.88 -29.31
N HIS C 1162 -1.07 -45.88 -28.03
CA HIS C 1162 -2.45 -46.09 -27.64
C HIS C 1162 -3.37 -45.10 -28.33
N SER C 1163 -3.07 -43.81 -28.17
CA SER C 1163 -3.84 -42.77 -28.83
C SER C 1163 -3.89 -42.97 -30.34
N PHE C 1164 -2.75 -43.31 -30.93
CA PHE C 1164 -2.68 -43.42 -32.38
C PHE C 1164 -3.55 -44.55 -32.89
N LEU C 1165 -3.33 -45.76 -32.39
CA LEU C 1165 -4.17 -46.90 -32.74
C LEU C 1165 -5.63 -46.64 -32.44
N TYR C 1166 -5.93 -45.86 -31.40
CA TYR C 1166 -7.31 -45.49 -31.16
C TYR C 1166 -7.85 -44.61 -32.27
N GLN C 1167 -7.02 -43.73 -32.81
CA GLN C 1167 -7.42 -42.98 -34.00
C GLN C 1167 -7.71 -43.92 -35.16
N ILE C 1168 -6.82 -44.89 -35.37
CA ILE C 1168 -6.99 -45.89 -36.42
C ILE C 1168 -8.35 -46.54 -36.31
N ILE C 1169 -8.68 -47.04 -35.12
CA ILE C 1169 -9.92 -47.75 -34.95
C ILE C 1169 -11.11 -46.81 -34.98
N TRP C 1170 -10.94 -45.56 -34.55
CA TRP C 1170 -12.00 -44.60 -34.71
C TRP C 1170 -12.35 -44.43 -36.17
N ASN C 1171 -11.34 -44.48 -37.03
CA ASN C 1171 -11.61 -44.48 -38.46
C ASN C 1171 -12.31 -45.76 -38.89
N THR C 1172 -11.75 -46.91 -38.51
CA THR C 1172 -12.24 -48.22 -38.94
C THR C 1172 -13.47 -48.68 -38.18
N LYS C 1173 -14.09 -47.77 -37.42
CA LYS C 1173 -15.26 -48.09 -36.62
C LYS C 1173 -16.38 -48.72 -37.42
N SER C 1174 -16.46 -48.43 -38.72
CA SER C 1174 -17.51 -48.99 -39.57
C SER C 1174 -16.95 -49.99 -40.57
N GLU C 1175 -15.80 -50.58 -40.27
CA GLU C 1175 -15.19 -51.58 -41.13
C GLU C 1175 -15.73 -52.96 -40.78
N TRP C 1176 -15.81 -53.82 -41.79
CA TRP C 1176 -16.23 -55.20 -41.60
C TRP C 1176 -15.19 -56.13 -42.19
N ASN C 1177 -15.08 -57.31 -41.58
CA ASN C 1177 -14.03 -58.26 -41.94
C ASN C 1177 -12.64 -57.63 -41.75
N ARG C 1178 -12.36 -57.37 -40.48
CA ARG C 1178 -11.10 -56.75 -40.09
C ARG C 1178 -9.97 -57.78 -40.25
N ASN C 1179 -8.79 -57.42 -39.73
CA ASN C 1179 -7.53 -58.11 -40.01
C ASN C 1179 -7.04 -57.80 -41.41
N SER C 1180 -7.74 -56.89 -42.08
CA SER C 1180 -7.27 -56.25 -43.28
C SER C 1180 -6.94 -54.78 -43.01
N VAL C 1181 -7.10 -54.33 -41.76
CA VAL C 1181 -6.96 -52.94 -41.37
C VAL C 1181 -5.72 -52.74 -40.51
N VAL C 1182 -4.76 -53.63 -40.60
CA VAL C 1182 -3.65 -53.63 -39.66
C VAL C 1182 -2.48 -52.82 -40.17
N ASP C 1183 -2.42 -52.62 -41.49
CA ASP C 1183 -1.30 -51.96 -42.13
C ASP C 1183 -1.06 -50.57 -41.56
N GLU C 1184 -2.13 -49.77 -41.39
CA GLU C 1184 -2.00 -48.47 -40.77
C GLU C 1184 -1.41 -48.59 -39.38
N CYS C 1185 -1.80 -49.64 -38.66
CA CYS C 1185 -1.25 -49.87 -37.33
C CYS C 1185 0.26 -50.04 -37.40
N GLU C 1186 0.73 -51.01 -38.18
CA GLU C 1186 2.17 -51.26 -38.17
C GLU C 1186 2.95 -50.09 -38.76
N ARG C 1187 2.39 -49.43 -39.78
CA ARG C 1187 3.10 -48.27 -40.33
C ARG C 1187 3.18 -47.13 -39.34
N ALA C 1188 2.14 -46.92 -38.52
CA ALA C 1188 2.25 -45.96 -37.44
C ALA C 1188 3.35 -46.37 -36.48
N VAL C 1189 3.48 -47.67 -36.23
CA VAL C 1189 4.60 -48.17 -35.45
C VAL C 1189 5.91 -47.70 -36.07
N LYS C 1190 6.08 -47.97 -37.36
CA LYS C 1190 7.33 -47.65 -38.06
C LYS C 1190 7.65 -46.17 -37.97
N GLU C 1191 6.67 -45.32 -38.30
CA GLU C 1191 6.88 -43.88 -38.24
C GLU C 1191 7.15 -43.42 -36.82
N PHE C 1192 6.65 -44.14 -35.83
CA PHE C 1192 6.72 -43.67 -34.47
C PHE C 1192 8.16 -43.58 -33.96
N MET C 1193 9.05 -44.44 -34.49
CA MET C 1193 10.34 -44.65 -33.86
C MET C 1193 11.23 -43.42 -33.84
N ILE C 1194 10.99 -42.43 -34.68
CA ILE C 1194 11.97 -41.35 -34.81
C ILE C 1194 11.95 -40.51 -33.54
N PRO D 264 -28.20 -25.71 36.04
CA PRO D 264 -27.50 -25.69 34.74
C PRO D 264 -26.52 -24.53 34.65
N LEU D 265 -25.41 -24.58 35.39
CA LEU D 265 -24.53 -23.43 35.49
C LEU D 265 -23.13 -23.76 34.98
N GLY D 266 -22.97 -23.77 33.66
CA GLY D 266 -21.95 -22.94 33.02
C GLY D 266 -20.72 -22.69 33.85
N VAL D 267 -20.62 -21.43 34.25
CA VAL D 267 -19.66 -20.86 35.18
C VAL D 267 -19.44 -21.80 36.37
N ASP D 268 -18.22 -21.86 36.88
CA ASP D 268 -17.86 -22.70 38.01
C ASP D 268 -18.06 -21.93 39.32
N SER D 269 -17.93 -22.64 40.43
CA SER D 269 -18.26 -22.06 41.74
C SER D 269 -17.10 -22.10 42.73
N SER D 270 -15.90 -21.71 42.30
CA SER D 270 -14.73 -21.60 43.16
C SER D 270 -14.34 -20.13 43.22
N LEU D 271 -14.68 -19.45 44.30
CA LEU D 271 -14.52 -18.01 44.39
C LEU D 271 -13.67 -17.64 45.60
N SER D 272 -13.40 -16.33 45.74
CA SER D 272 -12.47 -15.79 46.74
C SER D 272 -11.04 -16.23 46.44
N PHE D 273 -10.60 -15.94 45.22
CA PHE D 273 -9.28 -16.33 44.74
C PHE D 273 -9.12 -17.85 44.78
N GLU D 274 -10.22 -18.53 44.51
CA GLU D 274 -10.27 -19.98 44.42
C GLU D 274 -10.19 -20.48 42.99
N SER D 275 -10.33 -19.58 42.00
CA SER D 275 -10.13 -19.89 40.59
C SER D 275 -8.72 -19.63 40.11
N VAL D 276 -7.94 -18.86 40.86
CA VAL D 276 -6.53 -18.61 40.56
C VAL D 276 -5.72 -19.33 41.64
N GLY D 277 -6.28 -20.43 42.14
CA GLY D 277 -5.70 -21.18 43.23
C GLY D 277 -4.31 -21.73 42.96
N GLY D 278 -3.38 -21.40 43.86
CA GLY D 278 -2.00 -21.81 43.71
C GLY D 278 -1.07 -20.62 43.68
N LEU D 279 -1.66 -19.41 43.67
CA LEU D 279 -0.93 -18.16 43.53
C LEU D 279 -1.42 -17.18 44.60
N ASP D 280 -0.83 -17.26 45.79
CA ASP D 280 -1.17 -16.32 46.85
C ASP D 280 -0.26 -15.10 46.87
N ASN D 281 0.83 -15.11 46.11
CA ASN D 281 1.75 -13.97 46.15
C ASN D 281 1.10 -12.73 45.55
N TYR D 282 0.48 -12.86 44.37
CA TYR D 282 -0.24 -11.72 43.81
C TYR D 282 -1.47 -11.39 44.64
N ILE D 283 -2.05 -12.39 45.30
CA ILE D 283 -3.16 -12.15 46.20
C ILE D 283 -2.73 -11.19 47.30
N ASN D 284 -1.61 -11.51 47.96
CA ASN D 284 -1.08 -10.63 48.99
C ASN D 284 -0.71 -9.28 48.41
N GLN D 285 -0.10 -9.29 47.22
CA GLN D 285 0.32 -8.07 46.55
C GLN D 285 -0.83 -7.10 46.31
N LEU D 286 -1.99 -7.62 45.90
CA LEU D 286 -3.16 -6.81 45.68
C LEU D 286 -3.88 -6.45 46.96
N LYS D 287 -3.92 -7.35 47.95
CA LYS D 287 -4.56 -7.05 49.22
C LYS D 287 -3.84 -5.98 50.02
N GLU D 288 -2.70 -5.50 49.53
CA GLU D 288 -1.99 -4.36 50.09
C GLU D 288 -2.49 -3.03 49.55
N MET D 289 -3.25 -3.03 48.46
CA MET D 289 -3.43 -1.84 47.66
C MET D 289 -4.87 -1.36 47.60
N VAL D 290 -5.80 -2.25 47.22
CA VAL D 290 -7.23 -1.97 47.22
C VAL D 290 -7.77 -2.10 48.64
N MET D 291 -7.22 -3.04 49.39
CA MET D 291 -7.64 -3.32 50.75
C MET D 291 -7.22 -2.21 51.71
N LEU D 292 -6.12 -1.53 51.41
CA LEU D 292 -5.59 -0.54 52.34
C LEU D 292 -6.37 0.78 52.42
N PRO D 293 -6.82 1.40 51.32
CA PRO D 293 -7.54 2.68 51.45
C PRO D 293 -8.79 2.55 52.31
N LEU D 294 -9.42 1.40 52.26
CA LEU D 294 -10.57 1.07 53.09
C LEU D 294 -10.16 0.39 54.38
N LEU D 295 -8.90 -0.02 54.49
CA LEU D 295 -8.37 -0.52 55.75
C LEU D 295 -8.01 0.64 56.67
N TYR D 296 -7.24 1.59 56.18
CA TYR D 296 -6.82 2.75 56.97
C TYR D 296 -7.26 4.02 56.28
N PRO D 297 -8.48 4.50 56.55
CA PRO D 297 -8.85 5.84 56.08
C PRO D 297 -8.26 6.96 56.91
N GLU D 298 -7.72 6.65 58.09
CA GLU D 298 -7.18 7.67 58.97
C GLU D 298 -5.89 8.29 58.43
N ILE D 299 -5.15 7.55 57.62
CA ILE D 299 -3.86 8.01 57.11
C ILE D 299 -4.07 8.80 55.84
N PHE D 300 -5.34 8.97 55.46
CA PHE D 300 -5.70 9.77 54.30
C PHE D 300 -5.69 11.26 54.58
N GLN D 301 -5.58 11.67 55.84
CA GLN D 301 -5.25 13.04 56.18
C GLN D 301 -4.20 13.14 57.28
N ARG D 302 -3.99 12.08 58.08
CA ARG D 302 -2.79 12.04 58.92
C ARG D 302 -1.54 12.08 58.06
N PHE D 303 -1.60 11.42 56.90
CA PHE D 303 -0.53 11.44 55.93
C PHE D 303 -1.02 11.76 54.54
N ASN D 304 -2.33 11.94 54.36
CA ASN D 304 -3.00 12.60 53.23
C ASN D 304 -2.37 12.27 51.89
N MET D 305 -2.32 10.98 51.60
CA MET D 305 -1.83 10.49 50.33
C MET D 305 -2.87 9.53 49.75
N GLN D 306 -2.61 9.10 48.54
CA GLN D 306 -3.50 8.14 47.88
C GLN D 306 -2.88 6.75 47.93
N PRO D 307 -3.32 5.90 48.84
CA PRO D 307 -2.95 4.48 48.79
C PRO D 307 -3.28 3.90 47.44
N PRO D 308 -2.33 3.16 46.84
CA PRO D 308 -2.47 2.74 45.44
C PRO D 308 -3.68 1.85 45.19
N ARG D 309 -4.59 2.31 44.34
CA ARG D 309 -5.76 1.53 43.97
C ARG D 309 -5.90 1.52 42.45
N GLY D 310 -6.34 0.37 41.93
CA GLY D 310 -6.45 0.16 40.50
C GLY D 310 -5.53 -0.97 40.09
N VAL D 311 -6.08 -2.05 39.56
CA VAL D 311 -5.28 -3.23 39.22
C VAL D 311 -5.52 -3.59 37.76
N LEU D 312 -4.44 -3.90 37.06
CA LEU D 312 -4.54 -4.47 35.72
C LEU D 312 -4.51 -5.98 35.83
N PHE D 313 -5.66 -6.62 35.72
CA PHE D 313 -5.69 -8.05 35.50
C PHE D 313 -5.14 -8.32 34.12
N HIS D 314 -4.03 -9.06 34.06
CA HIS D 314 -3.40 -9.29 32.77
C HIS D 314 -2.68 -10.62 32.78
N GLY D 315 -2.58 -11.22 31.60
CA GLY D 315 -2.05 -12.56 31.47
C GLY D 315 -2.68 -13.27 30.30
N PRO D 316 -2.17 -14.46 29.98
CA PRO D 316 -2.69 -15.19 28.82
C PRO D 316 -4.09 -15.72 29.08
N PRO D 317 -4.94 -15.72 28.06
CA PRO D 317 -6.25 -16.37 28.20
C PRO D 317 -6.09 -17.85 28.50
N GLY D 318 -7.03 -18.38 29.27
CA GLY D 318 -6.94 -19.74 29.77
C GLY D 318 -6.78 -19.66 31.28
N THR D 319 -5.94 -18.73 31.73
CA THR D 319 -5.96 -18.33 33.13
C THR D 319 -7.25 -17.61 33.47
N GLY D 320 -7.86 -16.97 32.48
CA GLY D 320 -8.97 -16.08 32.72
C GLY D 320 -8.48 -14.70 33.16
N LYS D 321 -9.32 -13.71 32.94
CA LYS D 321 -9.14 -12.38 33.50
C LYS D 321 -10.28 -11.98 34.40
N THR D 322 -11.36 -12.75 34.41
CA THR D 322 -12.64 -12.40 35.00
C THR D 322 -13.01 -13.27 36.18
N LEU D 323 -12.73 -14.57 36.12
CA LEU D 323 -12.87 -15.43 37.27
C LEU D 323 -12.05 -14.94 38.45
N MET D 324 -10.86 -14.42 38.20
CA MET D 324 -10.09 -13.71 39.20
C MET D 324 -10.79 -12.46 39.70
N ALA D 325 -11.60 -11.82 38.88
CA ALA D 325 -12.33 -10.64 39.34
C ALA D 325 -13.27 -10.97 40.50
N ARG D 326 -14.14 -11.97 40.34
CA ARG D 326 -14.97 -12.38 41.46
C ARG D 326 -14.18 -13.17 42.49
N ALA D 327 -13.02 -13.69 42.10
CA ALA D 327 -12.09 -14.19 43.11
C ALA D 327 -11.76 -13.10 44.13
N LEU D 328 -11.28 -11.95 43.64
CA LEU D 328 -11.03 -10.83 44.54
C LEU D 328 -12.32 -10.30 45.15
N ALA D 329 -13.42 -10.38 44.40
CA ALA D 329 -14.70 -9.90 44.92
C ALA D 329 -15.10 -10.65 46.17
N ALA D 330 -14.87 -11.96 46.19
CA ALA D 330 -15.10 -12.74 47.40
C ALA D 330 -14.00 -12.57 48.42
N ALA D 331 -12.77 -12.29 47.97
CA ALA D 331 -11.68 -11.98 48.88
C ALA D 331 -11.82 -10.61 49.55
N CYS D 332 -12.79 -9.82 49.12
CA CYS D 332 -13.07 -8.54 49.76
C CYS D 332 -14.48 -8.40 50.31
N SER D 333 -15.45 -9.21 49.85
CA SER D 333 -16.84 -9.02 50.25
C SER D 333 -17.02 -9.25 51.75
N SER D 334 -16.66 -10.44 52.24
CA SER D 334 -16.70 -10.69 53.67
C SER D 334 -15.47 -10.13 54.38
N GLU D 335 -14.34 -10.02 53.69
CA GLU D 335 -13.17 -9.39 54.28
C GLU D 335 -13.45 -7.93 54.60
N ASN D 336 -14.27 -7.27 53.79
CA ASN D 336 -14.71 -5.90 54.03
C ASN D 336 -16.20 -5.90 54.35
N LYS D 337 -16.53 -5.75 55.63
CA LYS D 337 -17.91 -5.58 56.07
C LYS D 337 -18.09 -4.10 56.41
N LYS D 338 -18.61 -3.35 55.45
CA LYS D 338 -19.01 -3.94 54.18
C LYS D 338 -18.50 -3.17 52.97
N VAL D 339 -18.43 -3.87 51.84
CA VAL D 339 -18.08 -3.26 50.57
C VAL D 339 -19.08 -3.70 49.53
N SER D 340 -19.41 -2.77 48.63
CA SER D 340 -20.29 -3.05 47.50
C SER D 340 -19.44 -3.14 46.23
N PHE D 341 -20.08 -3.59 45.16
CA PHE D 341 -19.39 -3.93 43.93
C PHE D 341 -20.08 -3.32 42.73
N TYR D 342 -19.28 -2.90 41.75
CA TYR D 342 -19.78 -2.37 40.49
C TYR D 342 -19.03 -3.07 39.36
N MET D 343 -19.78 -3.84 38.56
CA MET D 343 -19.20 -4.76 37.59
C MET D 343 -19.44 -4.22 36.19
N ARG D 344 -18.36 -4.09 35.40
CA ARG D 344 -18.48 -3.64 34.02
C ARG D 344 -17.76 -4.61 33.11
N LYS D 345 -18.50 -5.19 32.16
CA LYS D 345 -17.99 -6.19 31.24
C LYS D 345 -18.34 -5.81 29.82
N GLY D 346 -17.41 -6.04 28.89
CA GLY D 346 -17.67 -5.81 27.49
C GLY D 346 -17.63 -4.34 27.12
N ALA D 347 -17.37 -4.11 25.84
CA ALA D 347 -17.22 -2.75 25.31
C ALA D 347 -18.60 -2.20 24.92
N ASP D 348 -19.44 -2.02 25.93
CA ASP D 348 -20.78 -1.50 25.73
C ASP D 348 -20.93 -0.07 26.23
N CYS D 349 -19.82 0.65 26.39
CA CYS D 349 -19.85 2.04 26.80
C CYS D 349 -19.57 2.96 25.61
N LEU D 350 -20.17 2.67 24.45
CA LEU D 350 -20.10 3.50 23.27
C LEU D 350 -21.47 4.05 22.90
N SER D 351 -21.46 4.85 21.83
CA SER D 351 -22.66 5.39 21.21
C SER D 351 -22.24 6.28 20.05
N LYS D 352 -23.22 6.81 19.33
CA LYS D 352 -22.98 7.95 18.46
C LYS D 352 -22.91 9.27 19.20
N TRP D 353 -23.55 9.41 20.35
CA TRP D 353 -23.32 10.58 21.18
C TRP D 353 -22.05 10.44 22.00
N VAL D 354 -21.24 11.50 21.96
CA VAL D 354 -20.09 11.67 22.85
C VAL D 354 -20.52 11.67 24.31
N GLY D 355 -21.78 11.98 24.60
CA GLY D 355 -22.28 12.05 25.96
C GLY D 355 -22.95 10.79 26.45
N GLU D 356 -23.31 9.87 25.56
CA GLU D 356 -23.89 8.61 26.00
C GLU D 356 -22.85 7.71 26.68
N ALA D 357 -21.75 7.44 25.98
CA ALA D 357 -20.60 6.79 26.60
C ALA D 357 -20.09 7.58 27.79
N GLU D 358 -20.18 8.90 27.72
CA GLU D 358 -19.77 9.78 28.80
C GLU D 358 -20.56 9.45 30.06
N ARG D 359 -21.88 9.59 29.97
CA ARG D 359 -22.80 9.39 31.07
C ARG D 359 -22.86 7.96 31.57
N GLN D 360 -22.53 6.97 30.74
CA GLN D 360 -22.55 5.61 31.28
C GLN D 360 -21.53 5.45 32.40
N LEU D 361 -20.26 5.70 32.08
CA LEU D 361 -19.23 5.66 33.11
C LEU D 361 -19.48 6.70 34.20
N ARG D 362 -20.03 7.86 33.84
CA ARG D 362 -20.32 8.86 34.87
C ARG D 362 -21.39 8.37 35.84
N LEU D 363 -22.41 7.67 35.33
CA LEU D 363 -23.47 7.12 36.16
C LEU D 363 -22.94 6.07 37.09
N LEU D 364 -22.19 5.10 36.55
CA LEU D 364 -21.55 4.11 37.41
C LEU D 364 -20.66 4.79 38.46
N PHE D 365 -19.95 5.84 38.07
CA PHE D 365 -19.08 6.51 39.03
C PHE D 365 -19.89 7.12 40.17
N GLU D 366 -20.94 7.88 39.86
CA GLU D 366 -21.61 8.56 40.96
C GLU D 366 -22.41 7.57 41.80
N GLU D 367 -23.01 6.56 41.17
CA GLU D 367 -23.73 5.55 41.92
C GLU D 367 -22.80 4.75 42.82
N ALA D 368 -21.53 4.61 42.45
CA ALA D 368 -20.54 4.17 43.43
C ALA D 368 -20.28 5.25 44.46
N LYS D 369 -20.41 6.52 44.07
CA LYS D 369 -20.29 7.66 44.97
C LYS D 369 -21.51 7.82 45.87
N SER D 370 -22.70 7.48 45.36
CA SER D 370 -23.92 7.45 46.15
C SER D 370 -24.08 6.15 46.91
N THR D 371 -22.97 5.47 47.14
CA THR D 371 -22.88 4.18 47.79
C THR D 371 -21.94 4.31 48.97
N GLN D 372 -22.00 3.33 49.86
CA GLN D 372 -20.98 3.16 50.89
C GLN D 372 -19.69 2.70 50.22
N PRO D 373 -18.63 2.47 51.02
CA PRO D 373 -17.40 1.85 50.49
C PRO D 373 -17.61 0.74 49.46
N SER D 374 -17.09 0.95 48.25
CA SER D 374 -17.42 0.13 47.10
C SER D 374 -16.19 -0.07 46.22
N ILE D 375 -16.33 -0.97 45.23
CA ILE D 375 -15.30 -1.22 44.25
C ILE D 375 -15.96 -1.39 42.88
N ILE D 376 -15.15 -1.29 41.83
CA ILE D 376 -15.64 -1.30 40.46
C ILE D 376 -14.78 -2.28 39.67
N PHE D 377 -15.42 -3.04 38.78
CA PHE D 377 -14.74 -4.04 37.96
C PHE D 377 -14.83 -3.64 36.50
N PHE D 378 -13.68 -3.31 35.90
CA PHE D 378 -13.54 -3.20 34.45
C PHE D 378 -13.06 -4.52 33.87
N ASP D 379 -14.02 -5.33 33.41
CA ASP D 379 -13.70 -6.27 32.37
C ASP D 379 -13.65 -5.56 31.02
N GLU D 380 -12.74 -6.02 30.17
CA GLU D 380 -12.67 -5.55 28.78
C GLU D 380 -12.32 -4.07 28.73
N ILE D 381 -11.21 -3.71 29.38
CA ILE D 381 -10.72 -2.34 29.26
C ILE D 381 -10.26 -2.04 27.84
N ASP D 382 -9.82 -3.07 27.10
CA ASP D 382 -9.39 -2.87 25.72
C ASP D 382 -10.54 -2.40 24.83
N GLY D 383 -11.76 -2.82 25.12
CA GLY D 383 -12.89 -2.38 24.33
C GLY D 383 -13.54 -1.11 24.85
N LEU D 384 -13.67 -1.01 26.16
CA LEU D 384 -14.23 0.18 26.76
C LEU D 384 -13.23 1.32 26.82
N ALA D 385 -11.94 1.01 26.69
CA ALA D 385 -10.89 2.03 26.65
C ALA D 385 -9.85 1.65 25.59
N PRO D 386 -10.23 1.67 24.31
CA PRO D 386 -9.26 1.36 23.25
C PRO D 386 -8.40 2.56 22.89
N VAL D 387 -7.49 2.41 21.92
CA VAL D 387 -6.65 3.53 21.51
C VAL D 387 -7.46 4.53 20.67
N ARG D 388 -7.23 5.82 20.95
CA ARG D 388 -7.61 6.86 20.00
C ARG D 388 -7.10 6.60 18.59
N SER D 389 -8.03 6.36 17.67
CA SER D 389 -7.74 6.45 16.24
C SER D 389 -8.34 7.77 15.77
N SER D 390 -7.53 8.83 15.78
CA SER D 390 -7.98 10.21 15.68
C SER D 390 -8.23 10.64 14.24
N LYS D 391 -8.42 9.68 13.33
CA LYS D 391 -8.69 10.03 11.94
C LYS D 391 -10.16 9.99 11.59
N GLN D 392 -10.94 9.08 12.17
CA GLN D 392 -12.39 9.09 11.96
C GLN D 392 -13.19 8.89 13.23
N GLU D 393 -12.63 8.33 14.29
CA GLU D 393 -13.39 8.00 15.49
C GLU D 393 -12.78 8.78 16.66
N GLN D 394 -13.44 9.84 17.08
CA GLN D 394 -12.96 10.65 18.19
C GLN D 394 -13.87 10.61 19.41
N ILE D 395 -14.79 9.63 19.49
CA ILE D 395 -15.37 9.30 20.79
C ILE D 395 -14.34 8.59 21.65
N HIS D 396 -13.32 8.00 21.02
CA HIS D 396 -12.21 7.42 21.77
C HIS D 396 -11.51 8.47 22.63
N ALA D 397 -11.33 9.67 22.08
CA ALA D 397 -10.77 10.76 22.87
C ALA D 397 -11.61 11.02 24.11
N SER D 398 -12.93 11.11 23.93
CA SER D 398 -13.82 11.41 25.05
C SER D 398 -13.75 10.32 26.11
N ILE D 399 -13.78 9.05 25.69
CA ILE D 399 -13.86 7.96 26.66
C ILE D 399 -12.54 7.80 27.41
N VAL D 400 -11.42 7.96 26.72
CA VAL D 400 -10.12 7.84 27.40
C VAL D 400 -9.92 9.02 28.34
N SER D 401 -10.30 10.22 27.89
CA SER D 401 -10.15 11.39 28.74
C SER D 401 -11.02 11.28 29.99
N THR D 402 -12.27 10.82 29.85
CA THR D 402 -13.13 10.72 31.02
C THR D 402 -12.72 9.58 31.93
N LEU D 403 -12.25 8.45 31.39
CA LEU D 403 -11.73 7.41 32.26
C LEU D 403 -10.48 7.85 33.01
N LEU D 404 -9.66 8.71 32.42
CA LEU D 404 -8.51 9.25 33.13
C LEU D 404 -8.89 10.30 34.16
N ALA D 405 -9.88 11.13 33.84
CA ALA D 405 -10.39 12.13 34.77
C ALA D 405 -11.16 11.51 35.93
N LEU D 406 -11.76 10.34 35.74
CA LEU D 406 -12.36 9.61 36.85
C LEU D 406 -11.31 9.21 37.87
N MET D 407 -10.05 9.04 37.44
CA MET D 407 -8.97 8.79 38.37
C MET D 407 -8.42 10.09 38.95
N ASP D 408 -7.78 10.90 38.11
CA ASP D 408 -7.16 12.16 38.53
C ASP D 408 -7.55 13.29 37.59
N GLY D 409 -8.84 13.42 37.32
CA GLY D 409 -9.32 14.57 36.58
C GLY D 409 -10.26 15.42 37.40
N MET D 410 -11.51 15.52 36.95
CA MET D 410 -12.55 16.19 37.70
C MET D 410 -13.04 15.35 38.88
N GLU D 411 -12.76 14.05 38.87
CA GLU D 411 -13.22 13.14 39.90
C GLU D 411 -12.05 12.30 40.41
N SER D 412 -11.81 12.36 41.71
CA SER D 412 -10.72 11.58 42.28
C SER D 412 -11.07 10.09 42.25
N ARG D 413 -10.09 9.26 42.61
CA ARG D 413 -10.36 7.84 42.77
C ARG D 413 -11.19 7.54 44.00
N GLY D 414 -11.34 8.51 44.91
CA GLY D 414 -12.18 8.43 46.08
C GLY D 414 -11.88 7.21 46.93
N GLN D 415 -12.93 6.66 47.51
CA GLN D 415 -12.85 5.41 48.27
C GLN D 415 -13.23 4.20 47.43
N VAL D 416 -13.38 4.38 46.12
CA VAL D 416 -13.63 3.28 45.20
C VAL D 416 -12.33 2.96 44.48
N ILE D 417 -12.30 1.80 43.83
CA ILE D 417 -11.10 1.31 43.17
C ILE D 417 -11.48 0.78 41.79
N ILE D 418 -10.54 0.87 40.85
CA ILE D 418 -10.78 0.49 39.47
C ILE D 418 -9.90 -0.71 39.14
N ILE D 419 -10.46 -1.66 38.39
CA ILE D 419 -9.77 -2.88 38.00
C ILE D 419 -9.99 -3.08 36.51
N GLY D 420 -8.94 -2.86 35.73
CA GLY D 420 -8.98 -3.06 34.30
C GLY D 420 -8.61 -4.50 33.95
N ALA D 421 -9.56 -5.21 33.36
CA ALA D 421 -9.35 -6.57 32.90
C ALA D 421 -8.85 -6.52 31.46
N THR D 422 -7.64 -7.03 31.23
CA THR D 422 -6.94 -6.90 29.97
C THR D 422 -6.43 -8.26 29.52
N ASN D 423 -6.49 -8.49 28.21
CA ASN D 423 -5.96 -9.72 27.62
C ASN D 423 -4.75 -9.48 26.74
N ARG D 424 -4.59 -8.29 26.16
CA ARG D 424 -3.43 -8.01 25.33
C ARG D 424 -2.95 -6.63 25.77
N PRO D 425 -1.64 -6.36 25.67
CA PRO D 425 -1.13 -5.02 25.99
C PRO D 425 -1.14 -4.04 24.83
N ASP D 426 -1.63 -4.42 23.66
CA ASP D 426 -1.62 -3.54 22.50
C ASP D 426 -2.93 -2.79 22.29
N ALA D 427 -3.94 -3.05 23.11
CA ALA D 427 -5.24 -2.40 22.98
C ALA D 427 -5.42 -1.23 23.94
N VAL D 428 -4.33 -0.72 24.50
CA VAL D 428 -4.36 0.43 25.40
C VAL D 428 -3.30 1.42 24.97
N ASP D 429 -3.67 2.68 24.85
CA ASP D 429 -2.68 3.73 24.73
C ASP D 429 -1.90 3.82 26.04
N PRO D 430 -0.71 4.43 26.02
CA PRO D 430 0.12 4.54 27.23
C PRO D 430 -0.35 5.61 28.21
N ALA D 431 -1.65 5.63 28.49
CA ALA D 431 -2.23 6.57 29.45
C ALA D 431 -3.06 5.88 30.52
N LEU D 432 -3.05 4.54 30.58
CA LEU D 432 -3.87 3.80 31.53
C LEU D 432 -3.07 3.00 32.54
N ARG D 433 -2.03 2.28 32.12
CA ARG D 433 -1.18 1.54 33.04
C ARG D 433 -0.13 2.41 33.71
N ARG D 434 -0.28 3.73 33.67
CA ARG D 434 0.60 4.64 34.37
C ARG D 434 0.18 4.78 35.83
N PRO D 435 1.08 5.26 36.68
CA PRO D 435 0.68 5.60 38.06
C PRO D 435 -0.36 6.70 38.05
N GLY D 436 -1.20 6.70 39.08
CA GLY D 436 -2.31 7.60 39.19
C GLY D 436 -3.65 6.99 38.83
N ARG D 437 -3.66 5.97 37.99
CA ARG D 437 -4.88 5.25 37.66
C ARG D 437 -4.91 3.86 38.27
N PHE D 438 -3.87 3.07 38.02
CA PHE D 438 -3.76 1.72 38.55
C PHE D 438 -2.42 1.55 39.24
N ASP D 439 -1.39 2.20 38.70
CA ASP D 439 -0.06 2.28 39.29
C ASP D 439 0.74 0.98 39.16
N ARG D 440 0.11 -0.10 38.71
CA ARG D 440 0.76 -1.41 38.71
C ARG D 440 0.26 -2.25 37.54
N GLU D 441 0.89 -3.41 37.37
CA GLU D 441 0.48 -4.41 36.39
C GLU D 441 0.47 -5.78 37.04
N PHE D 442 -0.53 -6.59 36.72
CA PHE D 442 -0.68 -7.92 37.31
C PHE D 442 -0.76 -8.96 36.22
N TYR D 443 0.23 -9.84 36.18
CA TYR D 443 0.32 -10.93 35.21
C TYR D 443 0.12 -12.26 35.93
N PHE D 444 -0.47 -13.22 35.24
CA PHE D 444 -0.77 -14.52 35.83
C PHE D 444 0.01 -15.64 35.13
N PRO D 445 0.92 -16.30 35.84
CA PRO D 445 1.94 -17.14 35.20
C PRO D 445 1.58 -18.59 34.95
N LEU D 446 0.29 -18.96 34.94
CA LEU D 446 -0.05 -20.35 34.65
C LEU D 446 0.49 -21.31 35.71
N PRO D 447 -0.19 -21.42 36.89
CA PRO D 447 0.26 -22.30 37.99
C PRO D 447 0.76 -23.66 37.53
N ASP D 448 2.03 -23.93 37.81
CA ASP D 448 2.77 -24.90 37.01
C ASP D 448 2.47 -26.34 37.41
N ARG D 449 2.85 -26.75 38.62
CA ARG D 449 2.72 -28.15 39.01
C ARG D 449 1.83 -28.35 40.23
N ASP D 450 2.14 -27.67 41.33
CA ASP D 450 1.43 -27.89 42.57
C ASP D 450 0.47 -26.73 42.83
N ALA D 451 0.80 -25.52 42.42
CA ALA D 451 -0.25 -24.56 42.13
C ALA D 451 -1.20 -25.13 41.10
N ARG D 452 -0.64 -25.78 40.07
CA ARG D 452 -1.42 -26.65 39.21
C ARG D 452 -2.18 -27.70 40.01
N LYS D 453 -1.56 -28.25 41.06
CA LYS D 453 -2.24 -29.24 41.88
C LYS D 453 -3.46 -28.65 42.58
N LYS D 454 -3.35 -27.42 43.07
CA LYS D 454 -4.47 -26.82 43.78
C LYS D 454 -5.58 -26.46 42.81
N ILE D 455 -5.22 -26.00 41.62
CA ILE D 455 -6.25 -25.66 40.65
C ILE D 455 -6.85 -26.92 40.01
N ILE D 456 -6.15 -28.05 40.05
CA ILE D 456 -6.80 -29.27 39.56
C ILE D 456 -7.67 -29.88 40.65
N GLU D 457 -7.29 -29.71 41.91
CA GLU D 457 -8.09 -30.28 42.99
C GLU D 457 -9.29 -29.43 43.35
N ILE D 458 -9.25 -28.12 43.08
CA ILE D 458 -10.38 -27.27 43.42
C ILE D 458 -11.60 -27.65 42.57
N HIS D 459 -11.39 -28.02 41.31
CA HIS D 459 -12.50 -28.50 40.49
C HIS D 459 -12.98 -29.87 40.93
N THR D 460 -12.12 -30.65 41.57
CA THR D 460 -12.53 -31.92 42.16
C THR D 460 -13.18 -31.74 43.51
N ARG D 461 -13.13 -30.53 44.06
CA ARG D 461 -13.91 -30.16 45.24
C ARG D 461 -15.40 -30.18 44.96
N ASN D 462 -15.81 -30.28 43.70
CA ASN D 462 -17.21 -30.26 43.30
C ASN D 462 -17.89 -31.62 43.40
N TRP D 463 -17.12 -32.70 43.33
CA TRP D 463 -17.68 -34.04 43.42
C TRP D 463 -17.91 -34.41 44.87
N ASP D 464 -19.17 -34.55 45.27
CA ASP D 464 -19.47 -34.96 46.63
C ASP D 464 -19.02 -36.41 46.83
N PRO D 465 -19.36 -37.33 45.93
CA PRO D 465 -18.72 -38.65 45.96
C PRO D 465 -17.22 -38.52 45.83
N PRO D 466 -16.46 -39.30 46.58
CA PRO D 466 -15.00 -39.18 46.54
C PRO D 466 -14.45 -39.53 45.17
N VAL D 467 -13.59 -38.68 44.66
CA VAL D 467 -12.97 -38.89 43.36
C VAL D 467 -11.50 -39.21 43.55
N PRO D 468 -10.87 -39.93 42.64
CA PRO D 468 -9.42 -40.10 42.73
C PRO D 468 -8.71 -38.81 42.40
N GLU D 469 -8.22 -38.14 43.43
CA GLU D 469 -7.34 -36.99 43.28
C GLU D 469 -6.12 -37.13 44.16
N TRP D 470 -6.15 -38.04 45.14
CA TRP D 470 -4.96 -38.45 45.86
C TRP D 470 -3.85 -38.91 44.91
N LEU D 471 -4.22 -39.54 43.80
CA LEU D 471 -3.23 -39.94 42.82
C LEU D 471 -2.54 -38.75 42.20
N CYS D 472 -3.24 -37.62 42.08
CA CYS D 472 -2.57 -36.36 41.81
C CYS D 472 -1.52 -36.11 42.89
N SER D 473 -0.42 -35.48 42.52
CA SER D 473 -0.24 -34.83 41.24
C SER D 473 0.31 -35.71 40.12
N MET D 474 -0.32 -36.87 39.88
CA MET D 474 -0.11 -37.59 38.64
C MET D 474 -1.06 -37.13 37.54
N LEU D 475 -1.99 -36.24 37.85
CA LEU D 475 -2.78 -35.60 36.81
C LEU D 475 -2.30 -34.19 36.54
N ALA D 476 -1.73 -33.52 37.55
CA ALA D 476 -1.23 -32.17 37.34
C ALA D 476 0.13 -32.16 36.66
N GLU D 477 0.72 -33.33 36.39
CA GLU D 477 1.95 -33.38 35.63
C GLU D 477 1.74 -32.80 34.24
N LYS D 478 0.91 -33.47 33.47
CA LYS D 478 0.63 -33.20 32.07
C LYS D 478 -0.38 -32.07 31.87
N SER D 479 -1.04 -31.63 32.92
CA SER D 479 -1.87 -30.44 32.84
C SER D 479 -0.95 -29.24 32.91
N LYS D 480 -0.79 -28.55 31.80
CA LYS D 480 0.11 -27.40 31.72
C LYS D 480 -0.29 -26.58 30.50
N GLY D 481 -0.40 -25.27 30.67
CA GLY D 481 -0.81 -24.40 29.59
C GLY D 481 -2.30 -24.33 29.36
N TYR D 482 -3.11 -24.78 30.31
CA TYR D 482 -4.57 -24.76 30.18
C TYR D 482 -5.20 -23.65 31.01
N GLY D 483 -4.40 -22.90 31.76
CA GLY D 483 -4.99 -21.98 32.72
C GLY D 483 -5.80 -22.74 33.74
N GLY D 484 -6.99 -22.22 34.03
CA GLY D 484 -7.90 -22.91 34.94
C GLY D 484 -9.18 -23.32 34.24
N ALA D 485 -9.59 -22.53 33.26
CA ALA D 485 -10.82 -22.85 32.54
C ALA D 485 -10.64 -24.13 31.72
N ASP D 486 -9.48 -24.31 31.11
CA ASP D 486 -9.24 -25.52 30.35
C ASP D 486 -9.02 -26.73 31.25
N LEU D 487 -8.51 -26.53 32.46
CA LEU D 487 -8.53 -27.62 33.43
C LEU D 487 -9.97 -27.97 33.81
N ARG D 488 -10.84 -26.98 33.85
CA ARG D 488 -12.26 -27.27 34.03
C ARG D 488 -12.80 -28.06 32.85
N ALA D 489 -12.35 -27.73 31.64
CA ALA D 489 -12.67 -28.56 30.49
C ALA D 489 -12.16 -29.97 30.67
N LEU D 490 -10.99 -30.12 31.28
CA LEU D 490 -10.42 -31.44 31.53
C LEU D 490 -11.31 -32.24 32.46
N CYS D 491 -11.74 -31.63 33.57
CA CYS D 491 -12.59 -32.37 34.50
C CYS D 491 -13.95 -32.66 33.90
N THR D 492 -14.50 -31.73 33.11
CA THR D 492 -15.76 -32.01 32.41
C THR D 492 -15.61 -33.18 31.46
N GLU D 493 -14.50 -33.23 30.71
CA GLU D 493 -14.34 -34.27 29.71
C GLU D 493 -14.16 -35.62 30.37
N ALA D 494 -13.32 -35.69 31.39
CA ALA D 494 -13.19 -36.95 32.14
C ALA D 494 -14.50 -37.32 32.80
N ALA D 495 -15.30 -36.33 33.20
CA ALA D 495 -16.61 -36.58 33.75
C ALA D 495 -17.48 -37.34 32.77
N LEU D 496 -17.76 -36.75 31.61
CA LEU D 496 -18.65 -37.42 30.68
C LEU D 496 -18.03 -38.69 30.11
N ASN D 497 -16.69 -38.77 30.15
CA ASN D 497 -16.03 -40.04 29.87
C ASN D 497 -16.51 -41.11 30.83
N SER D 498 -16.50 -40.81 32.12
CA SER D 498 -17.04 -41.74 33.10
C SER D 498 -18.52 -41.96 32.90
N ILE D 499 -19.23 -40.94 32.41
CA ILE D 499 -20.64 -41.11 32.04
C ILE D 499 -20.78 -42.24 31.02
N LYS D 500 -20.05 -42.14 29.91
CA LYS D 500 -20.09 -43.17 28.90
C LYS D 500 -19.70 -44.52 29.46
N ARG D 501 -18.61 -44.55 30.24
CA ARG D 501 -18.17 -45.79 30.86
C ARG D 501 -19.26 -46.40 31.72
N THR D 502 -20.11 -45.58 32.31
CA THR D 502 -21.26 -46.07 33.05
C THR D 502 -22.37 -46.51 32.12
N TYR D 503 -22.87 -45.59 31.29
CA TYR D 503 -24.10 -45.83 30.57
C TYR D 503 -23.90 -45.73 29.07
N PRO D 504 -23.93 -46.85 28.35
CA PRO D 504 -24.11 -46.83 26.90
C PRO D 504 -25.57 -46.69 26.45
N GLN D 505 -26.51 -46.53 27.38
CA GLN D 505 -27.89 -46.23 27.03
C GLN D 505 -28.08 -44.78 26.63
N LEU D 506 -27.00 -44.01 26.50
CA LEU D 506 -27.10 -42.62 26.08
C LEU D 506 -27.46 -42.53 24.60
N TYR D 507 -26.59 -43.04 23.75
CA TYR D 507 -26.95 -43.32 22.37
C TYR D 507 -27.85 -44.55 22.34
N ARG D 508 -28.26 -44.94 21.12
CA ARG D 508 -29.13 -46.08 20.85
C ARG D 508 -30.30 -46.14 21.82
N SER D 509 -30.85 -44.98 22.16
CA SER D 509 -31.92 -44.90 23.13
C SER D 509 -32.78 -43.71 22.72
N THR D 510 -33.99 -43.99 22.25
CA THR D 510 -34.75 -42.94 21.58
C THR D 510 -35.57 -42.05 22.55
N LYS D 511 -36.51 -42.65 23.28
CA LYS D 511 -37.38 -41.87 24.13
C LYS D 511 -36.63 -41.34 25.34
N ARG D 512 -37.02 -40.15 25.78
CA ARG D 512 -36.54 -39.63 27.05
C ARG D 512 -36.86 -40.63 28.16
N LEU D 513 -35.94 -40.78 29.09
CA LEU D 513 -36.03 -41.86 30.06
C LEU D 513 -35.31 -41.45 31.33
N GLN D 514 -35.28 -42.36 32.29
CA GLN D 514 -34.75 -42.12 33.61
C GLN D 514 -33.74 -43.20 33.96
N ILE D 515 -33.20 -43.10 35.17
CA ILE D 515 -32.12 -43.95 35.65
C ILE D 515 -32.47 -44.45 37.04
N ASP D 516 -31.51 -45.10 37.67
CA ASP D 516 -31.51 -45.19 39.12
C ASP D 516 -30.81 -43.96 39.68
N PRO D 517 -31.37 -43.28 40.71
CA PRO D 517 -30.95 -41.91 40.98
C PRO D 517 -29.65 -41.74 41.75
N LYS D 518 -28.61 -42.49 41.37
CA LYS D 518 -27.25 -42.20 41.83
C LYS D 518 -26.30 -42.88 40.85
N THR D 519 -25.76 -42.10 39.92
CA THR D 519 -24.99 -42.68 38.81
C THR D 519 -23.87 -41.75 38.39
N ILE D 520 -22.70 -41.93 38.98
CA ILE D 520 -21.44 -41.74 38.25
C ILE D 520 -20.31 -42.29 39.10
N LYS D 521 -19.34 -42.92 38.45
CA LYS D 521 -18.18 -43.49 39.12
C LYS D 521 -17.04 -43.26 38.15
N VAL D 522 -16.04 -42.48 38.55
CA VAL D 522 -15.01 -42.02 37.61
C VAL D 522 -13.86 -43.01 37.60
N LYS D 523 -13.28 -43.21 36.43
CA LYS D 523 -12.11 -44.05 36.22
C LYS D 523 -10.93 -43.21 35.78
N VAL D 524 -9.73 -43.70 36.11
CA VAL D 524 -8.51 -43.08 35.60
C VAL D 524 -8.51 -43.06 34.09
N LYS D 525 -9.00 -44.13 33.47
CA LYS D 525 -9.13 -44.18 32.02
C LYS D 525 -9.89 -42.98 31.49
N ASP D 526 -10.96 -42.56 32.18
CA ASP D 526 -11.71 -41.39 31.76
C ASP D 526 -10.86 -40.14 31.83
N PHE D 527 -10.05 -40.02 32.87
CA PHE D 527 -9.12 -38.89 32.96
C PHE D 527 -8.19 -38.87 31.77
N VAL D 528 -7.66 -40.04 31.37
CA VAL D 528 -6.72 -40.05 30.25
C VAL D 528 -7.46 -39.78 28.94
N MET D 529 -8.70 -40.26 28.83
CA MET D 529 -9.56 -39.88 27.70
C MET D 529 -9.60 -38.37 27.56
N SER D 530 -10.06 -37.69 28.61
CA SER D 530 -10.08 -36.24 28.62
C SER D 530 -8.70 -35.66 28.36
N MET D 531 -7.66 -36.38 28.79
CA MET D 531 -6.31 -35.89 28.65
C MET D 531 -5.92 -35.78 27.18
N LYS D 532 -6.32 -36.76 26.37
CA LYS D 532 -5.85 -36.79 24.99
C LYS D 532 -6.62 -35.86 24.08
N ARG D 533 -7.89 -35.57 24.39
CA ARG D 533 -8.76 -34.99 23.38
C ARG D 533 -8.51 -33.52 23.13
N MET D 534 -7.83 -32.81 24.03
CA MET D 534 -7.72 -31.36 23.93
C MET D 534 -6.29 -30.90 24.18
N ILE D 535 -6.08 -29.60 23.96
CA ILE D 535 -4.76 -29.02 23.85
C ILE D 535 -4.66 -27.82 24.79
N PRO D 536 -3.48 -27.50 25.31
CA PRO D 536 -3.35 -26.33 26.18
C PRO D 536 -3.38 -25.02 25.40
N SER D 537 -3.29 -23.92 26.15
CA SER D 537 -3.62 -22.60 25.63
C SER D 537 -2.49 -21.97 24.81
N SER D 538 -1.23 -22.13 25.25
CA SER D 538 -0.11 -21.54 24.51
C SER D 538 -0.04 -22.06 23.09
N GLU D 539 -0.53 -23.26 22.86
CA GLU D 539 -0.48 -23.94 21.58
C GLU D 539 -1.90 -24.34 21.19
N ARG D 540 -2.61 -23.38 20.62
CA ARG D 540 -3.82 -23.65 19.84
C ARG D 540 -3.48 -23.72 18.36
N SER D 541 -2.62 -22.82 17.91
CA SER D 541 -2.03 -22.89 16.58
C SER D 541 -0.57 -22.44 16.56
N SER D 542 0.11 -22.38 17.71
CA SER D 542 1.53 -22.09 17.77
C SER D 542 2.21 -23.06 18.73
N ILE D 543 3.18 -23.82 18.23
CA ILE D 543 3.91 -24.78 19.07
C ILE D 543 4.73 -24.02 20.11
N SER D 544 4.83 -24.57 21.31
CA SER D 544 5.65 -23.95 22.34
C SER D 544 7.08 -24.45 22.22
N PRO D 545 8.08 -23.57 22.33
CA PRO D 545 9.47 -23.98 22.19
C PRO D 545 10.05 -24.68 23.42
N SER D 546 9.32 -24.75 24.52
CA SER D 546 9.81 -25.40 25.73
C SER D 546 8.96 -26.64 26.00
N LYS D 547 9.62 -27.79 26.04
CA LYS D 547 8.98 -29.07 26.35
C LYS D 547 9.97 -29.98 27.04
N PRO D 548 9.55 -30.69 28.07
CA PRO D 548 10.48 -31.54 28.82
C PRO D 548 10.95 -32.70 27.96
N LEU D 549 12.09 -33.27 28.38
CA LEU D 549 12.68 -34.37 27.65
C LEU D 549 11.81 -35.62 27.75
N SER D 550 11.81 -36.43 26.70
CA SER D 550 11.10 -37.70 26.77
C SER D 550 11.89 -38.66 27.66
N PRO D 551 11.21 -39.61 28.29
CA PRO D 551 11.88 -40.51 29.23
C PRO D 551 12.98 -41.33 28.60
N GLU D 552 12.81 -41.73 27.35
CA GLU D 552 13.79 -42.52 26.63
C GLU D 552 15.01 -41.73 26.22
N LEU D 553 14.87 -40.43 25.96
CA LEU D 553 16.04 -39.60 25.79
C LEU D 553 16.82 -39.46 27.08
N LYS D 554 16.16 -39.60 28.21
CA LYS D 554 16.83 -39.46 29.50
C LYS D 554 18.05 -40.35 29.65
N PRO D 555 17.97 -41.67 29.42
CA PRO D 555 19.16 -42.52 29.56
C PRO D 555 20.28 -42.17 28.59
N LEU D 556 20.02 -41.34 27.59
CA LEU D 556 21.06 -40.90 26.68
C LEU D 556 21.28 -39.41 26.69
N LEU D 557 20.57 -38.66 27.54
CA LEU D 557 20.69 -37.22 27.54
C LEU D 557 20.88 -36.59 28.92
N ASN D 558 20.42 -37.21 30.00
CA ASN D 558 20.54 -36.59 31.31
C ASN D 558 21.98 -36.37 31.70
N GLU D 559 22.86 -37.30 31.32
CA GLU D 559 24.28 -37.18 31.62
C GLU D 559 24.84 -35.84 31.17
N ALA D 560 24.50 -35.40 29.97
CA ALA D 560 24.98 -34.10 29.52
C ALA D 560 24.10 -32.98 30.05
N PHE D 561 22.79 -33.22 30.15
CA PHE D 561 21.87 -32.16 30.53
C PHE D 561 22.15 -31.66 31.93
N GLN D 562 22.53 -32.57 32.84
CA GLN D 562 22.90 -32.16 34.18
C GLN D 562 24.05 -31.19 34.17
N ASP D 563 25.14 -31.54 33.48
CA ASP D 563 26.30 -30.67 33.41
C ASP D 563 25.94 -29.34 32.77
N ILE D 564 25.11 -29.37 31.74
CA ILE D 564 24.79 -28.16 31.01
C ILE D 564 23.94 -27.24 31.87
N GLU D 565 22.97 -27.79 32.57
CA GLU D 565 22.11 -26.96 33.40
C GLU D 565 22.88 -26.46 34.62
N LYS D 566 23.79 -27.28 35.15
CA LYS D 566 24.76 -26.80 36.11
C LYS D 566 25.49 -25.58 35.59
N THR D 567 26.01 -25.68 34.37
CA THR D 567 26.81 -24.61 33.81
C THR D 567 26.00 -23.34 33.65
N LEU D 568 24.78 -23.45 33.13
CA LEU D 568 23.94 -22.28 33.01
C LEU D 568 23.60 -21.68 34.37
N GLN D 569 23.36 -22.53 35.37
CA GLN D 569 23.17 -22.03 36.72
C GLN D 569 24.40 -21.27 37.19
N LYS D 570 25.58 -21.71 36.77
CA LYS D 570 26.79 -20.94 37.03
C LYS D 570 26.72 -19.58 36.35
N LEU D 571 26.67 -19.58 35.02
CA LEU D 571 26.58 -18.34 34.26
C LEU D 571 25.26 -17.64 34.48
N MET D 572 24.24 -18.34 34.96
CA MET D 572 22.98 -17.72 35.36
C MET D 572 22.59 -18.29 36.71
N PRO D 573 23.02 -17.67 37.81
CA PRO D 573 22.61 -18.14 39.13
C PRO D 573 21.13 -17.93 39.41
N VAL D 574 20.41 -17.23 38.54
CA VAL D 574 18.98 -17.09 38.70
C VAL D 574 18.32 -18.42 38.37
N ALA D 575 17.58 -18.96 39.34
CA ALA D 575 16.78 -20.14 39.09
C ALA D 575 15.42 -20.10 39.76
N SER D 576 15.11 -19.07 40.54
CA SER D 576 13.85 -19.01 41.27
C SER D 576 13.45 -17.56 41.42
N LYS D 577 12.29 -17.34 42.05
CA LYS D 577 11.70 -16.02 42.21
C LYS D 577 11.77 -15.63 43.68
N LEU D 578 12.37 -14.48 43.96
CA LEU D 578 12.57 -14.02 45.33
C LEU D 578 11.39 -13.16 45.78
N ASN D 579 10.72 -13.59 46.84
CA ASN D 579 9.57 -12.86 47.34
C ASN D 579 10.04 -11.68 48.20
N PRO D 580 9.72 -10.44 47.81
CA PRO D 580 10.04 -9.31 48.69
C PRO D 580 9.22 -9.30 49.97
N LEU D 581 8.06 -9.96 49.98
CA LEU D 581 7.29 -10.12 51.21
C LEU D 581 8.12 -10.80 52.30
N GLU D 582 8.91 -11.80 51.93
CA GLU D 582 9.75 -12.47 52.89
C GLU D 582 10.99 -11.67 53.25
N GLU D 583 11.51 -10.87 52.31
CA GLU D 583 12.54 -9.90 52.65
C GLU D 583 12.13 -8.99 53.80
N VAL D 584 11.01 -8.28 53.67
CA VAL D 584 10.53 -7.44 54.75
C VAL D 584 9.98 -8.25 55.91
N MET D 585 9.78 -9.57 55.71
CA MET D 585 9.47 -10.45 56.84
C MET D 585 10.68 -10.67 57.74
N TYR D 586 11.89 -10.54 57.21
CA TYR D 586 13.11 -10.66 58.00
C TYR D 586 14.02 -9.48 57.69
N ASP D 587 14.02 -8.49 58.56
CA ASP D 587 14.86 -7.31 58.45
C ASP D 587 15.93 -7.35 59.52
N ASP D 588 17.00 -6.60 59.28
CA ASP D 588 18.08 -6.46 60.23
C ASP D 588 18.14 -5.04 60.76
N PRO D 589 18.58 -4.86 62.01
CA PRO D 589 18.82 -3.51 62.53
C PRO D 589 20.07 -2.85 61.95
N LYS D 590 20.93 -3.63 61.29
CA LYS D 590 22.14 -3.10 60.68
C LYS D 590 21.86 -2.57 59.27
N GLU D 591 20.86 -1.71 59.17
CA GLU D 591 20.52 -1.11 57.88
C GLU D 591 19.91 0.25 58.15
N ASN D 592 20.75 1.28 58.04
CA ASN D 592 20.25 2.65 57.99
C ASN D 592 21.03 3.46 56.95
N ASP D 593 21.72 2.78 56.04
CA ASP D 593 22.62 3.45 55.12
C ASP D 593 22.48 2.81 53.74
N PHE D 594 23.23 3.36 52.79
CA PHE D 594 23.23 2.90 51.41
C PHE D 594 24.41 1.99 51.08
N GLU D 595 25.56 2.17 51.74
CA GLU D 595 26.71 1.32 51.46
C GLU D 595 26.40 -0.12 51.85
N TYR D 596 25.61 -0.32 52.90
CA TYR D 596 25.07 -1.65 53.12
C TYR D 596 24.14 -2.04 51.98
N GLN D 597 23.35 -1.10 51.49
CA GLN D 597 22.56 -1.34 50.29
C GLN D 597 23.46 -1.53 49.07
N GLN D 598 24.59 -0.82 49.04
CA GLN D 598 25.48 -0.93 47.91
C GLN D 598 26.15 -2.31 47.87
N ARG D 599 26.32 -2.94 49.03
CA ARG D 599 26.70 -4.35 49.07
C ARG D 599 25.76 -5.18 48.22
N LEU D 600 24.47 -5.18 48.57
CA LEU D 600 23.52 -6.06 47.90
C LEU D 600 23.38 -5.72 46.43
N GLU D 601 23.32 -4.44 46.08
CA GLU D 601 23.22 -4.10 44.67
C GLU D 601 24.45 -4.52 43.90
N THR D 602 25.62 -4.50 44.52
CA THR D 602 26.83 -4.96 43.85
C THR D 602 26.66 -6.39 43.36
N PHE D 603 26.09 -7.24 44.19
CA PHE D 603 25.86 -8.62 43.82
C PHE D 603 24.66 -8.71 42.90
N GLU D 604 24.68 -9.70 42.02
CA GLU D 604 23.65 -9.93 41.01
C GLU D 604 23.61 -8.85 39.95
N THR D 605 24.51 -7.87 40.04
CA THR D 605 24.57 -6.77 39.08
C THR D 605 25.97 -6.72 38.50
N LEU D 606 26.96 -6.88 39.36
CA LEU D 606 28.35 -6.98 38.95
C LEU D 606 28.84 -8.41 38.92
N ARG D 607 27.96 -9.36 39.22
CA ARG D 607 28.36 -10.75 39.37
C ARG D 607 28.30 -11.52 38.06
N ILE D 608 27.83 -10.91 36.97
CA ILE D 608 27.71 -11.61 35.70
C ILE D 608 28.32 -10.78 34.59
N TYR D 609 28.66 -11.45 33.50
CA TYR D 609 29.08 -10.81 32.27
C TYR D 609 28.35 -11.46 31.10
N LYS D 610 27.34 -10.74 30.56
CA LYS D 610 26.78 -10.98 29.24
C LYS D 610 26.45 -12.45 28.97
N PRO D 611 25.41 -12.99 29.59
CA PRO D 611 25.14 -14.43 29.46
C PRO D 611 24.86 -14.83 28.03
N ARG D 612 25.80 -15.55 27.44
CA ARG D 612 25.71 -16.03 26.07
C ARG D 612 26.20 -17.46 26.03
N PHE D 613 25.59 -18.27 25.18
CA PHE D 613 25.92 -19.68 25.19
C PHE D 613 25.67 -20.30 23.82
N LEU D 614 26.52 -21.25 23.48
CA LEU D 614 26.43 -21.98 22.23
C LEU D 614 26.73 -23.45 22.47
N ILE D 615 26.28 -24.30 21.55
CA ILE D 615 26.50 -25.73 21.62
C ILE D 615 27.10 -26.18 20.30
N CYS D 616 28.19 -26.94 20.38
CA CYS D 616 28.73 -27.62 19.22
C CYS D 616 28.41 -29.11 19.32
N GLY D 617 28.15 -29.72 18.17
CA GLY D 617 27.79 -31.12 18.13
C GLY D 617 27.54 -31.52 16.70
N ARG D 618 27.13 -32.77 16.53
CA ARG D 618 26.89 -33.29 15.20
C ARG D 618 25.42 -33.20 14.84
N LYS D 619 25.15 -33.31 13.55
CA LYS D 619 23.77 -33.39 13.08
C LYS D 619 23.13 -34.65 13.65
N GLY D 620 21.89 -34.52 14.13
CA GLY D 620 21.23 -35.64 14.76
C GLY D 620 21.94 -36.15 15.99
N LEU D 621 22.75 -35.30 16.63
CA LEU D 621 23.50 -35.67 17.80
C LEU D 621 22.83 -35.22 19.09
N GLY D 622 21.51 -35.34 19.17
CA GLY D 622 20.78 -34.77 20.28
C GLY D 622 20.50 -33.31 20.10
N GLN D 623 20.85 -32.74 18.96
CA GLN D 623 20.52 -31.36 18.66
C GLN D 623 19.02 -31.16 18.80
N THR D 624 18.65 -30.08 19.49
CA THR D 624 17.26 -29.70 19.80
C THR D 624 16.43 -30.84 20.37
N ALA D 625 17.07 -31.88 20.89
CA ALA D 625 16.36 -32.82 21.74
C ALA D 625 16.27 -32.30 23.15
N LEU D 626 17.32 -31.62 23.60
CA LEU D 626 17.34 -30.86 24.83
C LEU D 626 16.71 -29.49 24.69
N GLY D 627 16.65 -28.98 23.46
CA GLY D 627 16.25 -27.62 23.17
C GLY D 627 15.01 -27.17 23.90
N PRO D 628 13.90 -27.85 23.69
CA PRO D 628 12.67 -27.48 24.41
C PRO D 628 12.77 -27.69 25.90
N ALA D 629 13.62 -28.59 26.36
CA ALA D 629 13.62 -28.95 27.77
C ALA D 629 14.46 -28.01 28.62
N ILE D 630 15.51 -27.42 28.05
CA ILE D 630 16.36 -26.56 28.86
C ILE D 630 15.59 -25.31 29.29
N LEU D 631 14.72 -24.79 28.43
CA LEU D 631 13.73 -23.86 28.94
C LEU D 631 12.78 -24.54 29.89
N GLN D 632 12.48 -25.81 29.64
CA GLN D 632 11.52 -26.55 30.45
C GLN D 632 11.98 -26.74 31.87
N GLN D 633 13.28 -26.65 32.14
CA GLN D 633 13.78 -26.87 33.48
C GLN D 633 13.68 -25.63 34.37
N TYR D 634 13.31 -24.49 33.82
CA TYR D 634 13.15 -23.30 34.65
C TYR D 634 12.31 -22.28 33.89
N GLU D 635 11.38 -21.66 34.61
CA GLU D 635 10.37 -20.81 33.99
C GLU D 635 10.31 -19.45 34.67
N GLY D 636 9.28 -18.68 34.35
CA GLY D 636 9.15 -17.36 34.91
C GLY D 636 10.21 -16.39 34.43
N VAL D 637 10.68 -16.58 33.20
CA VAL D 637 11.81 -15.84 32.67
C VAL D 637 11.43 -15.25 31.33
N HIS D 638 12.06 -14.13 30.98
CA HIS D 638 11.75 -13.44 29.74
C HIS D 638 12.36 -14.19 28.58
N VAL D 639 11.59 -14.36 27.51
CA VAL D 639 11.98 -15.26 26.43
C VAL D 639 11.60 -14.69 25.07
N GLN D 640 12.20 -15.28 24.05
CA GLN D 640 11.76 -15.20 22.67
C GLN D 640 12.73 -16.05 21.84
N SER D 641 12.48 -16.11 20.54
CA SER D 641 13.37 -16.81 19.64
C SER D 641 13.82 -15.88 18.52
N PHE D 642 15.09 -15.97 18.15
CA PHE D 642 15.56 -15.40 16.90
C PHE D 642 15.43 -16.38 15.75
N ASP D 643 14.44 -17.26 15.80
CA ASP D 643 14.32 -18.25 14.74
C ASP D 643 13.50 -17.69 13.59
N MET D 644 13.78 -18.20 12.40
CA MET D 644 13.25 -17.60 11.18
C MET D 644 11.73 -17.70 11.12
N SER D 645 11.15 -18.61 11.91
CA SER D 645 9.71 -18.66 12.09
C SER D 645 9.14 -17.29 12.43
N THR D 646 9.85 -16.54 13.28
CA THR D 646 9.45 -15.18 13.61
C THR D 646 10.30 -14.14 12.91
N LEU D 647 11.51 -14.50 12.50
CA LEU D 647 12.33 -13.57 11.73
C LEU D 647 11.64 -13.22 10.41
N LEU D 648 11.39 -14.21 9.58
CA LEU D 648 10.65 -14.03 8.35
C LEU D 648 9.15 -14.01 8.57
N GLN D 649 8.71 -14.08 9.83
CA GLN D 649 7.30 -13.92 10.15
C GLN D 649 6.80 -12.56 9.71
N ASP D 650 7.62 -11.54 9.86
CA ASP D 650 7.19 -10.17 9.62
C ASP D 650 7.10 -9.90 8.12
N SER D 651 6.01 -9.30 7.69
CA SER D 651 5.82 -8.93 6.29
C SER D 651 5.71 -7.43 6.07
N THR D 652 5.07 -6.71 6.98
CA THR D 652 4.85 -5.28 6.85
C THR D 652 6.01 -4.44 7.33
N GLN D 653 7.05 -5.07 7.90
CA GLN D 653 8.25 -4.36 8.30
C GLN D 653 9.46 -5.11 7.77
N SER D 654 10.55 -4.36 7.58
CA SER D 654 11.75 -4.96 7.04
C SER D 654 12.29 -6.00 8.00
N ILE D 655 13.17 -6.85 7.48
CA ILE D 655 13.74 -7.91 8.28
C ILE D 655 14.58 -7.32 9.42
N GLU D 656 15.40 -6.32 9.11
CA GLU D 656 16.17 -5.66 10.15
C GLU D 656 15.25 -4.90 11.08
N THR D 657 14.13 -4.40 10.57
CA THR D 657 13.10 -3.88 11.44
C THR D 657 12.62 -4.95 12.42
N SER D 658 12.48 -6.18 11.95
CA SER D 658 12.15 -7.28 12.85
C SER D 658 13.23 -7.47 13.88
N ILE D 659 14.49 -7.34 13.45
CA ILE D 659 15.63 -7.44 14.37
C ILE D 659 15.46 -6.43 15.48
N ILE D 660 15.20 -5.19 15.12
CA ILE D 660 15.11 -4.15 16.14
C ILE D 660 13.88 -4.36 16.98
N HIS D 661 12.81 -4.89 16.39
CA HIS D 661 11.60 -5.12 17.17
C HIS D 661 11.82 -6.20 18.23
N LEU D 662 12.57 -7.25 17.91
CA LEU D 662 12.80 -8.29 18.90
C LEU D 662 13.83 -7.84 19.93
N PHE D 663 14.90 -7.20 19.47
CA PHE D 663 15.85 -6.59 20.40
C PHE D 663 15.18 -5.51 21.23
N LEU D 664 14.05 -4.98 20.75
CA LEU D 664 13.32 -3.96 21.46
C LEU D 664 12.34 -4.59 22.43
N GLU D 665 11.90 -5.80 22.13
CA GLU D 665 11.23 -6.60 23.14
C GLU D 665 12.19 -6.86 24.29
N VAL D 666 13.45 -7.13 23.96
CA VAL D 666 14.47 -7.31 24.99
C VAL D 666 14.84 -5.96 25.60
N ARG D 667 14.61 -4.86 24.86
CA ARG D 667 14.74 -3.51 25.41
C ARG D 667 14.05 -3.41 26.76
N ARG D 668 12.84 -3.99 26.85
CA ARG D 668 12.18 -4.27 28.10
C ARG D 668 13.14 -4.98 29.05
N HIS D 669 13.47 -4.33 30.16
CA HIS D 669 14.41 -4.89 31.11
C HIS D 669 13.78 -6.12 31.75
N THR D 670 14.43 -7.26 31.56
CA THR D 670 14.05 -8.49 32.23
C THR D 670 15.24 -9.43 32.15
N PRO D 671 15.40 -10.33 33.10
CA PRO D 671 16.23 -11.49 32.83
C PRO D 671 15.57 -12.23 31.70
N SER D 672 16.18 -12.18 30.52
CA SER D 672 15.52 -12.55 29.29
C SER D 672 16.38 -13.55 28.54
N ILE D 673 15.87 -14.06 27.44
CA ILE D 673 16.52 -15.16 26.74
C ILE D 673 16.55 -14.87 25.25
N ILE D 674 17.74 -14.88 24.68
CA ILE D 674 17.93 -15.13 23.27
C ILE D 674 17.91 -16.64 23.06
N TYR D 675 17.09 -17.10 22.13
CA TYR D 675 16.96 -18.53 21.85
C TYR D 675 17.13 -18.78 20.36
N ILE D 676 18.16 -19.54 19.99
CA ILE D 676 18.30 -20.05 18.65
C ILE D 676 18.78 -21.50 18.73
N PRO D 677 18.00 -22.46 18.28
CA PRO D 677 18.51 -23.82 18.11
C PRO D 677 18.99 -24.07 16.70
N ASP D 678 20.11 -24.78 16.61
CA ASP D 678 20.75 -25.16 15.34
C ASP D 678 20.89 -23.95 14.42
N ILE D 679 21.71 -23.02 14.89
CA ILE D 679 21.95 -21.76 14.22
C ILE D 679 22.68 -21.96 12.91
N ASP D 680 23.21 -23.17 12.68
CA ASP D 680 24.00 -23.45 11.48
C ASP D 680 23.24 -23.09 10.21
N ASN D 681 21.96 -23.48 10.14
CA ASN D 681 21.11 -23.00 9.06
C ASN D 681 21.00 -21.49 9.09
N TRP D 682 20.80 -20.94 10.29
CA TRP D 682 20.81 -19.51 10.48
C TRP D 682 22.17 -18.94 10.05
N LEU D 683 22.19 -17.63 9.82
CA LEU D 683 23.32 -16.86 9.28
C LEU D 683 23.63 -17.20 7.83
N ASN D 684 22.95 -18.19 7.27
CA ASN D 684 22.80 -18.35 5.84
C ASN D 684 21.41 -17.98 5.38
N VAL D 685 20.46 -17.90 6.31
CA VAL D 685 19.12 -17.43 5.98
C VAL D 685 19.16 -15.96 5.63
N LEU D 686 19.94 -15.20 6.35
CA LEU D 686 19.78 -13.76 6.33
C LEU D 686 20.92 -13.10 5.57
N PRO D 687 20.75 -11.84 5.18
CA PRO D 687 21.84 -11.12 4.51
C PRO D 687 22.96 -10.79 5.49
N LEU D 688 24.03 -10.24 4.94
CA LEU D 688 25.09 -9.68 5.77
C LEU D 688 24.51 -8.66 6.74
N THR D 689 23.60 -7.82 6.27
CA THR D 689 23.08 -6.74 7.10
C THR D 689 22.34 -7.25 8.32
N ALA D 690 21.59 -8.35 8.18
CA ALA D 690 20.96 -8.93 9.36
C ALA D 690 22.01 -9.39 10.37
N ILE D 691 23.10 -9.97 9.87
CA ILE D 691 24.18 -10.43 10.72
C ILE D 691 24.75 -9.25 11.49
N THR D 692 25.15 -8.21 10.76
CA THR D 692 25.72 -7.03 11.38
C THR D 692 24.73 -6.42 12.36
N THR D 693 23.44 -6.48 12.04
CA THR D 693 22.41 -5.96 12.93
C THR D 693 22.43 -6.69 14.26
N PHE D 694 22.34 -8.02 14.21
CA PHE D 694 22.35 -8.81 15.43
C PHE D 694 23.63 -8.58 16.21
N SER D 695 24.76 -8.52 15.51
CA SER D 695 26.04 -8.33 16.19
C SER D 695 26.11 -6.98 16.89
N SER D 696 25.69 -5.93 16.21
CA SER D 696 25.64 -4.61 16.84
C SER D 696 24.73 -4.62 18.05
N MET D 697 23.51 -5.13 17.89
CA MET D 697 22.58 -5.21 18.99
C MET D 697 23.13 -6.02 20.16
N LEU D 698 23.92 -7.05 19.90
CA LEU D 698 24.67 -7.70 20.96
C LEU D 698 25.63 -6.72 21.61
N GLU D 699 26.44 -6.02 20.80
CA GLU D 699 27.24 -4.93 21.33
C GLU D 699 26.38 -3.82 21.90
N ARG D 700 25.13 -3.73 21.47
CA ARG D 700 24.20 -2.71 21.92
C ARG D 700 23.77 -2.97 23.37
N LEU D 701 24.23 -4.08 23.95
CA LEU D 701 23.86 -4.52 25.29
C LEU D 701 25.05 -4.37 26.22
N ASP D 702 24.77 -4.14 27.50
CA ASP D 702 25.81 -4.02 28.51
C ASP D 702 25.96 -5.30 29.31
N PHE D 703 27.19 -5.55 29.75
CA PHE D 703 27.49 -6.74 30.53
C PHE D 703 26.76 -6.77 31.86
N SER D 704 26.42 -5.60 32.41
CA SER D 704 25.77 -5.56 33.71
C SER D 704 24.40 -6.21 33.67
N ASP D 705 23.76 -6.24 32.51
CA ASP D 705 22.44 -6.84 32.41
C ASP D 705 22.53 -8.36 32.36
N GLN D 706 21.50 -9.01 32.87
CA GLN D 706 21.45 -10.46 33.02
C GLN D 706 20.45 -11.02 32.02
N ILE D 707 20.96 -11.49 30.89
CA ILE D 707 20.15 -12.08 29.84
C ILE D 707 20.94 -13.19 29.18
N LEU D 708 20.32 -14.34 29.02
CA LEU D 708 20.96 -15.45 28.33
C LEU D 708 21.00 -15.19 26.84
N PHE D 709 22.13 -15.54 26.23
CA PHE D 709 22.21 -15.75 24.78
C PHE D 709 22.42 -17.24 24.58
N LEU D 710 21.50 -17.89 23.88
CA LEU D 710 21.48 -19.34 23.79
C LEU D 710 21.50 -19.78 22.33
N ALA D 711 22.42 -20.68 22.01
CA ALA D 711 22.51 -21.24 20.67
C ALA D 711 23.10 -22.64 20.75
N LEU D 712 22.90 -23.40 19.68
CA LEU D 712 23.44 -24.73 19.56
C LEU D 712 23.62 -25.03 18.08
N SER D 713 24.56 -25.92 17.77
CA SER D 713 24.95 -26.10 16.38
C SER D 713 24.99 -27.58 16.03
N SER D 714 24.60 -27.88 14.80
CA SER D 714 24.80 -29.21 14.24
C SER D 714 26.22 -29.40 13.71
N SER D 715 27.01 -28.35 13.65
CA SER D 715 28.41 -28.49 13.31
C SER D 715 29.24 -28.53 14.57
N PRO D 716 30.05 -29.55 14.77
CA PRO D 716 30.98 -29.58 15.90
C PRO D 716 31.99 -28.44 15.75
N LEU D 717 32.65 -28.13 16.85
CA LEU D 717 33.60 -27.04 16.84
C LEU D 717 34.77 -27.35 15.92
N SER D 718 35.65 -26.35 15.76
CA SER D 718 36.81 -26.41 14.88
C SER D 718 36.43 -26.31 13.41
N GLU D 719 35.12 -26.28 13.13
CA GLU D 719 34.60 -26.07 11.78
C GLU D 719 33.40 -25.13 11.83
N LEU D 720 33.29 -24.35 12.88
CA LEU D 720 32.13 -23.52 13.11
C LEU D 720 32.19 -22.27 12.23
N HIS D 721 31.03 -21.62 12.09
CA HIS D 721 30.95 -20.44 11.25
C HIS D 721 31.80 -19.31 11.83
N PRO D 722 32.29 -18.42 10.98
CA PRO D 722 33.18 -17.36 11.45
C PRO D 722 32.48 -16.40 12.40
N GLN D 723 31.15 -16.38 12.36
CA GLN D 723 30.37 -15.67 13.36
C GLN D 723 30.27 -16.43 14.66
N LEU D 724 30.52 -17.73 14.65
CA LEU D 724 30.51 -18.47 15.89
C LEU D 724 31.84 -18.42 16.59
N ARG D 725 32.94 -18.46 15.83
CA ARG D 725 34.27 -18.62 16.37
C ARG D 725 34.75 -17.43 17.18
N GLU D 726 33.98 -16.34 17.22
CA GLU D 726 34.36 -15.15 17.97
C GLU D 726 33.31 -14.69 18.96
N TRP D 727 32.03 -14.97 18.72
CA TRP D 727 30.99 -14.47 19.60
C TRP D 727 31.08 -15.07 20.99
N PHE D 728 31.75 -16.21 21.14
CA PHE D 728 31.97 -16.80 22.45
C PHE D 728 33.44 -16.92 22.80
N SER D 729 34.22 -17.61 21.96
CA SER D 729 35.68 -17.69 22.09
C SER D 729 36.13 -18.13 23.47
N SER D 730 35.37 -18.98 24.14
CA SER D 730 35.71 -19.40 25.49
C SER D 730 35.01 -20.70 25.81
N LYS D 731 35.71 -21.55 26.57
CA LYS D 731 35.11 -22.81 27.02
C LYS D 731 33.83 -22.59 27.79
N GLN D 732 33.78 -21.53 28.60
CA GLN D 732 32.63 -21.21 29.42
C GLN D 732 31.53 -20.52 28.64
N SER D 733 31.72 -20.31 27.34
CA SER D 733 30.68 -19.75 26.48
C SER D 733 30.16 -20.77 25.49
N VAL D 734 30.38 -22.06 25.75
CA VAL D 734 30.13 -23.09 24.76
C VAL D 734 30.14 -24.46 25.43
N TYR D 735 29.36 -25.36 24.88
CA TYR D 735 29.34 -26.75 25.31
C TYR D 735 29.66 -27.67 24.14
N SER D 736 30.64 -28.54 24.36
CA SER D 736 31.02 -29.54 23.38
C SER D 736 30.24 -30.83 23.63
N LEU D 737 29.79 -31.47 22.57
CA LEU D 737 29.02 -32.69 22.66
C LEU D 737 29.74 -33.83 21.95
N GLN D 738 29.59 -35.03 22.51
CA GLN D 738 30.20 -36.24 21.99
C GLN D 738 29.11 -37.26 21.67
N TYR D 739 29.53 -38.42 21.19
CA TYR D 739 28.59 -39.50 20.95
C TYR D 739 28.14 -40.11 22.29
N PRO D 740 27.00 -40.79 22.29
CA PRO D 740 26.55 -41.43 23.53
C PRO D 740 27.42 -42.64 23.86
N THR D 741 27.61 -42.87 25.15
CA THR D 741 28.40 -44.01 25.55
C THR D 741 27.58 -45.29 25.45
N ARG D 742 28.28 -46.39 25.18
CA ARG D 742 27.66 -47.70 25.03
C ARG D 742 26.76 -48.04 26.21
N ASP D 743 27.23 -47.77 27.42
CA ASP D 743 26.45 -48.12 28.61
C ASP D 743 25.16 -47.31 28.73
N SER D 744 25.17 -46.05 28.33
CA SER D 744 23.91 -45.34 28.22
C SER D 744 23.00 -46.00 27.20
N ILE D 745 23.59 -46.47 26.10
CA ILE D 745 22.83 -47.07 25.01
C ILE D 745 22.09 -48.30 25.50
N ILE D 746 22.80 -49.21 26.14
CA ILE D 746 22.22 -50.48 26.56
C ILE D 746 21.07 -50.23 27.53
N ALA D 747 21.17 -49.18 28.34
CA ALA D 747 20.02 -48.74 29.11
C ALA D 747 18.93 -48.21 28.21
N PHE D 748 19.29 -47.57 27.10
CA PHE D 748 18.28 -47.06 26.18
C PHE D 748 17.46 -48.20 25.61
N PHE D 749 18.12 -49.25 25.13
CA PHE D 749 17.43 -50.45 24.69
C PHE D 749 17.18 -51.40 25.84
N GLN D 750 17.21 -50.91 27.07
CA GLN D 750 16.95 -51.81 28.20
C GLN D 750 15.50 -52.28 28.24
N PRO D 751 14.49 -51.40 28.32
CA PRO D 751 13.13 -51.88 28.58
C PRO D 751 12.59 -52.78 27.49
N ILE D 752 12.96 -52.52 26.24
CA ILE D 752 12.47 -53.27 25.11
C ILE D 752 12.84 -54.74 25.24
N LEU D 753 14.00 -55.03 25.82
CA LEU D 753 14.50 -56.39 25.94
C LEU D 753 13.66 -57.24 26.86
N GLU D 754 12.83 -56.63 27.69
CA GLU D 754 11.90 -57.36 28.55
C GLU D 754 10.45 -57.17 28.12
N LEU D 755 10.14 -56.04 27.49
CA LEU D 755 8.83 -55.86 26.89
C LEU D 755 8.55 -56.95 25.87
N ILE D 756 9.60 -57.43 25.20
CA ILE D 756 9.44 -58.50 24.23
C ILE D 756 8.96 -59.78 24.90
N LYS D 757 9.33 -60.00 26.15
CA LYS D 757 9.06 -61.27 26.81
C LYS D 757 7.92 -61.20 27.82
N ALA D 758 7.06 -60.19 27.73
CA ALA D 758 5.85 -60.14 28.54
C ALA D 758 4.69 -59.56 27.74
N SER D 759 4.67 -59.79 26.43
CA SER D 759 3.83 -59.00 25.54
C SER D 759 2.34 -59.30 25.67
N PRO D 760 1.86 -60.53 25.44
CA PRO D 760 0.44 -60.73 25.16
C PRO D 760 -0.48 -60.53 26.35
N THR D 761 0.04 -60.12 27.49
CA THR D 761 -0.77 -59.79 28.64
C THR D 761 -0.46 -58.42 29.22
N GLU D 762 0.78 -57.95 29.15
CA GLU D 762 1.16 -56.65 29.65
C GLU D 762 0.77 -55.51 28.72
N LEU D 763 0.35 -55.84 27.50
CA LEU D 763 -0.07 -54.85 26.54
C LEU D 763 -1.48 -55.18 26.06
N PRO D 764 -2.27 -54.17 25.77
CA PRO D 764 -3.65 -54.37 25.32
C PRO D 764 -3.77 -54.76 23.84
N GLY D 765 -2.93 -55.69 23.42
CA GLY D 765 -3.00 -56.20 22.06
C GLY D 765 -2.94 -57.71 22.01
N GLY D 766 -2.61 -58.34 23.13
CA GLY D 766 -2.62 -59.78 23.20
C GLY D 766 -3.97 -60.34 23.60
N ILE D 767 -4.87 -59.49 24.05
CA ILE D 767 -6.18 -59.89 24.54
C ILE D 767 -7.25 -59.26 23.63
N PRO D 768 -8.19 -60.04 23.12
CA PRO D 768 -9.36 -59.43 22.47
C PRO D 768 -10.20 -58.71 23.51
N ARG D 769 -10.63 -57.49 23.18
CA ARG D 769 -11.20 -56.60 24.17
C ARG D 769 -12.50 -57.16 24.74
N LYS D 770 -12.80 -56.77 25.97
CA LYS D 770 -13.90 -57.34 26.73
C LYS D 770 -15.22 -56.72 26.31
N ARG D 771 -16.19 -57.57 26.00
CA ARG D 771 -17.54 -57.10 25.68
C ARG D 771 -18.19 -56.48 26.91
N ARG D 772 -19.03 -55.47 26.68
CA ARG D 772 -19.79 -54.84 27.74
C ARG D 772 -21.26 -55.09 27.54
N VAL D 773 -22.00 -55.19 28.65
CA VAL D 773 -23.45 -55.31 28.61
C VAL D 773 -24.02 -54.40 29.68
N LEU D 774 -25.13 -53.73 29.34
CA LEU D 774 -25.86 -52.91 30.28
C LEU D 774 -27.34 -53.10 30.01
N PRO D 775 -28.15 -53.28 31.05
CA PRO D 775 -29.59 -53.44 30.85
C PRO D 775 -30.20 -52.20 30.22
N GLU D 776 -31.42 -52.37 29.73
CA GLU D 776 -32.12 -51.30 29.03
C GLU D 776 -32.60 -50.18 29.96
N LEU D 777 -32.43 -50.34 31.29
CA LEU D 777 -32.77 -49.32 32.27
C LEU D 777 -34.20 -48.86 32.09
N PRO D 778 -35.18 -49.66 32.52
CA PRO D 778 -36.59 -49.45 32.14
C PRO D 778 -37.07 -48.02 32.34
N LEU D 779 -37.75 -47.50 31.33
CA LEU D 779 -38.02 -46.07 31.21
C LEU D 779 -39.37 -45.76 31.83
N ALA D 780 -39.44 -44.63 32.52
CA ALA D 780 -40.72 -44.06 32.95
C ALA D 780 -41.39 -43.39 31.77
N PRO D 781 -40.67 -42.54 31.01
CA PRO D 781 -41.25 -42.04 29.76
C PRO D 781 -40.73 -42.80 28.54
N GLU D 1136 15.27 -64.86 28.08
CA GLU D 1136 15.80 -66.18 27.78
C GLU D 1136 17.22 -66.12 27.21
N ASP D 1137 17.83 -67.29 27.17
CA ASP D 1137 19.06 -67.54 26.43
C ASP D 1137 18.91 -67.37 24.93
N ARG D 1138 17.68 -67.34 24.42
CA ARG D 1138 17.40 -67.02 23.03
C ARG D 1138 17.43 -65.53 22.74
N LEU D 1139 17.92 -64.72 23.67
CA LEU D 1139 17.84 -63.26 23.59
C LEU D 1139 19.19 -62.58 23.57
N THR D 1140 20.11 -63.03 24.41
CA THR D 1140 21.44 -62.45 24.57
C THR D 1140 22.22 -62.33 23.26
N PRO D 1141 22.10 -63.26 22.30
CA PRO D 1141 22.75 -63.01 21.00
C PRO D 1141 22.26 -61.75 20.32
N LEU D 1142 20.95 -61.51 20.33
CA LEU D 1142 20.44 -60.24 19.83
C LEU D 1142 20.96 -59.08 20.64
N LYS D 1143 21.14 -59.28 21.95
CA LYS D 1143 21.69 -58.23 22.80
C LYS D 1143 23.08 -57.82 22.34
N GLN D 1144 23.91 -58.80 21.98
CA GLN D 1144 25.22 -58.46 21.43
C GLN D 1144 25.13 -57.98 20.00
N LEU D 1145 24.09 -58.38 19.28
CA LEU D 1145 23.87 -57.94 17.92
C LEU D 1145 23.63 -56.44 17.84
N LEU D 1146 22.66 -55.96 18.62
CA LEU D 1146 22.30 -54.55 18.62
C LEU D 1146 23.52 -53.68 18.91
N ILE D 1147 24.34 -54.11 19.84
CA ILE D 1147 25.55 -53.41 20.16
C ILE D 1147 26.64 -53.80 19.17
N ASP D 1148 27.63 -52.92 19.00
CA ASP D 1148 28.80 -53.13 18.16
C ASP D 1148 28.46 -53.02 16.68
N SER D 1149 27.18 -52.94 16.35
CA SER D 1149 26.72 -52.59 15.03
C SER D 1149 26.32 -51.13 14.94
N THR D 1150 26.50 -50.37 16.02
CA THR D 1150 26.04 -49.00 16.11
C THR D 1150 27.06 -48.09 16.76
N THR D 1151 28.20 -48.62 17.18
CA THR D 1151 29.12 -47.85 18.01
C THR D 1151 29.74 -46.77 17.14
N GLY D 1152 29.20 -45.57 17.28
CA GLY D 1152 29.53 -44.46 16.41
C GLY D 1152 28.29 -43.92 15.73
N PHE D 1153 27.17 -44.61 15.93
CA PHE D 1153 25.92 -44.22 15.29
C PHE D 1153 25.36 -42.97 15.94
N THR D 1154 24.74 -42.13 15.13
CA THR D 1154 24.19 -40.90 15.69
C THR D 1154 22.92 -41.21 16.47
N VAL D 1155 22.46 -40.19 17.18
CA VAL D 1155 21.40 -40.32 18.14
C VAL D 1155 20.10 -40.76 17.45
N ASP D 1156 19.79 -40.12 16.34
CA ASP D 1156 18.59 -40.43 15.59
C ASP D 1156 18.52 -41.87 15.13
N GLN D 1157 19.68 -42.50 14.91
CA GLN D 1157 19.67 -43.83 14.34
C GLN D 1157 19.13 -44.85 15.32
N LEU D 1158 19.48 -44.69 16.59
CA LEU D 1158 18.83 -45.48 17.62
C LEU D 1158 17.33 -45.24 17.63
N LEU D 1159 16.90 -44.02 17.32
CA LEU D 1159 15.48 -43.75 17.21
C LEU D 1159 14.84 -44.54 16.08
N HIS D 1160 15.54 -44.59 14.94
CA HIS D 1160 15.08 -45.41 13.81
C HIS D 1160 14.86 -46.84 14.26
N LEU D 1161 15.91 -47.43 14.82
CA LEU D 1161 15.82 -48.83 15.25
C LEU D 1161 14.73 -49.00 16.29
N HIS D 1162 14.58 -48.02 17.17
CA HIS D 1162 13.51 -48.01 18.15
C HIS D 1162 12.15 -48.15 17.47
N SER D 1163 11.87 -47.26 16.52
CA SER D 1163 10.63 -47.31 15.76
C SER D 1163 10.45 -48.66 15.08
N PHE D 1164 11.53 -49.18 14.49
CA PHE D 1164 11.42 -50.41 13.72
C PHE D 1164 11.06 -51.59 14.62
N LEU D 1165 11.87 -51.82 15.65
CA LEU D 1165 11.57 -52.86 16.62
C LEU D 1165 10.21 -52.67 17.26
N TYR D 1166 9.75 -51.43 17.43
CA TYR D 1166 8.40 -51.22 17.90
C TYR D 1166 7.38 -51.70 16.90
N GLN D 1167 7.65 -51.54 15.61
CA GLN D 1167 6.78 -52.14 14.61
C GLN D 1167 6.76 -53.66 14.75
N ILE D 1168 7.95 -54.25 14.91
CA ILE D 1168 8.08 -55.69 15.10
C ILE D 1168 7.16 -56.16 16.21
N ILE D 1169 7.28 -55.51 17.37
CA ILE D 1169 6.51 -55.95 18.52
C ILE D 1169 5.04 -55.61 18.37
N TRP D 1170 4.72 -54.54 17.66
CA TRP D 1170 3.32 -54.27 17.36
C TRP D 1170 2.72 -55.41 16.58
N ASN D 1171 3.51 -56.00 15.69
CA ASN D 1171 3.06 -57.21 15.00
C ASN D 1171 2.95 -58.38 15.97
N THR D 1172 3.99 -58.63 16.76
CA THR D 1172 4.07 -59.79 17.64
C THR D 1172 3.28 -59.60 18.92
N LYS D 1173 2.46 -58.55 18.99
CA LYS D 1173 1.68 -58.23 20.18
C LYS D 1173 0.84 -59.41 20.67
N SER D 1174 0.44 -60.31 19.78
CA SER D 1174 -0.36 -61.47 20.16
C SER D 1174 0.42 -62.77 20.05
N GLU D 1175 1.75 -62.69 20.12
CA GLU D 1175 2.58 -63.88 20.08
C GLU D 1175 2.77 -64.43 21.48
N TRP D 1176 2.93 -65.76 21.56
CA TRP D 1176 3.18 -66.43 22.82
C TRP D 1176 4.42 -67.28 22.68
N ASN D 1177 5.13 -67.44 23.80
CA ASN D 1177 6.43 -68.12 23.80
C ASN D 1177 7.40 -67.42 22.85
N ARG D 1178 7.73 -66.20 23.25
CA ARG D 1178 8.63 -65.36 22.48
C ARG D 1178 10.06 -65.91 22.62
N ASN D 1179 11.03 -65.12 22.13
CA ASN D 1179 12.42 -65.55 21.92
C ASN D 1179 12.50 -66.46 20.69
N SER D 1180 11.38 -66.58 20.00
CA SER D 1180 11.33 -67.14 18.66
C SER D 1180 11.02 -66.06 17.64
N VAL D 1181 10.88 -64.81 18.09
CA VAL D 1181 10.45 -63.69 17.27
C VAL D 1181 11.57 -62.69 17.06
N VAL D 1182 12.83 -63.14 17.21
CA VAL D 1182 13.94 -62.21 17.25
C VAL D 1182 14.55 -62.01 15.88
N ASP D 1183 14.31 -62.96 14.97
CA ASP D 1183 14.92 -62.95 13.65
C ASP D 1183 14.61 -61.68 12.89
N GLU D 1184 13.33 -61.25 12.91
CA GLU D 1184 12.98 -59.99 12.27
C GLU D 1184 13.76 -58.84 12.88
N CYS D 1185 13.97 -58.89 14.19
CA CYS D 1185 14.77 -57.86 14.85
C CYS D 1185 16.17 -57.80 14.26
N GLU D 1186 16.91 -58.92 14.30
CA GLU D 1186 18.29 -58.85 13.85
C GLU D 1186 18.38 -58.57 12.36
N ARG D 1187 17.45 -59.11 11.56
CA ARG D 1187 17.48 -58.81 10.13
C ARG D 1187 17.20 -57.34 9.85
N ALA D 1188 16.31 -56.71 10.62
CA ALA D 1188 16.15 -55.27 10.51
C ALA D 1188 17.45 -54.57 10.85
N VAL D 1189 18.17 -55.08 11.84
CA VAL D 1189 19.50 -54.55 12.12
C VAL D 1189 20.36 -54.62 10.88
N LYS D 1190 20.44 -55.80 10.27
CA LYS D 1190 21.29 -56.01 9.11
C LYS D 1190 20.93 -55.07 7.97
N GLU D 1191 19.65 -55.00 7.62
CA GLU D 1191 19.22 -54.11 6.56
C GLU D 1191 19.48 -52.66 6.90
N PHE D 1192 19.48 -52.32 8.18
CA PHE D 1192 19.56 -50.93 8.59
C PHE D 1192 20.87 -50.28 8.17
N MET D 1193 21.95 -51.06 8.08
CA MET D 1193 23.29 -50.49 8.01
C MET D 1193 23.54 -49.65 6.78
N ILE D 1194 22.77 -49.81 5.71
CA ILE D 1194 23.13 -49.18 4.44
C ILE D 1194 22.94 -47.68 4.57
N PRO E 264 -7.92 12.35 51.35
CA PRO E 264 -7.53 11.40 50.30
C PRO E 264 -7.19 12.08 48.99
N LEU E 265 -6.07 12.81 48.94
CA LEU E 265 -5.79 13.64 47.78
C LEU E 265 -4.49 13.21 47.10
N GLY E 266 -4.56 12.15 46.29
CA GLY E 266 -4.14 12.22 44.91
C GLY E 266 -3.02 13.20 44.63
N VAL E 267 -3.43 14.24 43.93
CA VAL E 267 -2.68 15.44 43.59
C VAL E 267 -1.88 15.93 44.81
N ASP E 268 -0.69 16.47 44.57
CA ASP E 268 0.18 16.97 45.62
C ASP E 268 -0.12 18.44 45.88
N SER E 269 0.50 18.98 46.95
CA SER E 269 0.17 20.33 47.40
C SER E 269 1.36 21.26 47.44
N SER E 270 2.18 21.28 46.39
CA SER E 270 3.31 22.20 46.26
C SER E 270 3.01 23.11 45.07
N LEU E 271 2.58 24.34 45.35
CA LEU E 271 2.11 25.24 44.32
C LEU E 271 2.89 26.55 44.33
N SER E 272 2.57 27.43 43.37
CA SER E 272 3.32 28.66 43.12
C SER E 272 4.72 28.35 42.61
N PHE E 273 4.78 27.57 41.54
CA PHE E 273 6.04 27.13 40.94
C PHE E 273 6.86 26.34 41.96
N GLU E 274 6.14 25.59 42.79
CA GLU E 274 6.73 24.70 43.79
C GLU E 274 6.78 23.26 43.31
N SER E 275 6.11 22.95 42.20
CA SER E 275 6.18 21.64 41.56
C SER E 275 7.24 21.57 40.46
N VAL E 276 7.70 22.71 39.97
CA VAL E 276 8.78 22.79 38.99
C VAL E 276 9.99 23.37 39.73
N GLY E 277 10.07 23.10 41.03
CA GLY E 277 11.10 23.64 41.89
C GLY E 277 12.52 23.29 41.50
N GLY E 278 13.34 24.33 41.34
CA GLY E 278 14.72 24.16 40.91
C GLY E 278 14.99 24.91 39.63
N LEU E 279 13.94 25.50 39.06
CA LEU E 279 14.01 26.19 37.78
C LEU E 279 13.32 27.54 37.89
N ASP E 280 14.07 28.55 38.34
CA ASP E 280 13.53 29.91 38.41
C ASP E 280 13.79 30.72 37.16
N ASN E 281 14.64 30.23 36.25
CA ASN E 281 14.95 31.02 35.05
C ASN E 281 13.72 31.13 34.15
N TYR E 282 13.05 30.01 33.88
CA TYR E 282 11.82 30.10 33.10
C TYR E 282 10.73 30.81 33.88
N ILE E 283 10.75 30.71 35.20
CA ILE E 283 9.82 31.45 36.04
C ILE E 283 9.96 32.94 35.78
N ASN E 284 11.19 33.44 35.86
CA ASN E 284 11.43 34.85 35.56
C ASN E 284 11.07 35.17 34.12
N GLN E 285 11.42 34.27 33.20
CA GLN E 285 11.15 34.47 31.78
C GLN E 285 9.66 34.66 31.51
N LEU E 286 8.81 33.88 32.17
CA LEU E 286 7.37 34.00 32.01
C LEU E 286 6.78 35.17 32.79
N LYS E 287 7.32 35.47 33.98
CA LYS E 287 6.83 36.60 34.77
C LYS E 287 7.12 37.94 34.12
N GLU E 288 7.84 37.96 32.99
CA GLU E 288 8.04 39.14 32.18
C GLU E 288 6.93 39.38 31.18
N MET E 289 6.08 38.39 30.93
CA MET E 289 5.26 38.37 29.73
C MET E 289 3.77 38.41 30.02
N VAL E 290 3.28 37.48 30.86
CA VAL E 290 1.90 37.47 31.32
C VAL E 290 1.72 38.48 32.43
N MET E 291 2.74 38.63 33.26
CA MET E 291 2.72 39.55 34.39
C MET E 291 2.76 41.01 33.94
N LEU E 292 3.36 41.28 32.80
CA LEU E 292 3.55 42.66 32.38
C LEU E 292 2.29 43.36 31.85
N PRO E 293 1.44 42.75 31.03
CA PRO E 293 0.26 43.48 30.53
C PRO E 293 -0.64 43.97 31.65
N LEU E 294 -0.69 43.19 32.72
CA LEU E 294 -1.42 43.54 33.92
C LEU E 294 -0.54 44.27 34.92
N LEU E 295 0.76 44.28 34.70
CA LEU E 295 1.66 45.11 35.50
C LEU E 295 1.61 46.56 35.04
N TYR E 296 1.80 46.78 33.74
CA TYR E 296 1.78 48.14 33.18
C TYR E 296 0.72 48.22 32.11
N PRO E 297 -0.52 48.56 32.46
CA PRO E 297 -1.52 48.88 31.45
C PRO E 297 -1.36 50.26 30.85
N GLU E 298 -0.56 51.12 31.47
CA GLU E 298 -0.37 52.49 30.98
C GLU E 298 0.39 52.55 29.68
N ILE E 299 1.23 51.56 29.40
CA ILE E 299 2.09 51.57 28.22
C ILE E 299 1.34 50.95 27.06
N PHE E 300 0.09 50.57 27.31
CA PHE E 300 -0.78 50.02 26.28
C PHE E 300 -1.39 51.08 25.38
N GLN E 301 -1.26 52.36 25.75
CA GLN E 301 -1.52 53.45 24.81
C GLN E 301 -0.45 54.53 24.87
N ARG E 302 0.33 54.63 25.96
CA ARG E 302 1.54 55.44 25.91
C ARG E 302 2.48 54.92 24.84
N PHE E 303 2.53 53.60 24.69
CA PHE E 303 3.31 52.95 23.65
C PHE E 303 2.50 51.92 22.88
N ASN E 304 1.24 51.72 23.25
CA ASN E 304 0.17 51.07 22.48
C ASN E 304 0.66 49.87 21.68
N MET E 305 1.22 48.92 22.41
CA MET E 305 1.66 47.66 21.83
C MET E 305 1.07 46.52 22.66
N GLN E 306 1.28 45.31 22.18
CA GLN E 306 0.82 44.13 22.90
C GLN E 306 1.99 43.48 23.61
N PRO E 307 2.13 43.69 24.91
CA PRO E 307 3.07 42.90 25.71
C PRO E 307 2.83 41.43 25.51
N PRO E 308 3.89 40.64 25.28
CA PRO E 308 3.71 39.24 24.87
C PRO E 308 3.00 38.39 25.91
N ARG E 309 1.86 37.83 25.53
CA ARG E 309 1.10 36.94 26.40
C ARG E 309 0.73 35.67 25.65
N GLY E 310 0.77 34.55 26.35
CA GLY E 310 0.54 33.25 25.77
C GLY E 310 1.78 32.39 25.91
N VAL E 311 1.69 31.28 26.64
CA VAL E 311 2.85 30.45 26.92
C VAL E 311 2.56 29.02 26.48
N LEU E 312 3.54 28.41 25.81
CA LEU E 312 3.48 26.97 25.52
C LEU E 312 4.20 26.24 26.63
N PHE E 313 3.43 25.64 27.54
CA PHE E 313 4.01 24.66 28.44
C PHE E 313 4.39 23.44 27.62
N HIS E 314 5.68 23.12 27.60
CA HIS E 314 6.13 22.02 26.75
C HIS E 314 7.35 21.38 27.38
N GLY E 315 7.52 20.09 27.10
CA GLY E 315 8.55 19.30 27.73
C GLY E 315 8.12 17.85 27.87
N PRO E 316 9.04 16.99 28.30
CA PRO E 316 8.72 15.57 28.40
C PRO E 316 7.76 15.31 29.55
N PRO E 317 6.84 14.36 29.38
CA PRO E 317 6.00 13.96 30.51
C PRO E 317 6.84 13.39 31.65
N GLY E 318 6.37 13.60 32.86
CA GLY E 318 7.14 13.28 34.05
C GLY E 318 7.49 14.57 34.76
N THR E 319 7.90 15.56 33.97
CA THR E 319 7.93 16.93 34.47
C THR E 319 6.53 17.44 34.74
N GLY E 320 5.55 16.91 34.02
CA GLY E 320 4.22 17.47 34.02
C GLY E 320 4.11 18.66 33.09
N LYS E 321 2.89 18.92 32.65
CA LYS E 321 2.56 20.16 31.94
C LYS E 321 1.52 20.98 32.68
N THR E 322 0.92 20.41 33.72
CA THR E 322 -0.27 20.93 34.37
C THR E 322 -0.03 21.36 35.80
N LEU E 323 0.79 20.61 36.54
CA LEU E 323 1.24 21.06 37.86
C LEU E 323 1.94 22.41 37.79
N MET E 324 2.71 22.64 36.74
CA MET E 324 3.25 23.96 36.44
C MET E 324 2.17 24.99 36.16
N ALA E 325 1.03 24.56 35.62
CA ALA E 325 -0.06 25.51 35.38
C ALA E 325 -0.55 26.15 36.68
N ARG E 326 -0.91 25.36 37.68
CA ARG E 326 -1.27 25.94 38.98
C ARG E 326 -0.06 26.43 39.74
N ALA E 327 1.14 25.98 39.36
CA ALA E 327 2.35 26.64 39.82
C ALA E 327 2.33 28.12 39.47
N LEU E 328 2.16 28.43 38.19
CA LEU E 328 2.03 29.82 37.78
C LEU E 328 0.76 30.45 38.33
N ALA E 329 -0.30 29.65 38.48
CA ALA E 329 -1.55 30.19 39.00
C ALA E 329 -1.37 30.74 40.40
N ALA E 330 -0.59 30.06 41.23
CA ALA E 330 -0.25 30.57 42.55
C ALA E 330 0.83 31.65 42.49
N ALA E 331 1.71 31.59 41.48
CA ALA E 331 2.69 32.66 41.27
C ALA E 331 2.06 33.94 40.74
N CYS E 332 0.78 33.92 40.38
CA CYS E 332 0.07 35.13 39.97
C CYS E 332 -1.14 35.48 40.82
N SER E 333 -1.70 34.53 41.57
CA SER E 333 -2.95 34.78 42.29
C SER E 333 -2.76 35.85 43.36
N SER E 334 -1.84 35.62 44.30
CA SER E 334 -1.52 36.65 45.28
C SER E 334 -0.57 37.71 44.73
N GLU E 335 0.25 37.35 43.74
CA GLU E 335 1.12 38.33 43.09
C GLU E 335 0.28 39.38 42.37
N ASN E 336 -0.87 38.98 41.85
CA ASN E 336 -1.83 39.89 41.22
C ASN E 336 -3.09 39.97 42.07
N LYS E 337 -3.23 41.04 42.82
CA LYS E 337 -4.46 41.33 43.57
C LYS E 337 -5.22 42.41 42.80
N LYS E 338 -6.17 41.98 41.98
CA LYS E 338 -6.47 40.56 41.88
C LYS E 338 -6.56 40.07 40.45
N VAL E 339 -6.36 38.76 40.28
CA VAL E 339 -6.53 38.10 38.99
C VAL E 339 -7.40 36.87 39.18
N SER E 340 -8.25 36.61 38.20
CA SER E 340 -9.08 35.42 38.16
C SER E 340 -8.51 34.44 37.16
N PHE E 341 -9.06 33.23 37.16
CA PHE E 341 -8.49 32.12 36.41
C PHE E 341 -9.58 31.40 35.64
N TYR E 342 -9.22 30.92 34.45
CA TYR E 342 -10.10 30.12 33.61
C TYR E 342 -9.32 28.90 33.14
N MET E 343 -9.76 27.72 33.57
CA MET E 343 -9.01 26.48 33.42
C MET E 343 -9.69 25.61 32.38
N ARG E 344 -8.93 25.17 31.38
CA ARG E 344 -9.45 24.28 30.35
C ARG E 344 -8.54 23.08 30.21
N LYS E 345 -9.10 21.89 30.42
CA LYS E 345 -8.34 20.64 30.39
C LYS E 345 -9.07 19.64 29.50
N GLY E 346 -8.30 18.88 28.73
CA GLY E 346 -8.86 17.82 27.91
C GLY E 346 -9.53 18.34 26.67
N ALA E 347 -9.62 17.46 25.67
CA ALA E 347 -10.18 17.81 24.36
C ALA E 347 -11.70 17.62 24.39
N ASP E 348 -12.35 18.44 25.21
CA ASP E 348 -13.80 18.39 25.35
C ASP E 348 -14.48 19.58 24.68
N CYS E 349 -13.80 20.26 23.76
CA CYS E 349 -14.37 21.37 23.02
C CYS E 349 -14.72 20.94 21.60
N LEU E 350 -15.32 19.76 21.44
CA LEU E 350 -15.81 19.25 20.17
C LEU E 350 -17.33 19.09 20.21
N SER E 351 -17.86 18.66 19.06
CA SER E 351 -19.26 18.30 18.89
C SER E 351 -19.47 17.90 17.43
N LYS E 352 -20.69 17.48 17.11
CA LYS E 352 -21.12 17.44 15.73
C LYS E 352 -21.52 18.80 15.16
N TRP E 353 -21.95 19.74 15.99
CA TRP E 353 -22.13 21.10 15.53
C TRP E 353 -20.81 21.85 15.50
N VAL E 354 -20.58 22.51 14.37
CA VAL E 354 -19.51 23.48 14.22
C VAL E 354 -19.64 24.62 15.21
N GLY E 355 -20.84 24.88 15.73
CA GLY E 355 -21.08 25.96 16.65
C GLY E 355 -21.02 25.58 18.11
N GLU E 356 -21.09 24.30 18.44
CA GLU E 356 -20.97 23.86 19.83
C GLU E 356 -19.55 24.05 20.35
N ALA E 357 -18.57 23.47 19.65
CA ALA E 357 -17.17 23.76 19.93
C ALA E 357 -16.87 25.24 19.80
N GLU E 358 -17.56 25.92 18.88
CA GLU E 358 -17.40 27.35 18.66
C GLU E 358 -17.74 28.09 19.95
N ARG E 359 -18.98 27.92 20.40
CA ARG E 359 -19.52 28.60 21.56
C ARG E 359 -18.86 28.20 22.86
N GLN E 360 -18.27 27.01 22.96
CA GLN E 360 -17.60 26.68 24.21
C GLN E 360 -16.44 27.64 24.48
N LEU E 361 -15.48 27.69 23.55
CA LEU E 361 -14.39 28.64 23.66
C LEU E 361 -14.88 30.08 23.66
N ARG E 362 -15.95 30.37 22.90
CA ARG E 362 -16.48 31.73 22.89
C ARG E 362 -17.04 32.12 24.25
N LEU E 363 -17.70 31.18 24.93
CA LEU E 363 -18.27 31.41 26.25
C LEU E 363 -17.18 31.65 27.27
N LEU E 364 -16.18 30.77 27.30
CA LEU E 364 -15.03 31.00 28.18
C LEU E 364 -14.38 32.35 27.88
N PHE E 365 -14.27 32.71 26.60
CA PHE E 365 -13.65 33.99 26.26
C PHE E 365 -14.44 35.15 26.82
N GLU E 366 -15.75 35.19 26.61
CA GLU E 366 -16.47 36.38 27.04
C GLU E 366 -16.60 36.42 28.56
N GLU E 367 -16.79 35.27 29.19
CA GLU E 367 -16.85 35.22 30.64
C GLU E 367 -15.53 35.62 31.27
N ALA E 368 -14.41 35.41 30.59
CA ALA E 368 -13.18 36.09 30.98
C ALA E 368 -13.26 37.58 30.67
N LYS E 369 -14.00 37.94 29.62
CA LYS E 369 -14.25 39.34 29.28
C LYS E 369 -15.25 40.00 30.21
N SER E 370 -16.23 39.24 30.71
CA SER E 370 -17.16 39.72 31.72
C SER E 370 -16.60 39.60 33.11
N THR E 371 -15.28 39.55 33.21
CA THR E 371 -14.52 39.37 34.44
C THR E 371 -13.56 40.53 34.56
N GLN E 372 -13.03 40.70 35.77
CA GLN E 372 -11.89 41.58 36.00
C GLN E 372 -10.66 40.94 35.36
N PRO E 373 -9.48 41.59 35.48
CA PRO E 373 -8.21 40.97 35.06
C PRO E 373 -8.07 39.48 35.37
N SER E 374 -7.91 38.68 34.32
CA SER E 374 -8.03 37.23 34.40
C SER E 374 -7.01 36.57 33.51
N ILE E 375 -6.89 35.24 33.66
CA ILE E 375 -6.04 34.41 32.83
C ILE E 375 -6.77 33.12 32.50
N ILE E 376 -6.28 32.42 31.48
CA ILE E 376 -6.93 31.23 30.95
C ILE E 376 -5.87 30.13 30.82
N PHE E 377 -6.24 28.90 31.16
CA PHE E 377 -5.34 27.76 31.10
C PHE E 377 -5.83 26.76 30.05
N PHE E 378 -5.05 26.61 28.98
CA PHE E 378 -5.23 25.51 28.03
C PHE E 378 -4.32 24.35 28.42
N ASP E 379 -4.88 23.41 29.16
CA ASP E 379 -4.36 22.06 29.11
C ASP E 379 -4.84 21.38 27.85
N GLU E 380 -3.98 20.52 27.29
CA GLU E 380 -4.36 19.66 26.18
C GLU E 380 -4.71 20.50 24.94
N ILE E 381 -3.78 21.36 24.54
CA ILE E 381 -3.98 22.10 23.29
C ILE E 381 -3.94 21.15 22.10
N ASP E 382 -3.22 20.04 22.21
CA ASP E 382 -3.17 19.07 21.12
C ASP E 382 -4.52 18.46 20.82
N GLY E 383 -5.37 18.31 21.82
CA GLY E 383 -6.69 17.75 21.61
C GLY E 383 -7.73 18.80 21.30
N LEU E 384 -7.68 19.92 22.01
CA LEU E 384 -8.61 21.02 21.76
C LEU E 384 -8.22 21.82 20.53
N ALA E 385 -6.96 21.71 20.08
CA ALA E 385 -6.50 22.38 18.88
C ALA E 385 -5.59 21.44 18.09
N PRO E 386 -6.13 20.34 17.54
CA PRO E 386 -5.32 19.43 16.73
C PRO E 386 -5.15 19.92 15.30
N VAL E 387 -4.44 19.16 14.46
CA VAL E 387 -4.28 19.56 13.07
C VAL E 387 -5.56 19.33 12.28
N ARG E 388 -5.88 20.30 11.42
CA ARG E 388 -6.83 20.05 10.34
C ARG E 388 -6.50 18.82 9.52
N SER E 389 -7.36 17.81 9.60
CA SER E 389 -7.40 16.73 8.63
C SER E 389 -8.58 17.00 7.71
N SER E 390 -8.33 17.71 6.61
CA SER E 390 -9.36 18.34 5.80
C SER E 390 -10.01 17.37 4.82
N LYS E 391 -9.91 16.06 5.07
CA LYS E 391 -10.52 15.08 4.19
C LYS E 391 -11.86 14.58 4.68
N GLN E 392 -12.04 14.46 5.99
CA GLN E 392 -13.36 14.10 6.54
C GLN E 392 -13.77 14.93 7.74
N GLU E 393 -12.85 15.56 8.46
CA GLU E 393 -13.18 16.27 9.70
C GLU E 393 -12.79 17.72 9.51
N GLN E 394 -13.78 18.59 9.30
CA GLN E 394 -13.53 20.02 9.13
C GLN E 394 -14.11 20.86 10.24
N ILE E 395 -14.47 20.27 11.38
CA ILE E 395 -14.63 21.08 12.60
C ILE E 395 -13.26 21.52 13.10
N HIS E 396 -12.20 20.80 12.70
CA HIS E 396 -10.85 21.23 13.01
C HIS E 396 -10.56 22.61 12.44
N ALA E 397 -11.01 22.86 11.21
CA ALA E 397 -10.88 24.18 10.62
C ALA E 397 -11.53 25.24 11.49
N SER E 398 -12.76 24.97 11.94
CA SER E 398 -13.49 25.94 12.75
C SER E 398 -12.76 26.21 14.07
N ILE E 399 -12.30 25.15 14.74
CA ILE E 399 -11.74 25.33 16.07
C ILE E 399 -10.38 26.03 16.00
N VAL E 400 -9.57 25.69 14.99
CA VAL E 400 -8.27 26.34 14.86
C VAL E 400 -8.46 27.79 14.46
N SER E 401 -9.39 28.06 13.55
CA SER E 401 -9.65 29.42 13.13
C SER E 401 -10.16 30.27 14.28
N THR E 402 -11.07 29.74 15.10
CA THR E 402 -11.59 30.52 16.20
C THR E 402 -10.57 30.70 17.32
N LEU E 403 -9.75 29.69 17.59
CA LEU E 403 -8.68 29.88 18.57
C LEU E 403 -7.66 30.91 18.11
N LEU E 404 -7.41 31.00 16.80
CA LEU E 404 -6.52 32.03 16.29
C LEU E 404 -7.16 33.41 16.29
N ALA E 405 -8.45 33.49 15.99
CA ALA E 405 -9.19 34.74 16.04
C ALA E 405 -9.39 35.26 17.46
N LEU E 406 -9.44 34.36 18.44
CA LEU E 406 -9.46 34.79 19.83
C LEU E 406 -8.19 35.53 20.20
N MET E 407 -7.08 35.24 19.51
CA MET E 407 -5.86 36.01 19.71
C MET E 407 -5.86 37.27 18.86
N ASP E 408 -5.78 37.12 17.53
CA ASP E 408 -5.72 38.26 16.61
C ASP E 408 -6.73 38.07 15.47
N GLY E 409 -7.96 37.75 15.82
CA GLY E 409 -9.01 37.73 14.82
C GLY E 409 -10.08 38.76 15.11
N MET E 410 -11.30 38.28 15.35
CA MET E 410 -12.40 39.14 15.78
C MET E 410 -12.27 39.58 17.23
N GLU E 411 -11.45 38.87 18.02
CA GLU E 411 -11.28 39.16 19.44
C GLU E 411 -9.79 39.25 19.76
N SER E 412 -9.38 40.38 20.33
CA SER E 412 -7.99 40.54 20.70
C SER E 412 -7.65 39.65 21.89
N ARG E 413 -6.36 39.61 22.22
CA ARG E 413 -5.93 38.89 23.41
C ARG E 413 -6.34 39.64 24.68
N GLY E 414 -6.75 40.91 24.57
CA GLY E 414 -7.25 41.71 25.65
C GLY E 414 -6.31 41.77 26.83
N GLN E 415 -6.89 41.80 28.03
CA GLN E 415 -6.15 41.73 29.27
C GLN E 415 -6.09 40.32 29.83
N VAL E 416 -6.52 39.33 29.06
CA VAL E 416 -6.40 37.93 29.43
C VAL E 416 -5.24 37.33 28.67
N ILE E 417 -4.80 36.15 29.11
CA ILE E 417 -3.63 35.48 28.55
C ILE E 417 -3.96 34.01 28.33
N ILE E 418 -3.33 33.41 27.34
CA ILE E 418 -3.59 32.03 26.94
C ILE E 418 -2.34 31.20 27.21
N ILE E 419 -2.55 29.98 27.72
CA ILE E 419 -1.46 29.07 28.05
C ILE E 419 -1.81 27.71 27.47
N GLY E 420 -1.11 27.33 26.40
CA GLY E 420 -1.29 26.04 25.78
C GLY E 420 -0.39 25.00 26.41
N ALA E 421 -1.01 24.00 27.04
CA ALA E 421 -0.30 22.89 27.63
C ALA E 421 -0.11 21.80 26.58
N THR E 422 1.14 21.48 26.26
CA THR E 422 1.49 20.61 25.16
C THR E 422 2.47 19.55 25.63
N ASN E 423 2.31 18.33 25.10
CA ASN E 423 3.21 17.24 25.40
C ASN E 423 4.03 16.79 24.20
N ARG E 424 3.54 17.01 22.97
CA ARG E 424 4.30 16.64 21.79
C ARG E 424 4.20 17.83 20.84
N PRO E 425 5.21 18.07 20.01
CA PRO E 425 5.12 19.14 19.02
C PRO E 425 4.48 18.74 17.69
N ASP E 426 4.02 17.50 17.54
CA ASP E 426 3.45 17.04 16.27
C ASP E 426 1.94 17.13 16.24
N ALA E 427 1.30 17.53 17.33
CA ALA E 427 -0.16 17.61 17.40
C ALA E 427 -0.68 19.03 17.17
N VAL E 428 0.15 19.92 16.64
CA VAL E 428 -0.24 21.30 16.34
C VAL E 428 0.20 21.63 14.93
N ASP E 429 -0.72 22.19 14.15
CA ASP E 429 -0.32 22.80 12.89
C ASP E 429 0.54 24.03 13.19
N PRO E 430 1.31 24.51 12.22
CA PRO E 430 2.20 25.66 12.43
C PRO E 430 1.47 27.00 12.42
N ALA E 431 0.36 27.08 13.16
CA ALA E 431 -0.41 28.31 13.29
C ALA E 431 -0.65 28.70 14.75
N LEU E 432 -0.05 27.99 15.70
CA LEU E 432 -0.28 28.26 17.12
C LEU E 432 0.94 28.74 17.88
N ARG E 433 2.12 28.13 17.67
CA ARG E 433 3.33 28.58 18.32
C ARG E 433 3.99 29.75 17.60
N ARG E 434 3.26 30.43 16.71
CA ARG E 434 3.76 31.63 16.07
C ARG E 434 3.57 32.85 16.96
N PRO E 435 4.28 33.93 16.68
CA PRO E 435 4.01 35.19 17.38
C PRO E 435 2.61 35.67 17.08
N GLY E 436 2.04 36.41 18.03
CA GLY E 436 0.67 36.86 17.96
C GLY E 436 -0.30 36.06 18.80
N ARG E 437 0.00 34.80 19.06
CA ARG E 437 -0.81 33.96 19.93
C ARG E 437 -0.11 33.68 21.26
N PHE E 438 1.12 33.17 21.20
CA PHE E 438 1.89 32.87 22.39
C PHE E 438 3.26 33.51 22.28
N ASP E 439 3.80 33.55 21.05
CA ASP E 439 5.03 34.25 20.71
C ASP E 439 6.29 33.52 21.19
N ARG E 440 6.14 32.47 21.98
CA ARG E 440 7.28 31.82 22.62
C ARG E 440 7.03 30.33 22.79
N GLU E 441 8.07 29.62 23.22
CA GLU E 441 7.98 28.21 23.56
C GLU E 441 8.70 27.97 24.89
N PHE E 442 8.11 27.13 25.74
CA PHE E 442 8.67 26.86 27.07
C PHE E 442 8.88 25.36 27.23
N TYR E 443 10.14 24.96 27.36
CA TYR E 443 10.54 23.58 27.56
C TYR E 443 11.07 23.39 28.98
N PHE E 444 10.86 22.20 29.54
CA PHE E 444 11.27 21.93 30.92
C PHE E 444 12.33 20.83 30.97
N PRO E 445 13.55 21.16 31.40
CA PRO E 445 14.71 20.29 31.16
C PRO E 445 14.99 19.23 32.22
N LEU E 446 14.01 18.85 33.05
CA LEU E 446 14.29 17.80 34.03
C LEU E 446 15.36 18.21 35.04
N PRO E 447 15.00 19.01 36.07
CA PRO E 447 15.97 19.47 37.09
C PRO E 447 16.94 18.41 37.55
N ASP E 448 18.23 18.65 37.32
CA ASP E 448 19.18 17.54 37.23
C ASP E 448 19.62 17.03 38.60
N ARG E 449 20.33 17.84 39.38
CA ARG E 449 20.90 17.35 40.63
C ARG E 449 20.41 18.13 41.85
N ASP E 450 20.57 19.45 41.83
CA ASP E 450 20.24 20.26 42.99
C ASP E 450 18.92 21.00 42.76
N ALA E 451 18.61 21.37 41.53
CA ALA E 451 17.21 21.55 41.18
C ALA E 451 16.45 20.26 41.45
N ARG E 452 17.07 19.13 41.08
CA ARG E 452 16.62 17.83 41.58
C ARG E 452 16.55 17.80 43.09
N LYS E 453 17.51 18.44 43.77
CA LYS E 453 17.49 18.47 45.22
C LYS E 453 16.27 19.22 45.75
N LYS E 454 15.89 20.31 45.10
CA LYS E 454 14.76 21.09 45.58
C LYS E 454 13.47 20.35 45.31
N ILE E 455 13.38 19.69 44.15
CA ILE E 455 12.17 18.94 43.86
C ILE E 455 12.08 17.66 44.66
N ILE E 456 13.21 17.13 45.17
CA ILE E 456 13.09 15.97 46.05
C ILE E 456 12.78 16.41 47.47
N GLU E 457 13.25 17.58 47.87
CA GLU E 457 12.98 18.05 49.22
C GLU E 457 11.59 18.67 49.37
N ILE E 458 11.01 19.18 48.29
CA ILE E 458 9.69 19.79 48.39
C ILE E 458 8.64 18.73 48.74
N HIS E 459 8.78 17.52 48.22
CA HIS E 459 7.89 16.44 48.60
C HIS E 459 8.14 15.97 50.03
N THR E 460 9.35 16.17 50.54
CA THR E 460 9.66 15.89 51.94
C THR E 460 9.23 17.02 52.86
N ARG E 461 8.81 18.15 52.28
CA ARG E 461 8.16 19.21 53.02
C ARG E 461 6.80 18.79 53.56
N ASN E 462 6.29 17.64 53.13
CA ASN E 462 4.98 17.16 53.52
C ASN E 462 5.01 16.39 54.84
N TRP E 463 6.14 15.82 55.21
CA TRP E 463 6.26 15.07 56.45
C TRP E 463 6.46 16.03 57.62
N ASP E 464 5.47 16.12 58.50
CA ASP E 464 5.61 16.96 59.68
C ASP E 464 6.68 16.37 60.59
N PRO E 465 6.64 15.07 60.92
CA PRO E 465 7.79 14.45 61.55
C PRO E 465 9.04 14.61 60.71
N PRO E 466 10.18 14.88 61.33
CA PRO E 466 11.41 15.10 60.56
C PRO E 466 11.81 13.85 59.81
N VAL E 467 12.12 14.02 58.53
CA VAL E 467 12.54 12.91 57.69
C VAL E 467 14.01 13.08 57.34
N PRO E 468 14.73 12.01 57.06
CA PRO E 468 16.10 12.17 56.57
C PRO E 468 16.10 12.72 55.15
N GLU E 469 16.40 14.01 55.04
CA GLU E 469 16.65 14.63 53.75
C GLU E 469 17.94 15.43 53.78
N TRP E 470 18.47 15.72 54.97
CA TRP E 470 19.83 16.23 55.10
C TRP E 470 20.84 15.34 54.41
N LEU E 471 20.61 14.03 54.41
CA LEU E 471 21.51 13.12 53.69
C LEU E 471 21.48 13.38 52.20
N CYS E 472 20.35 13.82 51.66
CA CYS E 472 20.33 14.39 50.32
C CYS E 472 21.32 15.54 50.28
N SER E 473 21.96 15.75 49.13
CA SER E 473 21.63 15.07 47.88
C SER E 473 22.31 13.73 47.64
N MET E 474 22.22 12.81 48.59
CA MET E 474 22.52 11.41 48.33
C MET E 474 21.31 10.65 47.84
N LEU E 475 20.15 11.28 47.81
CA LEU E 475 18.99 10.69 47.14
C LEU E 475 18.73 11.32 45.79
N ALA E 476 19.11 12.59 45.62
CA ALA E 476 18.92 13.23 44.33
C ALA E 476 20.00 12.86 43.32
N GLU E 477 21.00 12.07 43.73
CA GLU E 477 21.99 11.57 42.78
C GLU E 477 21.30 10.73 41.71
N LYS E 478 20.75 9.61 42.14
CA LYS E 478 20.15 8.58 41.30
C LYS E 478 18.73 8.92 40.86
N SER E 479 18.12 9.95 41.43
CA SER E 479 16.85 10.43 40.93
C SER E 479 17.14 11.29 39.71
N LYS E 480 16.79 10.78 38.53
CA LYS E 480 17.07 11.47 37.28
C LYS E 480 16.15 10.88 36.22
N GLY E 481 15.50 11.74 35.45
CA GLY E 481 14.58 11.29 34.44
C GLY E 481 13.20 10.95 34.93
N TYR E 482 12.83 11.37 36.15
CA TYR E 482 11.52 11.10 36.72
C TYR E 482 10.61 12.31 36.69
N GLY E 483 11.11 13.45 36.21
CA GLY E 483 10.35 14.68 36.35
C GLY E 483 10.12 14.98 37.83
N GLY E 484 8.89 15.36 38.16
CA GLY E 484 8.55 15.60 39.54
C GLY E 484 7.49 14.64 40.04
N ALA E 485 6.60 14.22 39.13
CA ALA E 485 5.56 13.29 39.52
C ALA E 485 6.13 11.94 39.89
N ASP E 486 7.14 11.48 39.14
CA ASP E 486 7.76 10.21 39.47
C ASP E 486 8.64 10.30 40.71
N LEU E 487 9.21 11.47 41.00
CA LEU E 487 9.83 11.65 42.31
C LEU E 487 8.79 11.58 43.42
N ARG E 488 7.57 12.06 43.14
CA ARG E 488 6.49 11.86 44.09
C ARG E 488 6.17 10.39 44.24
N ALA E 489 6.23 9.64 43.14
CA ALA E 489 6.10 8.19 43.23
C ALA E 489 7.21 7.62 44.09
N LEU E 490 8.41 8.18 44.00
CA LEU E 490 9.53 7.72 44.80
C LEU E 490 9.26 7.91 46.29
N CYS E 491 8.80 9.11 46.65
CA CYS E 491 8.54 9.35 48.07
C CYS E 491 7.36 8.53 48.56
N THR E 492 6.33 8.33 47.73
CA THR E 492 5.23 7.44 48.10
C THR E 492 5.73 6.02 48.34
N GLU E 493 6.60 5.52 47.46
CA GLU E 493 7.04 4.15 47.56
C GLU E 493 7.90 3.95 48.80
N ALA E 494 8.85 4.86 49.03
CA ALA E 494 9.64 4.79 50.26
C ALA E 494 8.76 4.94 51.48
N ALA E 495 7.68 5.73 51.36
CA ALA E 495 6.73 5.88 52.45
C ALA E 495 6.14 4.53 52.83
N LEU E 496 5.44 3.88 51.91
CA LEU E 496 4.79 2.63 52.28
C LEU E 496 5.82 1.54 52.56
N ASN E 497 7.03 1.69 52.03
CA ASN E 497 8.12 0.83 52.46
C ASN E 497 8.34 0.96 53.97
N SER E 498 8.42 2.19 54.46
CA SER E 498 8.53 2.40 55.89
C SER E 498 7.28 1.92 56.62
N ILE E 499 6.12 2.01 55.96
CA ILE E 499 4.89 1.42 56.50
C ILE E 499 5.11 -0.06 56.80
N LYS E 500 5.52 -0.81 55.79
CA LYS E 500 5.78 -2.24 55.97
C LYS E 500 6.81 -2.48 57.05
N ARG E 501 7.91 -1.72 57.00
CA ARG E 501 8.96 -1.85 58.01
C ARG E 501 8.41 -1.63 59.41
N THR E 502 7.39 -0.78 59.55
CA THR E 502 6.72 -0.59 60.82
C THR E 502 5.77 -1.76 61.12
N TYR E 503 4.79 -1.97 60.25
CA TYR E 503 3.69 -2.87 60.58
C TYR E 503 3.57 -4.01 59.59
N PRO E 504 3.93 -5.23 60.01
CA PRO E 504 3.51 -6.43 59.26
C PRO E 504 2.10 -6.91 59.59
N GLN E 505 1.35 -6.17 60.41
CA GLN E 505 -0.06 -6.46 60.64
C GLN E 505 -0.93 -6.00 59.49
N LEU E 506 -0.35 -5.56 58.39
CA LEU E 506 -1.11 -5.13 57.23
C LEU E 506 -1.71 -6.34 56.52
N TYR E 507 -0.86 -7.21 56.01
CA TYR E 507 -1.28 -8.53 55.61
C TYR E 507 -1.53 -9.36 56.87
N ARG E 508 -1.92 -10.63 56.65
CA ARG E 508 -2.23 -11.60 57.70
C ARG E 508 -3.08 -10.99 58.81
N SER E 509 -4.02 -10.14 58.43
CA SER E 509 -4.84 -9.43 59.41
C SER E 509 -6.19 -9.21 58.73
N THR E 510 -7.21 -9.91 59.22
CA THR E 510 -8.46 -9.97 58.46
C THR E 510 -9.40 -8.78 58.75
N LYS E 511 -9.85 -8.64 59.99
CA LYS E 511 -10.83 -7.61 60.31
C LYS E 511 -10.20 -6.23 60.27
N ARG E 512 -11.00 -5.25 59.84
CA ARG E 512 -10.60 -3.86 59.97
C ARG E 512 -10.25 -3.55 61.42
N LEU E 513 -9.22 -2.75 61.62
CA LEU E 513 -8.67 -2.58 62.95
C LEU E 513 -8.01 -1.21 63.03
N GLN E 514 -7.41 -0.94 64.19
CA GLN E 514 -6.83 0.35 64.50
C GLN E 514 -5.40 0.16 64.99
N ILE E 515 -4.78 1.28 65.34
CA ILE E 515 -3.38 1.32 65.70
C ILE E 515 -3.22 2.15 66.97
N ASP E 516 -1.99 2.42 67.34
CA ASP E 516 -1.70 3.57 68.20
C ASP E 516 -1.54 4.81 67.33
N PRO E 517 -2.16 5.94 67.68
CA PRO E 517 -2.37 6.99 66.67
C PRO E 517 -1.17 7.88 66.39
N LYS E 518 0.02 7.29 66.23
CA LYS E 518 1.18 8.00 65.66
C LYS E 518 2.15 6.93 65.17
N THR E 519 2.12 6.67 63.85
CA THR E 519 2.87 5.55 63.31
C THR E 519 3.38 5.86 61.90
N ILE E 520 4.60 6.38 61.83
CA ILE E 520 5.50 6.06 60.73
C ILE E 520 6.88 6.59 61.06
N LYS E 521 7.91 5.82 60.71
CA LYS E 521 9.28 6.20 60.95
C LYS E 521 10.03 5.68 59.73
N VAL E 522 10.63 6.58 58.95
CA VAL E 522 11.18 6.19 57.65
C VAL E 522 12.63 5.78 57.82
N LYS E 523 13.04 4.78 57.05
CA LYS E 523 14.40 4.29 56.99
C LYS E 523 15.00 4.55 55.61
N VAL E 524 16.32 4.70 55.59
CA VAL E 524 17.05 4.79 54.33
C VAL E 524 16.78 3.56 53.48
N LYS E 525 16.73 2.38 54.12
CA LYS E 525 16.39 1.16 53.41
C LYS E 525 15.10 1.30 52.62
N ASP E 526 14.10 1.96 53.20
CA ASP E 526 12.84 2.18 52.49
C ASP E 526 13.05 3.04 51.26
N PHE E 527 13.89 4.07 51.38
CA PHE E 527 14.22 4.89 50.22
C PHE E 527 14.84 4.04 49.12
N VAL E 528 15.75 3.13 49.48
CA VAL E 528 16.40 2.33 48.45
C VAL E 528 15.42 1.31 47.88
N MET E 529 14.52 0.79 48.71
CA MET E 529 13.40 -0.03 48.23
C MET E 529 12.67 0.69 47.11
N SER E 530 12.14 1.87 47.42
CA SER E 530 11.48 2.70 46.41
C SER E 530 12.41 2.99 45.24
N MET E 531 13.70 3.06 45.50
CA MET E 531 14.67 3.38 44.47
C MET E 531 14.70 2.30 43.41
N LYS E 532 14.66 1.05 43.82
CA LYS E 532 14.86 -0.05 42.89
C LYS E 532 13.60 -0.37 42.08
N ARG E 533 12.42 -0.12 42.62
CA ARG E 533 11.22 -0.73 42.06
C ARG E 533 10.75 -0.08 40.76
N MET E 534 11.19 1.13 40.46
CA MET E 534 10.63 1.88 39.34
C MET E 534 11.73 2.54 38.51
N ILE E 535 11.29 3.10 37.38
CA ILE E 535 12.19 3.51 36.30
C ILE E 535 11.90 4.96 35.95
N PRO E 536 12.89 5.71 35.47
CA PRO E 536 12.62 7.10 35.07
C PRO E 536 11.90 7.18 33.73
N SER E 537 11.61 8.43 33.33
CA SER E 537 10.65 8.69 32.26
C SER E 537 11.23 8.52 30.86
N SER E 538 12.48 8.95 30.64
CA SER E 538 13.08 8.83 29.32
C SER E 538 13.14 7.37 28.86
N GLU E 539 13.20 6.45 29.81
CA GLU E 539 13.35 5.03 29.56
C GLU E 539 12.20 4.31 30.27
N ARG E 540 11.05 4.28 29.60
CA ARG E 540 9.98 3.34 29.92
C ARG E 540 10.06 2.13 29.00
N SER E 541 10.36 2.38 27.72
CA SER E 541 10.69 1.33 26.77
C SER E 541 11.77 1.75 25.79
N SER E 542 12.53 2.80 26.08
CA SER E 542 13.67 3.20 25.26
C SER E 542 14.85 3.53 26.16
N ILE E 543 15.97 2.83 25.96
CA ILE E 543 17.16 3.07 26.76
C ILE E 543 17.72 4.44 26.42
N SER E 544 18.25 5.13 27.43
CA SER E 544 18.88 6.43 27.20
C SER E 544 20.34 6.23 26.82
N PRO E 545 20.84 6.94 25.81
CA PRO E 545 22.24 6.78 25.39
C PRO E 545 23.24 7.46 26.29
N SER E 546 22.82 8.24 27.28
CA SER E 546 23.74 8.93 28.18
C SER E 546 23.59 8.33 29.58
N LYS E 547 24.69 7.81 30.12
CA LYS E 547 24.72 7.28 31.46
C LYS E 547 26.12 7.46 32.03
N PRO E 548 26.23 7.85 33.29
CA PRO E 548 27.56 8.10 33.88
C PRO E 548 28.36 6.81 34.00
N LEU E 549 29.66 6.98 34.12
CA LEU E 549 30.56 5.84 34.22
C LEU E 549 30.36 5.12 35.55
N SER E 550 30.54 3.80 35.53
CA SER E 550 30.50 3.07 36.78
C SER E 550 31.76 3.35 37.58
N PRO E 551 31.68 3.25 38.91
CA PRO E 551 32.83 3.61 39.74
C PRO E 551 34.05 2.77 39.48
N GLU E 552 33.87 1.49 39.15
CA GLU E 552 34.97 0.58 38.86
C GLU E 552 35.63 0.85 37.53
N LEU E 553 34.89 1.35 36.54
CA LEU E 553 35.52 1.82 35.33
C LEU E 553 36.37 3.06 35.58
N LYS E 554 36.04 3.82 36.61
CA LYS E 554 36.77 5.04 36.92
C LYS E 554 38.27 4.82 37.06
N PRO E 555 38.74 3.89 37.90
CA PRO E 555 40.19 3.68 38.02
C PRO E 555 40.87 3.22 36.75
N LEU E 556 40.11 2.84 35.73
CA LEU E 556 40.67 2.47 34.45
C LEU E 556 40.21 3.35 33.31
N LEU E 557 39.39 4.36 33.57
CA LEU E 557 38.86 5.19 32.50
C LEU E 557 38.98 6.69 32.73
N ASN E 558 39.02 7.17 33.98
CA ASN E 558 39.06 8.61 34.21
C ASN E 558 40.31 9.23 33.62
N GLU E 559 41.43 8.51 33.65
CA GLU E 559 42.68 9.00 33.10
C GLU E 559 42.52 9.46 31.65
N ALA E 560 41.81 8.68 30.84
CA ALA E 560 41.59 9.09 29.46
C ALA E 560 40.40 10.05 29.36
N PHE E 561 39.38 9.82 30.18
CA PHE E 561 38.16 10.61 30.06
C PHE E 561 38.42 12.08 30.36
N GLN E 562 39.30 12.35 31.32
CA GLN E 562 39.66 13.73 31.61
C GLN E 562 40.24 14.41 30.39
N ASP E 563 41.24 13.79 29.77
CA ASP E 563 41.87 14.37 28.59
C ASP E 563 40.86 14.54 27.47
N ILE E 564 39.97 13.57 27.30
CA ILE E 564 39.04 13.62 26.20
C ILE E 564 38.03 14.73 26.41
N GLU E 565 37.53 14.87 27.63
CA GLU E 565 36.54 15.90 27.89
C GLU E 565 37.19 17.28 27.87
N LYS E 566 38.44 17.37 28.32
CA LYS E 566 39.25 18.55 28.06
C LYS E 566 39.27 18.90 26.59
N THR E 567 39.57 17.91 25.76
CA THR E 567 39.71 18.15 24.33
C THR E 567 38.41 18.63 23.72
N LEU E 568 37.29 17.98 24.07
CA LEU E 568 36.01 18.43 23.57
C LEU E 568 35.68 19.83 24.05
N GLN E 569 36.02 20.15 25.30
CA GLN E 569 35.84 21.51 25.77
C GLN E 569 36.66 22.48 24.95
N LYS E 570 37.83 22.04 24.48
CA LYS E 570 38.60 22.84 23.54
C LYS E 570 37.82 23.02 22.25
N LEU E 571 37.56 21.93 21.54
CA LEU E 571 36.81 22.00 20.29
C LEU E 571 35.37 22.40 20.52
N MET E 572 34.86 22.27 21.74
CA MET E 572 33.54 22.79 22.09
C MET E 572 33.67 23.52 23.42
N PRO E 573 33.96 24.82 23.39
CA PRO E 573 34.02 25.60 24.63
C PRO E 573 32.68 25.75 25.31
N VAL E 574 31.59 25.33 24.67
CA VAL E 574 30.28 25.37 25.31
C VAL E 574 30.23 24.27 26.35
N ALA E 575 29.99 24.67 27.60
CA ALA E 575 29.77 23.70 28.67
C ALA E 575 28.66 24.09 29.62
N SER E 576 28.06 25.27 29.47
CA SER E 576 27.03 25.74 30.40
C SER E 576 26.06 26.63 29.65
N LYS E 577 25.06 27.12 30.37
CA LYS E 577 23.98 27.91 29.80
C LYS E 577 24.11 29.35 30.30
N LEU E 578 24.17 30.30 29.38
CA LEU E 578 24.38 31.70 29.72
C LEU E 578 23.03 32.39 29.90
N ASN E 579 22.80 32.93 31.08
CA ASN E 579 21.55 33.62 31.38
C ASN E 579 21.58 35.03 30.80
N PRO E 580 20.69 35.37 29.87
CA PRO E 580 20.60 36.76 29.41
C PRO E 580 20.10 37.71 30.48
N LEU E 581 19.36 37.20 31.48
CA LEU E 581 18.97 38.04 32.61
C LEU E 581 20.18 38.64 33.31
N GLU E 582 21.26 37.88 33.44
CA GLU E 582 22.46 38.40 34.07
C GLU E 582 23.25 39.30 33.14
N GLU E 583 23.20 39.04 31.83
CA GLU E 583 23.73 40.00 30.86
C GLU E 583 23.15 41.39 31.05
N VAL E 584 21.83 41.53 30.98
CA VAL E 584 21.22 42.84 31.21
C VAL E 584 21.29 43.25 32.66
N MET E 585 21.66 42.34 33.56
CA MET E 585 21.96 42.72 34.94
C MET E 585 23.27 43.49 35.04
N TYR E 586 24.19 43.29 34.11
CA TYR E 586 25.46 44.02 34.07
C TYR E 586 25.68 44.53 32.66
N ASP E 587 25.38 45.81 32.45
CA ASP E 587 25.58 46.49 31.19
C ASP E 587 26.73 47.48 31.31
N ASP E 588 27.29 47.83 30.18
CA ASP E 588 28.34 48.83 30.10
C ASP E 588 27.85 50.08 29.37
N PRO E 589 28.36 51.25 29.73
CA PRO E 589 28.07 52.46 28.96
C PRO E 589 28.79 52.51 27.61
N LYS E 590 29.77 51.64 27.40
CA LYS E 590 30.51 51.59 26.14
C LYS E 590 29.80 50.70 25.13
N GLU E 591 28.51 50.97 24.93
CA GLU E 591 27.74 50.21 23.95
C GLU E 591 26.65 51.12 23.41
N ASN E 592 26.90 51.71 22.25
CA ASN E 592 25.85 52.37 21.48
C ASN E 592 26.01 52.08 20.00
N ASP E 593 26.76 51.04 19.66
CA ASP E 593 27.11 50.76 18.28
C ASP E 593 27.05 49.26 18.03
N PHE E 594 27.31 48.88 16.79
CA PHE E 594 27.29 47.50 16.36
C PHE E 594 28.67 46.87 16.26
N GLU E 595 29.71 47.66 15.98
CA GLU E 595 31.05 47.11 15.91
C GLU E 595 31.48 46.57 17.26
N TYR E 596 31.05 47.22 18.34
CA TYR E 596 31.20 46.58 19.64
C TYR E 596 30.37 45.31 19.71
N GLN E 597 29.17 45.34 19.13
CA GLN E 597 28.38 44.11 19.01
C GLN E 597 29.06 43.13 18.07
N GLN E 598 29.73 43.65 17.03
CA GLN E 598 30.39 42.77 16.09
C GLN E 598 31.58 42.06 16.72
N ARG E 599 32.20 42.68 17.73
CA ARG E 599 33.16 41.97 18.57
C ARG E 599 32.57 40.69 19.11
N LEU E 600 31.48 40.81 19.89
CA LEU E 600 30.92 39.65 20.56
C LEU E 600 30.41 38.62 19.58
N GLU E 601 29.73 39.04 18.52
CA GLU E 601 29.25 38.07 17.55
C GLU E 601 30.40 37.35 16.87
N THR E 602 31.53 38.03 16.66
CA THR E 602 32.68 37.37 16.07
C THR E 602 33.09 36.14 16.87
N PHE E 603 33.10 36.27 18.19
CA PHE E 603 33.45 35.17 19.05
C PHE E 603 32.27 34.22 19.15
N GLU E 604 32.59 32.94 19.36
CA GLU E 604 31.61 31.85 19.44
C GLU E 604 30.93 31.59 18.11
N THR E 605 31.30 32.32 17.06
CA THR E 605 30.71 32.17 15.75
C THR E 605 31.83 31.89 14.76
N LEU E 606 32.92 32.63 14.90
CA LEU E 606 34.11 32.42 14.09
C LEU E 606 35.17 31.65 14.86
N ARG E 607 34.87 31.26 16.09
CA ARG E 607 35.85 30.66 16.96
C ARG E 607 35.93 29.13 16.81
N ILE E 608 35.08 28.54 16.00
CA ILE E 608 35.07 27.09 15.85
C ILE E 608 35.05 26.72 14.37
N TYR E 609 35.47 25.49 14.09
CA TYR E 609 35.35 24.89 12.78
C TYR E 609 34.79 23.49 12.92
N LYS E 610 33.51 23.32 12.59
CA LYS E 610 32.88 22.03 12.29
C LYS E 610 33.21 20.95 13.31
N PRO E 611 32.63 21.01 14.51
CA PRO E 611 33.02 20.06 15.56
C PRO E 611 32.71 18.63 15.18
N ARG E 612 33.77 17.87 14.94
CA ARG E 612 33.66 16.48 14.56
C ARG E 612 34.72 15.70 15.32
N PHE E 613 34.40 14.48 15.70
CA PHE E 613 35.31 13.74 16.54
C PHE E 613 35.14 12.23 16.34
N LEU E 614 36.26 11.53 16.44
CA LEU E 614 36.29 10.08 16.30
C LEU E 614 37.25 9.50 17.33
N ILE E 615 37.08 8.21 17.61
CA ILE E 615 37.93 7.50 18.56
C ILE E 615 38.43 6.25 17.87
N CYS E 616 39.73 6.02 17.96
CA CYS E 616 40.32 4.75 17.56
C CYS E 616 40.71 3.97 18.80
N GLY E 617 40.57 2.65 18.71
CA GLY E 617 40.87 1.79 19.83
C GLY E 617 40.60 0.36 19.45
N ARG E 618 40.75 -0.53 20.41
CA ARG E 618 40.54 -1.94 20.15
C ARG E 618 39.14 -2.37 20.56
N LYS E 619 38.74 -3.52 20.05
CA LYS E 619 37.50 -4.13 20.49
C LYS E 619 37.58 -4.44 21.97
N GLY E 620 36.51 -4.15 22.70
CA GLY E 620 36.53 -4.34 24.14
C GLY E 620 37.58 -3.52 24.84
N LEU E 621 38.01 -2.42 24.23
CA LEU E 621 39.05 -1.56 24.79
C LEU E 621 38.47 -0.35 25.49
N GLY E 622 37.37 -0.52 26.22
CA GLY E 622 36.66 0.61 26.76
C GLY E 622 35.72 1.25 25.77
N GLN E 623 35.59 0.67 24.59
CA GLN E 623 34.66 1.16 23.61
C GLN E 623 33.26 1.20 24.21
N THR E 624 32.57 2.32 24.01
CA THR E 624 31.23 2.61 24.55
C THR E 624 31.10 2.33 26.04
N ALA E 625 32.21 2.26 26.76
CA ALA E 625 32.14 2.34 28.20
C ALA E 625 32.07 3.78 28.66
N LEU E 626 32.76 4.65 27.95
CA LEU E 626 32.64 6.09 28.09
C LEU E 626 31.46 6.66 27.34
N GLY E 627 30.98 5.93 26.33
CA GLY E 627 29.99 6.41 25.40
C GLY E 627 28.80 7.10 26.05
N PRO E 628 28.09 6.40 26.92
CA PRO E 628 26.96 7.05 27.60
C PRO E 628 27.39 8.16 28.53
N ALA E 629 28.62 8.14 29.02
CA ALA E 629 29.01 9.09 30.05
C ALA E 629 29.48 10.42 29.48
N ILE E 630 30.04 10.43 28.28
CA ILE E 630 30.54 11.68 27.74
C ILE E 630 29.39 12.63 27.45
N LEU E 631 28.24 12.10 27.01
CA LEU E 631 27.04 12.92 27.08
C LEU E 631 26.67 13.19 28.52
N GLN E 632 26.92 12.23 29.40
CA GLN E 632 26.53 12.36 30.80
C GLN E 632 27.27 13.49 31.51
N GLN E 633 28.42 13.91 31.00
CA GLN E 633 29.18 14.97 31.66
C GLN E 633 28.68 16.36 31.32
N TYR E 634 27.75 16.51 30.39
CA TYR E 634 27.23 17.83 30.08
C TYR E 634 25.91 17.68 29.34
N GLU E 635 24.94 18.50 29.73
CA GLU E 635 23.58 18.33 29.25
C GLU E 635 23.03 19.64 28.69
N GLY E 636 21.72 19.67 28.44
CA GLY E 636 21.12 20.87 27.89
C GLY E 636 21.53 21.13 26.46
N VAL E 637 21.84 20.09 25.71
CA VAL E 637 22.42 20.21 24.39
C VAL E 637 21.59 19.40 23.40
N HIS E 638 21.60 19.83 22.15
CA HIS E 638 20.82 19.15 21.13
C HIS E 638 21.51 17.85 20.73
N VAL E 639 20.71 16.78 20.61
CA VAL E 639 21.28 15.44 20.47
C VAL E 639 20.47 14.60 19.50
N GLN E 640 21.09 13.51 19.08
CA GLN E 640 20.43 12.37 18.46
C GLN E 640 21.53 11.35 18.17
N SER E 641 21.12 10.21 17.60
CA SER E 641 22.06 9.18 17.19
C SER E 641 21.87 8.86 15.72
N PHE E 642 22.98 8.66 15.01
CA PHE E 642 22.91 8.02 13.70
C PHE E 642 23.05 6.51 13.82
N ASP E 643 22.58 5.93 14.92
CA ASP E 643 22.74 4.49 15.07
C ASP E 643 21.57 3.76 14.42
N MET E 644 21.85 2.54 14.00
CA MET E 644 20.91 1.81 13.16
C MET E 644 19.62 1.51 13.88
N SER E 645 19.64 1.58 15.21
CA SER E 645 18.42 1.51 16.01
C SER E 645 17.37 2.48 15.49
N THR E 646 17.80 3.69 15.12
CA THR E 646 16.90 4.66 14.51
C THR E 646 17.07 4.78 13.02
N LEU E 647 18.23 4.40 12.49
CA LEU E 647 18.41 4.39 11.05
C LEU E 647 17.44 3.43 10.39
N LEU E 648 17.52 2.15 10.75
CA LEU E 648 16.57 1.15 10.27
C LEU E 648 15.28 1.16 11.08
N GLN E 649 15.14 2.09 12.02
CA GLN E 649 13.87 2.26 12.72
C GLN E 649 12.76 2.60 11.75
N ASP E 650 13.06 3.40 10.74
CA ASP E 650 12.03 3.91 9.85
C ASP E 650 11.59 2.82 8.87
N SER E 651 10.28 2.67 8.72
CA SER E 651 9.73 1.71 7.77
C SER E 651 8.94 2.36 6.65
N THR E 652 8.20 3.42 6.94
CA THR E 652 7.34 4.07 5.95
C THR E 652 8.09 5.10 5.11
N GLN E 653 9.36 5.34 5.38
CA GLN E 653 10.17 6.22 4.57
C GLN E 653 11.49 5.53 4.25
N SER E 654 12.08 5.92 3.12
CA SER E 654 13.32 5.29 2.71
C SER E 654 14.41 5.57 3.72
N ILE E 655 15.48 4.77 3.61
CA ILE E 655 16.58 4.92 4.55
C ILE E 655 17.25 6.28 4.37
N GLU E 656 17.48 6.68 3.13
CA GLU E 656 18.04 8.01 2.90
C GLU E 656 17.04 9.09 3.29
N THR E 657 15.75 8.80 3.17
CA THR E 657 14.75 9.68 3.75
C THR E 657 14.96 9.82 5.25
N SER E 658 15.32 8.72 5.92
CA SER E 658 15.65 8.81 7.34
C SER E 658 16.87 9.69 7.55
N ILE E 659 17.85 9.56 6.64
CA ILE E 659 19.04 10.40 6.70
C ILE E 659 18.63 11.85 6.69
N ILE E 660 17.79 12.22 5.73
CA ILE E 660 17.42 13.63 5.60
C ILE E 660 16.57 14.03 6.78
N HIS E 661 15.76 13.13 7.31
CA HIS E 661 14.93 13.49 8.45
C HIS E 661 15.78 13.77 9.69
N LEU E 662 16.83 13.01 9.91
CA LEU E 662 17.68 13.28 11.08
C LEU E 662 18.56 14.50 10.85
N PHE E 663 19.15 14.62 9.67
CA PHE E 663 19.86 15.85 9.32
C PHE E 663 18.93 17.04 9.31
N LEU E 664 17.63 16.81 9.20
CA LEU E 664 16.64 17.87 9.21
C LEU E 664 16.21 18.19 10.63
N GLU E 665 16.31 17.21 11.51
CA GLU E 665 16.25 17.50 12.93
C GLU E 665 17.39 18.42 13.31
N VAL E 666 18.57 18.15 12.74
CA VAL E 666 19.71 19.03 12.97
C VAL E 666 19.55 20.34 12.20
N ARG E 667 18.73 20.31 11.12
CA ARG E 667 18.34 21.54 10.42
C ARG E 667 17.91 22.60 11.41
N ARG E 668 17.11 22.20 12.40
CA ARG E 668 16.87 22.98 13.59
C ARG E 668 18.19 23.48 14.17
N HIS E 669 18.37 24.81 14.18
CA HIS E 669 19.60 25.39 14.68
C HIS E 669 19.71 25.14 16.17
N THR E 670 20.75 24.43 16.57
CA THR E 670 21.07 24.24 17.98
C THR E 670 22.52 23.81 18.05
N PRO E 671 23.20 24.10 19.13
CA PRO E 671 24.42 23.34 19.41
C PRO E 671 23.97 21.91 19.61
N SER E 672 24.30 21.05 18.64
CA SER E 672 23.67 19.75 18.54
C SER E 672 24.76 18.69 18.42
N ILE E 673 24.34 17.43 18.42
CA ILE E 673 25.29 16.33 18.50
C ILE E 673 24.94 15.28 17.47
N ILE E 674 25.89 14.95 16.62
CA ILE E 674 25.95 13.68 15.94
C ILE E 674 26.56 12.67 16.88
N TYR E 675 25.89 11.54 17.07
CA TYR E 675 26.36 10.50 17.98
C TYR E 675 26.38 9.16 17.26
N ILE E 676 27.56 8.57 17.12
CA ILE E 676 27.69 7.19 16.67
C ILE E 676 28.76 6.52 17.52
N PRO E 677 28.43 5.50 18.30
CA PRO E 677 29.46 4.68 18.94
C PRO E 677 29.75 3.43 18.12
N ASP E 678 31.04 3.12 18.04
CA ASP E 678 31.56 1.95 17.33
C ASP E 678 31.00 1.88 15.91
N ILE E 679 31.39 2.89 15.15
CA ILE E 679 30.93 3.08 13.78
C ILE E 679 31.44 1.99 12.86
N ASP E 680 32.41 1.19 13.35
CA ASP E 680 33.03 0.16 12.53
C ASP E 680 32.00 -0.78 11.93
N ASN E 681 31.03 -1.23 12.74
CA ASN E 681 29.89 -1.95 12.21
C ASN E 681 29.12 -1.10 11.21
N TRP E 682 28.91 0.16 11.57
CA TRP E 682 28.31 1.13 10.66
C TRP E 682 29.19 1.27 9.42
N LEU E 683 28.59 1.81 8.37
CA LEU E 683 29.14 1.95 7.01
C LEU E 683 29.34 0.61 6.32
N ASN E 684 29.09 -0.50 7.02
CA ASN E 684 28.79 -1.76 6.39
C ASN E 684 27.32 -2.12 6.52
N VAL E 685 26.60 -1.43 7.41
CA VAL E 685 25.16 -1.60 7.50
C VAL E 685 24.48 -1.06 6.27
N LEU E 686 24.95 0.05 5.78
CA LEU E 686 24.18 0.82 4.83
C LEU E 686 24.76 0.70 3.43
N PRO E 687 23.99 1.07 2.41
CA PRO E 687 24.52 1.06 1.05
C PRO E 687 25.52 2.19 0.85
N LEU E 688 26.13 2.19 -0.34
CA LEU E 688 26.95 3.32 -0.75
C LEU E 688 26.16 4.61 -0.67
N THR E 689 24.89 4.57 -1.11
CA THR E 689 24.09 5.79 -1.18
C THR E 689 23.88 6.40 0.19
N ALA E 690 23.69 5.59 1.22
CA ALA E 690 23.58 6.15 2.56
C ALA E 690 24.88 6.85 2.97
N ILE E 691 26.01 6.25 2.61
CA ILE E 691 27.31 6.84 2.90
C ILE E 691 27.41 8.20 2.24
N THR E 692 27.18 8.24 0.93
CA THR E 692 27.25 9.47 0.18
C THR E 692 26.28 10.49 0.74
N THR E 693 25.13 10.03 1.20
CA THR E 693 24.13 10.92 1.79
C THR E 693 24.70 11.60 3.02
N PHE E 694 25.18 10.81 3.97
CA PHE E 694 25.74 11.36 5.19
C PHE E 694 26.90 12.30 4.87
N SER E 695 27.76 11.90 3.93
CA SER E 695 28.91 12.72 3.59
C SER E 695 28.49 14.06 3.00
N SER E 696 27.54 14.05 2.08
CA SER E 696 27.03 15.28 1.52
C SER E 696 26.43 16.17 2.61
N MET E 697 25.56 15.59 3.43
CA MET E 697 24.95 16.32 4.52
C MET E 697 25.98 16.90 5.47
N LEU E 698 27.09 16.21 5.69
CA LEU E 698 28.21 16.81 6.39
C LEU E 698 28.74 18.02 5.63
N GLU E 699 29.00 17.85 4.33
CA GLU E 699 29.32 18.99 3.49
C GLU E 699 28.16 19.97 3.41
N ARG E 700 26.95 19.51 3.67
CA ARG E 700 25.76 20.34 3.64
C ARG E 700 25.73 21.32 4.81
N LEU E 701 26.71 21.23 5.70
CA LEU E 701 26.81 22.03 6.91
C LEU E 701 27.94 23.04 6.77
N ASP E 702 27.81 24.17 7.45
CA ASP E 702 28.85 25.20 7.44
C ASP E 702 29.67 25.15 8.71
N PHE E 703 30.94 25.53 8.56
CA PHE E 703 31.87 25.55 9.69
C PHE E 703 31.45 26.53 10.77
N SER E 704 30.72 27.58 10.41
CA SER E 704 30.35 28.58 11.40
C SER E 704 29.42 28.03 12.45
N ASP E 705 28.67 26.97 12.13
CA ASP E 705 27.76 26.39 13.10
C ASP E 705 28.50 25.51 14.09
N GLN E 706 27.96 25.43 15.29
CA GLN E 706 28.60 24.73 16.41
C GLN E 706 27.79 23.48 16.71
N ILE E 707 28.26 22.36 16.19
CA ILE E 707 27.64 21.06 16.41
C ILE E 707 28.72 20.00 16.45
N LEU E 708 28.65 19.14 17.46
CA LEU E 708 29.60 18.04 17.56
C LEU E 708 29.27 16.98 16.53
N PHE E 709 30.31 16.41 15.94
CA PHE E 709 30.24 15.13 15.26
C PHE E 709 31.06 14.16 16.10
N LEU E 710 30.42 13.10 16.58
CA LEU E 710 31.02 12.21 17.56
C LEU E 710 30.99 10.77 17.05
N ALA E 711 32.15 10.12 17.09
CA ALA E 711 32.26 8.73 16.71
C ALA E 711 33.41 8.09 17.47
N LEU E 712 33.39 6.76 17.50
CA LEU E 712 34.45 5.97 18.12
C LEU E 712 34.49 4.62 17.43
N SER E 713 35.66 4.00 17.45
CA SER E 713 35.86 2.81 16.64
C SER E 713 36.49 1.70 17.46
N SER E 714 36.07 0.47 17.17
CA SER E 714 36.74 -0.70 17.71
C SER E 714 37.98 -1.07 16.91
N SER E 715 38.21 -0.43 15.79
CA SER E 715 39.45 -0.61 15.06
C SER E 715 40.41 0.51 15.41
N PRO E 716 41.61 0.21 15.86
CA PRO E 716 42.62 1.24 16.08
C PRO E 716 42.99 1.87 14.75
N LEU E 717 43.62 3.04 14.82
CA LEU E 717 43.97 3.76 13.62
C LEU E 717 44.97 2.98 12.80
N SER E 718 45.30 3.52 11.62
CA SER E 718 46.20 2.91 10.64
C SER E 718 45.56 1.72 9.94
N GLU E 719 44.36 1.34 10.36
CA GLU E 719 43.59 0.29 9.72
C GLU E 719 42.13 0.70 9.63
N LEU E 720 41.85 1.98 9.71
CA LEU E 720 40.49 2.48 9.77
C LEU E 720 39.85 2.47 8.39
N HIS E 721 38.52 2.58 8.38
CA HIS E 721 37.79 2.54 7.13
C HIS E 721 38.14 3.75 6.27
N PRO E 722 38.02 3.62 4.96
CA PRO E 722 38.42 4.70 4.07
C PRO E 722 37.54 5.92 4.24
N GLN E 723 36.35 5.74 4.80
CA GLN E 723 35.52 6.86 5.21
C GLN E 723 35.98 7.49 6.51
N LEU E 724 36.77 6.77 7.29
CA LEU E 724 37.29 7.38 8.50
C LEU E 724 38.56 8.16 8.24
N ARG E 725 39.42 7.64 7.36
CA ARG E 725 40.76 8.17 7.16
C ARG E 725 40.78 9.56 6.56
N GLU E 726 39.63 10.11 6.17
CA GLU E 726 39.56 11.43 5.57
C GLU E 726 38.59 12.36 6.27
N TRP E 727 37.55 11.84 6.91
CA TRP E 727 36.56 12.72 7.52
C TRP E 727 37.14 13.53 8.67
N PHE E 728 38.26 13.10 9.24
CA PHE E 728 38.93 13.87 10.27
C PHE E 728 40.34 14.28 9.88
N SER E 729 41.18 13.31 9.54
CA SER E 729 42.53 13.55 9.00
C SER E 729 43.36 14.50 9.87
N SER E 730 43.17 14.47 11.18
CA SER E 730 43.87 15.38 12.05
C SER E 730 43.89 14.83 13.47
N LYS E 731 45.01 15.07 14.17
CA LYS E 731 45.11 14.65 15.56
C LYS E 731 44.01 15.24 16.41
N GLN E 732 43.63 16.49 16.15
CA GLN E 732 42.61 17.20 16.90
C GLN E 732 41.20 16.81 16.48
N SER E 733 41.06 15.88 15.53
CA SER E 733 39.76 15.37 15.13
C SER E 733 39.59 13.91 15.55
N VAL E 734 40.39 13.44 16.49
CA VAL E 734 40.47 12.01 16.78
C VAL E 734 41.19 11.80 18.10
N TYR E 735 40.81 10.73 18.79
CA TYR E 735 41.48 10.31 20.01
C TYR E 735 41.98 8.89 19.86
N SER E 736 43.26 8.70 20.14
CA SER E 736 43.88 7.38 20.15
C SER E 736 43.81 6.78 21.54
N LEU E 737 43.51 5.49 21.60
CA LEU E 737 43.39 4.78 22.87
C LEU E 737 44.41 3.65 22.96
N GLN E 738 44.90 3.42 24.16
CA GLN E 738 45.89 2.39 24.45
C GLN E 738 45.33 1.42 25.49
N TYR E 739 46.13 0.44 25.85
CA TYR E 739 45.75 -0.48 26.90
C TYR E 739 45.85 0.21 28.25
N PRO E 740 45.14 -0.31 29.26
CA PRO E 740 45.23 0.28 30.59
C PRO E 740 46.57 -0.01 31.23
N THR E 741 47.08 0.95 32.00
CA THR E 741 48.34 0.74 32.68
C THR E 741 48.16 -0.16 33.89
N ARG E 742 49.22 -0.92 34.18
CA ARG E 742 49.23 -1.85 35.31
C ARG E 742 48.78 -1.19 36.60
N ASP E 743 49.26 0.02 36.86
CA ASP E 743 48.94 0.69 38.11
C ASP E 743 47.47 1.08 38.20
N SER E 744 46.85 1.46 37.10
CA SER E 744 45.41 1.61 37.11
C SER E 744 44.73 0.28 37.43
N ILE E 745 45.27 -0.80 36.89
CA ILE E 745 44.68 -2.12 37.06
C ILE E 745 44.65 -2.50 38.53
N ILE E 746 45.81 -2.40 39.19
CA ILE E 746 45.92 -2.84 40.57
C ILE E 746 44.96 -2.06 41.45
N ALA E 747 44.71 -0.80 41.11
CA ALA E 747 43.64 -0.07 41.75
C ALA E 747 42.28 -0.64 41.38
N PHE E 748 42.14 -1.14 40.16
CA PHE E 748 40.87 -1.74 39.76
C PHE E 748 40.55 -2.95 40.61
N PHE E 749 41.51 -3.85 40.78
CA PHE E 749 41.37 -4.97 41.71
C PHE E 749 41.76 -4.59 43.12
N GLN E 750 41.78 -3.30 43.44
CA GLN E 750 42.13 -2.90 44.80
C GLN E 750 41.07 -3.32 45.81
N PRO E 751 39.81 -2.90 45.70
CA PRO E 751 38.86 -3.13 46.80
C PRO E 751 38.60 -4.60 47.07
N ILE E 752 38.60 -5.42 46.03
CA ILE E 752 38.32 -6.83 46.17
C ILE E 752 39.32 -7.50 47.10
N LEU E 753 40.56 -7.03 47.09
CA LEU E 753 41.62 -7.63 47.88
C LEU E 753 41.40 -7.47 49.37
N GLU E 754 40.55 -6.54 49.78
CA GLU E 754 40.20 -6.38 51.18
C GLU E 754 38.77 -6.81 51.46
N LEU E 755 37.89 -6.73 50.47
CA LEU E 755 36.55 -7.29 50.61
C LEU E 755 36.61 -8.77 50.94
N ILE E 756 37.63 -9.45 50.43
CA ILE E 756 37.82 -10.86 50.72
C ILE E 756 38.06 -11.10 52.20
N LYS E 757 38.69 -10.14 52.89
CA LYS E 757 39.14 -10.35 54.26
C LYS E 757 38.27 -9.64 55.28
N ALA E 758 37.04 -9.25 54.91
CA ALA E 758 36.09 -8.71 55.87
C ALA E 758 34.67 -9.18 55.56
N SER E 759 34.55 -10.39 55.01
CA SER E 759 33.31 -10.79 54.35
C SER E 759 32.15 -11.04 55.31
N PRO E 760 32.23 -11.97 56.27
CA PRO E 760 31.03 -12.50 56.89
C PRO E 760 30.32 -11.54 57.83
N THR E 761 30.78 -10.30 57.92
CA THR E 761 30.11 -9.27 58.69
C THR E 761 29.87 -7.99 57.92
N GLU E 762 30.76 -7.64 56.98
CA GLU E 762 30.59 -6.44 56.17
C GLU E 762 29.59 -6.62 55.05
N LEU E 763 29.17 -7.85 54.79
CA LEU E 763 28.21 -8.15 53.76
C LEU E 763 27.03 -8.89 54.37
N PRO E 764 25.83 -8.67 53.86
CA PRO E 764 24.62 -9.33 54.39
C PRO E 764 24.45 -10.76 53.90
N GLY E 765 25.53 -11.54 53.94
CA GLY E 765 25.47 -12.94 53.58
C GLY E 765 26.19 -13.83 54.58
N GLY E 766 26.94 -13.20 55.49
CA GLY E 766 27.58 -13.96 56.55
C GLY E 766 26.70 -14.12 57.77
N ILE E 767 25.61 -13.38 57.82
CA ILE E 767 24.71 -13.38 58.97
C ILE E 767 23.35 -13.90 58.52
N PRO E 768 22.76 -14.89 59.21
CA PRO E 768 21.36 -15.22 58.96
C PRO E 768 20.47 -14.07 59.40
N ARG E 769 19.51 -13.72 58.57
CA ARG E 769 18.78 -12.48 58.75
C ARG E 769 17.97 -12.49 60.05
N LYS E 770 17.74 -11.30 60.58
CA LYS E 770 17.14 -11.15 61.90
C LYS E 770 15.62 -11.31 61.84
N ARG E 771 15.10 -12.17 62.70
CA ARG E 771 13.66 -12.34 62.81
C ARG E 771 13.02 -11.06 63.34
N ARG E 772 11.80 -10.79 62.90
CA ARG E 772 11.02 -9.66 63.38
C ARG E 772 9.79 -10.16 64.12
N VAL E 773 9.37 -9.40 65.13
CA VAL E 773 8.15 -9.68 65.86
C VAL E 773 7.40 -8.37 66.07
N LEU E 774 6.08 -8.42 65.91
CA LEU E 774 5.24 -7.28 66.18
C LEU E 774 3.96 -7.80 66.84
N PRO E 775 3.51 -7.15 67.91
CA PRO E 775 2.27 -7.59 68.57
C PRO E 775 1.08 -7.48 67.63
N GLU E 776 0.00 -8.14 68.03
CA GLU E 776 -1.21 -8.20 67.22
C GLU E 776 -1.97 -6.87 67.17
N LEU E 777 -1.53 -5.86 67.92
CA LEU E 777 -2.12 -4.52 67.90
C LEU E 777 -3.62 -4.60 68.15
N PRO E 778 -4.05 -4.83 69.39
CA PRO E 778 -5.46 -5.20 69.67
C PRO E 778 -6.47 -4.29 68.99
N LEU E 779 -7.47 -4.92 68.37
CA LEU E 779 -8.36 -4.25 67.43
C LEU E 779 -9.60 -3.74 68.17
N ALA E 780 -10.04 -2.55 67.79
CA ALA E 780 -11.34 -2.04 68.21
C ALA E 780 -12.43 -2.72 67.39
N PRO E 781 -12.29 -2.77 66.05
CA PRO E 781 -13.24 -3.59 65.28
C PRO E 781 -12.64 -4.95 64.90
N GLU E 1136 46.40 -10.53 54.65
CA GLU E 1136 47.41 -11.45 55.16
C GLU E 1136 48.53 -11.69 54.17
N ASP E 1137 49.59 -12.31 54.68
CA ASP E 1137 50.66 -12.89 53.90
C ASP E 1137 50.20 -14.04 53.01
N ARG E 1138 49.02 -14.60 53.27
CA ARG E 1138 48.41 -15.61 52.41
C ARG E 1138 47.72 -14.99 51.20
N LEU E 1139 47.95 -13.71 50.92
CA LEU E 1139 47.23 -12.99 49.89
C LEU E 1139 48.12 -12.44 48.79
N THR E 1140 49.26 -11.89 49.14
CA THR E 1140 50.20 -11.27 48.22
C THR E 1140 50.62 -12.17 47.06
N PRO E 1141 50.76 -13.49 47.24
CA PRO E 1141 51.02 -14.34 46.07
C PRO E 1141 49.91 -14.25 45.03
N LEU E 1142 48.65 -14.28 45.46
CA LEU E 1142 47.55 -14.04 44.52
C LEU E 1142 47.64 -12.66 43.92
N LYS E 1143 48.10 -11.67 44.70
CA LYS E 1143 48.26 -10.32 44.18
C LYS E 1143 49.23 -10.29 43.00
N GLN E 1144 50.33 -11.03 43.11
CA GLN E 1144 51.24 -11.13 41.98
C GLN E 1144 50.71 -12.04 40.90
N LEU E 1145 49.86 -12.99 41.26
CA LEU E 1145 49.25 -13.88 40.29
C LEU E 1145 48.36 -13.13 39.32
N LEU E 1146 47.42 -12.35 39.85
CA LEU E 1146 46.48 -11.61 39.02
C LEU E 1146 47.21 -10.73 38.02
N ILE E 1147 48.28 -10.12 38.46
CA ILE E 1147 49.09 -9.29 37.58
C ILE E 1147 50.06 -10.20 36.83
N ASP E 1148 50.52 -9.71 35.68
CA ASP E 1148 51.50 -10.37 34.83
C ASP E 1148 50.91 -11.56 34.09
N SER E 1149 49.69 -11.95 34.43
CA SER E 1149 48.91 -12.89 33.67
C SER E 1149 47.90 -12.20 32.78
N THR E 1150 47.91 -10.86 32.76
CA THR E 1150 46.90 -10.09 32.06
C THR E 1150 47.50 -8.91 31.30
N THR E 1151 48.81 -8.72 31.39
CA THR E 1151 49.43 -7.50 30.89
C THR E 1151 49.35 -7.52 29.37
N GLY E 1152 48.36 -6.80 28.85
CA GLY E 1152 48.02 -6.86 27.45
C GLY E 1152 46.57 -7.27 27.26
N PHE E 1153 45.93 -7.63 28.36
CA PHE E 1153 44.55 -8.10 28.30
C PHE E 1153 43.60 -6.94 28.05
N THR E 1154 42.55 -7.21 27.29
CA THR E 1154 41.62 -6.15 26.99
C THR E 1154 40.77 -5.84 28.21
N VAL E 1155 40.02 -4.74 28.09
CA VAL E 1155 39.30 -4.17 29.20
C VAL E 1155 38.24 -5.13 29.72
N ASP E 1156 37.50 -5.74 28.80
CA ASP E 1156 36.45 -6.66 29.15
C ASP E 1156 36.97 -7.86 29.93
N GLN E 1157 38.22 -8.24 29.73
CA GLN E 1157 38.71 -9.47 30.36
C GLN E 1157 38.85 -9.29 31.86
N LEU E 1158 39.29 -8.12 32.28
CA LEU E 1158 39.24 -7.79 33.70
C LEU E 1158 37.81 -7.85 34.21
N LEU E 1159 36.84 -7.48 33.38
CA LEU E 1159 35.45 -7.59 33.78
C LEU E 1159 35.06 -9.05 34.00
N HIS E 1160 35.50 -9.92 33.10
CA HIS E 1160 35.28 -11.34 33.25
C HIS E 1160 35.79 -11.82 34.60
N LEU E 1161 37.07 -11.57 34.85
CA LEU E 1161 37.67 -11.99 36.11
C LEU E 1161 36.96 -11.39 37.30
N HIS E 1162 36.54 -10.14 37.16
CA HIS E 1162 35.75 -9.47 38.18
C HIS E 1162 34.51 -10.26 38.52
N SER E 1163 33.71 -10.58 37.51
CA SER E 1163 32.52 -11.39 37.68
C SER E 1163 32.84 -12.72 38.33
N PHE E 1164 33.92 -13.36 37.88
CA PHE E 1164 34.25 -14.69 38.38
C PHE E 1164 34.60 -14.67 39.85
N LEU E 1165 35.59 -13.85 40.23
CA LEU E 1165 35.94 -13.67 41.62
C LEU E 1165 34.76 -13.22 42.45
N TYR E 1166 33.84 -12.44 41.88
CA TYR E 1166 32.64 -12.11 42.61
C TYR E 1166 31.78 -13.33 42.88
N GLN E 1167 31.73 -14.26 41.92
CA GLN E 1167 31.07 -15.54 42.19
C GLN E 1167 31.75 -16.26 43.34
N ILE E 1168 33.08 -16.31 43.30
CA ILE E 1168 33.87 -16.94 44.36
C ILE E 1168 33.45 -16.40 45.72
N ILE E 1169 33.46 -15.08 45.84
CA ILE E 1169 33.17 -14.49 47.13
C ILE E 1169 31.69 -14.61 47.48
N TRP E 1170 30.82 -14.63 46.48
CA TRP E 1170 29.42 -14.90 46.77
C TRP E 1170 29.27 -16.26 47.42
N ASN E 1171 30.07 -17.22 46.97
CA ASN E 1171 30.10 -18.52 47.65
C ASN E 1171 30.67 -18.39 49.05
N THR E 1172 31.84 -17.76 49.18
CA THR E 1172 32.57 -17.67 50.45
C THR E 1172 32.00 -16.61 51.38
N LYS E 1173 30.82 -16.08 51.05
CA LYS E 1173 30.19 -15.03 51.85
C LYS E 1173 30.05 -15.38 53.32
N SER E 1174 29.95 -16.67 53.64
CA SER E 1174 29.82 -17.12 55.03
C SER E 1174 31.07 -17.82 55.52
N GLU E 1175 32.21 -17.55 54.90
CA GLU E 1175 33.47 -18.14 55.33
C GLU E 1175 34.12 -17.29 56.40
N TRP E 1176 34.84 -17.94 57.30
CA TRP E 1176 35.57 -17.26 58.35
C TRP E 1176 37.03 -17.68 58.31
N ASN E 1177 37.91 -16.77 58.71
CA ASN E 1177 39.35 -16.98 58.61
C ASN E 1177 39.74 -17.24 57.15
N ARG E 1178 39.56 -16.19 56.36
CA ARG E 1178 39.86 -16.24 54.93
C ARG E 1178 41.38 -16.25 54.75
N ASN E 1179 41.80 -16.08 53.49
CA ASN E 1179 43.18 -16.32 53.05
C ASN E 1179 43.45 -17.82 52.97
N SER E 1180 42.40 -18.62 53.19
CA SER E 1180 42.39 -20.02 52.86
C SER E 1180 41.47 -20.29 51.68
N VAL E 1181 40.86 -19.24 51.11
CA VAL E 1181 39.85 -19.34 50.08
C VAL E 1181 40.38 -18.81 48.75
N VAL E 1182 41.69 -18.78 48.58
CA VAL E 1182 42.28 -18.09 47.44
C VAL E 1182 42.50 -19.02 46.27
N ASP E 1183 42.56 -20.32 46.55
CA ASP E 1183 42.88 -21.32 45.55
C ASP E 1183 41.91 -21.26 44.38
N GLU E 1184 40.60 -21.18 44.65
CA GLU E 1184 39.62 -21.04 43.59
C GLU E 1184 39.90 -19.81 42.76
N CYS E 1185 40.33 -18.73 43.42
CA CYS E 1185 40.69 -17.52 42.70
C CYS E 1185 41.79 -17.78 41.70
N GLU E 1186 42.94 -18.28 42.18
CA GLU E 1186 44.06 -18.44 41.25
C GLU E 1186 43.76 -19.49 40.18
N ARG E 1187 43.06 -20.55 40.55
CA ARG E 1187 42.71 -21.55 39.54
C ARG E 1187 41.78 -21.00 38.48
N ALA E 1188 40.83 -20.14 38.87
CA ALA E 1188 40.04 -19.45 37.87
C ALA E 1188 40.92 -18.60 36.98
N VAL E 1189 41.94 -17.99 37.55
CA VAL E 1189 42.93 -17.29 36.73
C VAL E 1189 43.52 -18.24 35.70
N LYS E 1190 44.01 -19.39 36.16
CA LYS E 1190 44.67 -20.35 35.28
C LYS E 1190 43.75 -20.80 34.15
N GLU E 1191 42.52 -21.21 34.50
CA GLU E 1191 41.57 -21.64 33.49
C GLU E 1191 41.22 -20.51 32.54
N PHE E 1192 41.29 -19.28 33.01
CA PHE E 1192 40.80 -18.16 32.22
C PHE E 1192 41.59 -17.96 30.94
N MET E 1193 42.88 -18.33 30.95
CA MET E 1193 43.79 -17.91 29.90
C MET E 1193 43.45 -18.42 28.52
N ILE E 1194 42.66 -19.48 28.40
CA ILE E 1194 42.49 -20.11 27.09
C ILE E 1194 41.67 -19.19 26.19
N PRO F 264 -4.82 47.02 24.90
CA PRO F 264 -4.16 45.70 24.77
C PRO F 264 -4.39 45.08 23.41
N LEU F 265 -3.76 45.61 22.37
CA LEU F 265 -4.07 45.18 21.01
C LEU F 265 -2.84 44.60 20.33
N GLY F 266 -2.52 43.35 20.64
CA GLY F 266 -2.38 42.33 19.61
C GLY F 266 -1.90 42.83 18.27
N VAL F 267 -2.85 42.77 17.35
CA VAL F 267 -2.81 43.28 15.99
C VAL F 267 -2.17 44.67 15.97
N ASP F 268 -1.42 44.97 14.93
CA ASP F 268 -0.74 46.26 14.76
C ASP F 268 -1.65 47.24 14.03
N SER F 269 -1.22 48.50 13.97
CA SER F 269 -2.08 49.57 13.46
C SER F 269 -1.47 50.32 12.29
N SER F 270 -0.92 49.61 11.31
CA SER F 270 -0.39 50.20 10.09
C SER F 270 -1.24 49.70 8.93
N LEU F 271 -2.14 50.54 8.44
CA LEU F 271 -3.14 50.10 7.46
C LEU F 271 -3.07 50.98 6.20
N SER F 272 -3.90 50.62 5.22
CA SER F 272 -3.86 51.24 3.89
C SER F 272 -2.57 50.89 3.16
N PHE F 273 -2.30 49.58 3.06
CA PHE F 273 -1.08 49.07 2.45
C PHE F 273 0.16 49.59 3.19
N GLU F 274 0.00 49.73 4.50
CA GLU F 274 1.06 50.14 5.40
C GLU F 274 1.72 48.96 6.09
N SER F 275 1.12 47.78 6.00
CA SER F 275 1.71 46.55 6.51
C SER F 275 2.50 45.78 5.45
N VAL F 276 2.30 46.10 4.17
CA VAL F 276 3.08 45.51 3.07
C VAL F 276 3.95 46.64 2.53
N GLY F 277 4.33 47.57 3.41
CA GLY F 277 5.10 48.74 3.04
C GLY F 277 6.44 48.47 2.40
N GLY F 278 6.66 49.05 1.23
CA GLY F 278 7.87 48.83 0.47
C GLY F 278 7.58 48.25 -0.89
N LEU F 279 6.30 47.93 -1.14
CA LEU F 279 5.86 47.28 -2.37
C LEU F 279 4.64 48.02 -2.91
N ASP F 280 4.88 49.06 -3.69
CA ASP F 280 3.78 49.78 -4.34
C ASP F 280 3.45 49.25 -5.72
N ASN F 281 4.29 48.39 -6.29
CA ASN F 281 4.02 47.90 -7.64
C ASN F 281 2.77 47.03 -7.66
N TYR F 282 2.66 46.07 -6.73
CA TYR F 282 1.44 45.28 -6.66
C TYR F 282 0.26 46.13 -6.21
N ILE F 283 0.53 47.16 -5.41
CA ILE F 283 -0.52 48.09 -5.01
C ILE F 283 -1.13 48.73 -6.25
N ASN F 284 -0.29 49.28 -7.12
CA ASN F 284 -0.78 49.86 -8.36
C ASN F 284 -1.44 48.80 -9.22
N GLN F 285 -0.85 47.61 -9.28
CA GLN F 285 -1.39 46.51 -10.08
C GLN F 285 -2.81 46.15 -9.69
N LEU F 286 -3.09 46.12 -8.40
CA LEU F 286 -4.42 45.81 -7.89
C LEU F 286 -5.37 47.00 -7.99
N LYS F 287 -4.87 48.22 -7.77
CA LYS F 287 -5.72 49.40 -7.87
C LYS F 287 -6.19 49.68 -9.30
N GLU F 288 -5.73 48.89 -10.27
CA GLU F 288 -6.22 48.92 -11.63
C GLU F 288 -7.45 48.05 -11.85
N MET F 289 -7.76 47.16 -10.92
CA MET F 289 -8.63 46.03 -11.20
C MET F 289 -9.91 46.04 -10.36
N VAL F 290 -9.78 46.12 -9.04
CA VAL F 290 -10.92 46.25 -8.13
C VAL F 290 -11.39 47.70 -8.12
N MET F 291 -10.46 48.63 -8.24
CA MET F 291 -10.74 50.06 -8.22
C MET F 291 -11.46 50.51 -9.48
N LEU F 292 -11.22 49.83 -10.59
CA LEU F 292 -11.77 50.29 -11.87
C LEU F 292 -13.27 50.04 -12.06
N PRO F 293 -13.84 48.88 -11.71
CA PRO F 293 -15.28 48.69 -11.95
C PRO F 293 -16.13 49.71 -11.24
N LEU F 294 -15.66 50.14 -10.07
CA LEU F 294 -16.29 51.20 -9.30
C LEU F 294 -15.73 52.57 -9.64
N LEU F 295 -14.63 52.62 -10.38
CA LEU F 295 -14.12 53.88 -10.92
C LEU F 295 -14.91 54.29 -12.15
N TYR F 296 -15.04 53.40 -13.12
CA TYR F 296 -15.76 53.68 -14.35
C TYR F 296 -16.88 52.68 -14.53
N PRO F 297 -18.07 52.95 -13.99
CA PRO F 297 -19.25 52.13 -14.31
C PRO F 297 -19.83 52.43 -15.67
N GLU F 298 -19.45 53.56 -16.29
CA GLU F 298 -20.01 53.95 -17.58
C GLU F 298 -19.55 53.04 -18.71
N ILE F 299 -18.40 52.41 -18.57
CA ILE F 299 -17.82 51.60 -19.64
C ILE F 299 -18.34 50.18 -19.51
N PHE F 300 -19.22 49.96 -18.54
CA PHE F 300 -19.86 48.68 -18.34
C PHE F 300 -21.03 48.43 -19.30
N GLN F 301 -21.46 49.45 -20.02
CA GLN F 301 -22.33 49.27 -21.18
C GLN F 301 -21.90 50.09 -22.39
N ARG F 302 -21.11 51.16 -22.20
CA ARG F 302 -20.45 51.77 -23.34
C ARG F 302 -19.53 50.76 -24.02
N PHE F 303 -18.89 49.91 -23.22
CA PHE F 303 -18.06 48.84 -23.72
C PHE F 303 -18.38 47.51 -23.07
N ASN F 304 -19.34 47.49 -22.14
CA ASN F 304 -20.07 46.32 -21.63
C ASN F 304 -19.19 45.08 -21.48
N MET F 305 -18.16 45.24 -20.68
CA MET F 305 -17.27 44.15 -20.34
C MET F 305 -17.12 44.09 -18.82
N GLN F 306 -16.43 43.07 -18.36
CA GLN F 306 -16.19 42.92 -16.94
C GLN F 306 -14.75 43.33 -16.62
N PRO F 307 -14.54 44.54 -16.11
CA PRO F 307 -13.25 44.91 -15.56
C PRO F 307 -12.79 43.89 -14.53
N PRO F 308 -11.53 43.43 -14.63
CA PRO F 308 -11.09 42.29 -13.81
C PRO F 308 -11.15 42.55 -12.31
N ARG F 309 -11.94 41.75 -11.61
CA ARG F 309 -12.05 41.83 -10.17
C ARG F 309 -11.89 40.45 -9.55
N GLY F 310 -11.23 40.42 -8.40
CA GLY F 310 -10.90 39.17 -7.72
C GLY F 310 -9.40 39.03 -7.63
N VAL F 311 -8.86 38.99 -6.42
CA VAL F 311 -7.41 38.95 -6.23
C VAL F 311 -7.05 37.74 -5.37
N LEU F 312 -6.02 37.02 -5.76
CA LEU F 312 -5.43 35.98 -4.92
C LEU F 312 -4.29 36.60 -4.12
N PHE F 313 -4.55 36.87 -2.85
CA PHE F 313 -3.46 37.16 -1.93
C PHE F 313 -2.67 35.88 -1.74
N HIS F 314 -1.40 35.90 -2.13
CA HIS F 314 -0.61 34.68 -2.04
C HIS F 314 0.85 35.04 -1.83
N GLY F 315 1.56 34.12 -1.17
CA GLY F 315 2.91 34.36 -0.76
C GLY F 315 3.24 33.60 0.52
N PRO F 316 4.49 33.63 0.92
CA PRO F 316 4.91 32.88 2.10
C PRO F 316 4.36 33.50 3.38
N PRO F 317 3.97 32.69 4.35
CA PRO F 317 3.59 33.24 5.66
C PRO F 317 4.76 33.99 6.30
N GLY F 318 4.42 35.02 7.04
CA GLY F 318 5.42 35.94 7.58
C GLY F 318 5.21 37.29 6.93
N THR F 319 4.99 37.27 5.62
CA THR F 319 4.44 38.43 4.94
C THR F 319 3.02 38.71 5.40
N GLY F 320 2.31 37.67 5.81
CA GLY F 320 0.89 37.75 6.04
C GLY F 320 0.11 37.64 4.75
N LYS F 321 -1.14 37.22 4.88
CA LYS F 321 -2.11 37.28 3.80
C LYS F 321 -3.29 38.16 4.12
N THR F 322 -3.41 38.59 5.38
CA THR F 322 -4.60 39.22 5.94
C THR F 322 -4.37 40.66 6.32
N LEU F 323 -3.21 40.99 6.88
CA LEU F 323 -2.84 42.38 7.10
C LEU F 323 -2.88 43.19 5.82
N MET F 324 -2.46 42.59 4.71
CA MET F 324 -2.66 43.16 3.39
C MET F 324 -4.13 43.33 3.03
N ALA F 325 -5.00 42.46 3.55
CA ALA F 325 -6.42 42.62 3.27
C ALA F 325 -6.97 43.95 3.77
N ARG F 326 -6.76 44.27 5.06
CA ARG F 326 -7.17 45.57 5.55
C ARG F 326 -6.24 46.67 5.06
N ALA F 327 -5.03 46.32 4.62
CA ALA F 327 -4.22 47.26 3.87
C ALA F 327 -4.99 47.80 2.66
N LEU F 328 -5.46 46.89 1.81
CA LEU F 328 -6.28 47.31 0.69
C LEU F 328 -7.61 47.89 1.15
N ALA F 329 -8.14 47.40 2.27
CA ALA F 329 -9.41 47.91 2.78
C ALA F 329 -9.31 49.39 3.11
N ALA F 330 -8.19 49.81 3.67
CA ALA F 330 -7.95 51.24 3.90
C ALA F 330 -7.52 51.96 2.62
N ALA F 331 -6.87 51.26 1.69
CA ALA F 331 -6.56 51.83 0.40
C ALA F 331 -7.77 52.01 -0.50
N CYS F 332 -8.92 51.49 -0.09
CA CYS F 332 -10.17 51.71 -0.82
C CYS F 332 -11.26 52.39 -0.02
N SER F 333 -11.20 52.38 1.31
CA SER F 333 -12.30 52.91 2.12
C SER F 333 -12.50 54.40 1.89
N SER F 334 -11.46 55.20 2.15
CA SER F 334 -11.52 56.62 1.85
C SER F 334 -11.28 56.91 0.38
N GLU F 335 -10.52 56.06 -0.32
CA GLU F 335 -10.34 56.21 -1.75
C GLU F 335 -11.65 56.07 -2.49
N ASN F 336 -12.54 55.22 -1.97
CA ASN F 336 -13.89 55.05 -2.51
C ASN F 336 -14.91 55.57 -1.50
N LYS F 337 -15.43 56.77 -1.76
CA LYS F 337 -16.52 57.33 -0.96
C LYS F 337 -17.80 57.18 -1.79
N LYS F 338 -18.55 56.11 -1.51
CA LYS F 338 -18.16 55.20 -0.45
C LYS F 338 -18.21 53.74 -0.88
N VAL F 339 -17.45 52.91 -0.17
CA VAL F 339 -17.47 51.47 -0.36
C VAL F 339 -17.62 50.80 0.99
N SER F 340 -18.38 49.71 1.01
CA SER F 340 -18.54 48.88 2.19
C SER F 340 -17.72 47.60 2.03
N PHE F 341 -17.64 46.85 3.13
CA PHE F 341 -16.72 45.72 3.20
C PHE F 341 -17.44 44.50 3.76
N TYR F 342 -17.08 43.33 3.25
CA TYR F 342 -17.58 42.06 3.74
C TYR F 342 -16.40 41.13 3.96
N MET F 343 -16.16 40.75 5.21
CA MET F 343 -14.95 40.06 5.62
C MET F 343 -15.29 38.61 5.96
N ARG F 344 -14.56 37.68 5.34
CA ARG F 344 -14.74 36.27 5.61
C ARG F 344 -13.40 35.63 5.94
N LYS F 345 -13.30 35.06 7.14
CA LYS F 345 -12.06 34.46 7.63
C LYS F 345 -12.34 33.06 8.14
N GLY F 346 -11.42 32.14 7.88
CA GLY F 346 -11.52 30.80 8.40
C GLY F 346 -12.54 29.95 7.67
N ALA F 347 -12.34 28.64 7.75
CA ALA F 347 -13.18 27.67 7.04
C ALA F 347 -14.41 27.34 7.88
N ASP F 348 -15.25 28.35 8.08
CA ASP F 348 -16.47 28.20 8.86
C ASP F 348 -17.71 28.20 7.99
N CYS F 349 -17.57 27.94 6.69
CA CYS F 349 -18.70 27.85 5.77
C CYS F 349 -19.00 26.40 5.43
N LEU F 350 -18.99 25.52 6.43
CA LEU F 350 -19.37 24.12 6.29
C LEU F 350 -20.60 23.81 7.13
N SER F 351 -21.02 22.55 7.02
CA SER F 351 -22.10 21.97 7.81
C SER F 351 -22.30 20.53 7.36
N LYS F 352 -23.21 19.83 8.04
CA LYS F 352 -23.77 18.61 7.50
C LYS F 352 -24.83 18.84 6.43
N TRP F 353 -25.53 19.96 6.46
CA TRP F 353 -26.40 20.31 5.34
C TRP F 353 -25.61 20.92 4.20
N VAL F 354 -25.87 20.41 3.00
CA VAL F 354 -25.41 21.00 1.75
C VAL F 354 -25.92 22.43 1.58
N GLY F 355 -27.02 22.79 2.26
CA GLY F 355 -27.61 24.10 2.15
C GLY F 355 -27.17 25.09 3.20
N GLU F 356 -26.57 24.62 4.30
CA GLU F 356 -26.08 25.54 5.32
C GLU F 356 -24.85 26.31 4.81
N ALA F 357 -23.82 25.58 4.37
CA ALA F 357 -22.69 26.20 3.67
C ALA F 357 -23.16 26.97 2.46
N GLU F 358 -24.19 26.46 1.79
CA GLU F 358 -24.76 27.12 0.62
C GLU F 358 -25.22 28.53 0.99
N ARG F 359 -26.17 28.59 1.93
CA ARG F 359 -26.79 29.82 2.37
C ARG F 359 -25.84 30.77 3.07
N GLN F 360 -24.75 30.29 3.66
CA GLN F 360 -23.84 31.24 4.29
C GLN F 360 -23.24 32.19 3.24
N LEU F 361 -22.56 31.61 2.25
CA LEU F 361 -22.03 32.42 1.15
C LEU F 361 -23.15 33.12 0.39
N ARG F 362 -24.32 32.48 0.26
CA ARG F 362 -25.42 33.16 -0.44
C ARG F 362 -25.90 34.39 0.32
N LEU F 363 -25.94 34.30 1.65
CA LEU F 363 -26.35 35.41 2.49
C LEU F 363 -25.37 36.56 2.39
N LEU F 364 -24.07 36.26 2.56
CA LEU F 364 -23.07 37.29 2.36
C LEU F 364 -23.17 37.91 0.97
N PHE F 365 -23.44 37.09 -0.05
CA PHE F 365 -23.54 37.61 -1.40
C PHE F 365 -24.70 38.60 -1.52
N GLU F 366 -25.89 38.22 -1.07
CA GLU F 366 -27.01 39.12 -1.31
C GLU F 366 -26.93 40.35 -0.42
N GLU F 367 -26.46 40.19 0.82
CA GLU F 367 -26.29 41.34 1.68
C GLU F 367 -25.23 42.30 1.16
N ALA F 368 -24.25 41.81 0.40
CA ALA F 368 -23.45 42.71 -0.41
C ALA F 368 -24.26 43.28 -1.57
N LYS F 369 -25.23 42.50 -2.07
CA LYS F 369 -26.15 42.95 -3.11
C LYS F 369 -27.20 43.91 -2.58
N SER F 370 -27.63 43.74 -1.32
CA SER F 370 -28.53 44.66 -0.65
C SER F 370 -27.77 45.83 -0.04
N THR F 371 -26.58 46.10 -0.56
CA THR F 371 -25.68 47.12 -0.09
C THR F 371 -25.36 48.04 -1.27
N GLN F 372 -24.81 49.19 -0.97
CA GLN F 372 -24.19 50.05 -1.95
C GLN F 372 -22.90 49.40 -2.45
N PRO F 373 -22.17 50.05 -3.38
CA PRO F 373 -20.84 49.58 -3.77
C PRO F 373 -19.97 49.02 -2.64
N SER F 374 -19.60 47.74 -2.75
CA SER F 374 -19.02 47.00 -1.65
C SER F 374 -17.93 46.06 -2.17
N ILE F 375 -17.19 45.48 -1.23
CA ILE F 375 -16.17 44.48 -1.51
C ILE F 375 -16.26 43.37 -0.48
N ILE F 376 -15.64 42.23 -0.80
CA ILE F 376 -15.71 41.03 0.02
C ILE F 376 -14.31 40.50 0.21
N PHE F 377 -14.00 40.02 1.41
CA PHE F 377 -12.69 39.49 1.74
C PHE F 377 -12.79 38.00 2.07
N PHE F 378 -12.20 37.17 1.22
CA PHE F 378 -11.97 35.76 1.52
C PHE F 378 -10.58 35.59 2.11
N ASP F 379 -10.51 35.59 3.44
CA ASP F 379 -9.43 34.88 4.09
C ASP F 379 -9.71 33.38 4.08
N GLU F 380 -8.65 32.60 3.95
CA GLU F 380 -8.72 31.15 4.09
C GLU F 380 -9.60 30.54 3.00
N ILE F 381 -9.25 30.85 1.74
CA ILE F 381 -9.94 30.22 0.62
C ILE F 381 -9.64 28.73 0.58
N ASP F 382 -8.47 28.31 1.07
CA ASP F 382 -8.13 26.90 1.10
C ASP F 382 -9.06 26.09 1.99
N GLY F 383 -9.59 26.68 3.04
CA GLY F 383 -10.51 25.98 3.91
C GLY F 383 -11.95 26.14 3.49
N LEU F 384 -12.33 27.35 3.10
CA LEU F 384 -13.68 27.60 2.64
C LEU F 384 -13.91 27.10 1.22
N ALA F 385 -12.82 26.88 0.47
CA ALA F 385 -12.89 26.36 -0.89
C ALA F 385 -11.77 25.34 -1.10
N PRO F 386 -11.81 24.19 -0.42
CA PRO F 386 -10.79 23.17 -0.61
C PRO F 386 -11.08 22.30 -1.83
N VAL F 387 -10.23 21.30 -2.10
CA VAL F 387 -10.45 20.42 -3.24
C VAL F 387 -11.58 19.44 -2.93
N ARG F 388 -12.46 19.22 -3.93
CA ARG F 388 -13.31 18.05 -3.93
C ARG F 388 -12.57 16.75 -3.70
N SER F 389 -12.83 16.11 -2.56
CA SER F 389 -12.48 14.71 -2.35
C SER F 389 -13.78 13.93 -2.50
N SER F 390 -14.04 13.46 -3.72
CA SER F 390 -15.36 12.97 -4.14
C SER F 390 -15.60 11.53 -3.72
N LYS F 391 -14.87 11.02 -2.73
CA LYS F 391 -15.06 9.67 -2.27
C LYS F 391 -15.92 9.56 -1.03
N GLN F 392 -15.84 10.53 -0.12
CA GLN F 392 -16.74 10.57 1.04
C GLN F 392 -17.33 11.93 1.33
N GLU F 393 -16.71 13.02 0.87
CA GLU F 393 -17.16 14.36 1.24
C GLU F 393 -17.53 15.09 -0.04
N GLN F 394 -18.83 15.23 -0.30
CA GLN F 394 -19.29 15.92 -1.49
C GLN F 394 -20.05 17.21 -1.18
N ILE F 395 -19.93 17.75 0.04
CA ILE F 395 -20.27 19.15 0.23
C ILE F 395 -19.22 20.03 -0.42
N HIS F 396 -18.01 19.49 -0.63
CA HIS F 396 -16.98 20.21 -1.38
C HIS F 396 -17.46 20.55 -2.79
N ALA F 397 -18.15 19.62 -3.43
CA ALA F 397 -18.73 19.90 -4.74
C ALA F 397 -19.68 21.09 -4.67
N SER F 398 -20.56 21.10 -3.67
CA SER F 398 -21.53 22.17 -3.54
C SER F 398 -20.84 23.51 -3.32
N ILE F 399 -19.85 23.55 -2.44
CA ILE F 399 -19.25 24.84 -2.07
C ILE F 399 -18.41 25.39 -3.21
N VAL F 400 -17.69 24.51 -3.92
CA VAL F 400 -16.88 24.98 -5.04
C VAL F 400 -17.77 25.43 -6.18
N SER F 401 -18.86 24.67 -6.44
CA SER F 401 -19.77 25.05 -7.50
C SER F 401 -20.45 26.39 -7.19
N THR F 402 -20.88 26.59 -5.95
CA THR F 402 -21.55 27.85 -5.63
C THR F 402 -20.58 29.02 -5.59
N LEU F 403 -19.35 28.82 -5.13
CA LEU F 403 -18.38 29.90 -5.20
C LEU F 403 -18.03 30.27 -6.63
N LEU F 404 -18.05 29.30 -7.54
CA LEU F 404 -17.82 29.59 -8.95
C LEU F 404 -19.03 30.26 -9.61
N ALA F 405 -20.24 29.85 -9.24
CA ALA F 405 -21.46 30.45 -9.73
C ALA F 405 -21.68 31.85 -9.19
N LEU F 406 -21.16 32.15 -7.99
CA LEU F 406 -21.18 33.51 -7.50
C LEU F 406 -20.37 34.45 -8.40
N MET F 407 -19.37 33.91 -9.09
CA MET F 407 -18.63 34.70 -10.07
C MET F 407 -19.35 34.71 -11.41
N ASP F 408 -19.41 33.56 -12.08
CA ASP F 408 -20.02 33.44 -13.42
C ASP F 408 -20.97 32.25 -13.47
N GLY F 409 -21.85 32.14 -12.47
CA GLY F 409 -22.88 31.15 -12.54
C GLY F 409 -24.26 31.77 -12.58
N MET F 410 -25.07 31.51 -11.56
CA MET F 410 -26.37 32.15 -11.41
C MET F 410 -26.24 33.60 -10.95
N GLU F 411 -25.09 33.97 -10.41
CA GLU F 411 -24.87 35.31 -9.88
C GLU F 411 -23.58 35.88 -10.44
N SER F 412 -23.67 37.04 -11.09
CA SER F 412 -22.48 37.66 -11.64
C SER F 412 -21.59 38.19 -10.52
N ARG F 413 -20.40 38.65 -10.90
CA ARG F 413 -19.53 39.32 -9.93
C ARG F 413 -20.05 40.69 -9.54
N GLY F 414 -21.01 41.23 -10.29
CA GLY F 414 -21.68 42.47 -10.00
C GLY F 414 -20.72 43.63 -9.81
N GLN F 415 -21.08 44.52 -8.89
CA GLN F 415 -20.21 45.63 -8.50
C GLN F 415 -19.42 45.30 -7.23
N VAL F 416 -19.43 44.05 -6.79
CA VAL F 416 -18.62 43.60 -5.67
C VAL F 416 -17.43 42.84 -6.23
N ILE F 417 -16.45 42.61 -5.37
CA ILE F 417 -15.19 41.98 -5.77
C ILE F 417 -14.82 40.93 -4.72
N ILE F 418 -14.13 39.89 -5.17
CA ILE F 418 -13.77 38.76 -4.32
C ILE F 418 -12.24 38.73 -4.18
N ILE F 419 -11.78 38.44 -2.98
CA ILE F 419 -10.36 38.38 -2.65
C ILE F 419 -10.10 37.09 -1.88
N GLY F 420 -9.47 36.13 -2.55
CA GLY F 420 -9.10 34.88 -1.93
C GLY F 420 -7.74 34.96 -1.27
N ALA F 421 -7.72 34.81 0.05
CA ALA F 421 -6.48 34.80 0.82
C ALA F 421 -5.97 33.37 0.90
N THR F 422 -4.77 33.15 0.35
CA THR F 422 -4.22 31.82 0.17
C THR F 422 -2.80 31.78 0.72
N ASN F 423 -2.44 30.65 1.32
CA ASN F 423 -1.10 30.43 1.83
C ASN F 423 -0.34 29.34 1.07
N ARG F 424 -1.05 28.38 0.46
CA ARG F 424 -0.37 27.34 -0.30
C ARG F 424 -1.17 27.21 -1.60
N PRO F 425 -0.52 26.84 -2.70
CA PRO F 425 -1.24 26.61 -3.95
C PRO F 425 -1.79 25.19 -4.13
N ASP F 426 -1.63 24.30 -3.15
CA ASP F 426 -2.09 22.93 -3.29
C ASP F 426 -3.46 22.69 -2.67
N ALA F 427 -4.05 23.70 -2.03
CA ALA F 427 -5.35 23.56 -1.38
C ALA F 427 -6.50 24.08 -2.24
N VAL F 428 -6.27 24.27 -3.53
CA VAL F 428 -7.30 24.73 -4.46
C VAL F 428 -7.28 23.83 -5.68
N ASP F 429 -8.45 23.36 -6.09
CA ASP F 429 -8.57 22.74 -7.40
C ASP F 429 -8.35 23.81 -8.46
N PRO F 430 -8.05 23.40 -9.69
CA PRO F 430 -7.79 24.37 -10.77
C PRO F 430 -9.05 24.99 -11.37
N ALA F 431 -9.95 25.44 -10.49
CA ALA F 431 -11.18 26.11 -10.91
C ALA F 431 -11.37 27.47 -10.25
N LEU F 432 -10.37 27.96 -9.51
CA LEU F 432 -10.51 29.22 -8.78
C LEU F 432 -9.55 30.31 -9.26
N ARG F 433 -8.29 30.00 -9.49
CA ARG F 433 -7.33 30.98 -10.00
C ARG F 433 -7.42 31.15 -11.52
N ARG F 434 -8.49 30.68 -12.14
CA ARG F 434 -8.72 30.90 -13.55
C ARG F 434 -9.33 32.27 -13.80
N PRO F 435 -9.25 32.76 -15.03
CA PRO F 435 -9.98 34.00 -15.38
C PRO F 435 -11.48 33.78 -15.22
N GLY F 436 -12.19 34.86 -14.93
CA GLY F 436 -13.60 34.83 -14.65
C GLY F 436 -13.94 34.92 -13.19
N ARG F 437 -13.04 34.48 -12.31
CA ARG F 437 -13.24 34.60 -10.87
C ARG F 437 -12.32 35.63 -10.25
N PHE F 438 -11.01 35.50 -10.50
CA PHE F 438 -10.02 36.43 -9.98
C PHE F 438 -9.15 36.93 -11.12
N ASP F 439 -8.88 36.05 -12.08
CA ASP F 439 -8.18 36.36 -13.33
C ASP F 439 -6.68 36.55 -13.14
N ARG F 440 -6.19 36.60 -11.90
CA ARG F 440 -4.80 36.93 -11.63
C ARG F 440 -4.30 36.20 -10.40
N GLU F 441 -3.00 36.33 -10.15
CA GLU F 441 -2.36 35.82 -8.94
C GLU F 441 -1.44 36.89 -8.37
N PHE F 442 -1.43 37.01 -7.04
CA PHE F 442 -0.64 38.03 -6.37
C PHE F 442 0.28 37.37 -5.34
N TYR F 443 1.58 37.47 -5.58
CA TYR F 443 2.61 36.94 -4.70
C TYR F 443 3.37 38.08 -4.03
N PHE F 444 3.81 37.85 -2.80
CA PHE F 444 4.50 38.87 -2.02
C PHE F 444 5.94 38.48 -1.73
N PRO F 445 6.91 39.22 -2.28
CA PRO F 445 8.29 38.74 -2.35
C PRO F 445 9.19 39.06 -1.16
N LEU F 446 8.64 39.36 0.02
CA LEU F 446 9.51 39.62 1.16
C LEU F 446 10.39 40.84 0.96
N PRO F 447 9.85 42.08 1.16
CA PRO F 447 10.62 43.33 0.95
C PRO F 447 12.03 43.28 1.51
N ASP F 448 13.01 43.43 0.61
CA ASP F 448 14.35 42.91 0.88
C ASP F 448 15.16 43.80 1.81
N ARG F 449 15.51 45.01 1.34
CA ARG F 449 16.41 45.85 2.12
C ARG F 449 15.80 47.19 2.51
N ASP F 450 15.31 47.94 1.51
CA ASP F 450 14.80 49.28 1.76
C ASP F 450 13.28 49.29 1.73
N ALA F 451 12.66 48.44 0.92
CA ALA F 451 11.31 48.02 1.27
C ALA F 451 11.30 47.39 2.65
N ARG F 452 12.31 46.58 2.93
CA ARG F 452 12.60 46.18 4.31
C ARG F 452 12.76 47.38 5.21
N LYS F 453 13.39 48.45 4.71
CA LYS F 453 13.57 49.65 5.51
C LYS F 453 12.24 50.29 5.86
N LYS F 454 11.30 50.31 4.92
CA LYS F 454 10.02 50.95 5.18
C LYS F 454 9.19 50.10 6.13
N ILE F 455 9.27 48.78 5.97
CA ILE F 455 8.52 47.92 6.88
C ILE F 455 9.17 47.84 8.26
N ILE F 456 10.46 48.15 8.37
CA ILE F 456 11.04 48.19 9.72
C ILE F 456 10.75 49.55 10.36
N GLU F 457 10.67 50.61 9.56
CA GLU F 457 10.41 51.93 10.13
C GLU F 457 8.93 52.16 10.43
N ILE F 458 8.04 51.46 9.73
CA ILE F 458 6.62 51.67 9.99
C ILE F 458 6.25 51.19 11.39
N HIS F 459 6.86 50.11 11.87
CA HIS F 459 6.65 49.68 13.24
C HIS F 459 7.29 50.63 14.24
N THR F 460 8.31 51.35 13.84
CA THR F 460 8.92 52.38 14.68
C THR F 460 8.14 53.69 14.61
N ARG F 461 7.17 53.78 13.70
CA ARG F 461 6.20 54.86 13.70
C ARG F 461 5.30 54.85 14.91
N ASN F 462 5.33 53.78 15.69
CA ASN F 462 4.47 53.60 16.86
C ASN F 462 5.04 54.26 18.11
N TRP F 463 6.36 54.44 18.19
CA TRP F 463 6.99 55.05 19.35
C TRP F 463 6.88 56.56 19.24
N ASP F 464 6.10 57.17 20.13
CA ASP F 464 5.99 58.62 20.16
C ASP F 464 7.34 59.22 20.58
N PRO F 465 7.95 58.75 21.66
CA PRO F 465 9.34 59.12 21.93
C PRO F 465 10.23 58.72 20.77
N PRO F 466 11.19 59.57 20.40
CA PRO F 466 12.03 59.26 19.25
C PRO F 466 12.87 58.03 19.49
N VAL F 467 12.88 57.13 18.51
CA VAL F 467 13.64 55.90 18.61
C VAL F 467 14.80 55.97 17.62
N PRO F 468 15.89 55.26 17.87
CA PRO F 468 16.93 55.18 16.85
C PRO F 468 16.48 54.32 15.68
N GLU F 469 16.12 54.99 14.60
CA GLU F 469 15.86 54.33 13.33
C GLU F 469 16.62 55.01 12.20
N TRP F 470 17.11 56.22 12.42
CA TRP F 470 18.06 56.85 11.52
C TRP F 470 19.27 55.95 11.27
N LEU F 471 19.69 55.19 12.27
CA LEU F 471 20.79 54.26 12.08
C LEU F 471 20.44 53.18 11.08
N CYS F 472 19.16 52.79 11.00
CA CYS F 472 18.69 52.01 9.86
C CYS F 472 19.00 52.78 8.59
N SER F 473 19.31 52.07 7.51
CA SER F 473 19.15 50.62 7.43
C SER F 473 20.35 49.78 7.89
N MET F 474 20.84 50.05 9.10
CA MET F 474 21.71 49.11 9.78
C MET F 474 20.95 48.09 10.58
N LEU F 475 19.63 48.21 10.67
CA LEU F 475 18.81 47.15 11.23
C LEU F 475 18.10 46.35 10.16
N ALA F 476 17.80 46.98 9.02
CA ALA F 476 17.16 46.26 7.94
C ALA F 476 18.13 45.41 7.13
N GLU F 477 19.42 45.47 7.45
CA GLU F 477 20.39 44.58 6.80
C GLU F 477 20.04 43.13 7.09
N LYS F 478 20.13 42.76 8.36
CA LYS F 478 19.98 41.41 8.88
C LYS F 478 18.53 41.00 9.04
N SER F 479 17.59 41.94 8.94
CA SER F 479 16.18 41.58 8.92
C SER F 479 15.87 41.12 7.50
N LYS F 480 15.63 39.81 7.36
CA LYS F 480 15.37 39.23 6.06
C LYS F 480 14.70 37.88 6.29
N GLY F 481 13.62 37.62 5.56
CA GLY F 481 12.88 36.39 5.73
C GLY F 481 11.91 36.38 6.88
N TYR F 482 11.56 37.54 7.43
CA TYR F 482 10.64 37.63 8.55
C TYR F 482 9.26 38.14 8.12
N GLY F 483 9.10 38.46 6.85
CA GLY F 483 7.88 39.13 6.44
C GLY F 483 7.74 40.45 7.15
N GLY F 484 6.54 40.74 7.65
CA GLY F 484 6.33 41.94 8.42
C GLY F 484 5.93 41.64 9.85
N ALA F 485 5.22 40.52 10.04
CA ALA F 485 4.80 40.14 11.38
C ALA F 485 6.00 39.79 12.24
N ASP F 486 6.98 39.10 11.68
CA ASP F 486 8.17 38.76 12.45
C ASP F 486 9.06 39.96 12.67
N LEU F 487 9.06 40.95 11.77
CA LEU F 487 9.69 42.21 12.10
C LEU F 487 8.97 42.90 13.25
N ARG F 488 7.66 42.74 13.32
CA ARG F 488 6.94 43.23 14.49
C ARG F 488 7.37 42.47 15.74
N ALA F 489 7.61 41.17 15.60
CA ALA F 489 8.20 40.43 16.70
C ALA F 489 9.57 41.00 17.08
N LEU F 490 10.33 41.43 16.08
CA LEU F 490 11.65 42.02 16.33
C LEU F 490 11.52 43.29 17.15
N CYS F 491 10.60 44.18 16.76
CA CYS F 491 10.47 45.42 17.51
C CYS F 491 9.90 45.17 18.90
N THR F 492 8.98 44.20 19.04
CA THR F 492 8.50 43.84 20.37
C THR F 492 9.63 43.33 21.25
N GLU F 493 10.49 42.48 20.68
CA GLU F 493 11.53 41.87 21.48
C GLU F 493 12.55 42.91 21.92
N ALA F 494 12.99 43.76 20.98
CA ALA F 494 13.89 44.85 21.35
C ALA F 494 13.21 45.79 22.34
N ALA F 495 11.90 45.95 22.23
CA ALA F 495 11.14 46.76 23.19
C ALA F 495 11.32 46.23 24.59
N LEU F 496 10.88 44.99 24.85
CA LEU F 496 10.96 44.49 26.22
C LEU F 496 12.40 44.29 26.65
N ASN F 497 13.31 44.15 25.69
CA ASN F 497 14.74 44.21 26.01
C ASN F 497 15.08 45.54 26.68
N SER F 498 14.64 46.64 26.07
CA SER F 498 14.84 47.94 26.68
C SER F 498 14.08 48.05 27.99
N ILE F 499 12.94 47.36 28.10
CA ILE F 499 12.22 47.28 29.36
C ILE F 499 13.15 46.75 30.45
N LYS F 500 13.71 45.57 30.21
CA LYS F 500 14.64 44.98 31.17
C LYS F 500 15.81 45.89 31.46
N ARG F 501 16.40 46.46 30.42
CA ARG F 501 17.51 47.39 30.58
C ARG F 501 17.12 48.56 31.48
N THR F 502 15.85 48.96 31.44
CA THR F 502 15.37 49.99 32.34
C THR F 502 15.14 49.44 33.74
N TYR F 503 14.26 48.44 33.85
CA TYR F 503 13.77 48.04 35.16
C TYR F 503 14.07 46.58 35.44
N PRO F 504 15.01 46.29 36.34
CA PRO F 504 15.10 44.95 36.95
C PRO F 504 14.14 44.72 38.11
N GLN F 505 13.26 45.67 38.41
CA GLN F 505 12.20 45.47 39.39
C GLN F 505 11.05 44.63 38.83
N LEU F 506 11.21 44.08 37.63
CA LEU F 506 10.18 43.25 37.04
C LEU F 506 10.12 41.89 37.75
N TYR F 507 11.19 41.13 37.67
CA TYR F 507 11.39 40.00 38.55
C TYR F 507 11.74 40.52 39.93
N ARG F 508 11.96 39.59 40.88
CA ARG F 508 12.30 39.86 42.27
C ARG F 508 11.44 40.96 42.87
N SER F 509 10.16 40.96 42.50
CA SER F 509 9.26 42.00 42.95
C SER F 509 7.88 41.36 43.04
N THR F 510 7.38 41.20 44.27
CA THR F 510 6.21 40.35 44.45
C THR F 510 4.88 41.07 44.24
N LYS F 511 4.60 42.09 45.04
CA LYS F 511 3.31 42.76 44.98
C LYS F 511 3.21 43.59 43.71
N ARG F 512 1.99 43.66 43.17
CA ARG F 512 1.70 44.59 42.09
C ARG F 512 2.06 46.01 42.54
N LEU F 513 2.62 46.79 41.63
CA LEU F 513 3.21 48.06 41.99
C LEU F 513 3.15 49.00 40.80
N GLN F 514 3.70 50.20 40.99
CA GLN F 514 3.65 51.26 40.01
C GLN F 514 5.05 51.79 39.76
N ILE F 515 5.12 52.80 38.90
CA ILE F 515 6.37 53.36 38.42
C ILE F 515 6.30 54.87 38.50
N ASP F 516 7.29 55.53 37.95
CA ASP F 516 7.12 56.91 37.52
C ASP F 516 6.56 56.92 36.10
N PRO F 517 5.54 57.72 35.81
CA PRO F 517 4.73 57.46 34.62
C PRO F 517 5.32 57.91 33.29
N LYS F 518 6.60 57.66 33.06
CA LYS F 518 7.19 57.78 31.72
C LYS F 518 8.47 56.95 31.73
N THR F 519 8.38 55.73 31.18
CA THR F 519 9.49 54.79 31.29
C THR F 519 9.59 53.90 30.06
N ILE F 520 10.38 54.34 29.09
CA ILE F 520 11.16 53.40 28.28
C ILE F 520 12.17 54.20 27.47
N LYS F 521 13.37 53.66 27.31
CA LYS F 521 14.43 54.29 26.56
C LYS F 521 15.15 53.14 25.88
N VAL F 522 15.14 53.09 24.55
CA VAL F 522 15.62 51.92 23.84
C VAL F 522 17.10 52.07 23.54
N LYS F 523 17.81 50.95 23.61
CA LYS F 523 19.22 50.86 23.28
C LYS F 523 19.43 49.98 22.06
N VAL F 524 20.51 50.27 21.32
CA VAL F 524 20.92 49.40 20.22
C VAL F 524 21.15 47.99 20.71
N LYS F 525 21.73 47.85 21.90
CA LYS F 525 21.92 46.54 22.50
C LYS F 525 20.62 45.76 22.56
N ASP F 526 19.52 46.43 22.90
CA ASP F 526 18.22 45.76 22.92
C ASP F 526 17.82 45.27 21.54
N PHE F 527 18.08 46.08 20.52
CA PHE F 527 17.82 45.64 19.16
C PHE F 527 18.61 44.39 18.83
N VAL F 528 19.88 44.33 19.24
CA VAL F 528 20.67 43.14 18.91
C VAL F 528 20.21 41.95 19.73
N MET F 529 19.78 42.19 20.98
CA MET F 529 19.14 41.16 21.78
C MET F 529 18.01 40.52 21.00
N SER F 530 17.03 41.33 20.61
CA SER F 530 15.93 40.86 19.78
C SER F 530 16.43 40.22 18.50
N MET F 531 17.57 40.70 18.00
CA MET F 531 18.10 40.19 16.74
C MET F 531 18.49 38.74 16.87
N LYS F 532 19.10 38.37 17.99
CA LYS F 532 19.65 37.03 18.12
C LYS F 532 18.60 35.98 18.47
N ARG F 533 17.52 36.37 19.15
CA ARG F 533 16.69 35.38 19.81
C ARG F 533 15.80 34.60 18.86
N MET F 534 15.56 35.10 17.64
CA MET F 534 14.57 34.51 16.76
C MET F 534 15.09 34.38 15.34
N ILE F 535 14.29 33.70 14.52
CA ILE F 535 14.72 33.20 13.23
C ILE F 535 13.75 33.66 12.15
N PRO F 536 14.18 33.86 10.92
CA PRO F 536 13.24 34.25 9.86
C PRO F 536 12.38 33.09 9.39
N SER F 537 11.49 33.41 8.45
CA SER F 537 10.37 32.53 8.10
C SER F 537 10.76 31.39 7.17
N SER F 538 11.61 31.65 6.17
CA SER F 538 12.01 30.59 5.23
C SER F 538 12.68 29.43 5.95
N GLU F 539 13.30 29.71 7.08
CA GLU F 539 14.06 28.74 7.86
C GLU F 539 13.50 28.72 9.27
N ARG F 540 12.42 27.97 9.45
CA ARG F 540 11.98 27.54 10.77
C ARG F 540 12.48 26.13 11.05
N SER F 541 12.44 25.27 10.02
CA SER F 541 13.08 23.97 10.07
C SER F 541 13.70 23.58 8.72
N SER F 542 13.89 24.53 7.80
CA SER F 542 14.58 24.27 6.54
C SER F 542 15.59 25.38 6.27
N ILE F 543 16.87 25.02 6.13
CA ILE F 543 17.90 26.01 5.87
C ILE F 543 17.70 26.59 4.47
N SER F 544 17.98 27.88 4.32
CA SER F 544 17.88 28.51 3.02
C SER F 544 19.19 28.34 2.26
N PRO F 545 19.15 27.99 0.98
CA PRO F 545 20.39 27.79 0.21
C PRO F 545 21.08 29.07 -0.23
N SER F 546 20.48 30.23 -0.01
CA SER F 546 21.09 31.51 -0.40
C SER F 546 21.43 32.30 0.86
N LYS F 547 22.70 32.62 1.01
CA LYS F 547 23.18 33.44 2.12
C LYS F 547 24.40 34.23 1.67
N PRO F 548 24.50 35.50 2.06
CA PRO F 548 25.61 36.34 1.60
C PRO F 548 26.93 35.85 2.19
N LEU F 549 28.00 36.25 1.53
CA LEU F 549 29.34 35.85 1.96
C LEU F 549 29.69 36.50 3.29
N SER F 550 30.46 35.79 4.11
CA SER F 550 30.94 36.39 5.33
C SER F 550 32.03 37.41 5.00
N PRO F 551 32.19 38.43 5.86
CA PRO F 551 33.15 39.50 5.55
C PRO F 551 34.57 39.02 5.40
N GLU F 552 34.97 38.01 6.17
CA GLU F 552 36.31 37.45 6.15
C GLU F 552 36.57 36.62 4.90
N LEU F 553 35.54 35.98 4.35
CA LEU F 553 35.71 35.35 3.04
C LEU F 553 35.90 36.38 1.95
N LYS F 554 35.39 37.60 2.16
CA LYS F 554 35.51 38.64 1.16
C LYS F 554 36.94 38.89 0.70
N PRO F 555 37.91 39.13 1.59
CA PRO F 555 39.29 39.35 1.14
C PRO F 555 39.91 38.18 0.42
N LEU F 556 39.27 37.01 0.46
CA LEU F 556 39.76 35.85 -0.26
C LEU F 556 38.78 35.33 -1.29
N LEU F 557 37.63 35.98 -1.47
CA LEU F 557 36.63 35.48 -2.39
C LEU F 557 36.06 36.52 -3.35
N ASN F 558 36.05 37.80 -2.99
CA ASN F 558 35.45 38.79 -3.87
C ASN F 558 36.15 38.86 -5.21
N GLU F 559 37.47 38.68 -5.21
CA GLU F 559 38.25 38.70 -6.44
C GLU F 559 37.68 37.75 -7.49
N ALA F 560 37.32 36.54 -7.08
CA ALA F 560 36.73 35.62 -8.03
C ALA F 560 35.24 35.87 -8.20
N PHE F 561 34.56 36.24 -7.11
CA PHE F 561 33.12 36.38 -7.15
C PHE F 561 32.70 37.47 -8.11
N GLN F 562 33.47 38.56 -8.17
CA GLN F 562 33.18 39.62 -9.12
C GLN F 562 33.20 39.11 -10.54
N ASP F 563 34.27 38.42 -10.93
CA ASP F 563 34.38 37.88 -12.28
C ASP F 563 33.26 36.90 -12.57
N ILE F 564 32.92 36.08 -11.57
CA ILE F 564 31.92 35.04 -11.80
C ILE F 564 30.54 35.66 -11.98
N GLU F 565 30.22 36.65 -11.15
CA GLU F 565 28.91 37.28 -11.26
C GLU F 565 28.82 38.12 -12.52
N LYS F 566 29.94 38.74 -12.91
CA LYS F 566 30.05 39.34 -14.23
C LYS F 566 29.70 38.33 -15.31
N THR F 567 30.31 37.15 -15.24
CA THR F 567 30.11 36.14 -16.27
C THR F 567 28.66 35.70 -16.34
N LEU F 568 28.05 35.44 -15.19
CA LEU F 568 26.65 35.07 -15.18
C LEU F 568 25.76 36.18 -15.72
N GLN F 569 26.09 37.43 -15.39
CA GLN F 569 25.36 38.54 -15.98
C GLN F 569 25.50 38.55 -17.49
N LYS F 570 26.67 38.12 -17.98
CA LYS F 570 26.83 37.92 -19.42
C LYS F 570 25.87 36.84 -19.91
N LEU F 571 26.06 35.61 -19.44
CA LEU F 571 25.20 34.52 -19.84
C LEU F 571 23.78 34.67 -19.32
N MET F 572 23.58 35.51 -18.31
CA MET F 572 22.23 35.87 -17.87
C MET F 572 22.20 37.38 -17.68
N PRO F 573 21.83 38.13 -18.72
CA PRO F 573 21.69 39.57 -18.58
C PRO F 573 20.55 39.99 -17.68
N VAL F 574 19.70 39.05 -17.26
CA VAL F 574 18.65 39.38 -16.32
C VAL F 574 19.27 39.62 -14.95
N ALA F 575 19.04 40.81 -14.41
CA ALA F 575 19.45 41.10 -13.05
C ALA F 575 18.44 41.92 -12.27
N SER F 576 17.35 42.34 -12.88
CA SER F 576 16.37 43.19 -12.22
C SER F 576 14.99 42.91 -12.79
N LYS F 577 13.99 43.60 -12.27
CA LYS F 577 12.60 43.40 -12.63
C LYS F 577 12.10 44.62 -13.39
N LEU F 578 11.58 44.41 -14.59
CA LEU F 578 11.15 45.50 -15.45
C LEU F 578 9.68 45.80 -15.20
N ASN F 579 9.39 47.03 -14.80
CA ASN F 579 8.02 47.44 -14.53
C ASN F 579 7.30 47.77 -15.84
N PRO F 580 6.23 47.05 -16.19
CA PRO F 580 5.44 47.44 -17.37
C PRO F 580 4.70 48.75 -17.18
N LEU F 581 4.45 49.16 -15.93
CA LEU F 581 3.88 50.48 -15.68
C LEU F 581 4.74 51.58 -16.26
N GLU F 582 6.06 51.44 -16.17
CA GLU F 582 6.95 52.45 -16.72
C GLU F 582 7.08 52.32 -18.23
N GLU F 583 6.97 51.10 -18.77
CA GLU F 583 6.85 50.93 -20.21
C GLU F 583 5.72 51.76 -20.80
N VAL F 584 4.49 51.56 -20.32
CA VAL F 584 3.38 52.37 -20.80
C VAL F 584 3.45 53.80 -20.30
N MET F 585 4.33 54.09 -19.34
CA MET F 585 4.60 55.47 -18.97
C MET F 585 5.39 56.20 -20.05
N TYR F 586 6.17 55.47 -20.86
CA TYR F 586 6.91 56.07 -21.96
C TYR F 586 6.68 55.25 -23.22
N ASP F 587 5.78 55.73 -24.08
CA ASP F 587 5.47 55.10 -25.34
C ASP F 587 6.01 55.95 -26.48
N ASP F 588 6.17 55.32 -27.63
CA ASP F 588 6.61 55.98 -28.84
C ASP F 588 5.49 55.99 -29.87
N PRO F 589 5.44 57.02 -30.71
CA PRO F 589 4.50 57.01 -31.85
C PRO F 589 4.91 56.06 -32.95
N LYS F 590 6.15 55.58 -32.94
CA LYS F 590 6.63 54.65 -33.95
C LYS F 590 6.28 53.21 -33.58
N GLU F 591 5.01 52.98 -33.28
CA GLU F 591 4.56 51.63 -32.95
C GLU F 591 3.11 51.51 -33.37
N ASN F 592 2.88 50.94 -34.55
CA ASN F 592 1.55 50.51 -34.95
C ASN F 592 1.61 49.16 -35.65
N ASP F 593 2.72 48.44 -35.47
CA ASP F 593 2.95 47.22 -36.23
C ASP F 593 3.56 46.17 -35.31
N PHE F 594 3.79 44.99 -35.88
CA PHE F 594 4.36 43.87 -35.15
C PHE F 594 5.84 43.68 -35.41
N GLU F 595 6.35 44.05 -36.60
CA GLU F 595 7.76 43.91 -36.88
C GLU F 595 8.58 44.78 -35.94
N TYR F 596 8.05 45.96 -35.59
CA TYR F 596 8.67 46.68 -34.49
C TYR F 596 8.55 45.90 -33.20
N GLN F 597 7.41 45.24 -32.98
CA GLN F 597 7.28 44.33 -31.85
C GLN F 597 8.20 43.13 -32.02
N GLN F 598 8.40 42.69 -33.26
CA GLN F 598 9.25 41.54 -33.49
C GLN F 598 10.70 41.86 -33.20
N ARG F 599 11.09 43.13 -33.34
CA ARG F 599 12.39 43.57 -32.83
C ARG F 599 12.55 43.21 -31.36
N LEU F 600 11.67 43.72 -30.52
CA LEU F 600 11.81 43.55 -29.09
C LEU F 600 11.71 42.09 -28.68
N GLU F 601 10.77 41.34 -29.26
CA GLU F 601 10.68 39.93 -28.92
C GLU F 601 11.92 39.17 -29.33
N THR F 602 12.55 39.56 -30.44
CA THR F 602 13.79 38.90 -30.85
C THR F 602 14.83 38.94 -29.75
N PHE F 603 14.96 40.10 -29.11
CA PHE F 603 15.91 40.25 -28.02
C PHE F 603 15.34 39.60 -26.76
N GLU F 604 16.24 39.11 -25.92
CA GLU F 604 15.92 38.42 -24.68
C GLU F 604 15.27 37.07 -24.93
N THR F 605 15.09 36.69 -26.18
CA THR F 605 14.46 35.43 -26.55
C THR F 605 15.42 34.65 -27.44
N LEU F 606 16.04 35.36 -28.37
CA LEU F 606 17.08 34.78 -29.22
C LEU F 606 18.46 35.17 -28.76
N ARG F 607 18.56 35.90 -27.65
CA ARG F 607 19.83 36.44 -27.21
C ARG F 607 20.58 35.49 -26.29
N ILE F 608 20.01 34.35 -25.93
CA ILE F 608 20.66 33.42 -25.02
C ILE F 608 20.61 32.01 -25.59
N TYR F 609 21.51 31.17 -25.10
CA TYR F 609 21.50 29.74 -25.37
C TYR F 609 21.70 28.99 -24.07
N LYS F 610 20.62 28.41 -23.55
CA LYS F 610 20.63 27.34 -22.54
C LYS F 610 21.57 27.64 -21.38
N PRO F 611 21.20 28.55 -20.48
CA PRO F 611 22.14 28.95 -19.43
C PRO F 611 22.48 27.79 -18.50
N ARG F 612 23.73 27.35 -18.60
CA ARG F 612 24.24 26.25 -17.81
C ARG F 612 25.64 26.61 -17.35
N PHE F 613 25.98 26.19 -16.14
CA PHE F 613 27.25 26.62 -15.58
C PHE F 613 27.78 25.59 -14.59
N LEU F 614 29.10 25.46 -14.57
CA LEU F 614 29.79 24.56 -13.67
C LEU F 614 31.05 25.23 -13.13
N ILE F 615 31.54 24.73 -12.02
CA ILE F 615 32.74 25.23 -11.38
C ILE F 615 33.67 24.07 -11.14
N CYS F 616 34.93 24.23 -11.53
CA CYS F 616 35.98 23.29 -11.16
C CYS F 616 36.86 23.93 -10.11
N GLY F 617 37.35 23.11 -9.19
CA GLY F 617 38.17 23.59 -8.11
C GLY F 617 38.55 22.44 -7.21
N ARG F 618 39.24 22.77 -6.13
CA ARG F 618 39.69 21.73 -5.22
C ARG F 618 38.73 21.60 -4.04
N LYS F 619 38.85 20.47 -3.35
CA LYS F 619 38.11 20.28 -2.11
C LYS F 619 38.54 21.33 -1.11
N GLY F 620 37.58 21.91 -0.41
CA GLY F 620 37.88 22.98 0.53
C GLY F 620 38.52 24.18 -0.13
N LEU F 621 38.29 24.37 -1.43
CA LEU F 621 38.87 25.48 -2.18
C LEU F 621 37.89 26.62 -2.34
N GLY F 622 37.11 26.94 -1.31
CA GLY F 622 36.05 27.89 -1.46
C GLY F 622 34.79 27.28 -2.03
N GLN F 623 34.78 25.97 -2.23
CA GLN F 623 33.59 25.29 -2.68
C GLN F 623 32.45 25.57 -1.72
N THR F 624 31.29 25.91 -2.28
CA THR F 624 30.07 26.29 -1.57
C THR F 624 30.29 27.32 -0.47
N ALA F 625 31.39 28.07 -0.53
CA ALA F 625 31.50 29.27 0.26
C ALA F 625 30.83 30.42 -0.44
N LEU F 626 30.92 30.46 -1.76
CA LEU F 626 30.16 31.34 -2.61
C LEU F 626 28.76 30.85 -2.88
N GLY F 627 28.53 29.54 -2.74
CA GLY F 627 27.31 28.88 -3.12
C GLY F 627 26.05 29.60 -2.69
N PRO F 628 25.88 29.80 -1.38
CA PRO F 628 24.70 30.53 -0.92
C PRO F 628 24.68 31.97 -1.36
N ALA F 629 25.82 32.58 -1.63
CA ALA F 629 25.87 34.01 -1.90
C ALA F 629 25.56 34.35 -3.34
N ILE F 630 25.88 33.47 -4.28
CA ILE F 630 25.65 33.80 -5.68
C ILE F 630 24.16 33.89 -5.96
N LEU F 631 23.34 33.06 -5.32
CA LEU F 631 21.93 33.38 -5.28
C LEU F 631 21.68 34.64 -4.49
N GLN F 632 22.47 34.87 -3.45
CA GLN F 632 22.28 36.01 -2.57
C GLN F 632 22.49 37.33 -3.29
N GLN F 633 23.21 37.35 -4.40
CA GLN F 633 23.48 38.59 -5.10
C GLN F 633 22.34 39.03 -6.02
N TYR F 634 21.33 38.19 -6.21
CA TYR F 634 20.21 38.58 -7.04
C TYR F 634 19.02 37.67 -6.76
N GLU F 635 17.85 38.28 -6.65
CA GLU F 635 16.67 37.56 -6.17
C GLU F 635 15.50 37.75 -7.13
N GLY F 636 14.31 37.35 -6.69
CA GLY F 636 13.14 37.46 -7.55
C GLY F 636 13.18 36.51 -8.72
N VAL F 637 13.83 35.36 -8.57
CA VAL F 637 14.09 34.45 -9.66
C VAL F 637 13.62 33.06 -9.28
N HIS F 638 13.24 32.28 -10.28
CA HIS F 638 12.73 30.94 -10.03
C HIS F 638 13.88 30.01 -9.67
N VAL F 639 13.69 29.19 -8.64
CA VAL F 639 14.78 28.43 -8.07
C VAL F 639 14.33 27.04 -7.66
N GLN F 640 15.33 26.19 -7.44
CA GLN F 640 15.20 24.94 -6.70
C GLN F 640 16.60 24.31 -6.66
N SER F 641 16.69 23.16 -6.02
CA SER F 641 17.94 22.42 -5.98
C SER F 641 17.72 21.00 -6.48
N PHE F 642 18.67 20.49 -7.27
CA PHE F 642 18.74 19.07 -7.53
C PHE F 642 19.58 18.35 -6.49
N ASP F 643 19.60 18.84 -5.25
CA ASP F 643 20.43 18.20 -4.25
C ASP F 643 19.67 17.06 -3.58
N MET F 644 20.43 16.09 -3.10
CA MET F 644 19.84 14.84 -2.65
C MET F 644 18.94 15.05 -1.44
N SER F 645 19.12 16.17 -0.74
CA SER F 645 18.21 16.58 0.31
C SER F 645 16.76 16.53 -0.16
N THR F 646 16.52 16.96 -1.39
CA THR F 646 15.19 16.87 -1.98
C THR F 646 15.07 15.74 -2.98
N LEU F 647 16.19 15.29 -3.56
CA LEU F 647 16.14 14.14 -4.45
C LEU F 647 15.64 12.91 -3.70
N LEU F 648 16.37 12.50 -2.66
CA LEU F 648 15.95 11.41 -1.81
C LEU F 648 14.94 11.85 -0.77
N GLN F 649 14.51 13.11 -0.82
CA GLN F 649 13.43 13.56 0.05
C GLN F 649 12.16 12.78 -0.21
N ASP F 650 11.90 12.44 -1.46
CA ASP F 650 10.64 11.83 -1.84
C ASP F 650 10.63 10.36 -1.44
N SER F 651 9.54 9.93 -0.82
CA SER F 651 9.37 8.53 -0.43
C SER F 651 8.22 7.84 -1.14
N THR F 652 7.12 8.55 -1.36
CA THR F 652 5.92 7.97 -1.97
C THR F 652 5.97 7.97 -3.49
N GLN F 653 7.00 8.54 -4.09
CA GLN F 653 7.18 8.50 -5.53
C GLN F 653 8.61 8.07 -5.84
N SER F 654 8.78 7.48 -7.02
CA SER F 654 10.09 6.99 -7.40
C SER F 654 11.07 8.15 -7.53
N ILE F 655 12.35 7.80 -7.53
CA ILE F 655 13.38 8.83 -7.61
C ILE F 655 13.29 9.55 -8.95
N GLU F 656 13.13 8.80 -10.04
CA GLU F 656 12.95 9.44 -11.33
C GLU F 656 11.64 10.19 -11.40
N THR F 657 10.63 9.72 -10.67
CA THR F 657 9.43 10.51 -10.48
C THR F 657 9.76 11.85 -9.83
N SER F 658 10.68 11.85 -8.87
CA SER F 658 11.13 13.10 -8.28
C SER F 658 11.81 13.96 -9.34
N ILE F 659 12.59 13.32 -10.20
CA ILE F 659 13.24 14.04 -11.30
C ILE F 659 12.20 14.76 -12.12
N ILE F 660 11.17 14.04 -12.53
CA ILE F 660 10.16 14.66 -13.38
C ILE F 660 9.39 15.70 -12.61
N HIS F 661 9.20 15.50 -11.32
CA HIS F 661 8.47 16.49 -10.54
C HIS F 661 9.24 17.79 -10.43
N LEU F 662 10.55 17.73 -10.28
CA LEU F 662 11.33 18.96 -10.18
C LEU F 662 11.48 19.61 -11.56
N PHE F 663 11.77 18.81 -12.59
CA PHE F 663 11.77 19.33 -13.94
C PHE F 663 10.39 19.83 -14.34
N LEU F 664 9.36 19.39 -13.64
CA LEU F 664 7.99 19.82 -13.90
C LEU F 664 7.68 21.09 -13.14
N GLU F 665 8.35 21.27 -12.01
CA GLU F 665 8.36 22.59 -11.39
C GLU F 665 8.98 23.59 -12.34
N VAL F 666 10.04 23.18 -13.01
CA VAL F 666 10.66 24.05 -14.01
C VAL F 666 9.80 24.11 -15.26
N ARG F 667 8.95 23.09 -15.48
CA ARG F 667 7.93 23.13 -16.53
C ARG F 667 7.19 24.46 -16.51
N ARG F 668 6.83 24.91 -15.32
CA ARG F 668 6.42 26.28 -15.06
C ARG F 668 7.40 27.25 -15.70
N HIS F 669 6.95 28.01 -16.68
CA HIS F 669 7.82 28.94 -17.37
C HIS F 669 8.25 30.04 -16.41
N THR F 670 9.54 30.15 -16.18
CA THR F 670 10.11 31.24 -15.41
C THR F 670 11.59 31.30 -15.74
N PRO F 671 12.20 32.47 -15.65
CA PRO F 671 13.66 32.47 -15.53
C PRO F 671 13.97 31.76 -14.23
N SER F 672 14.51 30.55 -14.33
CA SER F 672 14.57 29.64 -13.22
C SER F 672 15.99 29.14 -13.05
N ILE F 673 16.22 28.37 -11.99
CA ILE F 673 17.57 27.98 -11.63
C ILE F 673 17.62 26.49 -11.32
N ILE F 674 18.48 25.79 -12.03
CA ILE F 674 19.03 24.53 -11.56
C ILE F 674 20.18 24.85 -10.61
N TYR F 675 20.16 24.26 -9.42
CA TYR F 675 21.17 24.50 -8.41
C TYR F 675 21.71 23.18 -7.91
N ILE F 676 23.01 22.93 -8.13
CA ILE F 676 23.71 21.83 -7.49
C ILE F 676 25.08 22.31 -7.05
N PRO F 677 25.37 22.34 -5.77
CA PRO F 677 26.75 22.56 -5.32
C PRO F 677 27.47 21.25 -5.06
N ASP F 678 28.73 21.23 -5.48
CA ASP F 678 29.63 20.09 -5.32
C ASP F 678 28.96 18.81 -5.81
N ILE F 679 28.73 18.81 -7.11
CA ILE F 679 28.05 17.73 -7.80
C ILE F 679 28.88 16.45 -7.80
N ASP F 680 30.16 16.57 -7.43
CA ASP F 680 31.07 15.43 -7.46
C ASP F 680 30.53 14.25 -6.67
N ASN F 681 30.02 14.51 -5.47
CA ASN F 681 29.29 13.47 -4.74
C ASN F 681 28.07 13.02 -5.54
N TRP F 682 27.34 13.97 -6.10
CA TRP F 682 26.24 13.66 -7.01
C TRP F 682 26.76 12.87 -8.20
N LEU F 683 25.84 12.22 -8.89
CA LEU F 683 26.07 11.28 -10.00
C LEU F 683 26.77 10.00 -9.56
N ASN F 684 27.17 9.91 -8.29
CA ASN F 684 27.41 8.66 -7.63
C ASN F 684 26.31 8.32 -6.65
N VAL F 685 25.49 9.30 -6.27
CA VAL F 685 24.34 9.05 -5.44
C VAL F 685 23.31 8.22 -6.19
N LEU F 686 23.13 8.52 -7.45
CA LEU F 686 21.96 8.04 -8.15
C LEU F 686 22.32 6.94 -9.13
N PRO F 687 21.34 6.19 -9.60
CA PRO F 687 21.60 5.15 -10.60
C PRO F 687 21.92 5.78 -11.95
N LEU F 688 22.28 4.91 -12.90
CA LEU F 688 22.41 5.35 -14.28
C LEU F 688 21.12 6.00 -14.76
N THR F 689 19.98 5.41 -14.40
CA THR F 689 18.70 5.89 -14.91
C THR F 689 18.41 7.32 -14.45
N ALA F 690 18.77 7.68 -13.23
CA ALA F 690 18.61 9.07 -12.81
C ALA F 690 19.47 9.99 -13.65
N ILE F 691 20.69 9.56 -13.97
CA ILE F 691 21.58 10.33 -14.81
C ILE F 691 20.94 10.57 -16.16
N THR F 692 20.55 9.48 -16.82
CA THR F 692 19.92 9.57 -18.13
C THR F 692 18.66 10.43 -18.06
N THR F 693 17.94 10.35 -16.96
CA THR F 693 16.74 11.16 -16.77
C THR F 693 17.08 12.64 -16.81
N PHE F 694 18.02 13.06 -15.95
CA PHE F 694 18.41 14.46 -15.92
C PHE F 694 18.94 14.91 -17.26
N SER F 695 19.74 14.06 -17.91
CA SER F 695 20.31 14.43 -19.21
C SER F 695 19.24 14.63 -20.26
N SER F 696 18.27 13.70 -20.33
CA SER F 696 17.17 13.86 -21.25
C SER F 696 16.39 15.12 -20.97
N MET F 697 16.02 15.33 -19.71
CA MET F 697 15.30 16.53 -19.33
C MET F 697 16.06 17.80 -19.66
N LEU F 698 17.39 17.77 -19.58
CA LEU F 698 18.18 18.87 -20.12
C LEU F 698 17.96 19.00 -21.62
N GLU F 699 18.09 17.90 -22.35
CA GLU F 699 17.70 17.89 -23.75
C GLU F 699 16.23 18.18 -23.94
N ARG F 700 15.42 17.95 -22.91
CA ARG F 700 13.99 18.17 -22.94
C ARG F 700 13.67 19.66 -22.95
N LEU F 701 14.70 20.51 -22.84
CA LEU F 701 14.57 21.95 -22.76
C LEU F 701 15.08 22.59 -24.05
N ASP F 702 14.52 23.74 -24.39
CA ASP F 702 14.93 24.47 -25.57
C ASP F 702 15.86 25.63 -25.21
N PHE F 703 16.76 25.93 -26.14
CA PHE F 703 17.72 27.01 -25.94
C PHE F 703 17.05 28.37 -25.83
N SER F 704 15.86 28.54 -26.41
CA SER F 704 15.21 29.83 -26.38
C SER F 704 14.81 30.23 -24.96
N ASP F 705 14.62 29.27 -24.07
CA ASP F 705 14.23 29.57 -22.71
C ASP F 705 15.44 30.01 -21.90
N GLN F 706 15.18 30.87 -20.91
CA GLN F 706 16.22 31.50 -20.10
C GLN F 706 16.14 30.90 -18.70
N ILE F 707 17.02 29.94 -18.44
CA ILE F 707 17.10 29.28 -17.14
C ILE F 707 18.55 28.92 -16.88
N LEU F 708 19.04 29.25 -15.71
CA LEU F 708 20.39 28.88 -15.32
C LEU F 708 20.47 27.41 -15.02
N PHE F 709 21.54 26.78 -15.45
CA PHE F 709 21.99 25.49 -14.92
C PHE F 709 23.28 25.78 -14.16
N LEU F 710 23.29 25.48 -12.86
CA LEU F 710 24.38 25.89 -11.99
C LEU F 710 24.95 24.68 -11.27
N ALA F 711 26.27 24.53 -11.34
CA ALA F 711 26.97 23.47 -10.64
C ALA F 711 28.38 23.91 -10.31
N LEU F 712 28.99 23.21 -9.37
CA LEU F 712 30.37 23.45 -8.96
C LEU F 712 30.95 22.15 -8.45
N SER F 713 32.26 22.01 -8.54
CA SER F 713 32.88 20.72 -8.28
C SER F 713 34.06 20.88 -7.35
N SER F 714 34.24 19.89 -6.46
CA SER F 714 35.45 19.79 -5.68
C SER F 714 36.59 19.15 -6.44
N SER F 715 36.33 18.64 -7.62
CA SER F 715 37.38 18.14 -8.48
C SER F 715 37.75 19.19 -9.50
N PRO F 716 39.00 19.60 -9.59
CA PRO F 716 39.44 20.52 -10.64
C PRO F 716 39.25 19.84 -12.00
N LEU F 717 39.28 20.66 -13.04
CA LEU F 717 39.06 20.14 -14.38
C LEU F 717 40.20 19.20 -14.78
N SER F 718 40.04 18.60 -15.95
CA SER F 718 40.98 17.61 -16.50
C SER F 718 40.90 16.28 -15.77
N GLU F 719 40.08 16.21 -14.72
CA GLU F 719 39.82 14.97 -14.01
C GLU F 719 38.33 14.88 -13.66
N LEU F 720 37.50 15.61 -14.38
CA LEU F 720 36.09 15.72 -14.06
C LEU F 720 35.34 14.48 -14.52
N HIS F 721 34.13 14.31 -13.99
CA HIS F 721 33.33 13.14 -14.33
C HIS F 721 32.95 13.17 -15.80
N PRO F 722 32.72 12.02 -16.40
CA PRO F 722 32.43 11.95 -17.83
C PRO F 722 31.11 12.62 -18.16
N GLN F 723 30.25 12.78 -17.16
CA GLN F 723 29.05 13.59 -17.33
C GLN F 723 29.34 15.08 -17.24
N LEU F 724 30.47 15.45 -16.67
CA LEU F 724 30.81 16.86 -16.65
C LEU F 724 31.53 17.30 -17.92
N ARG F 725 32.39 16.43 -18.45
CA ARG F 725 33.27 16.78 -19.55
C ARG F 725 32.56 17.07 -20.85
N GLU F 726 31.25 16.87 -20.91
CA GLU F 726 30.48 17.10 -22.13
C GLU F 726 29.29 18.03 -21.93
N TRP F 727 28.72 18.09 -20.72
CA TRP F 727 27.54 18.91 -20.52
C TRP F 727 27.81 20.38 -20.72
N PHE F 728 29.08 20.79 -20.61
CA PHE F 728 29.44 22.19 -20.87
C PHE F 728 30.43 22.31 -22.02
N SER F 729 31.57 21.64 -21.94
CA SER F 729 32.55 21.57 -23.02
C SER F 729 32.94 22.93 -23.57
N SER F 730 32.98 23.96 -22.72
CA SER F 730 33.29 25.30 -23.19
C SER F 730 33.77 26.15 -22.02
N LYS F 731 34.73 27.03 -22.31
CA LYS F 731 35.21 27.95 -21.29
C LYS F 731 34.09 28.79 -20.70
N GLN F 732 33.14 29.21 -21.54
CA GLN F 732 32.03 30.05 -21.13
C GLN F 732 30.92 29.25 -20.44
N SER F 733 31.11 27.94 -20.28
CA SER F 733 30.16 27.12 -19.55
C SER F 733 30.75 26.62 -18.23
N VAL F 734 31.81 27.26 -17.75
CA VAL F 734 32.60 26.72 -16.65
C VAL F 734 33.51 27.79 -16.10
N TYR F 735 33.77 27.71 -14.80
CA TYR F 735 34.72 28.58 -14.14
C TYR F 735 35.81 27.75 -13.47
N SER F 736 37.05 28.09 -13.77
CA SER F 736 38.21 27.46 -13.15
C SER F 736 38.63 28.25 -11.93
N LEU F 737 38.99 27.53 -10.87
CA LEU F 737 39.40 28.15 -9.62
C LEU F 737 40.82 27.76 -9.26
N GLN F 738 41.54 28.70 -8.66
CA GLN F 738 42.92 28.53 -8.24
C GLN F 738 43.03 28.74 -6.74
N TYR F 739 44.26 28.62 -6.23
CA TYR F 739 44.49 28.91 -4.84
C TYR F 739 44.44 30.41 -4.58
N PRO F 740 44.23 30.82 -3.34
CA PRO F 740 44.21 32.26 -3.04
C PRO F 740 45.61 32.84 -3.10
N THR F 741 45.70 34.08 -3.55
CA THR F 741 47.00 34.72 -3.62
C THR F 741 47.44 35.18 -2.23
N ARG F 742 48.76 35.19 -2.05
CA ARG F 742 49.37 35.58 -0.78
C ARG F 742 48.85 36.93 -0.29
N ASP F 743 48.74 37.89 -1.20
CA ASP F 743 48.31 39.23 -0.81
C ASP F 743 46.87 39.28 -0.34
N SER F 744 45.99 38.48 -0.95
CA SER F 744 44.66 38.33 -0.36
C SER F 744 44.75 37.75 1.03
N ILE F 745 45.65 36.79 1.23
CA ILE F 745 45.78 36.10 2.50
C ILE F 745 46.14 37.08 3.60
N ILE F 746 47.19 37.86 3.37
CA ILE F 746 47.70 38.77 4.39
C ILE F 746 46.62 39.77 4.79
N ALA F 747 45.76 40.14 3.85
CA ALA F 747 44.57 40.89 4.21
C ALA F 747 43.61 40.04 5.02
N PHE F 748 43.54 38.75 4.74
CA PHE F 748 42.67 37.88 5.51
C PHE F 748 43.08 37.86 6.97
N PHE F 749 44.36 37.65 7.24
CA PHE F 749 44.90 37.75 8.59
C PHE F 749 45.26 39.18 8.95
N GLN F 750 44.71 40.16 8.23
CA GLN F 750 45.03 41.55 8.56
C GLN F 750 44.45 41.97 9.91
N PRO F 751 43.13 41.89 10.13
CA PRO F 751 42.57 42.51 11.35
C PRO F 751 43.07 41.88 12.63
N ILE F 752 43.32 40.57 12.60
CA ILE F 752 43.75 39.85 13.79
C ILE F 752 45.07 40.40 14.31
N LEU F 753 45.93 40.87 13.41
CA LEU F 753 47.25 41.35 13.77
C LEU F 753 47.19 42.62 14.59
N GLU F 754 46.07 43.33 14.59
CA GLU F 754 45.89 44.50 15.43
C GLU F 754 44.88 44.26 16.54
N LEU F 755 43.93 43.34 16.34
CA LEU F 755 43.05 42.92 17.41
C LEU F 755 43.85 42.37 18.58
N ILE F 756 44.99 41.76 18.29
CA ILE F 756 45.86 41.23 19.34
C ILE F 756 46.39 42.36 20.22
N LYS F 757 46.59 43.55 19.66
CA LYS F 757 47.27 44.62 20.37
C LYS F 757 46.31 45.72 20.86
N ALA F 758 45.02 45.42 20.94
CA ALA F 758 44.07 46.34 21.55
C ALA F 758 43.01 45.60 22.36
N SER F 759 43.40 44.45 22.94
CA SER F 759 42.40 43.49 23.41
C SER F 759 41.65 43.94 24.66
N PRO F 760 42.30 44.22 25.79
CA PRO F 760 41.58 44.23 27.08
C PRO F 760 40.64 45.41 27.26
N THR F 761 40.48 46.25 26.25
CA THR F 761 39.52 47.34 26.29
C THR F 761 38.61 47.37 25.08
N GLU F 762 39.07 46.96 23.90
CA GLU F 762 38.25 46.93 22.70
C GLU F 762 37.30 45.75 22.66
N LEU F 763 37.48 44.79 23.56
CA LEU F 763 36.63 43.62 23.62
C LEU F 763 36.05 43.51 25.02
N PRO F 764 34.83 43.03 25.14
CA PRO F 764 34.16 42.88 26.44
C PRO F 764 34.62 41.66 27.24
N GLY F 765 35.92 41.44 27.29
CA GLY F 765 36.48 40.36 28.07
C GLY F 765 37.66 40.80 28.91
N GLY F 766 38.16 42.01 28.65
CA GLY F 766 39.23 42.57 29.46
C GLY F 766 38.72 43.33 30.67
N ILE F 767 37.41 43.60 30.70
CA ILE F 767 36.79 44.39 31.76
C ILE F 767 35.80 43.50 32.49
N PRO F 768 35.84 43.42 33.82
CA PRO F 768 34.74 42.80 34.57
C PRO F 768 33.49 43.65 34.43
N ARG F 769 32.36 43.00 34.16
CA ARG F 769 31.17 43.72 33.77
C ARG F 769 30.65 44.63 34.87
N LYS F 770 29.96 45.69 34.46
CA LYS F 770 29.57 46.75 35.37
C LYS F 770 28.32 46.36 36.15
N ARG F 771 28.38 46.50 37.47
CA ARG F 771 27.22 46.26 38.31
C ARG F 771 26.13 47.29 38.02
N ARG F 772 24.88 46.87 38.15
CA ARG F 772 23.74 47.77 38.01
C ARG F 772 23.01 47.88 39.34
N VAL F 773 22.44 49.05 39.58
CA VAL F 773 21.61 49.29 40.75
C VAL F 773 20.37 50.07 40.31
N LEU F 774 19.22 49.69 40.86
CA LEU F 774 17.98 50.41 40.63
C LEU F 774 17.21 50.44 41.93
N PRO F 775 16.66 51.59 42.30
CA PRO F 775 15.88 51.69 43.53
C PRO F 775 14.66 50.78 43.49
N GLU F 776 14.09 50.57 44.67
CA GLU F 776 12.95 49.66 44.81
C GLU F 776 11.65 50.24 44.23
N LEU F 777 11.67 51.49 43.74
CA LEU F 777 10.53 52.11 43.09
C LEU F 777 9.29 52.01 43.97
N PRO F 778 9.19 52.83 45.02
CA PRO F 778 8.19 52.62 46.08
C PRO F 778 6.78 52.40 45.56
N LEU F 779 6.11 51.39 46.10
CA LEU F 779 4.89 50.85 45.52
C LEU F 779 3.68 51.52 46.15
N ALA F 780 2.68 51.80 45.33
CA ALA F 780 1.37 52.21 45.82
C ALA F 780 0.62 50.98 46.33
N PRO F 781 0.57 49.88 45.55
CA PRO F 781 0.03 48.63 46.11
C PRO F 781 1.14 47.68 46.56
N GLU F 1136 53.73 46.06 17.34
CA GLU F 1136 55.11 46.14 17.80
C GLU F 1136 56.06 45.38 16.90
N ASP F 1137 57.35 45.63 17.12
CA ASP F 1137 58.44 44.84 16.58
C ASP F 1137 58.46 43.41 17.09
N ARG F 1138 57.73 43.12 18.17
CA ARG F 1138 57.55 41.75 18.65
C ARG F 1138 56.49 40.98 17.87
N LEU F 1139 56.05 41.51 16.73
CA LEU F 1139 54.92 40.95 15.98
C LEU F 1139 55.29 40.51 14.58
N THR F 1140 56.07 41.29 13.87
CA THR F 1140 56.48 41.04 12.50
C THR F 1140 57.09 39.67 12.27
N PRO F 1141 57.88 39.10 13.21
CA PRO F 1141 58.33 37.72 13.01
C PRO F 1141 57.17 36.74 12.88
N LEU F 1142 56.15 36.86 13.72
CA LEU F 1142 54.95 36.04 13.54
C LEU F 1142 54.28 36.34 12.21
N LYS F 1143 54.33 37.59 11.76
CA LYS F 1143 53.76 37.95 10.47
C LYS F 1143 54.43 37.17 9.35
N GLN F 1144 55.75 37.02 9.41
CA GLN F 1144 56.43 36.21 8.41
C GLN F 1144 56.24 34.73 8.67
N LEU F 1145 55.99 34.36 9.92
CA LEU F 1145 55.74 32.97 10.28
C LEU F 1145 54.48 32.45 9.62
N LEU F 1146 53.36 33.16 9.83
CA LEU F 1146 52.09 32.73 9.28
C LEU F 1146 52.17 32.53 7.77
N ILE F 1147 52.87 33.40 7.10
CA ILE F 1147 53.07 33.28 5.68
C ILE F 1147 54.23 32.33 5.42
N ASP F 1148 54.24 31.73 4.23
CA ASP F 1148 55.28 30.84 3.75
C ASP F 1148 55.22 29.48 4.43
N SER F 1149 54.39 29.34 5.45
CA SER F 1149 54.05 28.07 6.03
C SER F 1149 52.71 27.56 5.52
N THR F 1150 52.09 28.28 4.60
CA THR F 1150 50.75 27.98 4.12
C THR F 1150 50.62 28.11 2.62
N THR F 1151 51.68 28.51 1.93
CA THR F 1151 51.56 28.88 0.53
C THR F 1151 51.29 27.62 -0.27
N GLY F 1152 50.02 27.42 -0.60
CA GLY F 1152 49.54 26.19 -1.19
C GLY F 1152 48.46 25.58 -0.35
N PHE F 1153 48.22 26.16 0.82
CA PHE F 1153 47.24 25.62 1.75
C PHE F 1153 45.83 25.91 1.25
N THR F 1154 44.93 24.95 1.48
CA THR F 1154 43.58 25.15 1.02
C THR F 1154 42.86 26.18 1.89
N VAL F 1155 41.69 26.56 1.41
CA VAL F 1155 40.94 27.67 1.97
C VAL F 1155 40.56 27.37 3.41
N ASP F 1156 40.06 26.17 3.65
CA ASP F 1156 39.63 25.76 4.98
C ASP F 1156 40.74 25.82 6.00
N GLN F 1157 41.99 25.66 5.57
CA GLN F 1157 43.08 25.56 6.53
C GLN F 1157 43.33 26.91 7.19
N LEU F 1158 43.23 27.98 6.42
CA LEU F 1158 43.23 29.30 7.01
C LEU F 1158 42.09 29.46 8.00
N LEU F 1159 40.95 28.82 7.73
CA LEU F 1159 39.84 28.85 8.68
C LEU F 1159 40.22 28.16 9.97
N HIS F 1160 40.89 27.02 9.86
CA HIS F 1160 41.38 26.31 11.04
C HIS F 1160 42.25 27.24 11.89
N LEU F 1161 43.28 27.80 11.25
CA LEU F 1161 44.18 28.68 11.98
C LEU F 1161 43.45 29.87 12.56
N HIS F 1162 42.47 30.38 11.82
CA HIS F 1162 41.61 31.46 12.29
C HIS F 1162 40.96 31.08 13.61
N SER F 1163 40.27 29.95 13.62
CA SER F 1163 39.63 29.45 14.83
C SER F 1163 40.63 29.29 15.96
N PHE F 1164 41.81 28.75 15.65
CA PHE F 1164 42.79 28.47 16.69
C PHE F 1164 43.30 29.74 17.33
N LEU F 1165 43.82 30.66 16.53
CA LEU F 1165 44.25 31.95 17.02
C LEU F 1165 43.12 32.69 17.73
N TYR F 1166 41.88 32.50 17.30
CA TYR F 1166 40.77 33.08 18.04
C TYR F 1166 40.64 32.48 19.41
N GLN F 1167 40.89 31.18 19.54
CA GLN F 1167 40.96 30.57 20.87
C GLN F 1167 42.06 31.22 21.70
N ILE F 1168 43.24 31.38 21.10
CA ILE F 1168 44.36 32.02 21.77
C ILE F 1168 43.95 33.35 22.35
N ILE F 1169 43.36 34.20 21.51
CA ILE F 1169 42.99 35.53 21.96
C ILE F 1169 41.82 35.50 22.92
N TRP F 1170 40.93 34.53 22.79
CA TRP F 1170 39.88 34.38 23.77
C TRP F 1170 40.47 34.13 25.14
N ASN F 1171 41.57 33.37 25.18
CA ASN F 1171 42.29 33.21 26.44
C ASN F 1171 42.92 34.52 26.87
N THR F 1172 43.66 35.17 25.97
CA THR F 1172 44.44 36.36 26.28
C THR F 1172 43.58 37.62 26.34
N LYS F 1173 42.26 37.46 26.34
CA LYS F 1173 41.32 38.57 26.35
C LYS F 1173 41.58 39.55 27.50
N SER F 1174 42.15 39.09 28.61
CA SER F 1174 42.43 39.95 29.74
C SER F 1174 43.93 40.18 29.94
N GLU F 1175 44.71 40.01 28.87
CA GLU F 1175 46.14 40.23 28.93
C GLU F 1175 46.46 41.69 28.65
N TRP F 1176 47.53 42.18 29.27
CA TRP F 1176 47.99 43.54 29.05
C TRP F 1176 49.45 43.51 28.65
N ASN F 1177 49.85 44.49 27.85
CA ASN F 1177 51.18 44.53 27.26
C ASN F 1177 51.44 43.26 26.44
N ARG F 1178 50.67 43.17 25.36
CA ARG F 1178 50.75 42.04 24.46
C ARG F 1178 52.05 42.12 23.65
N ASN F 1179 52.17 41.27 22.64
CA ASN F 1179 53.42 40.99 21.92
C ASN F 1179 54.35 40.15 22.78
N SER F 1180 53.84 39.71 23.92
CA SER F 1180 54.44 38.66 24.72
C SER F 1180 53.60 37.40 24.66
N VAL F 1181 52.50 37.42 23.91
CA VAL F 1181 51.52 36.36 23.85
C VAL F 1181 51.54 35.65 22.51
N VAL F 1182 52.64 35.75 21.78
CA VAL F 1182 52.66 35.31 20.39
C VAL F 1182 53.13 33.87 20.27
N ASP F 1183 53.84 33.38 21.29
CA ASP F 1183 54.44 32.06 21.27
C ASP F 1183 53.41 30.98 21.02
N GLU F 1184 52.27 31.03 21.73
CA GLU F 1184 51.20 30.08 21.49
C GLU F 1184 50.74 30.14 20.05
N CYS F 1185 50.70 31.34 19.47
CA CYS F 1185 50.33 31.49 18.08
C CYS F 1185 51.29 30.71 17.18
N GLU F 1186 52.59 31.01 17.26
CA GLU F 1186 53.51 30.35 16.33
C GLU F 1186 53.59 28.86 16.59
N ARG F 1187 53.52 28.44 17.86
CA ARG F 1187 53.56 27.01 18.14
C ARG F 1187 52.33 26.30 17.60
N ALA F 1188 51.16 26.94 17.65
CA ALA F 1188 49.99 26.37 16.99
C ALA F 1188 50.24 26.26 15.50
N VAL F 1189 50.93 27.24 14.93
CA VAL F 1189 51.34 27.13 13.53
C VAL F 1189 52.17 25.85 13.33
N LYS F 1190 53.19 25.67 14.16
CA LYS F 1190 54.09 24.54 14.01
C LYS F 1190 53.33 23.22 14.11
N GLU F 1191 52.52 23.07 15.15
CA GLU F 1191 51.75 21.84 15.32
C GLU F 1191 50.77 21.63 14.18
N PHE F 1192 50.32 22.72 13.57
CA PHE F 1192 49.25 22.62 12.57
C PHE F 1192 49.68 21.81 11.36
N MET F 1193 50.97 21.82 11.02
CA MET F 1193 51.41 21.37 9.72
C MET F 1193 51.15 19.89 9.45
N ILE F 1194 50.95 19.07 10.48
CA ILE F 1194 50.91 17.64 10.25
C ILE F 1194 49.64 17.28 9.50
#